data_8DO4
#
_entry.id   8DO4
#
_entity_poly.entity_id   1
_entity_poly.type   'polypeptide(L)'
_entity_poly.pdbx_seq_one_letter_code
;MYSMQLASCVTLTLVLLVNSQGILHYEKLSKIGLVKGVTRKYKIKSNPLTKDIVIKMIPNVSNMSQCTGSVMENYKTRLN
GILTPIKGALEIYKNNTHDCVGDVRLAGVCMAGVAIGIATAAQITAGVALYEAMKNADNINKLKSSIESTNEAVVKLQET
AEKTVYVFTALQDYINTNLVPTIDKIPCKQTELSLDLALSKYLSDLLFVFGPNLQDPVSNSMTIQAISQAFGGNYETLLR
TLGYATEDFDDLLESDSITGQIIYVDLSSYYIIVRVYFPILTEIQQAYIQELLPVSFNNDNSEWISIVPNFILVRNTLIS
NIEIGFCLITKRSVICNQDYATPMTNNMRECLTGSTEKCPRELVVSSHVPRFALSNGVLFANCISVTCQCQTTGRAISQS
GEQTLLMIDNTTCPTAVLGNVIISLGKYLGSVNYNSEGIAIGPPVFTDKVDISSQISSMNQSLQQSKDYIKEAQRLLDTV
NPSLKLMKQIEDKIEEILSKIYHIENEIARIKKLIGEAPGGLVPRGSHHHHHHSAWSHPQFEK
;
_entity_poly.pdbx_strand_id   A,B,C,D,E,G
#
# COMPACT_ATOMS: atom_id res chain seq x y z
N ILE A 23 -11.60 6.44 43.70
CA ILE A 23 -11.53 6.67 42.26
C ILE A 23 -10.60 5.68 41.59
N LEU A 24 -10.76 5.51 40.28
CA LEU A 24 -9.86 4.67 39.52
C LEU A 24 -8.54 5.40 39.29
N HIS A 25 -7.43 4.71 39.53
CA HIS A 25 -6.11 5.27 39.25
C HIS A 25 -5.73 4.86 37.84
N TYR A 26 -5.93 5.77 36.89
CA TYR A 26 -5.76 5.43 35.49
C TYR A 26 -4.28 5.38 35.12
N GLU A 27 -3.43 6.05 35.89
CA GLU A 27 -2.01 6.09 35.56
C GLU A 27 -1.35 4.72 35.70
N LYS A 28 -1.55 4.06 36.84
CA LYS A 28 -1.00 2.71 37.00
C LYS A 28 -1.77 1.69 36.18
N LEU A 29 -3.02 1.98 35.85
CA LEU A 29 -3.80 1.07 35.02
C LEU A 29 -3.34 1.12 33.57
N SER A 30 -2.77 2.24 33.14
CA SER A 30 -2.29 2.34 31.76
C SER A 30 -0.96 1.62 31.59
N LYS A 31 -0.14 1.55 32.65
CA LYS A 31 1.06 0.75 32.62
C LYS A 31 0.75 -0.75 32.56
N ILE A 32 -0.47 -1.14 32.93
CA ILE A 32 -0.89 -2.54 32.83
C ILE A 32 -1.43 -2.86 31.45
N GLY A 33 -1.78 -1.85 30.66
CA GLY A 33 -2.37 -2.05 29.35
C GLY A 33 -3.82 -1.62 29.27
N LEU A 34 -4.34 -0.98 30.32
CA LEU A 34 -5.72 -0.52 30.35
C LEU A 34 -5.69 1.00 30.29
N VAL A 35 -6.00 1.54 29.12
CA VAL A 35 -6.00 2.99 28.92
C VAL A 35 -7.42 3.50 29.06
N LYS A 36 -7.56 4.75 29.50
CA LYS A 36 -8.87 5.34 29.71
C LYS A 36 -9.62 5.51 28.40
N GLY A 37 -10.90 5.16 28.41
CA GLY A 37 -11.75 5.38 27.27
C GLY A 37 -12.74 6.50 27.54
N VAL A 38 -13.95 6.38 26.99
CA VAL A 38 -14.97 7.37 27.25
C VAL A 38 -15.51 7.20 28.66
N THR A 39 -15.96 8.29 29.27
CA THR A 39 -16.73 8.26 30.51
C THR A 39 -18.19 8.53 30.17
N ARG A 40 -19.08 7.71 30.72
CA ARG A 40 -20.49 7.77 30.38
C ARG A 40 -21.35 7.89 31.62
N LYS A 41 -22.49 8.57 31.47
CA LYS A 41 -23.43 8.76 32.56
C LYS A 41 -24.45 7.63 32.57
N TYR A 42 -24.73 7.13 33.77
CA TYR A 42 -25.58 5.96 33.96
C TYR A 42 -27.02 6.39 34.15
N LYS A 43 -27.91 5.90 33.29
CA LYS A 43 -29.34 6.21 33.40
C LYS A 43 -30.14 4.92 33.40
N ILE A 44 -31.20 4.90 34.21
CA ILE A 44 -32.06 3.74 34.38
C ILE A 44 -33.50 4.14 34.06
N LYS A 45 -34.28 3.15 33.64
CA LYS A 45 -35.71 3.34 33.40
C LYS A 45 -36.43 3.60 34.71
N SER A 46 -37.38 4.55 34.69
CA SER A 46 -38.19 4.85 35.85
C SER A 46 -39.36 5.73 35.42
N ASN A 47 -40.37 5.81 36.31
CA ASN A 47 -41.58 6.61 36.14
C ASN A 47 -42.27 6.31 34.81
N PRO A 48 -42.88 5.13 34.67
CA PRO A 48 -43.48 4.77 33.38
C PRO A 48 -44.93 5.21 33.27
N LEU A 49 -45.25 5.87 32.16
CA LEU A 49 -46.62 6.18 31.80
C LEU A 49 -47.30 4.94 31.22
N THR A 50 -48.61 5.01 31.04
CA THR A 50 -49.40 3.88 30.57
C THR A 50 -50.24 4.29 29.38
N LYS A 51 -50.22 3.48 28.34
CA LYS A 51 -51.15 3.59 27.22
C LYS A 51 -51.70 2.22 26.89
N ASP A 52 -52.98 2.18 26.54
CA ASP A 52 -53.69 0.92 26.29
C ASP A 52 -54.01 0.81 24.81
N ILE A 53 -53.68 -0.34 24.21
CA ILE A 53 -53.95 -0.62 22.81
C ILE A 53 -54.62 -1.97 22.70
N VAL A 54 -55.19 -2.23 21.53
CA VAL A 54 -55.85 -3.50 21.22
C VAL A 54 -55.13 -4.12 20.04
N ILE A 55 -54.61 -5.34 20.24
CA ILE A 55 -53.98 -6.12 19.18
C ILE A 55 -54.92 -7.24 18.81
N LYS A 56 -55.47 -7.20 17.60
CA LYS A 56 -56.37 -8.23 17.12
C LYS A 56 -55.56 -9.28 16.37
N MET A 57 -55.52 -10.49 16.91
CA MET A 57 -54.73 -11.58 16.35
C MET A 57 -55.34 -12.15 15.08
N ILE A 58 -56.66 -12.07 14.93
CA ILE A 58 -57.34 -12.64 13.77
C ILE A 58 -57.68 -11.52 12.80
N PRO A 59 -57.19 -11.56 11.57
CA PRO A 59 -57.55 -10.52 10.60
C PRO A 59 -58.99 -10.63 10.18
N ASN A 60 -59.56 -9.47 9.84
CA ASN A 60 -60.91 -9.41 9.31
C ASN A 60 -60.88 -9.90 7.86
N VAL A 61 -61.71 -10.89 7.56
CA VAL A 61 -61.71 -11.51 6.24
C VAL A 61 -63.10 -11.40 5.63
N SER A 62 -63.83 -10.34 5.99
CA SER A 62 -65.18 -10.16 5.46
C SER A 62 -65.18 -9.94 3.96
N ASN A 63 -64.19 -9.18 3.46
CA ASN A 63 -64.12 -8.93 2.03
C ASN A 63 -63.61 -10.13 1.24
N MET A 64 -62.99 -11.10 1.89
CA MET A 64 -62.49 -12.29 1.23
C MET A 64 -63.19 -13.56 1.69
N SER A 65 -64.38 -13.44 2.27
CA SER A 65 -65.02 -14.59 2.90
C SER A 65 -65.72 -15.49 1.89
N GLN A 66 -65.89 -15.04 0.64
CA GLN A 66 -66.71 -15.81 -0.29
C GLN A 66 -66.07 -17.15 -0.64
N CYS A 67 -64.74 -17.20 -0.70
CA CYS A 67 -64.04 -18.48 -0.84
C CYS A 67 -62.82 -18.51 0.07
N THR A 68 -63.01 -18.10 1.34
CA THR A 68 -61.96 -18.23 2.34
C THR A 68 -61.75 -19.67 2.76
N GLY A 69 -62.62 -20.59 2.35
CA GLY A 69 -62.40 -21.99 2.66
C GLY A 69 -62.71 -22.32 4.10
N SER A 70 -62.10 -23.39 4.60
CA SER A 70 -62.27 -23.84 5.97
C SER A 70 -61.06 -23.58 6.84
N VAL A 71 -60.05 -22.89 6.31
CA VAL A 71 -58.86 -22.59 7.10
C VAL A 71 -59.13 -21.55 8.17
N MET A 72 -60.24 -20.82 8.08
CA MET A 72 -60.55 -19.86 9.13
C MET A 72 -60.91 -20.57 10.42
N GLU A 73 -61.73 -21.61 10.35
CA GLU A 73 -62.08 -22.38 11.54
C GLU A 73 -60.88 -23.10 12.12
N ASN A 74 -60.04 -23.68 11.25
CA ASN A 74 -58.84 -24.34 11.73
C ASN A 74 -57.90 -23.34 12.39
N TYR A 75 -57.76 -22.15 11.80
CA TYR A 75 -56.95 -21.10 12.41
C TYR A 75 -57.51 -20.71 13.77
N LYS A 76 -58.83 -20.59 13.87
CA LYS A 76 -59.45 -20.22 15.13
C LYS A 76 -59.20 -21.28 16.20
N THR A 77 -59.31 -22.56 15.83
CA THR A 77 -59.03 -23.63 16.79
C THR A 77 -57.57 -23.61 17.23
N ARG A 78 -56.65 -23.46 16.27
CA ARG A 78 -55.24 -23.42 16.61
C ARG A 78 -54.92 -22.24 17.51
N LEU A 79 -55.55 -21.09 17.24
CA LEU A 79 -55.30 -19.89 18.01
C LEU A 79 -55.91 -19.99 19.41
N ASN A 80 -57.04 -20.68 19.55
CA ASN A 80 -57.53 -21.04 20.88
C ASN A 80 -56.52 -21.89 21.62
N GLY A 81 -55.93 -22.88 20.93
CA GLY A 81 -54.92 -23.71 21.54
C GLY A 81 -53.74 -22.94 22.06
N ILE A 82 -53.50 -21.74 21.55
CA ILE A 82 -52.41 -20.91 22.06
C ILE A 82 -52.91 -19.97 23.15
N LEU A 83 -54.04 -19.31 22.92
CA LEU A 83 -54.52 -18.27 23.81
C LEU A 83 -55.11 -18.80 25.12
N THR A 84 -55.64 -20.02 25.12
CA THR A 84 -56.31 -20.53 26.30
C THR A 84 -55.40 -20.61 27.53
N PRO A 85 -54.16 -21.12 27.44
CA PRO A 85 -53.29 -21.08 28.63
C PRO A 85 -53.00 -19.68 29.12
N ILE A 86 -52.91 -18.69 28.21
CA ILE A 86 -52.69 -17.31 28.62
C ILE A 86 -53.86 -16.83 29.49
N LYS A 87 -55.07 -17.03 29.01
CA LYS A 87 -56.24 -16.65 29.79
C LYS A 87 -56.32 -17.43 31.08
N GLY A 88 -55.93 -18.70 31.06
CA GLY A 88 -55.97 -19.49 32.28
C GLY A 88 -55.02 -18.97 33.34
N ALA A 89 -53.81 -18.60 32.94
CA ALA A 89 -52.87 -17.99 33.86
C ALA A 89 -53.29 -16.59 34.31
N LEU A 90 -54.06 -15.88 33.47
CA LEU A 90 -54.56 -14.58 33.89
C LEU A 90 -55.71 -14.71 34.90
N GLU A 91 -56.56 -15.74 34.73
CA GLU A 91 -57.71 -15.90 35.62
C GLU A 91 -57.27 -16.15 37.05
N ILE A 92 -56.06 -16.68 37.26
CA ILE A 92 -55.60 -16.93 38.62
C ILE A 92 -55.55 -15.63 39.40
N TYR A 93 -55.17 -14.53 38.74
CA TYR A 93 -55.19 -13.23 39.39
C TYR A 93 -56.53 -12.53 39.22
N LYS A 94 -57.23 -12.79 38.10
CA LYS A 94 -58.52 -12.14 37.88
C LYS A 94 -59.53 -12.53 38.95
N ASN A 95 -59.53 -13.80 39.36
CA ASN A 95 -60.45 -14.26 40.39
C ASN A 95 -59.96 -13.98 41.80
N ASN A 96 -58.76 -13.44 41.97
CA ASN A 96 -58.21 -13.17 43.29
C ASN A 96 -57.98 -11.69 43.56
N THR A 97 -58.48 -10.80 42.71
CA THR A 97 -58.44 -9.36 42.94
C THR A 97 -59.86 -8.81 43.06
N HIS A 98 -60.05 -7.94 44.05
CA HIS A 98 -61.35 -7.33 44.33
C HIS A 98 -61.11 -6.14 45.24
N ASP A 99 -62.18 -5.45 45.60
CA ASP A 99 -62.09 -4.32 46.51
C ASP A 99 -62.49 -4.72 47.92
N CYS A 100 -61.79 -4.15 48.89
CA CYS A 100 -62.17 -4.24 50.30
C CYS A 100 -62.38 -2.83 50.84
N ALA A 107 -58.29 2.43 50.87
CA ALA A 107 -58.81 1.64 49.76
C ALA A 107 -57.73 1.38 48.72
N GLY A 108 -57.77 0.21 48.09
CA GLY A 108 -56.78 -0.15 47.10
C GLY A 108 -56.99 -1.56 46.62
N VAL A 109 -55.99 -2.05 45.88
CA VAL A 109 -56.03 -3.43 45.39
C VAL A 109 -55.97 -4.38 46.57
N CYS A 110 -56.89 -5.35 46.60
CA CYS A 110 -57.05 -6.24 47.74
C CYS A 110 -56.83 -7.66 47.25
N MET A 111 -55.71 -8.26 47.61
CA MET A 111 -55.28 -9.56 47.11
C MET A 111 -55.68 -10.69 48.05
N ALA A 112 -55.81 -11.88 47.48
CA ALA A 112 -56.15 -13.10 48.21
C ALA A 112 -55.09 -14.15 47.92
N GLY A 113 -54.21 -14.37 48.90
CA GLY A 113 -53.06 -15.24 48.69
C GLY A 113 -53.33 -16.73 48.83
N VAL A 114 -54.44 -17.11 49.45
CA VAL A 114 -54.73 -18.54 49.62
C VAL A 114 -54.96 -19.21 48.28
N ALA A 115 -55.70 -18.53 47.40
CA ALA A 115 -56.01 -19.06 46.08
C ALA A 115 -54.92 -18.77 45.05
N ILE A 116 -53.84 -18.11 45.46
CA ILE A 116 -52.72 -17.87 44.55
C ILE A 116 -51.65 -18.94 44.73
N GLY A 117 -51.19 -19.14 45.96
CA GLY A 117 -50.27 -20.22 46.25
C GLY A 117 -48.81 -19.89 45.97
N ILE A 118 -48.46 -19.82 44.69
CA ILE A 118 -47.08 -19.59 44.26
C ILE A 118 -47.05 -18.31 43.43
N ALA A 119 -46.27 -17.34 43.91
CA ALA A 119 -46.11 -16.08 43.18
C ALA A 119 -44.87 -15.37 43.72
N THR A 120 -44.15 -14.70 42.82
CA THR A 120 -42.98 -13.93 43.20
C THR A 120 -43.38 -12.49 43.50
N ALA A 121 -42.39 -11.68 43.92
CA ALA A 121 -42.65 -10.25 44.10
C ALA A 121 -43.03 -9.60 42.79
N ALA A 122 -42.33 -9.93 41.72
CA ALA A 122 -42.66 -9.39 40.41
C ALA A 122 -44.06 -9.81 40.00
N GLN A 123 -44.44 -11.06 40.30
CA GLN A 123 -45.77 -11.53 39.94
C GLN A 123 -46.86 -10.78 40.71
N ILE A 124 -46.62 -10.49 41.99
CA ILE A 124 -47.61 -9.78 42.78
C ILE A 124 -47.73 -8.33 42.32
N THR A 125 -46.60 -7.69 42.01
CA THR A 125 -46.66 -6.34 41.46
C THR A 125 -47.39 -6.32 40.12
N ALA A 126 -47.12 -7.31 39.26
CA ALA A 126 -47.83 -7.40 38.00
C ALA A 126 -49.31 -7.62 38.20
N GLY A 127 -49.70 -8.39 39.22
CA GLY A 127 -51.11 -8.59 39.50
C GLY A 127 -51.79 -7.32 39.97
N VAL A 128 -51.10 -6.53 40.79
CA VAL A 128 -51.66 -5.24 41.21
C VAL A 128 -51.83 -4.33 40.00
N ALA A 129 -50.82 -4.28 39.12
CA ALA A 129 -50.95 -3.49 37.91
C ALA A 129 -52.09 -4.00 37.04
N LEU A 130 -52.29 -5.31 37.01
CA LEU A 130 -53.38 -5.90 36.22
C LEU A 130 -54.73 -5.45 36.76
N TYR A 131 -54.90 -5.47 38.09
CA TYR A 131 -56.17 -5.04 38.65
C TYR A 131 -56.39 -3.54 38.41
N GLU A 132 -55.31 -2.75 38.48
CA GLU A 132 -55.43 -1.33 38.15
C GLU A 132 -55.92 -1.17 36.71
N ALA A 133 -55.30 -1.88 35.76
CA ALA A 133 -55.68 -1.75 34.36
C ALA A 133 -57.04 -2.33 34.05
N MET A 134 -57.58 -3.17 34.94
CA MET A 134 -58.92 -3.73 34.71
C MET A 134 -59.98 -2.62 34.64
N LYS A 135 -59.76 -1.52 35.36
CA LYS A 135 -60.74 -0.43 35.37
C LYS A 135 -60.94 0.16 33.98
N ASN A 136 -59.87 0.32 33.22
CA ASN A 136 -60.00 0.78 31.83
C ASN A 136 -60.24 -0.38 30.86
N ALA A 137 -59.86 -1.59 31.24
CA ALA A 137 -60.15 -2.76 30.42
C ALA A 137 -61.65 -2.96 30.28
N ASP A 138 -62.41 -2.70 31.34
CA ASP A 138 -63.86 -2.81 31.26
C ASP A 138 -64.42 -1.86 30.20
N ASN A 139 -63.97 -0.61 30.22
CA ASN A 139 -64.46 0.36 29.23
C ASN A 139 -64.02 0.01 27.82
N ILE A 140 -62.80 -0.51 27.66
CA ILE A 140 -62.33 -0.91 26.33
C ILE A 140 -63.17 -2.08 25.83
N ASN A 141 -63.41 -3.07 26.69
CA ASN A 141 -64.22 -4.23 26.33
C ASN A 141 -65.67 -3.86 26.06
N LYS A 142 -66.13 -2.72 26.57
CA LYS A 142 -67.48 -2.27 26.24
C LYS A 142 -67.64 -2.02 24.75
N LEU A 143 -66.54 -1.84 24.02
CA LEU A 143 -66.55 -1.67 22.57
C LEU A 143 -66.11 -2.94 21.85
N LYS A 144 -66.56 -4.10 22.32
CA LYS A 144 -66.15 -5.36 21.71
C LYS A 144 -66.61 -5.45 20.26
N SER A 145 -67.85 -5.03 19.99
CA SER A 145 -68.37 -5.07 18.63
C SER A 145 -67.56 -4.16 17.72
N SER A 146 -67.17 -2.98 18.21
CA SER A 146 -66.32 -2.09 17.43
C SER A 146 -64.94 -2.71 17.19
N ILE A 147 -64.38 -3.36 18.21
CA ILE A 147 -63.05 -3.97 18.07
C ILE A 147 -63.09 -5.06 17.01
N GLU A 148 -64.11 -5.92 17.05
CA GLU A 148 -64.21 -7.00 16.08
C GLU A 148 -64.42 -6.48 14.66
N SER A 149 -65.17 -5.38 14.52
CA SER A 149 -65.50 -4.86 13.20
C SER A 149 -64.35 -4.14 12.52
N THR A 150 -63.22 -3.94 13.21
CA THR A 150 -62.10 -3.24 12.60
C THR A 150 -61.56 -4.00 11.40
N ASN A 151 -61.26 -3.26 10.33
CA ASN A 151 -60.69 -3.88 9.14
C ASN A 151 -59.54 -3.08 8.54
N GLU A 152 -58.91 -2.21 9.32
CA GLU A 152 -57.70 -1.51 8.91
C GLU A 152 -56.56 -1.91 9.82
N ALA A 153 -55.34 -1.60 9.38
CA ALA A 153 -54.17 -1.96 10.18
C ALA A 153 -54.14 -1.21 11.50
N VAL A 154 -54.42 0.10 11.47
CA VAL A 154 -54.51 0.92 12.67
C VAL A 154 -55.84 1.65 12.63
N VAL A 155 -56.69 1.38 13.61
CA VAL A 155 -58.05 1.90 13.65
C VAL A 155 -58.24 2.66 14.95
N LYS A 156 -58.89 3.83 14.87
CA LYS A 156 -59.15 4.65 16.04
C LYS A 156 -60.59 4.44 16.50
N LEU A 157 -60.75 4.08 17.77
CA LEU A 157 -62.06 3.99 18.39
C LEU A 157 -62.16 5.00 19.52
N GLN A 158 -63.36 5.56 19.72
CA GLN A 158 -63.62 6.48 20.82
C GLN A 158 -64.03 5.67 22.04
N GLU A 159 -63.04 5.29 22.84
CA GLU A 159 -63.31 4.51 24.05
C GLU A 159 -64.08 5.31 25.08
N THR A 160 -63.91 6.63 25.09
CA THR A 160 -64.73 7.53 25.91
C THR A 160 -64.71 8.90 25.26
N ALA A 161 -65.38 9.86 25.91
CA ALA A 161 -65.49 11.19 25.33
C ALA A 161 -64.13 11.88 25.26
N GLU A 162 -63.26 11.68 26.24
CA GLU A 162 -62.00 12.40 26.33
C GLU A 162 -60.78 11.49 26.16
N LYS A 163 -60.95 10.27 25.67
CA LYS A 163 -59.83 9.37 25.45
C LYS A 163 -60.20 8.37 24.37
N THR A 164 -59.20 7.96 23.59
CA THR A 164 -59.39 7.06 22.47
C THR A 164 -58.45 5.87 22.60
N VAL A 165 -58.76 4.80 21.86
CA VAL A 165 -57.96 3.58 21.86
C VAL A 165 -57.67 3.21 20.42
N TYR A 166 -56.50 2.59 20.20
CA TYR A 166 -56.06 2.17 18.87
C TYR A 166 -56.20 0.66 18.74
N VAL A 167 -56.55 0.21 17.53
CA VAL A 167 -56.70 -1.20 17.23
C VAL A 167 -55.71 -1.57 16.13
N PHE A 168 -54.89 -2.59 16.40
CA PHE A 168 -53.93 -3.10 15.43
C PHE A 168 -54.31 -4.52 15.06
N THR A 169 -54.50 -4.77 13.76
CA THR A 169 -54.86 -6.08 13.26
C THR A 169 -53.63 -6.75 12.67
N ALA A 170 -53.43 -8.02 13.05
CA ALA A 170 -52.13 -8.66 12.87
C ALA A 170 -51.71 -8.73 11.41
N LEU A 171 -52.63 -9.14 10.53
CA LEU A 171 -52.29 -9.36 9.13
C LEU A 171 -53.24 -8.63 8.19
N GLN A 172 -53.77 -7.47 8.59
CA GLN A 172 -54.78 -6.84 7.77
C GLN A 172 -54.18 -6.13 6.57
N ASP A 173 -52.95 -5.61 6.70
CA ASP A 173 -52.28 -4.99 5.58
C ASP A 173 -52.06 -6.00 4.46
N TYR A 174 -51.61 -7.19 4.81
CA TYR A 174 -51.39 -8.24 3.81
C TYR A 174 -52.67 -8.55 3.06
N ILE A 175 -53.77 -8.71 3.80
CA ILE A 175 -55.05 -9.05 3.17
C ILE A 175 -55.52 -7.94 2.25
N ASN A 176 -55.45 -6.69 2.72
CA ASN A 176 -55.93 -5.57 1.90
C ASN A 176 -55.06 -5.31 0.69
N THR A 177 -53.75 -5.56 0.77
CA THR A 177 -52.83 -5.21 -0.32
C THR A 177 -52.60 -6.34 -1.31
N ASN A 178 -52.34 -7.56 -0.86
CA ASN A 178 -52.01 -8.65 -1.76
C ASN A 178 -53.22 -9.53 -2.06
N LEU A 179 -53.85 -10.07 -1.02
CA LEU A 179 -54.84 -11.11 -1.21
C LEU A 179 -56.14 -10.58 -1.80
N VAL A 180 -56.64 -9.45 -1.28
CA VAL A 180 -57.90 -8.89 -1.77
C VAL A 180 -57.83 -8.48 -3.23
N PRO A 181 -56.82 -7.71 -3.68
CA PRO A 181 -56.80 -7.33 -5.11
C PRO A 181 -56.64 -8.51 -6.05
N THR A 182 -55.99 -9.58 -5.61
CA THR A 182 -55.78 -10.78 -6.43
C THR A 182 -56.81 -11.85 -6.13
N ILE A 183 -58.05 -11.44 -5.86
CA ILE A 183 -59.10 -12.40 -5.52
C ILE A 183 -59.74 -13.01 -6.76
N ASP A 184 -59.58 -12.40 -7.94
CA ASP A 184 -60.17 -12.93 -9.15
C ASP A 184 -59.16 -13.21 -10.26
N LYS A 185 -57.99 -12.57 -10.20
CA LYS A 185 -56.92 -12.87 -11.19
C LYS A 185 -56.34 -14.25 -10.88
N ILE A 186 -55.71 -14.41 -9.71
CA ILE A 186 -55.10 -15.72 -9.32
C ILE A 186 -56.22 -16.68 -8.94
N PRO A 187 -56.05 -18.01 -9.12
CA PRO A 187 -57.06 -18.98 -8.70
C PRO A 187 -57.40 -18.75 -7.23
N CYS A 188 -58.69 -18.69 -6.90
CA CYS A 188 -59.07 -18.51 -5.47
C CYS A 188 -58.60 -19.74 -4.67
N LYS A 189 -58.76 -20.95 -5.20
CA LYS A 189 -58.22 -22.09 -4.46
C LYS A 189 -56.74 -21.83 -4.13
N GLN A 190 -56.00 -21.26 -5.08
CA GLN A 190 -54.64 -20.83 -4.80
C GLN A 190 -54.62 -19.71 -3.78
N THR A 191 -55.60 -18.82 -3.82
CA THR A 191 -55.73 -17.80 -2.78
C THR A 191 -55.99 -18.43 -1.43
N GLU A 192 -56.78 -19.51 -1.43
CA GLU A 192 -57.09 -20.24 -0.18
C GLU A 192 -55.78 -20.79 0.39
N LEU A 193 -54.94 -21.40 -0.46
CA LEU A 193 -53.66 -21.91 0.02
C LEU A 193 -52.71 -20.79 0.45
N SER A 194 -52.75 -19.68 -0.28
CA SER A 194 -51.91 -18.50 0.08
C SER A 194 -52.31 -18.03 1.48
N LEU A 195 -53.56 -17.56 1.63
CA LEU A 195 -54.05 -17.10 2.95
C LEU A 195 -53.58 -18.07 4.02
N ASP A 196 -53.83 -19.37 3.83
CA ASP A 196 -53.39 -20.40 4.81
C ASP A 196 -51.90 -20.21 5.09
N LEU A 197 -51.05 -20.31 4.06
CA LEU A 197 -49.60 -20.19 4.27
C LEU A 197 -49.24 -18.92 5.03
N ALA A 198 -49.95 -17.82 4.73
CA ALA A 198 -49.70 -16.56 5.47
C ALA A 198 -50.04 -16.80 6.95
N LEU A 199 -51.26 -17.26 7.23
CA LEU A 199 -51.66 -17.56 8.63
C LEU A 199 -50.56 -18.40 9.27
N SER A 200 -50.19 -19.52 8.63
CA SER A 200 -49.13 -20.41 9.18
C SER A 200 -47.88 -19.60 9.51
N LYS A 201 -47.39 -18.80 8.55
CA LYS A 201 -46.17 -18.03 8.78
C LYS A 201 -46.33 -17.10 9.97
N TYR A 202 -47.49 -16.45 10.08
CA TYR A 202 -47.75 -15.60 11.23
C TYR A 202 -47.75 -16.39 12.52
N LEU A 203 -48.34 -17.59 12.51
CA LEU A 203 -48.35 -18.44 13.69
C LEU A 203 -46.94 -18.88 14.05
N SER A 204 -46.14 -19.20 13.04
CA SER A 204 -44.76 -19.61 13.27
C SER A 204 -43.94 -18.47 13.88
N ASP A 205 -44.17 -17.24 13.43
CA ASP A 205 -43.51 -16.09 14.03
C ASP A 205 -44.03 -15.82 15.44
N LEU A 206 -45.32 -16.07 15.67
CA LEU A 206 -45.88 -15.90 17.01
C LEU A 206 -45.27 -16.87 18.00
N LEU A 207 -45.16 -18.15 17.63
CA LEU A 207 -44.93 -19.20 18.61
C LEU A 207 -43.61 -19.07 19.34
N PHE A 208 -42.67 -18.27 18.83
CA PHE A 208 -41.44 -18.03 19.58
C PHE A 208 -41.71 -17.18 20.81
N VAL A 209 -42.82 -16.44 20.82
CA VAL A 209 -43.12 -15.46 21.86
C VAL A 209 -44.41 -15.82 22.60
N PHE A 210 -45.49 -16.03 21.87
CA PHE A 210 -46.79 -16.27 22.48
C PHE A 210 -47.11 -17.75 22.64
N GLY A 211 -46.22 -18.65 22.22
CA GLY A 211 -46.46 -20.07 22.36
C GLY A 211 -46.31 -20.52 23.80
N PRO A 212 -45.99 -21.80 24.00
CA PRO A 212 -45.80 -22.30 25.37
C PRO A 212 -44.63 -21.68 26.09
N ASN A 213 -43.82 -20.86 25.42
CA ASN A 213 -42.77 -20.13 26.11
C ASN A 213 -43.35 -19.11 27.09
N LEU A 214 -44.57 -18.63 26.83
CA LEU A 214 -45.21 -17.62 27.67
C LEU A 214 -45.86 -18.32 28.87
N GLN A 215 -45.01 -18.74 29.80
CA GLN A 215 -45.49 -19.42 31.00
C GLN A 215 -46.13 -18.45 31.99
N ASP A 216 -45.75 -17.18 31.97
CA ASP A 216 -46.18 -16.19 32.96
C ASP A 216 -46.67 -14.94 32.25
N PRO A 217 -47.90 -14.95 31.74
CA PRO A 217 -48.44 -13.74 31.12
C PRO A 217 -48.58 -12.58 32.08
N VAL A 218 -48.58 -12.83 33.38
CA VAL A 218 -48.66 -11.75 34.38
C VAL A 218 -47.23 -11.29 34.62
N SER A 219 -46.75 -10.42 33.74
CA SER A 219 -45.41 -9.86 33.87
C SER A 219 -45.31 -8.64 32.96
N ASN A 220 -44.54 -7.65 33.41
CA ASN A 220 -44.27 -6.44 32.64
C ASN A 220 -42.83 -6.37 32.17
N SER A 221 -42.13 -7.49 32.21
CA SER A 221 -40.75 -7.58 31.73
C SER A 221 -40.67 -7.93 30.25
N MET A 222 -41.81 -8.00 29.57
CA MET A 222 -41.85 -8.42 28.18
C MET A 222 -41.74 -7.18 27.29
N THR A 223 -40.76 -7.19 26.39
CA THR A 223 -40.45 -5.99 25.62
C THR A 223 -41.48 -5.77 24.52
N ILE A 224 -41.58 -4.51 24.09
CA ILE A 224 -42.47 -4.15 23.00
C ILE A 224 -42.06 -4.85 21.71
N GLN A 225 -40.76 -5.17 21.58
CA GLN A 225 -40.31 -5.92 20.41
C GLN A 225 -40.97 -7.29 20.33
N ALA A 226 -41.03 -7.99 21.46
CA ALA A 226 -41.69 -9.29 21.49
C ALA A 226 -43.18 -9.18 21.29
N ILE A 227 -43.81 -8.15 21.87
CA ILE A 227 -45.25 -7.97 21.72
C ILE A 227 -45.60 -7.66 20.28
N SER A 228 -44.74 -6.90 19.59
CA SER A 228 -44.98 -6.56 18.19
C SER A 228 -44.96 -7.78 17.28
N GLN A 229 -44.44 -8.91 17.74
CA GLN A 229 -44.57 -10.14 16.96
C GLN A 229 -46.02 -10.52 16.75
N ALA A 230 -46.91 -10.06 17.62
CA ALA A 230 -48.34 -10.16 17.36
C ALA A 230 -48.79 -9.23 16.26
N PHE A 231 -47.92 -8.30 15.82
CA PHE A 231 -48.23 -7.39 14.72
C PHE A 231 -47.20 -7.50 13.59
N GLY A 232 -46.48 -8.62 13.52
CA GLY A 232 -45.49 -8.78 12.48
C GLY A 232 -44.13 -8.22 12.80
N GLY A 233 -43.82 -7.99 14.08
CA GLY A 233 -42.54 -7.43 14.44
C GLY A 233 -42.39 -5.95 14.17
N ASN A 234 -43.47 -5.27 13.80
CA ASN A 234 -43.43 -3.86 13.42
C ASN A 234 -43.81 -3.00 14.63
N TYR A 235 -42.84 -2.82 15.52
CA TYR A 235 -43.07 -1.99 16.69
C TYR A 235 -43.02 -0.50 16.37
N GLU A 236 -42.39 -0.13 15.24
CA GLU A 236 -42.35 1.27 14.86
C GLU A 236 -43.74 1.84 14.63
N THR A 237 -44.61 1.08 13.97
CA THR A 237 -45.96 1.56 13.73
C THR A 237 -46.70 1.81 15.05
N LEU A 238 -46.63 0.84 15.97
CA LEU A 238 -47.27 0.98 17.26
C LEU A 238 -46.78 2.22 17.98
N LEU A 239 -45.45 2.35 18.11
CA LEU A 239 -44.90 3.45 18.90
C LEU A 239 -45.16 4.80 18.25
N ARG A 240 -44.98 4.90 16.93
CA ARG A 240 -45.21 6.16 16.23
C ARG A 240 -46.67 6.59 16.33
N THR A 241 -47.60 5.64 16.21
CA THR A 241 -49.01 5.99 16.40
C THR A 241 -49.26 6.42 17.83
N LEU A 242 -48.60 5.79 18.80
CA LEU A 242 -48.78 6.20 20.20
C LEU A 242 -48.22 7.59 20.45
N GLY A 243 -46.99 7.84 20.04
CA GLY A 243 -46.41 9.17 20.20
C GLY A 243 -45.01 9.22 20.79
N TYR A 244 -44.09 9.89 20.09
CA TYR A 244 -42.70 10.04 20.54
C TYR A 244 -42.64 11.18 21.55
N ALA A 245 -43.04 10.87 22.78
CA ALA A 245 -43.18 11.89 23.81
C ALA A 245 -41.85 12.47 24.26
N THR A 246 -40.75 11.73 24.14
CA THR A 246 -39.46 12.16 24.67
C THR A 246 -38.41 12.17 23.58
N GLU A 247 -37.35 12.94 23.81
CA GLU A 247 -36.22 12.98 22.89
C GLU A 247 -35.27 11.81 23.08
N ASP A 248 -35.40 11.06 24.18
CA ASP A 248 -34.58 9.89 24.44
C ASP A 248 -35.25 8.60 23.97
N PHE A 249 -36.05 8.68 22.91
CA PHE A 249 -36.92 7.57 22.53
C PHE A 249 -36.13 6.39 21.99
N ASP A 250 -35.13 6.64 21.14
CA ASP A 250 -34.38 5.55 20.54
C ASP A 250 -33.60 4.76 21.59
N ASP A 251 -33.00 5.47 22.55
CA ASP A 251 -32.29 4.78 23.63
C ASP A 251 -33.25 3.94 24.46
N LEU A 252 -34.46 4.44 24.68
CA LEU A 252 -35.48 3.65 25.36
C LEU A 252 -35.84 2.40 24.57
N LEU A 253 -35.94 2.53 23.25
CA LEU A 253 -36.38 1.43 22.41
C LEU A 253 -35.34 0.34 22.32
N GLU A 254 -34.09 0.74 22.02
CA GLU A 254 -32.98 -0.24 21.88
C GLU A 254 -32.78 -0.95 23.23
N SER A 255 -32.95 -0.23 24.33
CA SER A 255 -32.82 -0.84 25.68
C SER A 255 -34.06 -1.67 25.99
N ASP A 256 -35.00 -1.74 25.02
CA ASP A 256 -36.26 -2.49 25.24
C ASP A 256 -36.95 -1.95 26.50
N SER A 257 -36.55 -0.76 26.96
CA SER A 257 -37.16 -0.15 28.17
C SER A 257 -38.67 -0.01 27.97
N ILE A 258 -39.11 0.22 26.73
CA ILE A 258 -40.57 0.29 26.43
C ILE A 258 -41.13 -1.12 26.62
N THR A 259 -41.76 -1.38 27.77
CA THR A 259 -42.26 -2.76 28.06
C THR A 259 -43.79 -2.79 27.97
N GLY A 260 -44.37 -3.99 28.02
CA GLY A 260 -45.80 -4.14 27.94
C GLY A 260 -46.30 -5.21 28.90
N GLN A 261 -47.62 -5.33 28.95
CA GLN A 261 -48.28 -6.32 29.79
C GLN A 261 -49.62 -6.68 29.19
N ILE A 262 -49.90 -7.98 29.11
CA ILE A 262 -51.21 -8.45 28.68
C ILE A 262 -52.17 -8.36 29.86
N ILE A 263 -53.29 -7.68 29.66
CA ILE A 263 -54.26 -7.45 30.73
C ILE A 263 -55.63 -8.02 30.41
N TYR A 264 -55.88 -8.46 29.18
CA TYR A 264 -57.16 -9.09 28.87
C TYR A 264 -57.01 -9.87 27.57
N VAL A 265 -57.49 -11.11 27.57
CA VAL A 265 -57.50 -11.97 26.40
C VAL A 265 -58.92 -12.44 26.15
N ASP A 266 -59.38 -12.30 24.91
CA ASP A 266 -60.72 -12.72 24.54
C ASP A 266 -60.63 -13.92 23.60
N LEU A 267 -61.32 -14.99 23.96
CA LEU A 267 -61.37 -16.20 23.14
C LEU A 267 -62.55 -16.23 22.19
N SER A 268 -63.40 -15.21 22.22
CA SER A 268 -64.52 -15.11 21.29
C SER A 268 -64.20 -14.25 20.07
N SER A 269 -63.52 -13.12 20.26
CA SER A 269 -63.11 -12.26 19.17
C SER A 269 -61.62 -12.32 18.89
N TYR A 270 -60.86 -13.06 19.69
CA TYR A 270 -59.44 -13.35 19.43
C TYR A 270 -58.60 -12.06 19.41
N TYR A 271 -58.71 -11.31 20.50
CA TYR A 271 -57.93 -10.09 20.63
C TYR A 271 -57.39 -9.99 22.05
N ILE A 272 -56.27 -9.30 22.16
CA ILE A 272 -55.65 -9.02 23.45
C ILE A 272 -55.44 -7.51 23.55
N ILE A 273 -55.68 -6.98 24.74
CA ILE A 273 -55.40 -5.57 25.03
C ILE A 273 -54.11 -5.50 25.83
N VAL A 274 -53.22 -4.62 25.42
CA VAL A 274 -51.88 -4.52 26.00
C VAL A 274 -51.69 -3.11 26.51
N ARG A 275 -51.25 -3.00 27.76
CA ARG A 275 -50.92 -1.71 28.36
C ARG A 275 -49.42 -1.48 28.17
N VAL A 276 -49.09 -0.62 27.20
CA VAL A 276 -47.70 -0.31 26.90
C VAL A 276 -47.21 0.75 27.87
N TYR A 277 -46.01 0.55 28.41
CA TYR A 277 -45.42 1.47 29.37
C TYR A 277 -44.38 2.33 28.69
N PHE A 278 -44.54 3.65 28.81
CA PHE A 278 -43.60 4.60 28.23
C PHE A 278 -42.88 5.34 29.35
N PRO A 279 -41.66 4.94 29.70
CA PRO A 279 -40.97 5.55 30.83
C PRO A 279 -40.06 6.70 30.40
N ILE A 280 -39.45 7.34 31.40
CA ILE A 280 -38.46 8.37 31.19
C ILE A 280 -37.12 7.86 31.73
N LEU A 281 -36.04 8.23 31.03
CA LEU A 281 -34.70 7.85 31.46
C LEU A 281 -34.24 8.84 32.52
N THR A 282 -34.10 8.36 33.74
CA THR A 282 -33.69 9.18 34.86
C THR A 282 -32.18 9.05 35.07
N GLU A 283 -31.46 10.15 34.89
CA GLU A 283 -30.04 10.16 35.16
C GLU A 283 -29.79 9.85 36.63
N ILE A 284 -28.97 8.85 36.89
CA ILE A 284 -28.63 8.49 38.26
C ILE A 284 -27.56 9.46 38.75
N GLN A 285 -27.84 10.14 39.85
CA GLN A 285 -26.92 11.15 40.38
C GLN A 285 -25.66 10.49 40.93
N GLN A 286 -24.53 11.17 40.74
CA GLN A 286 -23.24 10.72 41.26
C GLN A 286 -22.91 9.30 40.79
N ALA A 287 -23.22 9.01 39.53
CA ALA A 287 -22.95 7.70 38.95
C ALA A 287 -22.45 7.89 37.52
N TYR A 288 -21.50 7.06 37.12
CA TYR A 288 -20.98 7.13 35.76
C TYR A 288 -20.44 5.77 35.34
N ILE A 289 -20.28 5.61 34.03
CA ILE A 289 -19.64 4.45 33.42
C ILE A 289 -18.23 4.82 33.01
N GLN A 290 -17.27 3.99 33.38
CA GLN A 290 -15.90 4.13 32.92
C GLN A 290 -15.55 2.93 32.04
N GLU A 291 -15.06 3.21 30.83
CA GLU A 291 -14.64 2.17 29.92
C GLU A 291 -13.13 2.17 29.78
N LEU A 292 -12.54 0.98 29.90
CA LEU A 292 -11.10 0.80 29.80
C LEU A 292 -10.77 0.03 28.53
N LEU A 293 -9.84 0.55 27.74
CA LEU A 293 -9.44 -0.08 26.49
C LEU A 293 -8.22 -0.96 26.74
N PRO A 294 -8.27 -2.25 26.41
CA PRO A 294 -7.13 -3.12 26.68
C PRO A 294 -6.04 -2.98 25.62
N VAL A 295 -4.79 -2.97 26.09
CA VAL A 295 -3.62 -2.88 25.23
C VAL A 295 -2.67 -4.01 25.60
N SER A 296 -2.23 -4.77 24.61
CA SER A 296 -1.24 -5.81 24.84
C SER A 296 0.08 -5.20 25.27
N PHE A 297 0.69 -5.78 26.29
CA PHE A 297 1.94 -5.25 26.83
C PHE A 297 2.97 -6.36 26.94
N ASN A 298 4.23 -5.94 26.99
CA ASN A 298 5.36 -6.86 26.95
C ASN A 298 5.89 -7.15 28.34
N ASN A 299 6.11 -8.43 28.61
CA ASN A 299 6.66 -8.87 29.88
C ASN A 299 7.39 -10.18 29.68
N ASP A 300 8.68 -10.21 30.05
CA ASP A 300 9.50 -11.42 29.99
C ASP A 300 9.50 -12.04 28.59
N ASN A 301 9.75 -11.20 27.59
CA ASN A 301 9.90 -11.62 26.20
C ASN A 301 8.65 -12.32 25.68
N SER A 302 7.48 -11.89 26.16
CA SER A 302 6.21 -12.40 25.66
C SER A 302 5.17 -11.30 25.76
N GLU A 303 4.13 -11.42 24.95
CA GLU A 303 3.01 -10.49 24.98
C GLU A 303 1.93 -10.99 25.93
N TRP A 304 1.38 -10.08 26.72
CA TRP A 304 0.32 -10.40 27.65
C TRP A 304 -0.80 -9.38 27.53
N ILE A 305 -2.00 -9.79 27.88
CA ILE A 305 -3.16 -8.91 27.93
C ILE A 305 -3.86 -9.11 29.26
N SER A 306 -4.15 -8.01 29.95
CA SER A 306 -4.73 -8.08 31.28
C SER A 306 -6.24 -8.26 31.20
N ILE A 307 -6.79 -9.01 32.15
CA ILE A 307 -8.22 -9.28 32.16
C ILE A 307 -8.90 -8.52 33.29
N VAL A 308 -9.55 -7.41 32.94
CA VAL A 308 -10.45 -6.71 33.84
C VAL A 308 -11.72 -6.41 33.07
N PRO A 309 -12.83 -6.17 33.77
CA PRO A 309 -14.06 -5.78 33.08
C PRO A 309 -13.84 -4.53 32.25
N ASN A 310 -14.34 -4.56 31.02
CA ASN A 310 -14.16 -3.42 30.13
C ASN A 310 -14.89 -2.18 30.64
N PHE A 311 -15.89 -2.37 31.49
CA PHE A 311 -16.74 -1.28 31.95
C PHE A 311 -16.92 -1.38 33.46
N ILE A 312 -16.90 -0.24 34.14
CA ILE A 312 -17.02 -0.18 35.60
C ILE A 312 -18.12 0.80 35.95
N LEU A 313 -18.98 0.42 36.89
CA LEU A 313 -19.96 1.31 37.49
C LEU A 313 -19.37 1.93 38.75
N VAL A 314 -19.33 3.26 38.79
CA VAL A 314 -18.97 4.01 39.99
C VAL A 314 -20.17 4.84 40.40
N ARG A 315 -20.77 4.50 41.54
CA ARG A 315 -21.98 5.14 42.00
C ARG A 315 -21.81 5.52 43.46
N ASN A 316 -21.84 6.82 43.73
CA ASN A 316 -21.63 7.35 45.09
C ASN A 316 -20.31 6.84 45.66
N THR A 317 -19.26 6.94 44.85
CA THR A 317 -17.90 6.52 45.21
C THR A 317 -17.83 5.04 45.60
N LEU A 318 -18.69 4.20 45.01
CA LEU A 318 -18.65 2.77 45.22
C LEU A 318 -18.46 2.08 43.88
N ILE A 319 -17.49 1.17 43.81
CA ILE A 319 -17.10 0.53 42.56
C ILE A 319 -17.74 -0.85 42.49
N SER A 320 -18.48 -1.10 41.42
CA SER A 320 -19.17 -2.37 41.25
C SER A 320 -19.30 -2.68 39.76
N ASN A 321 -19.32 -3.96 39.44
CA ASN A 321 -19.44 -4.42 38.06
C ASN A 321 -20.77 -3.99 37.47
N ILE A 322 -20.94 -4.22 36.16
CA ILE A 322 -22.27 -3.94 35.56
C ILE A 322 -22.53 -4.90 34.39
N GLU A 323 -23.29 -5.97 34.61
CA GLU A 323 -23.66 -6.84 33.46
C GLU A 323 -24.07 -5.85 32.37
N ILE A 324 -23.28 -5.72 31.30
CA ILE A 324 -23.57 -4.66 30.30
C ILE A 324 -24.18 -5.25 29.03
N GLY A 325 -24.02 -6.56 28.80
CA GLY A 325 -24.52 -7.11 27.55
C GLY A 325 -25.97 -6.74 27.30
N PHE A 326 -26.76 -6.61 28.37
CA PHE A 326 -28.16 -6.22 28.22
C PHE A 326 -28.32 -4.72 28.07
N CYS A 327 -27.42 -3.93 28.64
CA CYS A 327 -27.50 -2.48 28.54
C CYS A 327 -27.12 -2.01 27.13
N LEU A 328 -27.49 -0.79 26.80
CA LEU A 328 -27.17 -0.17 25.53
C LEU A 328 -26.13 0.92 25.76
N ILE A 329 -25.05 0.88 24.97
CA ILE A 329 -23.93 1.80 25.13
C ILE A 329 -24.03 2.86 24.05
N THR A 330 -24.06 4.12 24.46
CA THR A 330 -24.01 5.27 23.58
C THR A 330 -22.67 6.00 23.80
N LYS A 331 -22.48 7.09 23.06
CA LYS A 331 -21.21 7.81 23.14
C LYS A 331 -21.07 8.58 24.45
N ARG A 332 -22.17 8.91 25.13
CA ARG A 332 -22.11 9.71 26.34
C ARG A 332 -22.82 9.08 27.53
N SER A 333 -23.50 7.95 27.35
CA SER A 333 -24.29 7.37 28.44
C SER A 333 -24.47 5.88 28.19
N VAL A 334 -24.80 5.17 29.27
CA VAL A 334 -25.18 3.77 29.22
C VAL A 334 -26.61 3.65 29.74
N ILE A 335 -27.50 3.12 28.90
CA ILE A 335 -28.92 3.07 29.20
C ILE A 335 -29.29 1.63 29.52
N CYS A 336 -29.92 1.42 30.68
CA CYS A 336 -30.33 0.10 31.14
C CYS A 336 -31.78 0.16 31.60
N ASN A 337 -32.57 -0.83 31.17
CA ASN A 337 -33.95 -0.92 31.61
C ASN A 337 -34.09 -1.52 33.00
N GLN A 338 -33.01 -2.03 33.57
CA GLN A 338 -33.00 -2.51 34.94
C GLN A 338 -31.67 -2.11 35.57
N ASP A 339 -31.63 -2.07 36.90
CA ASP A 339 -30.37 -1.79 37.58
C ASP A 339 -29.50 -3.03 37.55
N TYR A 340 -28.55 -3.08 36.62
CA TYR A 340 -27.77 -4.28 36.35
C TYR A 340 -26.46 -4.31 37.11
N ALA A 341 -26.34 -3.57 38.20
CA ALA A 341 -25.11 -3.59 38.97
C ALA A 341 -24.91 -4.96 39.60
N THR A 342 -23.71 -5.51 39.43
CA THR A 342 -23.33 -6.80 39.97
C THR A 342 -22.06 -6.66 40.79
N PRO A 343 -21.85 -7.50 41.79
CA PRO A 343 -20.78 -7.26 42.76
C PRO A 343 -19.39 -7.39 42.14
N MET A 344 -18.44 -6.71 42.77
CA MET A 344 -17.03 -6.77 42.43
C MET A 344 -16.28 -7.44 43.56
N THR A 345 -15.37 -8.34 43.22
CA THR A 345 -14.51 -8.91 44.24
C THR A 345 -13.61 -7.85 44.84
N ASN A 346 -13.31 -7.98 46.12
CA ASN A 346 -12.42 -7.00 46.71
C ASN A 346 -11.13 -6.95 45.91
N ASN A 347 -10.58 -8.13 45.54
CA ASN A 347 -9.33 -8.18 44.80
C ASN A 347 -9.41 -7.42 43.48
N MET A 348 -10.51 -7.57 42.74
CA MET A 348 -10.70 -6.80 41.52
C MET A 348 -10.78 -5.30 41.83
N ARG A 349 -11.45 -4.95 42.92
CA ARG A 349 -11.52 -3.55 43.34
C ARG A 349 -10.13 -2.99 43.55
N GLU A 350 -9.33 -3.67 44.39
CA GLU A 350 -7.95 -3.21 44.67
C GLU A 350 -7.20 -3.08 43.33
N CYS A 351 -7.35 -4.08 42.46
CA CYS A 351 -6.66 -4.04 41.17
C CYS A 351 -7.00 -2.78 40.39
N LEU A 352 -8.27 -2.38 40.38
CA LEU A 352 -8.68 -1.19 39.65
C LEU A 352 -8.28 0.10 40.33
N THR A 353 -8.14 0.12 41.67
CA THR A 353 -7.76 1.33 42.38
C THR A 353 -6.31 1.37 42.80
N GLY A 354 -5.41 0.75 42.03
CA GLY A 354 -4.00 1.00 42.21
C GLY A 354 -3.11 -0.23 42.36
N SER A 355 -3.58 -1.24 43.07
CA SER A 355 -2.77 -2.43 43.34
C SER A 355 -2.74 -3.27 42.07
N THR A 356 -1.81 -2.93 41.17
CA THR A 356 -1.73 -3.62 39.89
C THR A 356 -1.12 -5.01 40.02
N GLU A 357 -0.47 -5.31 41.14
CA GLU A 357 0.05 -6.66 41.36
C GLU A 357 -1.08 -7.68 41.52
N LYS A 358 -2.29 -7.22 41.80
CA LYS A 358 -3.46 -8.08 41.90
C LYS A 358 -4.25 -8.16 40.61
N CYS A 359 -3.76 -7.56 39.53
CA CYS A 359 -4.48 -7.53 38.26
C CYS A 359 -4.06 -8.74 37.45
N PRO A 360 -4.93 -9.70 37.19
CA PRO A 360 -4.53 -10.90 36.45
C PRO A 360 -4.26 -10.60 34.99
N ARG A 361 -3.41 -11.44 34.39
CA ARG A 361 -3.00 -11.25 33.00
C ARG A 361 -3.04 -12.59 32.27
N GLU A 362 -3.37 -12.53 30.98
CA GLU A 362 -3.42 -13.79 30.18
C GLU A 362 -2.42 -13.67 29.03
N LEU A 363 -1.66 -14.74 28.79
CA LEU A 363 -0.66 -14.73 27.70
C LEU A 363 -1.37 -14.50 26.36
N VAL A 364 -0.69 -13.88 25.40
CA VAL A 364 -1.33 -13.55 24.10
C VAL A 364 -1.04 -14.66 23.09
N VAL A 365 -2.08 -15.16 22.41
CA VAL A 365 -1.90 -16.25 21.40
C VAL A 365 -2.52 -15.79 20.07
N SER A 366 -3.29 -14.70 20.11
CA SER A 366 -3.95 -14.18 18.89
C SER A 366 -3.03 -13.18 18.20
N SER A 367 -2.62 -13.45 16.96
CA SER A 367 -1.85 -12.48 16.21
C SER A 367 -2.62 -11.17 16.02
N HIS A 368 -3.92 -11.16 16.31
CA HIS A 368 -4.78 -9.97 16.09
C HIS A 368 -5.22 -9.37 17.43
N VAL A 369 -4.28 -9.10 18.34
CA VAL A 369 -4.65 -8.44 19.59
C VAL A 369 -4.32 -6.96 19.44
N PRO A 370 -5.07 -6.04 20.06
CA PRO A 370 -4.71 -4.62 19.97
C PRO A 370 -3.34 -4.35 20.58
N ARG A 371 -2.61 -3.41 19.97
CA ARG A 371 -1.22 -3.13 20.44
C ARG A 371 -1.05 -1.64 20.79
N PHE A 372 -1.89 -0.75 20.24
CA PHE A 372 -1.77 0.65 20.62
C PHE A 372 -3.17 1.22 20.84
N ALA A 373 -3.23 2.33 21.60
CA ALA A 373 -4.50 2.96 21.88
C ALA A 373 -4.27 4.44 22.17
N LEU A 374 -5.16 5.32 21.76
CA LEU A 374 -5.08 6.76 21.89
C LEU A 374 -6.03 7.21 22.98
N SER A 375 -5.48 7.91 23.97
CA SER A 375 -6.20 8.45 25.11
C SER A 375 -5.76 9.88 25.35
N ASN A 376 -6.72 10.80 25.39
CA ASN A 376 -6.45 12.21 25.69
C ASN A 376 -5.42 12.82 24.75
N GLY A 377 -5.35 12.34 23.51
CA GLY A 377 -4.33 12.77 22.56
C GLY A 377 -2.95 12.10 22.76
N VAL A 378 -2.73 11.30 23.82
CA VAL A 378 -1.44 10.69 24.10
C VAL A 378 -1.55 9.20 23.82
N LEU A 379 -0.48 8.61 23.31
CA LEU A 379 -0.48 7.23 22.84
C LEU A 379 0.25 6.32 23.82
N PHE A 380 -0.42 5.24 24.20
CA PHE A 380 0.21 4.13 24.91
C PHE A 380 0.29 2.95 23.96
N ALA A 381 1.50 2.48 23.68
CA ALA A 381 1.72 1.44 22.71
C ALA A 381 2.84 0.51 23.17
N ASN A 382 2.80 -0.72 22.65
CA ASN A 382 3.85 -1.71 22.88
C ASN A 382 4.78 -1.71 21.67
N CYS A 383 5.79 -0.84 21.72
CA CYS A 383 6.60 -0.58 20.54
C CYS A 383 7.65 -1.67 20.29
N ILE A 384 7.72 -2.70 21.12
CA ILE A 384 8.58 -3.85 20.81
C ILE A 384 7.82 -4.89 20.01
N SER A 385 6.50 -4.95 20.17
CA SER A 385 5.65 -5.84 19.40
C SER A 385 5.09 -5.19 18.14
N VAL A 386 5.34 -3.90 17.93
CA VAL A 386 4.86 -3.20 16.74
C VAL A 386 5.93 -2.20 16.32
N THR A 387 6.01 -1.93 15.00
CA THR A 387 6.91 -0.91 14.45
C THR A 387 6.63 0.45 15.08
N CYS A 388 7.69 1.18 15.44
CA CYS A 388 7.55 2.37 16.29
C CYS A 388 8.70 3.33 15.96
N GLN A 389 8.35 4.51 15.43
CA GLN A 389 9.26 5.60 15.02
C GLN A 389 8.59 6.98 15.06
N CYS A 390 9.41 8.03 15.02
CA CYS A 390 9.00 9.43 15.12
C CYS A 390 9.11 10.19 13.78
N GLN A 391 8.11 10.99 13.40
CA GLN A 391 8.08 11.75 12.13
C GLN A 391 8.98 12.99 12.10
N THR A 392 9.09 13.75 13.19
CA THR A 392 9.82 15.02 13.21
C THR A 392 11.33 14.84 13.17
N THR A 393 11.84 13.66 13.55
CA THR A 393 13.25 13.36 13.45
C THR A 393 13.57 12.21 12.51
N GLY A 394 12.58 11.40 12.12
CA GLY A 394 12.75 10.21 11.29
C GLY A 394 13.33 9.01 12.03
N ARG A 395 13.70 9.13 13.31
CA ARG A 395 14.39 8.08 14.05
C ARG A 395 13.40 7.14 14.70
N ALA A 396 13.85 5.92 14.96
CA ALA A 396 13.02 4.92 15.61
C ALA A 396 12.88 5.21 17.10
N ILE A 397 11.74 4.83 17.67
CA ILE A 397 11.49 4.93 19.09
C ILE A 397 11.64 3.54 19.68
N SER A 398 12.62 3.37 20.55
CA SER A 398 13.02 2.04 21.03
C SER A 398 12.40 1.76 22.38
N GLN A 399 11.94 0.52 22.56
CA GLN A 399 11.36 0.05 23.81
C GLN A 399 12.26 -1.01 24.40
N SER A 400 12.64 -0.83 25.66
CA SER A 400 13.50 -1.80 26.32
C SER A 400 12.67 -2.97 26.83
N GLY A 401 13.36 -3.99 27.32
CA GLY A 401 12.69 -5.16 27.87
C GLY A 401 12.18 -4.99 29.28
N GLU A 402 12.40 -3.82 29.89
CA GLU A 402 11.94 -3.55 31.24
C GLU A 402 10.57 -2.89 31.28
N GLN A 403 10.19 -2.15 30.24
CA GLN A 403 9.01 -1.29 30.27
C GLN A 403 7.90 -1.89 29.40
N THR A 404 6.66 -1.77 29.89
CA THR A 404 5.55 -2.49 29.29
C THR A 404 5.01 -1.77 28.05
N LEU A 405 4.75 -0.48 28.17
CA LEU A 405 4.29 0.31 27.04
C LEU A 405 4.97 1.68 27.05
N LEU A 406 4.75 2.43 25.98
CA LEU A 406 5.37 3.73 25.77
C LEU A 406 4.30 4.81 25.77
N MET A 407 4.54 5.88 26.53
CA MET A 407 3.76 7.10 26.35
C MET A 407 4.45 7.94 25.30
N ILE A 408 3.79 8.10 24.15
CA ILE A 408 4.28 8.96 23.10
C ILE A 408 3.46 10.24 23.18
N ASP A 409 4.14 11.37 23.31
CA ASP A 409 3.50 12.68 23.32
C ASP A 409 4.42 13.67 22.62
N ASN A 410 3.98 14.93 22.57
CA ASN A 410 4.77 15.97 21.92
C ASN A 410 6.09 16.21 22.64
N THR A 411 6.20 15.85 23.92
CA THR A 411 7.47 16.00 24.63
C THR A 411 8.56 15.15 24.02
N THR A 412 8.27 13.88 23.73
CA THR A 412 9.27 13.02 23.10
C THR A 412 9.45 13.37 21.63
N CYS A 413 8.34 13.60 20.91
CA CYS A 413 8.31 14.24 19.60
C CYS A 413 6.85 14.41 19.18
N PRO A 414 6.53 15.48 18.44
CA PRO A 414 5.11 15.83 18.26
C PRO A 414 4.38 15.05 17.18
N THR A 415 4.96 14.08 16.51
CA THR A 415 4.23 13.25 15.53
C THR A 415 4.88 11.89 15.44
N ALA A 416 4.10 10.83 15.62
CA ALA A 416 4.55 9.45 15.61
C ALA A 416 4.03 8.72 14.38
N VAL A 417 4.73 7.65 13.99
CA VAL A 417 4.34 6.79 12.88
C VAL A 417 4.35 5.35 13.35
N LEU A 418 3.23 4.66 13.18
CA LEU A 418 3.06 3.27 13.58
C LEU A 418 2.53 2.48 12.38
N GLY A 419 3.41 1.98 11.52
CA GLY A 419 2.97 1.44 10.24
C GLY A 419 2.34 2.53 9.36
N ASN A 420 1.17 2.27 8.78
CA ASN A 420 0.53 3.21 7.85
C ASN A 420 -0.04 4.49 8.49
N VAL A 421 -0.16 4.57 9.82
CA VAL A 421 -0.71 5.76 10.49
C VAL A 421 0.39 6.80 10.71
N ILE A 422 0.12 8.07 10.43
CA ILE A 422 0.91 9.18 10.94
C ILE A 422 0.01 9.98 11.88
N ILE A 423 0.41 10.10 13.14
CA ILE A 423 -0.44 10.71 14.17
C ILE A 423 0.26 11.86 14.86
N SER A 424 -0.36 13.04 14.82
CA SER A 424 0.05 14.16 15.67
C SER A 424 -0.54 13.97 17.06
N LEU A 425 0.20 14.35 18.09
CA LEU A 425 -0.12 14.01 19.48
C LEU A 425 -0.26 15.26 20.32
N GLY A 426 -0.99 15.12 21.42
CA GLY A 426 -1.19 16.19 22.36
C GLY A 426 -0.39 16.01 23.64
N LYS A 427 -0.55 16.97 24.54
CA LYS A 427 0.20 16.96 25.79
C LYS A 427 -0.32 15.88 26.73
N TYR A 428 0.53 15.50 27.67
CA TYR A 428 0.14 14.61 28.75
C TYR A 428 -0.09 15.42 30.02
N LEU A 429 -1.05 14.94 30.83
CA LEU A 429 -1.42 15.63 32.06
C LEU A 429 -0.88 14.96 33.31
N GLY A 430 -0.40 13.73 33.23
CA GLY A 430 0.10 13.03 34.39
C GLY A 430 1.55 13.32 34.68
N SER A 431 2.27 12.33 35.18
CA SER A 431 3.67 12.53 35.56
C SER A 431 4.52 12.81 34.34
N VAL A 432 5.53 13.67 34.52
CA VAL A 432 6.46 13.97 33.44
C VAL A 432 7.39 12.80 33.18
N ASN A 433 7.70 12.02 34.22
CA ASN A 433 8.65 10.91 34.14
C ASN A 433 7.97 9.56 33.99
N TYR A 434 6.89 9.51 33.20
CA TYR A 434 6.08 8.31 33.07
C TYR A 434 6.93 7.10 32.66
N ASN A 435 7.73 7.25 31.60
CA ASN A 435 8.40 6.11 30.99
C ASN A 435 9.64 5.67 31.75
N SER A 436 10.09 6.41 32.76
CA SER A 436 11.29 6.08 33.48
C SER A 436 11.04 5.33 34.79
N GLU A 437 9.79 5.03 35.11
CA GLU A 437 9.43 4.34 36.34
C GLU A 437 8.68 3.06 36.01
N GLY A 438 9.08 1.96 36.65
CA GLY A 438 8.42 0.69 36.47
C GLY A 438 7.50 0.35 37.63
N ILE A 439 6.64 -0.65 37.40
CA ILE A 439 5.67 -1.11 38.39
C ILE A 439 5.76 -2.62 38.50
N ALA A 440 5.06 -3.17 39.49
CA ALA A 440 4.93 -4.61 39.64
C ALA A 440 3.85 -5.15 38.72
N ILE A 441 3.88 -6.46 38.50
CA ILE A 441 2.99 -7.12 37.55
C ILE A 441 2.32 -8.30 38.23
N GLY A 442 1.13 -8.67 37.76
CA GLY A 442 0.33 -9.70 38.38
C GLY A 442 0.68 -11.09 37.88
N PRO A 443 -0.11 -12.07 38.32
CA PRO A 443 0.15 -13.46 37.96
C PRO A 443 -0.55 -13.85 36.67
N PRO A 444 0.01 -14.79 35.91
CA PRO A 444 -0.66 -15.25 34.70
C PRO A 444 -1.90 -16.09 35.03
N VAL A 445 -2.87 -16.03 34.11
CA VAL A 445 -4.10 -16.82 34.21
C VAL A 445 -4.48 -17.32 32.83
N PHE A 446 -5.46 -18.22 32.80
CA PHE A 446 -6.06 -18.72 31.58
C PHE A 446 -7.58 -18.67 31.75
N THR A 447 -8.27 -18.06 30.78
CA THR A 447 -9.67 -17.72 30.92
C THR A 447 -10.60 -18.60 30.09
N ASP A 448 -10.13 -19.76 29.64
CA ASP A 448 -11.01 -20.67 28.93
C ASP A 448 -11.95 -21.36 29.91
N LYS A 449 -13.10 -21.81 29.38
CA LYS A 449 -14.09 -22.47 30.21
C LYS A 449 -13.54 -23.73 30.86
N VAL A 450 -12.81 -24.54 30.09
CA VAL A 450 -12.21 -25.75 30.63
C VAL A 450 -11.01 -25.45 31.52
N ASP A 451 -10.32 -24.33 31.28
CA ASP A 451 -9.16 -23.98 32.10
C ASP A 451 -9.56 -23.73 33.55
N ILE A 452 -10.78 -23.25 33.78
CA ILE A 452 -11.25 -22.99 35.14
C ILE A 452 -11.33 -24.31 35.92
N SER A 453 -11.90 -25.34 35.29
CA SER A 453 -12.03 -26.63 35.96
C SER A 453 -10.66 -27.26 36.24
N SER A 454 -9.74 -27.16 35.29
CA SER A 454 -8.42 -27.75 35.48
C SER A 454 -7.66 -27.06 36.61
N GLN A 455 -7.71 -25.73 36.65
CA GLN A 455 -7.03 -25.01 37.72
C GLN A 455 -7.63 -25.33 39.08
N ILE A 456 -8.95 -25.45 39.14
CA ILE A 456 -9.61 -25.86 40.39
C ILE A 456 -9.16 -27.25 40.79
N SER A 457 -9.10 -28.17 39.81
CA SER A 457 -8.69 -29.53 40.10
C SER A 457 -7.25 -29.58 40.61
N SER A 458 -6.34 -28.89 39.93
CA SER A 458 -4.94 -28.89 40.34
C SER A 458 -4.76 -28.24 41.71
N MET A 459 -5.46 -27.13 41.95
CA MET A 459 -5.40 -26.49 43.25
C MET A 459 -5.94 -27.40 44.35
N ASN A 460 -7.04 -28.11 44.06
CA ASN A 460 -7.56 -29.08 45.01
C ASN A 460 -6.56 -30.20 45.25
N GLN A 461 -5.95 -30.72 44.19
CA GLN A 461 -4.95 -31.77 44.34
C GLN A 461 -3.72 -31.27 45.09
N SER A 462 -3.32 -30.02 44.82
CA SER A 462 -2.19 -29.44 45.55
C SER A 462 -2.51 -29.30 47.03
N LEU A 463 -3.74 -28.90 47.36
CA LEU A 463 -4.13 -28.77 48.76
C LEU A 463 -4.12 -30.11 49.47
N GLN A 464 -4.58 -31.16 48.80
CA GLN A 464 -4.60 -32.50 49.40
C GLN A 464 -3.19 -33.05 49.56
N ILE B 23 18.80 33.57 10.08
CA ILE B 23 18.44 33.79 8.68
C ILE B 23 19.62 34.41 7.94
N LEU B 24 19.41 34.69 6.65
CA LEU B 24 20.45 35.29 5.82
C LEU B 24 20.48 36.79 6.03
N HIS B 25 21.68 37.34 6.16
CA HIS B 25 21.87 38.77 6.37
C HIS B 25 22.20 39.39 5.02
N TYR B 26 21.16 39.78 4.28
CA TYR B 26 21.35 40.28 2.93
C TYR B 26 22.18 41.56 2.91
N GLU B 27 22.05 42.39 3.96
CA GLU B 27 22.73 43.67 3.97
C GLU B 27 24.25 43.50 4.05
N LYS B 28 24.72 42.64 4.95
CA LYS B 28 26.16 42.40 5.04
C LYS B 28 26.67 41.59 3.86
N LEU B 29 25.84 40.72 3.28
CA LEU B 29 26.23 39.98 2.09
C LEU B 29 26.39 40.90 0.89
N SER B 30 25.56 41.94 0.79
CA SER B 30 25.57 42.80 -0.39
C SER B 30 26.89 43.54 -0.52
N LYS B 31 27.44 44.04 0.59
CA LYS B 31 28.72 44.75 0.53
C LYS B 31 29.86 43.84 0.12
N ILE B 32 29.79 42.55 0.45
CA ILE B 32 30.76 41.59 -0.05
C ILE B 32 30.57 41.33 -1.54
N GLY B 33 29.40 41.67 -2.09
CA GLY B 33 29.10 41.43 -3.48
C GLY B 33 28.01 40.40 -3.69
N LEU B 34 27.37 39.93 -2.63
CA LEU B 34 26.38 38.86 -2.75
C LEU B 34 25.00 39.50 -2.69
N VAL B 35 24.60 40.13 -3.80
CA VAL B 35 23.34 40.84 -3.87
C VAL B 35 22.19 39.84 -3.83
N LYS B 36 21.10 40.22 -3.18
CA LYS B 36 19.96 39.32 -3.03
C LYS B 36 19.33 39.00 -4.37
N GLY B 37 18.84 37.76 -4.50
CA GLY B 37 18.18 37.34 -5.72
C GLY B 37 16.81 36.74 -5.48
N VAL B 38 16.32 35.99 -6.47
CA VAL B 38 14.98 35.42 -6.40
C VAL B 38 14.93 34.35 -5.32
N THR B 39 13.82 34.30 -4.59
CA THR B 39 13.56 33.26 -3.60
C THR B 39 12.60 32.24 -4.18
N ARG B 40 13.01 30.98 -4.22
CA ARG B 40 12.25 29.92 -4.85
C ARG B 40 11.89 28.85 -3.84
N LYS B 41 10.69 28.28 -4.00
CA LYS B 41 10.25 27.19 -3.16
C LYS B 41 10.95 25.89 -3.55
N TYR B 42 10.89 24.92 -2.65
CA TYR B 42 11.56 23.64 -2.84
C TYR B 42 10.52 22.52 -2.83
N LYS B 43 10.48 21.74 -3.91
CA LYS B 43 9.54 20.65 -4.02
C LYS B 43 10.21 19.42 -4.60
N ILE B 44 9.77 18.26 -4.15
CA ILE B 44 10.33 16.96 -4.47
C ILE B 44 9.20 16.05 -4.93
N LYS B 45 9.47 15.12 -5.83
CA LYS B 45 8.50 14.06 -6.21
C LYS B 45 8.05 13.27 -4.97
N SER B 46 6.79 12.86 -4.95
CA SER B 46 6.24 11.95 -3.94
C SER B 46 5.03 11.21 -4.50
N ASN B 47 4.56 10.18 -3.79
CA ASN B 47 3.30 9.47 -4.04
C ASN B 47 3.15 9.05 -5.52
N PRO B 48 4.10 8.32 -6.10
CA PRO B 48 4.06 8.06 -7.54
C PRO B 48 2.91 7.12 -7.89
N LEU B 49 2.17 7.47 -8.95
CA LEU B 49 1.21 6.57 -9.55
C LEU B 49 1.91 5.67 -10.56
N THR B 50 1.32 4.49 -10.79
CA THR B 50 1.93 3.48 -11.64
C THR B 50 1.05 3.21 -12.86
N LYS B 51 1.65 3.30 -14.04
CA LYS B 51 1.01 2.90 -15.28
C LYS B 51 1.90 1.91 -16.01
N ASP B 52 1.29 0.97 -16.72
CA ASP B 52 2.00 -0.11 -17.43
C ASP B 52 1.86 0.00 -18.94
N ILE B 53 2.96 -0.24 -19.63
CA ILE B 53 3.08 -0.23 -21.08
C ILE B 53 4.01 -1.34 -21.53
N VAL B 54 3.98 -1.69 -22.80
CA VAL B 54 4.99 -2.60 -23.38
C VAL B 54 5.67 -1.90 -24.54
N ILE B 55 6.96 -2.11 -24.68
CA ILE B 55 7.73 -1.62 -25.83
C ILE B 55 8.25 -2.83 -26.58
N LYS B 56 7.82 -2.98 -27.82
CA LYS B 56 8.24 -4.03 -28.74
C LYS B 56 9.48 -3.51 -29.46
N MET B 57 10.67 -3.95 -29.04
CA MET B 57 11.95 -3.54 -29.59
C MET B 57 12.19 -4.07 -30.99
N ILE B 58 11.19 -4.61 -31.65
CA ILE B 58 11.34 -5.16 -32.99
C ILE B 58 10.16 -4.71 -33.85
N PRO B 59 10.40 -4.32 -35.09
CA PRO B 59 9.28 -3.97 -35.98
C PRO B 59 8.59 -5.19 -36.52
N ASN B 60 7.31 -5.00 -36.86
CA ASN B 60 6.54 -6.00 -37.59
C ASN B 60 6.75 -5.77 -39.08
N VAL B 61 7.41 -6.71 -39.74
CA VAL B 61 7.81 -6.53 -41.13
C VAL B 61 6.92 -7.36 -42.05
N SER B 62 5.69 -7.63 -41.59
CA SER B 62 4.83 -8.58 -42.28
C SER B 62 4.51 -8.13 -43.70
N ASN B 63 4.20 -6.85 -43.89
CA ASN B 63 3.85 -6.38 -45.22
C ASN B 63 5.04 -6.26 -46.15
N MET B 64 6.26 -6.18 -45.62
CA MET B 64 7.47 -6.07 -46.41
C MET B 64 8.27 -7.37 -46.45
N SER B 65 7.66 -8.48 -46.01
CA SER B 65 8.43 -9.71 -45.83
C SER B 65 8.80 -10.36 -47.15
N GLN B 66 8.30 -9.83 -48.27
CA GLN B 66 8.52 -10.51 -49.55
C GLN B 66 10.00 -10.56 -49.91
N CYS B 67 10.75 -9.51 -49.62
CA CYS B 67 12.21 -9.52 -49.82
C CYS B 67 12.89 -8.84 -48.64
N THR B 68 12.47 -9.19 -47.43
CA THR B 68 13.16 -8.73 -46.23
C THR B 68 14.55 -9.35 -46.09
N GLY B 69 14.88 -10.36 -46.91
CA GLY B 69 16.21 -10.92 -46.88
C GLY B 69 16.46 -11.67 -45.58
N SER B 70 17.73 -11.75 -45.20
CA SER B 70 18.15 -12.45 -44.00
C SER B 70 18.49 -11.50 -42.85
N VAL B 71 18.36 -10.18 -43.07
CA VAL B 71 18.71 -9.22 -42.04
C VAL B 71 17.82 -9.37 -40.81
N MET B 72 16.60 -9.90 -40.99
CA MET B 72 15.72 -10.12 -39.85
C MET B 72 16.34 -11.10 -38.86
N GLU B 73 16.90 -12.21 -39.35
CA GLU B 73 17.49 -13.20 -38.45
C GLU B 73 18.71 -12.64 -37.72
N ASN B 74 19.60 -11.96 -38.45
CA ASN B 74 20.79 -11.39 -37.81
C ASN B 74 20.40 -10.33 -36.79
N TYR B 75 19.38 -9.53 -37.11
CA TYR B 75 18.88 -8.57 -36.13
C TYR B 75 18.32 -9.28 -34.91
N LYS B 76 17.64 -10.41 -35.12
CA LYS B 76 17.15 -11.20 -34.00
C LYS B 76 18.30 -11.63 -33.10
N THR B 77 19.39 -12.16 -33.68
CA THR B 77 20.51 -12.61 -32.88
C THR B 77 21.19 -11.45 -32.16
N ARG B 78 21.42 -10.34 -32.86
CA ARG B 78 22.06 -9.20 -32.23
C ARG B 78 21.21 -8.63 -31.09
N LEU B 79 19.90 -8.54 -31.34
CA LEU B 79 18.96 -8.06 -30.29
C LEU B 79 19.05 -9.01 -29.11
N ASN B 80 18.93 -10.31 -29.36
CA ASN B 80 18.99 -11.30 -28.28
C ASN B 80 20.25 -11.12 -27.46
N GLY B 81 21.38 -10.86 -28.14
CA GLY B 81 22.62 -10.62 -27.43
C GLY B 81 22.57 -9.46 -26.46
N ILE B 82 21.63 -8.53 -26.67
CA ILE B 82 21.48 -7.41 -25.75
C ILE B 82 20.42 -7.70 -24.70
N LEU B 83 19.30 -8.31 -25.10
CA LEU B 83 18.22 -8.53 -24.14
C LEU B 83 18.48 -9.69 -23.19
N THR B 84 19.38 -10.61 -23.55
CA THR B 84 19.65 -11.74 -22.67
C THR B 84 20.22 -11.33 -21.31
N PRO B 85 21.22 -10.43 -21.22
CA PRO B 85 21.66 -10.01 -19.88
C PRO B 85 20.58 -9.33 -19.06
N ILE B 86 19.67 -8.59 -19.69
CA ILE B 86 18.61 -7.91 -18.95
C ILE B 86 17.69 -8.94 -18.30
N LYS B 87 17.24 -9.93 -19.08
CA LYS B 87 16.42 -11.02 -18.55
C LYS B 87 17.19 -11.80 -17.49
N GLY B 88 18.50 -12.00 -17.68
CA GLY B 88 19.29 -12.72 -16.70
C GLY B 88 19.36 -12.00 -15.37
N ALA B 89 19.54 -10.68 -15.41
CA ALA B 89 19.54 -9.88 -14.19
C ALA B 89 18.16 -9.81 -13.54
N LEU B 90 17.07 -9.73 -14.32
CA LEU B 90 15.70 -9.76 -13.78
C LEU B 90 15.41 -11.11 -13.10
N GLU B 91 15.81 -12.21 -13.73
CA GLU B 91 15.55 -13.54 -13.20
C GLU B 91 16.27 -13.81 -11.88
N ILE B 92 17.36 -13.10 -11.57
CA ILE B 92 17.91 -13.16 -10.21
C ILE B 92 16.84 -12.82 -9.18
N TYR B 93 15.89 -11.95 -9.57
CA TYR B 93 14.75 -11.63 -8.67
C TYR B 93 13.59 -12.60 -8.92
N LYS B 94 13.20 -12.81 -10.19
CA LYS B 94 12.03 -13.68 -10.47
C LYS B 94 12.16 -15.08 -9.87
N ASN B 95 13.36 -15.65 -9.93
CA ASN B 95 13.59 -17.00 -9.34
C ASN B 95 13.76 -16.87 -7.82
N ASN B 96 13.70 -15.64 -7.28
CA ASN B 96 13.94 -15.43 -5.83
C ASN B 96 12.83 -14.57 -5.22
N THR B 97 11.63 -14.56 -5.82
CA THR B 97 10.54 -13.68 -5.32
C THR B 97 9.22 -14.45 -5.28
N HIS B 98 8.48 -14.32 -4.17
CA HIS B 98 7.17 -15.02 -4.04
C HIS B 98 6.35 -14.37 -2.92
N ASP B 99 5.03 -14.62 -2.91
CA ASP B 99 4.18 -14.09 -1.81
C ASP B 99 4.34 -15.00 -0.58
N CYS B 100 4.48 -14.41 0.61
CA CYS B 100 4.57 -15.22 1.85
C CYS B 100 3.15 -15.60 2.31
N VAL B 101 3.02 -16.17 3.50
CA VAL B 101 1.66 -16.48 4.05
C VAL B 101 0.90 -15.17 4.22
N GLY B 102 1.61 -14.10 4.58
CA GLY B 102 0.97 -12.78 4.80
C GLY B 102 0.31 -12.72 6.17
N ASP B 103 0.32 -13.84 6.89
CA ASP B 103 -0.31 -13.89 8.24
C ASP B 103 0.79 -13.99 9.30
N VAL B 104 1.83 -14.78 9.03
CA VAL B 104 2.99 -14.86 9.98
C VAL B 104 3.42 -13.43 10.30
N ARG B 105 3.30 -12.52 9.33
CA ARG B 105 3.69 -11.10 9.55
C ARG B 105 2.85 -10.20 8.64
N LEU B 106 2.74 -8.91 8.97
CA LEU B 106 1.97 -7.95 8.13
C LEU B 106 2.32 -8.17 6.66
N ALA B 107 1.36 -7.97 5.76
CA ALA B 107 1.57 -8.16 4.30
C ALA B 107 2.92 -7.65 3.75
N GLY B 108 3.50 -8.38 2.80
CA GLY B 108 4.71 -7.99 2.07
C GLY B 108 5.07 -9.05 1.00
N VAL B 109 6.24 -8.88 0.37
CA VAL B 109 6.71 -9.91 -0.61
C VAL B 109 7.96 -10.58 -0.04
N CYS B 110 8.03 -11.92 -0.11
CA CYS B 110 9.19 -12.66 0.45
C CYS B 110 10.39 -12.53 -0.50
N MET B 111 11.61 -12.56 0.04
CA MET B 111 12.84 -12.41 -0.79
C MET B 111 13.82 -13.52 -0.44
N ALA B 112 14.19 -14.35 -1.42
CA ALA B 112 15.15 -15.41 -1.16
C ALA B 112 16.57 -14.84 -1.06
N GLY B 113 16.86 -14.10 0.00
CA GLY B 113 18.07 -13.29 0.11
C GLY B 113 19.38 -14.06 0.03
N VAL B 114 19.40 -15.34 0.43
CA VAL B 114 20.60 -16.17 0.34
C VAL B 114 20.97 -16.41 -1.12
N ALA B 115 19.98 -16.45 -2.02
CA ALA B 115 20.19 -16.65 -3.44
C ALA B 115 20.44 -15.33 -4.19
N ILE B 116 20.02 -14.18 -3.64
CA ILE B 116 20.34 -12.85 -4.17
C ILE B 116 21.80 -12.47 -3.91
N GLY B 117 22.28 -12.59 -2.66
CA GLY B 117 23.67 -12.32 -2.33
C GLY B 117 23.98 -10.85 -2.17
N ILE B 118 24.10 -10.13 -3.28
CA ILE B 118 24.54 -8.74 -3.28
C ILE B 118 23.36 -7.89 -3.77
N ALA B 119 22.92 -6.96 -2.94
CA ALA B 119 21.81 -6.09 -3.29
C ALA B 119 21.83 -4.87 -2.38
N THR B 120 21.52 -3.71 -2.95
CA THR B 120 21.38 -2.48 -2.20
C THR B 120 19.94 -2.30 -1.74
N ALA B 121 19.69 -1.22 -0.98
CA ALA B 121 18.32 -0.89 -0.61
C ALA B 121 17.50 -0.55 -1.84
N ALA B 122 18.07 0.21 -2.77
CA ALA B 122 17.35 0.56 -3.99
C ALA B 122 17.05 -0.67 -4.82
N GLN B 123 18.00 -1.59 -4.91
CA GLN B 123 17.78 -2.83 -5.65
C GLN B 123 16.65 -3.65 -5.06
N ILE B 124 16.62 -3.77 -3.73
CA ILE B 124 15.58 -4.55 -3.07
C ILE B 124 14.22 -3.87 -3.24
N THR B 125 14.21 -2.55 -3.13
CA THR B 125 12.94 -1.78 -3.32
C THR B 125 12.42 -2.05 -4.74
N ALA B 126 13.29 -1.91 -5.75
CA ALA B 126 12.88 -2.20 -7.14
C ALA B 126 12.37 -3.64 -7.22
N GLY B 127 13.06 -4.57 -6.54
CA GLY B 127 12.61 -5.98 -6.50
C GLY B 127 11.18 -6.07 -5.99
N VAL B 128 10.89 -5.42 -4.86
CA VAL B 128 9.52 -5.43 -4.32
C VAL B 128 8.56 -4.87 -5.36
N ALA B 129 8.88 -3.73 -5.98
CA ALA B 129 7.99 -3.16 -6.99
C ALA B 129 7.86 -4.10 -8.18
N LEU B 130 8.93 -4.80 -8.53
CA LEU B 130 8.99 -5.75 -9.63
C LEU B 130 8.02 -6.90 -9.38
N TYR B 131 8.08 -7.50 -8.19
CA TYR B 131 7.09 -8.58 -7.87
C TYR B 131 5.68 -7.99 -7.88
N GLU B 132 5.48 -6.87 -7.17
CA GLU B 132 4.17 -6.23 -7.11
C GLU B 132 3.58 -6.02 -8.52
N ALA B 133 4.40 -5.59 -9.47
CA ALA B 133 3.94 -5.40 -10.85
C ALA B 133 3.79 -6.72 -11.58
N MET B 134 4.41 -7.80 -11.10
CA MET B 134 4.37 -9.10 -11.78
C MET B 134 2.91 -9.58 -11.91
N LYS B 135 2.08 -9.24 -10.93
CA LYS B 135 0.67 -9.63 -10.90
C LYS B 135 -0.09 -9.01 -12.08
N ASN B 136 0.22 -7.77 -12.45
CA ASN B 136 -0.30 -7.15 -13.65
C ASN B 136 0.44 -7.65 -14.91
N ALA B 137 1.72 -7.97 -14.77
CA ALA B 137 2.55 -8.46 -15.86
C ALA B 137 2.06 -9.81 -16.35
N ASP B 138 1.57 -10.64 -15.44
CA ASP B 138 0.99 -11.95 -15.87
C ASP B 138 -0.18 -11.67 -16.81
N ASN B 139 -1.02 -10.69 -16.46
CA ASN B 139 -2.19 -10.34 -17.30
C ASN B 139 -1.71 -9.86 -18.68
N ILE B 140 -0.70 -8.99 -18.69
CA ILE B 140 -0.17 -8.44 -19.98
C ILE B 140 0.40 -9.60 -20.80
N ASN B 141 1.12 -10.52 -20.15
CA ASN B 141 1.69 -11.66 -20.86
C ASN B 141 0.63 -12.61 -21.38
N LYS B 142 -0.55 -12.64 -20.77
CA LYS B 142 -1.65 -13.42 -21.33
C LYS B 142 -2.02 -12.95 -22.73
N LEU B 143 -1.64 -11.72 -23.09
CA LEU B 143 -1.85 -11.06 -24.38
C LEU B 143 -0.65 -11.19 -25.33
N LYS B 144 0.27 -12.15 -25.15
CA LYS B 144 1.52 -12.17 -25.91
C LYS B 144 1.26 -12.19 -27.41
N SER B 145 0.30 -13.01 -27.85
CA SER B 145 0.01 -13.09 -29.28
C SER B 145 -0.51 -11.76 -29.82
N SER B 146 -1.33 -11.04 -29.06
CA SER B 146 -1.82 -9.72 -29.46
C SER B 146 -0.67 -8.70 -29.54
N ILE B 147 0.22 -8.71 -28.55
CA ILE B 147 1.42 -7.87 -28.49
C ILE B 147 2.29 -8.12 -29.72
N GLU B 148 2.55 -9.37 -30.08
CA GLU B 148 3.36 -9.65 -31.26
C GLU B 148 2.68 -9.20 -32.54
N SER B 149 1.34 -9.20 -32.57
CA SER B 149 0.61 -8.85 -33.78
C SER B 149 0.53 -7.35 -34.03
N THR B 150 0.94 -6.52 -33.07
CA THR B 150 0.89 -5.06 -33.26
C THR B 150 1.72 -4.65 -34.46
N ASN B 151 1.18 -3.75 -35.28
CA ASN B 151 1.90 -3.21 -36.42
C ASN B 151 1.68 -1.70 -36.57
N GLU B 152 1.36 -1.00 -35.49
CA GLU B 152 1.32 0.46 -35.43
C GLU B 152 2.33 0.94 -34.39
N ALA B 153 2.86 2.15 -34.58
CA ALA B 153 3.85 2.69 -33.66
C ALA B 153 3.29 2.84 -32.24
N VAL B 154 2.00 3.17 -32.12
CA VAL B 154 1.25 3.19 -30.86
C VAL B 154 -0.03 2.36 -31.02
N VAL B 155 -0.29 1.43 -30.11
CA VAL B 155 -1.52 0.63 -30.08
C VAL B 155 -2.07 0.53 -28.67
N LYS B 156 -3.40 0.59 -28.55
CA LYS B 156 -4.18 0.46 -27.32
C LYS B 156 -4.81 -0.93 -27.24
N LEU B 157 -4.66 -1.62 -26.12
CA LEU B 157 -5.17 -2.98 -25.89
C LEU B 157 -5.82 -3.07 -24.50
N GLN B 158 -6.65 -4.11 -24.27
CA GLN B 158 -7.26 -4.39 -22.97
C GLN B 158 -6.59 -5.60 -22.32
N GLU B 159 -6.15 -5.48 -21.07
CA GLU B 159 -5.86 -6.67 -20.24
C GLU B 159 -7.11 -7.13 -19.47
N THR B 160 -8.08 -6.23 -19.26
CA THR B 160 -9.47 -6.52 -18.87
C THR B 160 -10.35 -5.32 -19.22
N ALA B 161 -11.68 -5.45 -19.22
CA ALA B 161 -12.59 -4.38 -19.66
C ALA B 161 -12.47 -3.08 -18.84
N GLU B 162 -11.99 -3.15 -17.59
CA GLU B 162 -11.68 -1.99 -16.73
C GLU B 162 -10.16 -1.70 -16.64
N LYS B 163 -9.34 -2.22 -17.57
CA LYS B 163 -7.89 -1.94 -17.61
C LYS B 163 -7.29 -2.08 -19.02
N THR B 164 -7.01 -0.93 -19.61
CA THR B 164 -6.18 -0.75 -20.81
C THR B 164 -4.69 -0.97 -20.55
N VAL B 165 -3.93 -1.24 -21.62
CA VAL B 165 -2.47 -1.26 -21.70
C VAL B 165 -2.05 -0.77 -23.10
N TYR B 166 -0.87 -0.16 -23.23
CA TYR B 166 -0.37 0.35 -24.51
C TYR B 166 0.88 -0.36 -25.00
N VAL B 167 0.95 -0.57 -26.31
CA VAL B 167 2.10 -1.13 -27.01
C VAL B 167 2.75 -0.06 -27.87
N PHE B 168 4.07 0.08 -27.74
CA PHE B 168 4.83 1.03 -28.61
C PHE B 168 5.86 0.23 -29.40
N THR B 169 5.62 0.02 -30.70
CA THR B 169 6.53 -0.82 -31.54
C THR B 169 7.86 -0.08 -31.75
N ALA B 170 8.87 -0.78 -32.29
CA ALA B 170 10.21 -0.17 -32.46
C ALA B 170 10.23 0.76 -33.68
N LEU B 171 10.30 0.20 -34.89
CA LEU B 171 10.41 1.03 -36.12
C LEU B 171 9.18 0.83 -37.01
N GLN B 172 8.04 0.49 -36.42
CA GLN B 172 6.82 0.20 -37.21
C GLN B 172 6.44 1.44 -38.03
N ASP B 173 6.31 2.60 -37.39
CA ASP B 173 5.87 3.83 -38.10
C ASP B 173 6.85 4.14 -39.24
N TYR B 174 8.15 4.13 -38.96
CA TYR B 174 9.17 4.46 -39.99
C TYR B 174 8.99 3.52 -41.18
N ILE B 175 8.93 2.21 -40.91
CA ILE B 175 8.72 1.21 -41.99
C ILE B 175 7.37 1.51 -42.66
N ASN B 176 6.34 1.74 -41.86
CA ASN B 176 5.02 2.02 -42.39
C ASN B 176 4.98 3.25 -43.28
N THR B 177 5.87 4.21 -43.07
CA THR B 177 5.79 5.48 -43.78
C THR B 177 6.69 5.57 -45.01
N ASN B 178 7.89 5.01 -44.98
CA ASN B 178 8.79 5.21 -46.10
C ASN B 178 9.24 3.91 -46.76
N LEU B 179 9.40 2.84 -45.98
CA LEU B 179 9.86 1.59 -46.57
C LEU B 179 8.76 0.89 -47.34
N VAL B 180 7.60 0.68 -46.72
CA VAL B 180 6.50 -0.01 -47.40
C VAL B 180 6.03 0.75 -48.64
N PRO B 181 5.82 2.07 -48.60
CA PRO B 181 5.43 2.76 -49.85
C PRO B 181 6.44 2.62 -50.98
N THR B 182 7.74 2.56 -50.66
CA THR B 182 8.78 2.43 -51.67
C THR B 182 9.21 0.98 -51.85
N ILE B 183 8.28 0.03 -51.69
CA ILE B 183 8.65 -1.38 -51.77
C ILE B 183 8.84 -1.84 -53.21
N ASP B 184 8.40 -1.06 -54.19
CA ASP B 184 8.53 -1.41 -55.60
C ASP B 184 9.29 -0.37 -56.41
N LYS B 185 9.12 0.92 -56.09
CA LYS B 185 9.71 1.98 -56.91
C LYS B 185 11.22 1.91 -56.98
N ILE B 186 11.87 1.21 -56.07
CA ILE B 186 13.32 0.99 -56.12
C ILE B 186 13.58 -0.51 -56.06
N PRO B 187 14.73 -0.97 -56.56
CA PRO B 187 15.09 -2.37 -56.40
C PRO B 187 15.13 -2.74 -54.92
N CYS B 188 14.29 -3.68 -54.52
CA CYS B 188 14.08 -3.94 -53.10
C CYS B 188 15.27 -4.59 -52.42
N LYS B 189 16.31 -4.96 -53.16
CA LYS B 189 17.59 -5.25 -52.52
C LYS B 189 18.13 -4.00 -51.83
N GLN B 190 17.95 -2.84 -52.46
CA GLN B 190 18.25 -1.58 -51.79
C GLN B 190 17.35 -1.38 -50.59
N THR B 191 16.11 -1.87 -50.66
CA THR B 191 15.24 -1.83 -49.48
C THR B 191 15.80 -2.68 -48.36
N GLU B 192 16.36 -3.85 -48.69
CA GLU B 192 17.01 -4.68 -47.68
C GLU B 192 18.19 -3.94 -47.05
N LEU B 193 19.01 -3.29 -47.88
CA LEU B 193 20.13 -2.52 -47.34
C LEU B 193 19.66 -1.40 -46.42
N SER B 194 18.62 -0.67 -46.83
CA SER B 194 18.13 0.44 -46.02
C SER B 194 17.54 -0.06 -44.71
N LEU B 195 16.84 -1.18 -44.75
CA LEU B 195 16.29 -1.75 -43.52
C LEU B 195 17.41 -2.19 -42.59
N ASP B 196 18.47 -2.77 -43.14
CA ASP B 196 19.62 -3.15 -42.33
C ASP B 196 20.23 -1.92 -41.68
N LEU B 197 20.40 -0.84 -42.45
CA LEU B 197 20.95 0.39 -41.90
C LEU B 197 20.05 0.96 -40.81
N ALA B 198 18.74 0.92 -41.01
CA ALA B 198 17.81 1.44 -40.01
C ALA B 198 17.89 0.65 -38.72
N LEU B 199 17.93 -0.68 -38.81
CA LEU B 199 18.02 -1.49 -37.61
C LEU B 199 19.34 -1.26 -36.90
N SER B 200 20.43 -1.14 -37.67
CA SER B 200 21.73 -0.85 -37.06
C SER B 200 21.72 0.52 -36.38
N LYS B 201 21.07 1.50 -36.99
CA LYS B 201 20.95 2.82 -36.36
C LYS B 201 20.18 2.74 -35.06
N TYR B 202 19.08 1.98 -35.04
CA TYR B 202 18.34 1.78 -33.81
C TYR B 202 19.25 1.16 -32.76
N LEU B 203 20.00 0.12 -33.13
CA LEU B 203 20.83 -0.57 -32.14
C LEU B 203 21.93 0.33 -31.60
N SER B 204 22.53 1.15 -32.48
CA SER B 204 23.54 2.09 -32.03
C SER B 204 22.96 3.13 -31.09
N ASP B 205 21.76 3.64 -31.38
CA ASP B 205 21.10 4.54 -30.45
C ASP B 205 20.77 3.85 -29.13
N LEU B 206 20.40 2.57 -29.20
CA LEU B 206 19.96 1.84 -28.02
C LEU B 206 21.13 1.53 -27.09
N LEU B 207 22.30 1.23 -27.66
CA LEU B 207 23.40 0.69 -26.87
C LEU B 207 23.86 1.65 -25.78
N PHE B 208 23.55 2.93 -25.89
CA PHE B 208 23.91 3.87 -24.82
C PHE B 208 23.15 3.57 -23.54
N VAL B 209 21.92 3.06 -23.64
CA VAL B 209 21.05 2.86 -22.49
C VAL B 209 20.83 1.38 -22.20
N PHE B 210 20.39 0.62 -23.20
CA PHE B 210 20.07 -0.79 -23.01
C PHE B 210 21.24 -1.72 -23.25
N GLY B 211 22.40 -1.20 -23.63
CA GLY B 211 23.56 -2.02 -23.85
C GLY B 211 24.21 -2.45 -22.56
N PRO B 212 25.52 -2.71 -22.60
CA PRO B 212 26.23 -3.15 -21.39
C PRO B 212 26.25 -2.12 -20.27
N ASN B 213 25.88 -0.86 -20.54
CA ASN B 213 25.77 0.11 -19.47
C ASN B 213 24.65 -0.24 -18.50
N LEU B 214 23.65 -0.99 -18.96
CA LEU B 214 22.49 -1.35 -18.14
C LEU B 214 22.87 -2.57 -17.30
N GLN B 215 23.64 -2.32 -16.24
CA GLN B 215 24.05 -3.39 -15.35
C GLN B 215 23.01 -3.72 -14.29
N ASP B 216 22.06 -2.84 -14.05
CA ASP B 216 21.04 -3.02 -13.01
C ASP B 216 19.65 -2.71 -13.53
N PRO B 217 19.08 -3.60 -14.35
CA PRO B 217 17.68 -3.41 -14.77
C PRO B 217 16.70 -3.42 -13.61
N VAL B 218 17.08 -3.93 -12.45
CA VAL B 218 16.20 -3.89 -11.28
C VAL B 218 16.51 -2.56 -10.57
N SER B 219 15.87 -1.51 -11.07
CA SER B 219 16.00 -0.17 -10.51
C SER B 219 14.97 0.72 -11.17
N ASN B 220 14.46 1.68 -10.41
CA ASN B 220 13.46 2.62 -10.91
C ASN B 220 14.02 4.02 -11.02
N SER B 221 15.34 4.15 -11.08
CA SER B 221 16.01 5.43 -11.21
C SER B 221 16.24 5.83 -12.66
N MET B 222 15.77 5.03 -13.61
CA MET B 222 16.01 5.29 -15.02
C MET B 222 14.91 6.18 -15.57
N THR B 223 15.31 7.29 -16.18
CA THR B 223 14.37 8.31 -16.62
C THR B 223 13.58 7.85 -17.84
N ILE B 224 12.41 8.45 -18.02
CA ILE B 224 11.59 8.14 -19.18
C ILE B 224 12.29 8.58 -20.46
N GLN B 225 13.16 9.60 -20.38
CA GLN B 225 13.91 10.01 -21.55
C GLN B 225 14.83 8.90 -22.03
N ALA B 226 15.50 8.22 -21.09
CA ALA B 226 16.34 7.09 -21.47
C ALA B 226 15.52 5.92 -21.98
N ILE B 227 14.35 5.68 -21.39
CA ILE B 227 13.50 4.57 -21.83
C ILE B 227 13.01 4.81 -23.25
N SER B 228 12.69 6.06 -23.59
CA SER B 228 12.18 6.38 -24.91
C SER B 228 13.18 6.09 -26.02
N GLN B 229 14.46 5.93 -25.69
CA GLN B 229 15.44 5.53 -26.70
C GLN B 229 15.06 4.21 -27.36
N ALA B 230 14.40 3.31 -26.61
CA ALA B 230 13.84 2.10 -27.21
C ALA B 230 12.68 2.42 -28.15
N PHE B 231 12.16 3.64 -28.07
CA PHE B 231 11.05 4.06 -28.96
C PHE B 231 11.51 5.25 -29.81
N GLY B 232 12.82 5.35 -30.07
CA GLY B 232 13.34 6.42 -30.89
C GLY B 232 13.52 7.75 -30.19
N GLY B 233 13.66 7.74 -28.86
CA GLY B 233 13.78 8.97 -28.12
C GLY B 233 12.51 9.78 -28.03
N ASN B 234 11.37 9.19 -28.38
CA ASN B 234 10.10 9.90 -28.50
C ASN B 234 9.26 9.70 -27.24
N TYR B 235 9.71 10.33 -26.15
CA TYR B 235 8.97 10.21 -24.89
C TYR B 235 7.69 11.02 -24.88
N GLU B 236 7.61 12.06 -25.73
CA GLU B 236 6.42 12.88 -25.74
C GLU B 236 5.19 12.08 -26.13
N THR B 237 5.33 11.13 -27.07
CA THR B 237 4.26 10.22 -27.43
C THR B 237 3.89 9.28 -26.30
N LEU B 238 4.87 8.75 -25.56
CA LEU B 238 4.59 7.92 -24.39
C LEU B 238 3.71 8.70 -23.42
N LEU B 239 4.12 9.92 -23.07
CA LEU B 239 3.50 10.66 -21.97
C LEU B 239 2.17 11.29 -22.40
N ARG B 240 2.03 11.64 -23.67
CA ARG B 240 0.77 12.19 -24.15
C ARG B 240 -0.32 11.12 -24.21
N THR B 241 0.06 9.94 -24.70
CA THR B 241 -0.85 8.80 -24.80
C THR B 241 -1.23 8.28 -23.41
N LEU B 242 -0.29 8.22 -22.48
CA LEU B 242 -0.58 7.85 -21.10
C LEU B 242 -1.42 8.90 -20.37
N GLY B 243 -1.11 10.20 -20.49
CA GLY B 243 -1.94 11.24 -19.94
C GLY B 243 -1.22 12.34 -19.19
N TYR B 244 -1.59 13.59 -19.50
CA TYR B 244 -1.08 14.75 -18.77
C TYR B 244 -1.99 14.99 -17.57
N ALA B 245 -1.74 14.23 -16.51
CA ALA B 245 -2.63 14.23 -15.35
C ALA B 245 -2.50 15.49 -14.51
N THR B 246 -1.33 16.14 -14.51
CA THR B 246 -1.08 17.28 -13.63
C THR B 246 -0.70 18.49 -14.46
N GLU B 247 -0.79 19.66 -13.82
CA GLU B 247 -0.42 20.92 -14.46
C GLU B 247 1.08 21.20 -14.38
N ASP B 248 1.81 20.46 -13.55
CA ASP B 248 3.25 20.63 -13.43
C ASP B 248 4.03 19.69 -14.35
N PHE B 249 3.43 19.26 -15.45
CA PHE B 249 3.95 18.12 -16.21
C PHE B 249 5.34 18.39 -16.75
N ASP B 250 5.54 19.55 -17.39
CA ASP B 250 6.88 19.90 -17.87
C ASP B 250 7.89 19.83 -16.74
N ASP B 251 7.47 20.24 -15.55
CA ASP B 251 8.37 20.19 -14.38
C ASP B 251 8.81 18.74 -14.16
N LEU B 252 7.85 17.85 -13.87
CA LEU B 252 8.16 16.42 -13.61
C LEU B 252 9.03 15.88 -14.75
N LEU B 253 8.90 16.44 -15.96
CA LEU B 253 9.65 15.88 -17.09
C LEU B 253 11.11 16.33 -17.06
N GLU B 254 11.35 17.62 -16.80
CA GLU B 254 12.71 18.13 -16.93
C GLU B 254 13.58 17.75 -15.73
N SER B 255 12.98 17.58 -14.57
CA SER B 255 13.80 17.27 -13.39
C SER B 255 14.16 15.80 -13.30
N ASP B 256 13.95 15.02 -14.36
CA ASP B 256 14.18 13.58 -14.33
C ASP B 256 13.36 12.91 -13.23
N SER B 257 12.13 13.39 -13.06
CA SER B 257 11.23 12.86 -12.04
C SER B 257 10.38 11.70 -12.54
N ILE B 258 9.96 11.74 -13.80
CA ILE B 258 9.18 10.66 -14.39
C ILE B 258 10.13 9.52 -14.72
N THR B 259 10.02 8.41 -14.00
CA THR B 259 10.90 7.27 -14.16
C THR B 259 10.09 6.02 -14.50
N GLY B 260 10.80 5.01 -15.00
CA GLY B 260 10.18 3.75 -15.36
C GLY B 260 11.09 2.58 -15.04
N GLN B 261 10.48 1.40 -14.97
CA GLN B 261 11.21 0.18 -14.63
C GLN B 261 10.78 -0.95 -15.54
N ILE B 262 11.73 -1.77 -15.98
CA ILE B 262 11.43 -2.95 -16.78
C ILE B 262 11.04 -4.09 -15.86
N ILE B 263 9.88 -4.68 -16.11
CA ILE B 263 9.28 -5.73 -15.24
C ILE B 263 9.12 -7.08 -15.94
N TYR B 264 9.26 -7.07 -17.27
CA TYR B 264 9.21 -8.34 -18.06
C TYR B 264 10.02 -8.22 -19.35
N VAL B 265 10.93 -9.17 -19.61
CA VAL B 265 11.72 -9.22 -20.85
C VAL B 265 11.36 -10.52 -21.55
N ASP B 266 11.01 -10.44 -22.81
CA ASP B 266 10.64 -11.60 -23.62
C ASP B 266 11.70 -11.76 -24.71
N LEU B 267 12.28 -12.95 -24.80
CA LEU B 267 13.33 -13.24 -25.75
C LEU B 267 12.80 -13.90 -27.03
N SER B 268 11.49 -14.11 -27.13
CA SER B 268 10.90 -14.71 -28.32
C SER B 268 10.14 -13.70 -29.17
N SER B 269 9.30 -12.87 -28.55
CA SER B 269 8.66 -11.77 -29.25
C SER B 269 9.46 -10.49 -29.22
N TYR B 270 10.54 -10.44 -28.43
CA TYR B 270 11.43 -9.27 -28.34
C TYR B 270 10.66 -8.02 -27.94
N TYR B 271 10.08 -8.08 -26.74
CA TYR B 271 9.32 -6.92 -26.22
C TYR B 271 9.44 -6.89 -24.68
N ILE B 272 9.52 -5.69 -24.10
CA ILE B 272 9.63 -5.52 -22.67
C ILE B 272 8.37 -4.85 -22.16
N ILE B 273 8.08 -5.02 -20.87
CA ILE B 273 6.99 -4.35 -20.19
C ILE B 273 7.60 -3.36 -19.22
N VAL B 274 7.15 -2.12 -19.25
CA VAL B 274 7.71 -1.04 -18.44
C VAL B 274 6.59 -0.42 -17.61
N ARG B 275 6.85 -0.25 -16.32
CA ARG B 275 5.92 0.43 -15.42
C ARG B 275 6.37 1.88 -15.27
N VAL B 276 5.62 2.78 -15.86
CA VAL B 276 5.95 4.20 -15.85
C VAL B 276 5.35 4.84 -14.59
N TYR B 277 6.12 5.69 -13.94
CA TYR B 277 5.70 6.35 -12.72
C TYR B 277 5.37 7.81 -13.00
N PHE B 278 4.17 8.24 -12.61
CA PHE B 278 3.74 9.63 -12.72
C PHE B 278 3.53 10.17 -11.31
N PRO B 279 4.50 10.83 -10.72
CA PRO B 279 4.35 11.32 -9.35
C PRO B 279 3.71 12.70 -9.28
N ILE B 280 3.64 13.22 -8.06
CA ILE B 280 3.13 14.56 -7.78
C ILE B 280 4.19 15.32 -6.98
N LEU B 281 4.33 16.60 -7.29
CA LEU B 281 5.30 17.46 -6.62
C LEU B 281 4.71 17.97 -5.32
N THR B 282 5.39 17.63 -4.24
CA THR B 282 5.07 18.10 -2.89
C THR B 282 6.01 19.23 -2.53
N GLU B 283 5.47 20.41 -2.20
CA GLU B 283 6.26 21.49 -1.64
C GLU B 283 6.74 21.07 -0.25
N ILE B 284 8.04 21.09 -0.04
CA ILE B 284 8.60 20.87 1.27
C ILE B 284 8.31 22.12 2.08
N GLN B 285 7.42 21.97 3.07
CA GLN B 285 6.92 23.08 3.87
C GLN B 285 8.06 23.71 4.70
N GLN B 286 7.94 25.01 5.00
CA GLN B 286 8.97 25.76 5.74
C GLN B 286 10.36 25.57 5.13
N ALA B 287 10.43 25.62 3.80
CA ALA B 287 11.71 25.53 3.09
C ALA B 287 11.64 26.38 1.83
N TYR B 288 12.77 26.99 1.49
CA TYR B 288 12.87 27.84 0.31
C TYR B 288 14.31 27.85 -0.16
N ILE B 289 14.50 28.25 -1.41
CA ILE B 289 15.81 28.34 -2.03
C ILE B 289 16.12 29.79 -2.32
N GLN B 290 17.24 30.28 -1.82
CA GLN B 290 17.69 31.65 -2.02
C GLN B 290 18.85 31.65 -3.01
N GLU B 291 18.75 32.48 -4.03
CA GLU B 291 19.82 32.64 -5.02
C GLU B 291 20.57 33.93 -4.77
N LEU B 292 21.89 33.84 -4.66
CA LEU B 292 22.75 35.00 -4.44
C LEU B 292 23.46 35.36 -5.72
N LEU B 293 23.42 36.64 -6.09
CA LEU B 293 24.14 37.14 -7.26
C LEU B 293 25.52 37.64 -6.84
N PRO B 294 26.60 37.20 -7.49
CA PRO B 294 27.91 37.78 -7.21
C PRO B 294 28.11 39.08 -7.97
N VAL B 295 28.78 40.04 -7.32
CA VAL B 295 29.15 41.31 -7.94
C VAL B 295 30.59 41.62 -7.56
N SER B 296 31.40 42.01 -8.54
CA SER B 296 32.78 42.37 -8.27
C SER B 296 32.85 43.62 -7.42
N PHE B 297 33.77 43.63 -6.47
CA PHE B 297 33.93 44.74 -5.53
C PHE B 297 35.40 45.08 -5.39
N ASN B 298 35.63 46.30 -4.94
CA ASN B 298 36.97 46.82 -4.76
C ASN B 298 37.54 46.44 -3.40
N ASN B 299 38.84 46.23 -3.36
CA ASN B 299 39.59 46.20 -2.11
C ASN B 299 41.07 46.24 -2.44
N ASP B 300 41.79 47.20 -1.86
CA ASP B 300 43.22 47.37 -2.09
C ASP B 300 43.53 47.53 -3.58
N ASN B 301 42.75 48.40 -4.24
CA ASN B 301 42.99 48.80 -5.63
C ASN B 301 42.98 47.60 -6.58
N SER B 302 42.07 46.65 -6.35
CA SER B 302 41.91 45.51 -7.24
C SER B 302 40.49 44.97 -7.10
N GLU B 303 40.06 44.23 -8.11
CA GLU B 303 38.71 43.69 -8.17
C GLU B 303 38.69 42.26 -7.66
N TRP B 304 37.67 41.94 -6.88
CA TRP B 304 37.52 40.61 -6.29
C TRP B 304 36.07 40.18 -6.39
N ILE B 305 35.88 38.85 -6.49
CA ILE B 305 34.55 38.25 -6.50
C ILE B 305 34.52 37.16 -5.45
N SER B 306 33.51 37.19 -4.59
CA SER B 306 33.41 36.24 -3.48
C SER B 306 33.03 34.86 -3.98
N ILE B 307 33.57 33.84 -3.30
CA ILE B 307 33.30 32.45 -3.66
C ILE B 307 32.34 31.86 -2.64
N VAL B 308 31.04 31.89 -2.95
CA VAL B 308 30.01 31.27 -2.12
C VAL B 308 29.02 30.55 -3.03
N PRO B 309 28.28 29.60 -2.49
CA PRO B 309 27.26 28.94 -3.30
C PRO B 309 26.23 29.92 -3.83
N ASN B 310 25.92 29.79 -5.11
CA ASN B 310 24.91 30.65 -5.73
C ASN B 310 23.52 30.35 -5.18
N PHE B 311 23.26 29.10 -4.80
CA PHE B 311 21.95 28.68 -4.33
C PHE B 311 22.09 28.03 -2.97
N ILE B 312 21.27 28.48 -2.03
CA ILE B 312 21.29 27.98 -0.65
C ILE B 312 19.90 27.47 -0.30
N LEU B 313 19.85 26.33 0.37
CA LEU B 313 18.59 25.73 0.80
C LEU B 313 18.42 25.92 2.30
N VAL B 314 17.37 26.62 2.69
CA VAL B 314 17.00 26.82 4.09
C VAL B 314 15.73 26.04 4.34
N ARG B 315 15.80 25.07 5.25
CA ARG B 315 14.66 24.21 5.54
C ARG B 315 14.50 24.12 7.05
N ASN B 316 13.30 24.46 7.54
CA ASN B 316 12.99 24.41 8.97
C ASN B 316 14.00 25.20 9.78
N THR B 317 14.33 26.40 9.28
CA THR B 317 15.32 27.28 9.88
C THR B 317 16.70 26.64 9.99
N LEU B 318 16.96 25.62 9.17
CA LEU B 318 18.28 25.00 9.08
C LEU B 318 18.83 25.23 7.69
N ILE B 319 20.03 25.81 7.62
CA ILE B 319 20.62 26.21 6.34
C ILE B 319 21.61 25.14 5.90
N SER B 320 21.52 24.77 4.62
CA SER B 320 22.37 23.73 4.05
C SER B 320 22.50 23.96 2.56
N ASN B 321 23.57 23.41 1.97
CA ASN B 321 23.75 23.51 0.54
C ASN B 321 22.74 22.64 -0.20
N ILE B 322 22.66 22.86 -1.50
CA ILE B 322 21.92 22.00 -2.41
C ILE B 322 22.78 21.76 -3.63
N GLU B 323 23.01 20.50 -3.97
CA GLU B 323 23.70 20.15 -5.21
C GLU B 323 22.67 20.35 -6.32
N ILE B 324 22.67 21.56 -6.88
CA ILE B 324 21.57 22.00 -7.74
C ILE B 324 21.82 21.68 -9.19
N GLY B 325 22.91 20.98 -9.51
CA GLY B 325 23.16 20.62 -10.90
C GLY B 325 22.09 19.72 -11.49
N PHE B 326 21.64 18.73 -10.72
CA PHE B 326 20.60 17.84 -11.22
C PHE B 326 19.21 18.45 -11.12
N CYS B 327 19.00 19.34 -10.16
CA CYS B 327 17.70 19.94 -9.95
C CYS B 327 17.39 20.93 -11.06
N LEU B 328 16.10 21.18 -11.27
CA LEU B 328 15.64 22.12 -12.29
C LEU B 328 15.23 23.42 -11.61
N ILE B 329 15.69 24.53 -12.16
CA ILE B 329 15.40 25.85 -11.61
C ILE B 329 14.39 26.54 -12.53
N THR B 330 13.24 26.87 -11.96
CA THR B 330 12.20 27.65 -12.63
C THR B 330 12.18 29.04 -12.02
N LYS B 331 11.22 29.85 -12.45
CA LYS B 331 11.12 31.21 -11.93
C LYS B 331 10.64 31.25 -10.48
N ARG B 332 9.85 30.27 -10.05
CA ARG B 332 9.22 30.33 -8.74
C ARG B 332 9.62 29.22 -7.77
N SER B 333 10.21 28.13 -8.23
CA SER B 333 10.55 27.06 -7.31
C SER B 333 11.67 26.20 -7.88
N VAL B 334 12.34 25.47 -7.00
CA VAL B 334 13.43 24.56 -7.33
C VAL B 334 12.91 23.14 -7.19
N ILE B 335 13.11 22.33 -8.22
CA ILE B 335 12.47 21.02 -8.33
C ILE B 335 13.55 19.96 -8.50
N CYS B 336 13.43 18.89 -7.72
CA CYS B 336 14.39 17.80 -7.75
C CYS B 336 13.64 16.48 -7.71
N ASN B 337 14.18 15.47 -8.40
CA ASN B 337 13.63 14.12 -8.32
C ASN B 337 14.14 13.36 -7.11
N GLN B 338 14.79 14.04 -6.18
CA GLN B 338 15.37 13.44 -4.99
C GLN B 338 15.70 14.56 -4.02
N ASP B 339 15.71 14.29 -2.73
CA ASP B 339 16.16 15.28 -1.76
C ASP B 339 17.66 15.49 -1.93
N TYR B 340 18.08 16.40 -2.80
CA TYR B 340 19.47 16.63 -3.16
C TYR B 340 20.17 17.58 -2.20
N ALA B 341 19.63 17.77 -1.00
CA ALA B 341 20.29 18.59 -0.01
C ALA B 341 21.60 17.95 0.43
N THR B 342 22.63 18.77 0.59
CA THR B 342 23.96 18.35 1.00
C THR B 342 24.41 19.20 2.18
N PRO B 343 25.33 18.72 3.00
CA PRO B 343 25.78 19.52 4.15
C PRO B 343 26.50 20.78 3.70
N MET B 344 26.70 21.67 4.68
CA MET B 344 27.36 22.95 4.44
C MET B 344 28.29 23.24 5.61
N THR B 345 29.44 23.81 5.29
CA THR B 345 30.46 24.05 6.31
C THR B 345 29.95 25.04 7.35
N ASN B 346 30.44 24.88 8.58
CA ASN B 346 30.13 25.82 9.64
C ASN B 346 30.62 27.22 9.28
N ASN B 347 31.77 27.30 8.63
CA ASN B 347 32.30 28.61 8.22
C ASN B 347 31.41 29.25 7.15
N MET B 348 30.92 28.46 6.19
CA MET B 348 29.92 28.99 5.26
C MET B 348 28.66 29.42 5.98
N ARG B 349 28.26 28.69 7.02
CA ARG B 349 27.11 29.11 7.81
C ARG B 349 27.31 30.50 8.39
N GLU B 350 28.43 30.71 9.08
CA GLU B 350 28.71 32.02 9.66
C GLU B 350 28.91 33.10 8.60
N CYS B 351 29.51 32.76 7.46
CA CYS B 351 29.64 33.72 6.38
C CYS B 351 28.29 34.13 5.82
N LEU B 352 27.32 33.21 5.81
CA LEU B 352 26.01 33.51 5.25
C LEU B 352 25.07 34.15 6.26
N THR B 353 25.36 34.05 7.57
CA THR B 353 24.53 34.71 8.57
C THR B 353 25.25 35.88 9.26
N GLY B 354 26.17 36.55 8.56
CA GLY B 354 26.69 37.81 9.06
C GLY B 354 28.19 37.95 9.11
N SER B 355 28.91 36.89 9.46
CA SER B 355 30.36 36.96 9.65
C SER B 355 31.01 36.97 8.27
N THR B 356 31.12 38.16 7.69
CA THR B 356 31.69 38.29 6.35
C THR B 356 33.20 38.07 6.32
N GLU B 357 33.86 38.10 7.48
CA GLU B 357 35.31 37.86 7.51
C GLU B 357 35.65 36.42 7.17
N LYS B 358 34.70 35.49 7.31
CA LYS B 358 34.93 34.11 6.95
C LYS B 358 34.50 33.79 5.53
N CYS B 359 33.98 34.77 4.79
CA CYS B 359 33.55 34.56 3.42
C CYS B 359 34.77 34.49 2.51
N PRO B 360 34.82 33.58 1.54
CA PRO B 360 35.94 33.56 0.60
C PRO B 360 35.78 34.62 -0.48
N ARG B 361 36.91 35.00 -1.07
CA ARG B 361 36.93 35.95 -2.18
C ARG B 361 38.01 35.53 -3.16
N GLU B 362 37.75 35.79 -4.44
CA GLU B 362 38.68 35.47 -5.51
C GLU B 362 38.97 36.71 -6.34
N LEU B 363 40.25 37.00 -6.54
CA LEU B 363 40.63 38.10 -7.43
C LEU B 363 40.19 37.78 -8.85
N VAL B 364 39.67 38.79 -9.53
CA VAL B 364 39.17 38.60 -10.89
C VAL B 364 40.22 39.13 -11.85
N VAL B 365 40.64 38.28 -12.78
CA VAL B 365 41.64 38.63 -13.79
C VAL B 365 40.88 38.82 -15.10
N SER B 366 39.80 38.06 -15.27
CA SER B 366 38.96 38.22 -16.43
C SER B 366 38.28 39.58 -16.42
N SER B 367 38.06 40.12 -17.62
CA SER B 367 37.38 41.39 -17.80
C SER B 367 35.89 41.21 -18.11
N HIS B 368 35.37 40.01 -17.98
CA HIS B 368 33.97 39.71 -18.26
C HIS B 368 33.25 39.20 -17.01
N VAL B 369 33.49 39.85 -15.88
CA VAL B 369 32.77 39.55 -14.65
C VAL B 369 31.68 40.60 -14.48
N PRO B 370 30.46 40.24 -14.07
CA PRO B 370 29.45 41.26 -13.79
C PRO B 370 29.90 42.17 -12.67
N ARG B 371 29.57 43.46 -12.81
CA ARG B 371 30.05 44.49 -11.89
C ARG B 371 28.93 45.25 -11.20
N PHE B 372 27.67 45.02 -11.55
CA PHE B 372 26.55 45.68 -10.91
C PHE B 372 25.33 44.77 -10.99
N ALA B 373 24.47 44.88 -9.99
CA ALA B 373 23.26 44.08 -9.95
C ALA B 373 22.15 44.89 -9.30
N LEU B 374 20.91 44.52 -9.63
CA LEU B 374 19.71 45.23 -9.19
C LEU B 374 18.87 44.31 -8.33
N SER B 375 18.57 44.75 -7.11
CA SER B 375 17.73 43.97 -6.20
C SER B 375 16.72 44.88 -5.55
N ASN B 376 15.44 44.49 -5.59
CA ASN B 376 14.36 45.22 -4.95
C ASN B 376 14.26 46.67 -5.45
N GLY B 377 14.69 46.90 -6.69
CA GLY B 377 14.68 48.22 -7.27
C GLY B 377 15.88 49.09 -6.95
N VAL B 378 16.79 48.63 -6.10
CA VAL B 378 18.04 49.33 -5.81
C VAL B 378 19.17 48.56 -6.48
N LEU B 379 20.20 49.32 -6.90
CA LEU B 379 21.32 48.71 -7.63
C LEU B 379 22.63 48.88 -6.88
N PHE B 380 23.34 47.78 -6.64
CA PHE B 380 24.66 47.80 -6.03
C PHE B 380 25.67 47.76 -7.18
N ALA B 381 26.57 48.73 -7.21
CA ALA B 381 27.45 48.91 -8.36
C ALA B 381 28.89 49.10 -7.90
N ASN B 382 29.80 48.85 -8.83
CA ASN B 382 31.23 49.07 -8.61
C ASN B 382 31.62 50.31 -9.42
N CYS B 383 31.44 51.47 -8.80
CA CYS B 383 31.41 52.75 -9.52
C CYS B 383 32.75 53.14 -10.12
N ILE B 384 33.87 52.54 -9.72
CA ILE B 384 35.13 52.97 -10.31
C ILE B 384 35.53 52.08 -11.48
N SER B 385 35.24 50.78 -11.39
CA SER B 385 35.59 49.84 -12.46
C SER B 385 34.68 49.96 -13.66
N VAL B 386 33.57 50.68 -13.53
CA VAL B 386 32.69 51.00 -14.63
C VAL B 386 32.30 52.46 -14.52
N THR B 387 32.08 53.12 -15.65
CA THR B 387 31.66 54.51 -15.62
C THR B 387 30.35 54.62 -14.84
N CYS B 388 30.27 55.62 -13.96
CA CYS B 388 29.22 55.62 -12.93
C CYS B 388 28.80 57.06 -12.72
N GLN B 389 27.74 57.49 -13.41
CA GLN B 389 27.23 58.84 -13.32
C GLN B 389 25.72 58.80 -13.14
N CYS B 390 25.16 59.95 -12.77
CA CYS B 390 23.73 60.07 -12.52
C CYS B 390 23.09 60.98 -13.55
N GLN B 391 21.78 60.81 -13.74
CA GLN B 391 21.07 61.51 -14.81
C GLN B 391 20.48 62.83 -14.35
N THR B 392 19.76 62.84 -13.23
CA THR B 392 18.94 63.99 -12.87
C THR B 392 19.76 65.23 -12.56
N THR B 393 21.07 65.10 -12.35
CA THR B 393 21.94 66.25 -12.13
C THR B 393 23.04 66.39 -13.17
N GLY B 394 23.34 65.34 -13.92
CA GLY B 394 24.42 65.39 -14.89
C GLY B 394 25.80 65.24 -14.29
N ARG B 395 25.91 65.04 -12.98
CA ARG B 395 27.19 64.90 -12.31
C ARG B 395 27.50 63.42 -12.10
N ALA B 396 28.80 63.11 -12.10
CA ALA B 396 29.24 61.73 -11.95
C ALA B 396 29.04 61.26 -10.52
N ILE B 397 28.89 59.94 -10.37
CA ILE B 397 28.77 59.30 -9.07
C ILE B 397 30.13 58.71 -8.71
N SER B 398 30.72 59.18 -7.62
CA SER B 398 32.08 58.85 -7.26
C SER B 398 32.10 57.81 -6.15
N GLN B 399 33.00 56.84 -6.28
CA GLN B 399 33.22 55.82 -5.26
C GLN B 399 34.63 55.99 -4.71
N SER B 400 34.74 56.03 -3.38
CA SER B 400 36.04 56.15 -2.76
C SER B 400 36.76 54.80 -2.78
N GLY B 401 38.03 54.83 -2.41
CA GLY B 401 38.80 53.61 -2.34
C GLY B 401 38.53 52.76 -1.13
N GLU B 402 37.70 53.23 -0.20
CA GLU B 402 37.36 52.48 1.00
C GLU B 402 36.01 51.81 0.93
N GLN B 403 35.12 52.23 0.02
CA GLN B 403 33.80 51.64 -0.12
C GLN B 403 33.85 50.54 -1.17
N THR B 404 33.54 49.31 -0.75
CA THR B 404 33.59 48.17 -1.65
C THR B 404 32.56 48.30 -2.77
N LEU B 405 31.33 48.62 -2.41
CA LEU B 405 30.27 48.80 -3.39
C LEU B 405 29.47 50.04 -3.01
N LEU B 406 28.84 50.65 -4.01
CA LEU B 406 28.02 51.83 -3.82
C LEU B 406 26.56 51.47 -4.05
N MET B 407 25.75 51.60 -3.02
CA MET B 407 24.31 51.51 -3.20
C MET B 407 23.83 52.80 -3.85
N ILE B 408 23.16 52.68 -4.99
CA ILE B 408 22.58 53.81 -5.67
C ILE B 408 21.08 53.64 -5.65
N ASP B 409 20.39 54.55 -4.96
CA ASP B 409 18.94 54.58 -4.89
C ASP B 409 18.47 55.99 -5.18
N ASN B 410 17.15 56.19 -5.18
CA ASN B 410 16.60 57.48 -5.51
C ASN B 410 16.89 58.54 -4.45
N THR B 411 17.39 58.13 -3.28
CA THR B 411 17.86 59.10 -2.31
C THR B 411 19.01 59.93 -2.86
N THR B 412 20.01 59.28 -3.47
CA THR B 412 21.12 60.02 -4.05
C THR B 412 20.69 60.70 -5.34
N CYS B 413 19.91 60.01 -6.18
CA CYS B 413 19.18 60.57 -7.31
C CYS B 413 18.30 59.49 -7.91
N PRO B 414 17.13 59.84 -8.46
CA PRO B 414 16.16 58.82 -8.88
C PRO B 414 16.42 58.23 -10.26
N THR B 415 17.54 58.55 -10.89
CA THR B 415 17.85 57.99 -12.21
C THR B 415 19.36 57.95 -12.37
N ALA B 416 19.93 56.77 -12.57
CA ALA B 416 21.36 56.58 -12.69
C ALA B 416 21.73 56.05 -14.07
N VAL B 417 22.98 56.28 -14.45
CA VAL B 417 23.50 55.87 -15.75
C VAL B 417 24.74 55.00 -15.53
N LEU B 418 24.75 53.83 -16.15
CA LEU B 418 25.88 52.91 -16.08
C LEU B 418 26.21 52.46 -17.50
N GLY B 419 27.28 53.00 -18.06
CA GLY B 419 27.60 52.67 -19.44
C GLY B 419 26.58 53.20 -20.41
N ASN B 420 25.77 52.31 -20.98
CA ASN B 420 24.76 52.70 -21.97
C ASN B 420 23.34 52.48 -21.48
N VAL B 421 23.14 52.11 -20.21
CA VAL B 421 21.81 51.87 -19.67
C VAL B 421 21.49 52.95 -18.66
N ILE B 422 20.30 53.52 -18.78
CA ILE B 422 19.79 54.52 -17.85
C ILE B 422 18.64 53.86 -17.10
N ILE B 423 18.71 53.84 -15.78
CA ILE B 423 17.76 53.08 -14.96
C ILE B 423 17.15 54.00 -13.92
N SER B 424 15.87 53.77 -13.63
CA SER B 424 15.18 54.43 -12.54
C SER B 424 15.11 53.50 -11.34
N LEU B 425 15.38 54.05 -10.16
CA LEU B 425 15.57 53.24 -8.97
C LEU B 425 14.54 53.61 -7.91
N GLY B 426 14.26 52.65 -7.02
CA GLY B 426 13.28 52.82 -5.99
C GLY B 426 13.89 52.97 -4.61
N LYS B 427 13.02 52.92 -3.60
CA LYS B 427 13.41 53.07 -2.21
C LYS B 427 14.33 51.93 -1.78
N TYR B 428 15.13 52.20 -0.75
CA TYR B 428 15.82 51.14 -0.03
C TYR B 428 15.08 50.87 1.28
N LEU B 429 15.11 49.60 1.70
CA LEU B 429 14.39 49.16 2.87
C LEU B 429 15.27 49.00 4.11
N GLY B 430 16.58 48.87 3.94
CA GLY B 430 17.46 48.63 5.06
C GLY B 430 17.97 49.90 5.71
N SER B 431 19.26 49.93 6.05
CA SER B 431 19.84 51.11 6.68
C SER B 431 19.88 52.27 5.70
N VAL B 432 19.51 53.45 6.20
CA VAL B 432 19.55 54.65 5.37
C VAL B 432 20.99 55.07 5.07
N ASN B 433 21.90 54.86 6.02
CA ASN B 433 23.29 55.28 5.90
C ASN B 433 24.17 54.13 5.42
N TYR B 434 23.64 53.31 4.51
CA TYR B 434 24.34 52.12 4.02
C TYR B 434 25.71 52.47 3.45
N ASN B 435 25.77 53.48 2.58
CA ASN B 435 27.00 53.77 1.85
C ASN B 435 28.10 54.35 2.74
N SER B 436 27.79 54.72 3.98
CA SER B 436 28.78 55.32 4.87
C SER B 436 29.36 54.32 5.86
N GLU B 437 28.95 53.06 5.82
CA GLU B 437 29.43 52.04 6.75
C GLU B 437 30.18 50.96 6.00
N GLY B 438 31.41 50.69 6.44
CA GLY B 438 32.21 49.63 5.87
C GLY B 438 32.23 48.38 6.74
N ILE B 439 32.71 47.29 6.14
CA ILE B 439 32.77 45.99 6.81
C ILE B 439 34.16 45.40 6.61
N ALA B 440 34.45 44.36 7.40
CA ALA B 440 35.69 43.62 7.26
C ALA B 440 35.63 42.72 6.03
N ILE B 441 36.82 42.33 5.55
CA ILE B 441 36.95 41.55 4.33
C ILE B 441 37.74 40.28 4.62
N GLY B 442 37.40 39.19 3.94
CA GLY B 442 38.00 37.91 4.20
C GLY B 442 39.31 37.72 3.46
N PRO B 443 39.82 36.49 3.52
CA PRO B 443 41.09 36.18 2.85
C PRO B 443 40.86 35.73 1.41
N PRO B 444 41.83 35.94 0.53
CA PRO B 444 41.69 35.49 -0.86
C PRO B 444 41.76 33.97 -0.97
N VAL B 445 41.13 33.45 -2.02
CA VAL B 445 41.18 32.03 -2.36
C VAL B 445 41.39 31.88 -3.86
N PHE B 446 41.84 30.70 -4.25
CA PHE B 446 41.97 30.32 -5.66
C PHE B 446 41.26 29.00 -5.87
N THR B 447 40.42 28.94 -6.90
CA THR B 447 39.46 27.84 -7.07
C THR B 447 39.77 26.93 -8.25
N ASP B 448 40.99 26.98 -8.78
CA ASP B 448 41.35 26.05 -9.84
C ASP B 448 41.58 24.66 -9.28
N LYS B 449 41.40 23.65 -10.14
CA LYS B 449 41.57 22.27 -9.71
C LYS B 449 42.98 21.99 -9.25
N VAL B 450 43.98 22.48 -10.00
CA VAL B 450 45.37 22.30 -9.60
C VAL B 450 45.76 23.22 -8.46
N ASP B 451 45.09 24.38 -8.31
CA ASP B 451 45.41 25.29 -7.21
C ASP B 451 45.12 24.66 -5.87
N ILE B 452 44.12 23.78 -5.80
CA ILE B 452 43.80 23.10 -4.55
C ILE B 452 44.96 22.22 -4.11
N SER B 453 45.53 21.47 -5.05
CA SER B 453 46.67 20.62 -4.74
C SER B 453 47.87 21.45 -4.31
N SER B 454 48.12 22.57 -4.99
CA SER B 454 49.25 23.42 -4.65
C SER B 454 49.11 24.02 -3.26
N GLN B 455 47.90 24.49 -2.92
CA GLN B 455 47.67 25.06 -1.60
C GLN B 455 47.81 24.00 -0.52
N ILE B 456 47.34 22.79 -0.78
CA ILE B 456 47.49 21.70 0.19
C ILE B 456 48.96 21.39 0.41
N SER B 457 49.74 21.33 -0.67
CA SER B 457 51.16 21.03 -0.54
C SER B 457 51.89 22.12 0.23
N SER B 458 51.60 23.39 -0.09
CA SER B 458 52.27 24.50 0.58
C SER B 458 51.97 24.52 2.07
N MET B 459 50.70 24.30 2.43
CA MET B 459 50.33 24.29 3.84
C MET B 459 50.90 23.07 4.55
N ASN B 460 50.97 21.93 3.86
CA ASN B 460 51.61 20.75 4.45
C ASN B 460 53.08 20.99 4.69
N GLN B 461 53.78 21.59 3.73
CA GLN B 461 55.19 21.91 3.91
C GLN B 461 55.38 22.95 5.00
N SER B 462 54.47 23.92 5.08
CA SER B 462 54.54 24.92 6.15
C SER B 462 54.39 24.28 7.52
N LEU B 463 53.48 23.31 7.64
CA LEU B 463 53.30 22.62 8.91
C LEU B 463 54.54 21.85 9.31
N GLN B 464 55.19 21.19 8.36
CA GLN B 464 56.40 20.42 8.63
C GLN B 464 57.55 21.35 8.99
N ILE C 23 59.28 34.45 -20.40
CA ILE C 23 59.07 34.55 -18.96
C ILE C 23 59.09 33.16 -18.34
N LEU C 24 58.67 32.17 -19.13
CA LEU C 24 58.66 30.79 -18.67
C LEU C 24 60.02 30.15 -18.90
N HIS C 25 60.58 29.54 -17.85
CA HIS C 25 61.88 28.87 -17.93
C HIS C 25 61.64 27.46 -18.47
N TYR C 26 61.75 27.32 -19.78
CA TYR C 26 61.37 26.06 -20.43
C TYR C 26 62.36 24.94 -20.14
N GLU C 27 63.65 25.28 -19.96
CA GLU C 27 64.64 24.25 -19.67
C GLU C 27 64.35 23.54 -18.35
N LYS C 28 64.09 24.32 -17.30
CA LYS C 28 63.80 23.72 -16.00
C LYS C 28 62.49 22.96 -16.02
N LEU C 29 61.50 23.45 -16.76
CA LEU C 29 60.23 22.74 -16.87
C LEU C 29 60.41 21.41 -17.60
N SER C 30 61.24 21.40 -18.64
CA SER C 30 61.54 20.15 -19.34
C SER C 30 62.27 19.17 -18.42
N LYS C 31 63.18 19.68 -17.60
CA LYS C 31 63.86 18.82 -16.64
C LYS C 31 62.89 18.24 -15.61
N ILE C 32 61.89 19.05 -15.23
CA ILE C 32 60.82 18.54 -14.31
C ILE C 32 60.00 17.51 -15.09
N GLY C 33 59.99 17.60 -16.42
CA GLY C 33 59.22 16.67 -17.26
C GLY C 33 58.20 17.39 -18.12
N LEU C 34 58.22 18.73 -18.11
CA LEU C 34 57.25 19.54 -18.90
C LEU C 34 57.90 19.98 -20.20
N VAL C 35 57.69 19.23 -21.29
CA VAL C 35 58.28 19.57 -22.59
C VAL C 35 57.49 20.72 -23.18
N LYS C 36 58.20 21.80 -23.54
CA LYS C 36 57.55 22.96 -24.11
C LYS C 36 56.87 22.60 -25.43
N GLY C 37 55.62 23.04 -25.58
CA GLY C 37 54.83 22.70 -26.74
C GLY C 37 54.53 23.87 -27.64
N VAL C 38 53.41 23.79 -28.36
CA VAL C 38 53.06 24.82 -29.32
C VAL C 38 52.71 26.12 -28.61
N THR C 39 53.14 27.24 -29.17
CA THR C 39 52.76 28.56 -28.71
C THR C 39 51.65 29.09 -29.61
N ARG C 40 50.53 29.46 -29.00
CA ARG C 40 49.34 29.86 -29.74
C ARG C 40 48.90 31.25 -29.30
N LYS C 41 48.15 31.91 -30.17
CA LYS C 41 47.65 33.26 -29.91
C LYS C 41 46.27 33.19 -29.25
N TYR C 42 45.93 34.26 -28.54
CA TYR C 42 44.66 34.36 -27.84
C TYR C 42 43.73 35.27 -28.63
N LYS C 43 42.55 34.76 -28.95
CA LYS C 43 41.54 35.50 -29.69
C LYS C 43 40.19 35.41 -28.98
N ILE C 44 39.59 36.57 -28.74
CA ILE C 44 38.29 36.67 -28.07
C ILE C 44 37.33 37.41 -28.97
N LYS C 45 36.05 37.15 -28.81
CA LYS C 45 35.04 37.77 -29.66
C LYS C 45 34.72 39.18 -29.19
N SER C 46 34.45 40.06 -30.15
CA SER C 46 34.08 41.44 -29.88
C SER C 46 33.54 42.04 -31.16
N ASN C 47 32.92 43.21 -31.03
CA ASN C 47 32.29 43.92 -32.14
C ASN C 47 31.33 43.02 -32.92
N PRO C 48 30.19 42.64 -32.33
CA PRO C 48 29.27 41.72 -33.00
C PRO C 48 28.36 42.45 -33.99
N LEU C 49 28.31 41.95 -35.21
CA LEU C 49 27.30 42.39 -36.16
C LEU C 49 26.01 41.63 -35.93
N THR C 50 24.89 42.34 -36.03
CA THR C 50 23.58 41.79 -35.69
C THR C 50 22.74 41.61 -36.93
N LYS C 51 22.06 40.46 -37.02
CA LYS C 51 21.08 40.20 -38.05
C LYS C 51 19.83 39.61 -37.42
N ASP C 52 18.73 39.65 -38.16
CA ASP C 52 17.43 39.23 -37.64
C ASP C 52 16.88 38.07 -38.47
N ILE C 53 16.44 37.02 -37.77
CA ILE C 53 15.80 35.87 -38.38
C ILE C 53 14.56 35.54 -37.58
N VAL C 54 13.62 34.84 -38.22
CA VAL C 54 12.39 34.41 -37.58
C VAL C 54 12.29 32.90 -37.75
N ILE C 55 12.09 32.20 -36.63
CA ILE C 55 11.84 30.76 -36.65
C ILE C 55 10.36 30.56 -36.36
N LYS C 56 9.67 29.85 -37.25
CA LYS C 56 8.28 29.46 -37.04
C LYS C 56 8.27 28.02 -36.56
N MET C 57 7.85 27.81 -35.31
CA MET C 57 7.97 26.52 -34.65
C MET C 57 6.75 25.63 -34.86
N ILE C 58 5.89 25.95 -35.82
CA ILE C 58 4.79 25.08 -36.23
C ILE C 58 4.79 25.03 -37.75
N PRO C 59 4.81 23.85 -38.36
CA PRO C 59 4.80 23.77 -39.82
C PRO C 59 3.45 24.12 -40.41
N ASN C 60 3.50 24.60 -41.66
CA ASN C 60 2.30 24.90 -42.42
C ASN C 60 1.87 23.65 -43.17
N VAL C 61 0.60 23.28 -43.04
CA VAL C 61 0.10 22.02 -43.59
C VAL C 61 -1.11 22.26 -44.48
N SER C 62 -1.15 23.42 -45.14
CA SER C 62 -2.30 23.76 -45.97
C SER C 62 -2.52 22.74 -47.07
N ASN C 63 -1.44 22.26 -47.70
CA ASN C 63 -1.59 21.28 -48.77
C ASN C 63 -1.94 19.89 -48.27
N MET C 64 -1.89 19.66 -46.96
CA MET C 64 -2.16 18.35 -46.38
C MET C 64 -3.19 18.40 -45.26
N SER C 65 -3.86 19.54 -45.08
CA SER C 65 -4.77 19.70 -43.95
C SER C 65 -6.05 18.89 -44.10
N GLN C 66 -6.27 18.26 -45.25
CA GLN C 66 -7.54 17.59 -45.55
C GLN C 66 -7.92 16.59 -44.46
N CYS C 67 -6.97 15.77 -44.00
CA CYS C 67 -7.24 14.84 -42.91
C CYS C 67 -6.07 14.78 -41.93
N THR C 68 -5.54 15.96 -41.56
CA THR C 68 -4.51 16.02 -40.53
C THR C 68 -5.03 15.51 -39.19
N GLY C 69 -6.34 15.56 -38.95
CA GLY C 69 -6.87 15.13 -37.67
C GLY C 69 -6.79 16.24 -36.63
N SER C 70 -6.95 15.84 -35.37
CA SER C 70 -6.95 16.78 -34.25
C SER C 70 -5.60 16.86 -33.56
N VAL C 71 -4.53 16.38 -34.20
CA VAL C 71 -3.21 16.43 -33.58
C VAL C 71 -2.71 17.86 -33.47
N MET C 72 -3.06 18.71 -34.44
CA MET C 72 -2.53 20.07 -34.44
C MET C 72 -3.08 20.90 -33.29
N GLU C 73 -4.34 20.69 -32.90
CA GLU C 73 -4.88 21.45 -31.77
C GLU C 73 -4.12 21.11 -30.50
N ASN C 74 -3.87 19.81 -30.27
CA ASN C 74 -3.10 19.40 -29.10
C ASN C 74 -1.68 19.94 -29.16
N TYR C 75 -1.05 19.88 -30.33
CA TYR C 75 0.30 20.42 -30.47
C TYR C 75 0.34 21.91 -30.21
N LYS C 76 -0.67 22.64 -30.70
CA LYS C 76 -0.73 24.08 -30.47
C LYS C 76 -0.90 24.40 -28.99
N THR C 77 -1.75 23.63 -28.30
CA THR C 77 -1.88 23.81 -26.86
C THR C 77 -0.57 23.54 -26.14
N ARG C 78 0.12 22.46 -26.52
CA ARG C 78 1.39 22.10 -25.91
C ARG C 78 2.43 23.19 -26.14
N LEU C 79 2.50 23.71 -27.38
CA LEU C 79 3.47 24.74 -27.71
C LEU C 79 3.14 26.06 -27.01
N ASN C 80 1.86 26.39 -26.87
CA ASN C 80 1.48 27.57 -26.11
C ASN C 80 1.92 27.44 -24.66
N GLY C 81 1.71 26.26 -24.07
CA GLY C 81 2.20 26.03 -22.72
C GLY C 81 3.70 26.15 -22.62
N ILE C 82 4.42 25.68 -23.65
CA ILE C 82 5.88 25.78 -23.64
C ILE C 82 6.33 27.23 -23.75
N LEU C 83 5.73 28.00 -24.66
CA LEU C 83 6.18 29.35 -24.96
C LEU C 83 5.66 30.40 -24.00
N THR C 84 4.65 30.08 -23.19
CA THR C 84 4.11 31.09 -22.28
C THR C 84 5.12 31.60 -21.27
N PRO C 85 5.92 30.78 -20.57
CA PRO C 85 6.93 31.34 -19.67
C PRO C 85 7.96 32.21 -20.37
N ILE C 86 8.29 31.92 -21.62
CA ILE C 86 9.28 32.73 -22.33
C ILE C 86 8.77 34.16 -22.50
N LYS C 87 7.54 34.30 -22.99
CA LYS C 87 6.95 35.63 -23.09
C LYS C 87 6.77 36.25 -21.71
N GLY C 88 6.41 35.45 -20.71
CA GLY C 88 6.29 35.99 -19.37
C GLY C 88 7.58 36.60 -18.86
N ALA C 89 8.71 35.97 -19.18
CA ALA C 89 10.00 36.50 -18.77
C ALA C 89 10.39 37.72 -19.59
N LEU C 90 10.08 37.72 -20.89
CA LEU C 90 10.43 38.87 -21.72
C LEU C 90 9.59 40.10 -21.36
N GLU C 91 8.31 39.90 -21.02
CA GLU C 91 7.44 41.04 -20.77
C GLU C 91 7.84 41.85 -19.56
N ILE C 92 8.68 41.29 -18.68
CA ILE C 92 9.15 42.07 -17.53
C ILE C 92 9.95 43.27 -18.01
N TYR C 93 10.84 43.05 -18.98
CA TYR C 93 11.58 44.15 -19.59
C TYR C 93 10.78 44.86 -20.67
N LYS C 94 9.85 44.15 -21.32
CA LYS C 94 8.99 44.82 -22.30
C LYS C 94 8.16 45.91 -21.66
N ASN C 95 7.61 45.65 -20.47
CA ASN C 95 6.70 46.57 -19.81
C ASN C 95 7.41 47.69 -19.08
N ASN C 96 8.74 47.62 -18.92
CA ASN C 96 9.46 48.57 -18.10
C ASN C 96 10.60 49.24 -18.86
N THR C 97 10.49 49.38 -20.18
CA THR C 97 11.46 50.12 -20.97
C THR C 97 10.74 51.10 -21.89
N HIS C 98 11.37 52.27 -22.09
CA HIS C 98 10.83 53.31 -22.95
C HIS C 98 11.96 54.26 -23.33
N ASP C 99 11.60 55.38 -23.93
CA ASP C 99 12.56 56.40 -24.34
C ASP C 99 12.56 57.54 -23.34
N CYS C 100 13.75 57.96 -22.93
CA CYS C 100 13.89 59.11 -22.04
C CYS C 100 15.29 59.72 -22.16
N GLY C 108 18.15 57.96 -25.63
CA GLY C 108 18.69 56.73 -25.07
C GLY C 108 17.61 55.79 -24.57
N VAL C 109 18.03 54.57 -24.21
CA VAL C 109 17.12 53.55 -23.71
C VAL C 109 16.88 53.80 -22.22
N CYS C 110 15.62 53.88 -21.84
CA CYS C 110 15.22 54.14 -20.46
C CYS C 110 14.46 52.94 -19.95
N MET C 111 14.82 52.47 -18.75
CA MET C 111 14.21 51.28 -18.17
C MET C 111 13.74 51.58 -16.74
N ALA C 112 12.73 50.85 -16.29
CA ALA C 112 12.13 51.07 -14.98
C ALA C 112 12.61 49.98 -14.03
N GLY C 113 13.56 50.32 -13.16
CA GLY C 113 14.11 49.34 -12.24
C GLY C 113 13.25 49.03 -11.03
N VAL C 114 12.19 49.81 -10.80
CA VAL C 114 11.31 49.53 -9.67
C VAL C 114 10.50 48.26 -9.93
N ALA C 115 9.96 48.11 -11.14
CA ALA C 115 9.19 46.93 -11.47
C ALA C 115 10.05 45.77 -11.97
N ILE C 116 11.31 46.03 -12.34
CA ILE C 116 12.19 44.95 -12.78
C ILE C 116 12.56 44.06 -11.60
N GLY C 117 12.92 44.66 -10.48
CA GLY C 117 13.12 43.94 -9.24
C GLY C 117 14.46 43.28 -9.09
N ILE C 118 14.65 42.14 -9.76
CA ILE C 118 15.87 41.35 -9.67
C ILE C 118 16.47 41.24 -11.06
N ALA C 119 17.73 41.65 -11.19
CA ALA C 119 18.42 41.62 -12.47
C ALA C 119 19.91 41.74 -12.24
N THR C 120 20.69 41.11 -13.12
CA THR C 120 22.14 41.23 -13.09
C THR C 120 22.60 42.13 -14.23
N ALA C 121 23.92 42.30 -14.34
CA ALA C 121 24.47 43.11 -15.42
C ALA C 121 24.13 42.49 -16.78
N ALA C 122 24.23 41.17 -16.88
CA ALA C 122 23.96 40.50 -18.15
C ALA C 122 22.52 40.70 -18.60
N GLN C 123 21.55 40.55 -17.68
CA GLN C 123 20.16 40.69 -18.06
C GLN C 123 19.83 42.14 -18.40
N ILE C 124 20.44 43.10 -17.70
CA ILE C 124 20.20 44.51 -18.01
C ILE C 124 20.75 44.86 -19.39
N THR C 125 21.98 44.41 -19.69
CA THR C 125 22.53 44.66 -21.01
C THR C 125 21.72 43.98 -22.10
N ALA C 126 21.25 42.75 -21.82
CA ALA C 126 20.40 42.05 -22.77
C ALA C 126 19.10 42.79 -22.98
N GLY C 127 18.55 43.38 -21.92
CA GLY C 127 17.33 44.18 -22.07
C GLY C 127 17.54 45.43 -22.89
N VAL C 128 18.69 46.08 -22.73
CA VAL C 128 19.02 47.24 -23.56
C VAL C 128 19.12 46.83 -25.02
N ALA C 129 19.81 45.72 -25.29
CA ALA C 129 19.90 45.22 -26.66
C ALA C 129 18.52 44.84 -27.19
N LEU C 130 17.68 44.31 -26.31
CA LEU C 130 16.31 43.95 -26.69
C LEU C 130 15.51 45.20 -27.06
N TYR C 131 15.66 46.28 -26.29
CA TYR C 131 14.97 47.52 -26.59
C TYR C 131 15.43 48.09 -27.92
N GLU C 132 16.74 48.03 -28.18
CA GLU C 132 17.24 48.33 -29.52
C GLU C 132 16.55 47.44 -30.54
N ALA C 133 16.42 46.16 -30.22
CA ALA C 133 15.83 45.20 -31.19
C ALA C 133 14.34 45.48 -31.37
N MET C 134 13.63 45.77 -30.27
CA MET C 134 12.18 46.05 -30.33
C MET C 134 11.90 47.08 -31.44
N LYS C 135 12.88 47.93 -31.74
CA LYS C 135 12.68 49.02 -32.74
C LYS C 135 12.35 48.41 -34.11
N ASN C 136 13.17 47.48 -34.59
CA ASN C 136 12.94 46.85 -35.92
C ASN C 136 11.90 45.74 -35.78
N ALA C 137 11.89 45.05 -34.64
CA ALA C 137 10.93 43.98 -34.41
C ALA C 137 9.51 44.44 -34.67
N ASP C 138 9.23 45.72 -34.49
CA ASP C 138 7.91 46.24 -34.88
C ASP C 138 7.69 46.06 -36.37
N ASN C 139 8.69 46.42 -37.17
CA ASN C 139 8.57 46.25 -38.62
C ASN C 139 8.55 44.77 -39.01
N ILE C 140 9.27 43.92 -38.27
CA ILE C 140 9.26 42.49 -38.57
C ILE C 140 7.89 41.90 -38.24
N ASN C 141 7.26 42.39 -37.17
CA ASN C 141 5.93 41.91 -36.80
C ASN C 141 4.86 42.47 -37.72
N LYS C 142 5.14 43.58 -38.40
CA LYS C 142 4.21 44.09 -39.40
C LYS C 142 3.96 43.09 -40.52
N LEU C 143 4.86 42.11 -40.71
CA LEU C 143 4.71 41.06 -41.72
C LEU C 143 4.21 39.75 -41.10
N LYS C 144 3.26 39.86 -40.17
CA LYS C 144 2.67 38.65 -39.53
C LYS C 144 2.08 37.74 -40.61
N SER C 145 1.23 38.29 -41.48
CA SER C 145 0.56 37.46 -42.48
C SER C 145 1.56 36.85 -43.44
N SER C 146 2.61 37.60 -43.78
CA SER C 146 3.65 37.06 -44.66
C SER C 146 4.38 35.90 -43.98
N ILE C 147 4.66 36.03 -42.68
CA ILE C 147 5.31 34.95 -41.95
C ILE C 147 4.41 33.73 -41.89
N GLU C 148 3.12 33.94 -41.66
CA GLU C 148 2.18 32.81 -41.57
C GLU C 148 2.09 32.06 -42.89
N SER C 149 2.09 32.78 -44.01
CA SER C 149 1.89 32.17 -45.31
C SER C 149 3.08 31.34 -45.78
N THR C 150 4.21 31.41 -45.08
CA THR C 150 5.39 30.67 -45.52
C THR C 150 5.16 29.17 -45.45
N ASN C 151 5.64 28.45 -46.47
CA ASN C 151 5.42 27.02 -46.58
C ASN C 151 6.68 26.29 -47.03
N GLU C 152 7.84 26.89 -46.80
CA GLU C 152 9.12 26.27 -47.09
C GLU C 152 9.98 26.32 -45.84
N ALA C 153 11.10 25.61 -45.88
CA ALA C 153 12.02 25.65 -44.76
C ALA C 153 12.70 27.02 -44.65
N VAL C 154 13.03 27.63 -45.78
CA VAL C 154 13.63 28.95 -45.83
C VAL C 154 12.92 29.76 -46.91
N VAL C 155 12.41 30.93 -46.54
CA VAL C 155 11.75 31.85 -47.46
C VAL C 155 12.32 33.24 -47.23
N LYS C 156 12.55 33.97 -48.31
CA LYS C 156 13.08 35.34 -48.25
C LYS C 156 11.91 36.32 -48.17
N LEU C 157 11.95 37.20 -47.18
CA LEU C 157 10.91 38.20 -46.98
C LEU C 157 11.54 39.59 -46.97
N GLN C 158 10.86 40.54 -47.63
CA GLN C 158 11.36 41.91 -47.73
C GLN C 158 11.01 42.67 -46.45
N GLU C 159 12.03 43.00 -45.66
CA GLU C 159 11.82 43.83 -44.48
C GLU C 159 11.45 45.25 -44.88
N THR C 160 12.36 45.93 -45.58
CA THR C 160 12.13 47.23 -46.17
C THR C 160 12.40 47.13 -47.67
N ALA C 161 12.42 48.29 -48.34
CA ALA C 161 12.78 48.31 -49.76
C ALA C 161 14.23 47.88 -49.98
N GLU C 162 15.06 47.91 -48.93
CA GLU C 162 16.46 47.52 -49.05
C GLU C 162 16.85 46.37 -48.14
N LYS C 163 16.13 46.14 -47.05
CA LYS C 163 16.47 45.11 -46.08
C LYS C 163 15.56 43.90 -46.25
N THR C 164 16.12 42.71 -46.04
CA THR C 164 15.39 41.46 -46.18
C THR C 164 15.58 40.60 -44.92
N VAL C 165 14.60 39.73 -44.68
CA VAL C 165 14.62 38.83 -43.53
C VAL C 165 14.30 37.42 -44.01
N TYR C 166 14.96 36.43 -43.41
CA TYR C 166 14.73 35.03 -43.73
C TYR C 166 13.92 34.36 -42.62
N VAL C 167 12.93 33.59 -43.02
CA VAL C 167 12.05 32.89 -42.09
C VAL C 167 12.35 31.40 -42.18
N PHE C 168 12.54 30.77 -41.02
CA PHE C 168 12.86 29.35 -40.94
C PHE C 168 11.70 28.62 -40.29
N THR C 169 11.09 27.70 -41.02
CA THR C 169 10.03 26.86 -40.49
C THR C 169 10.62 25.50 -40.13
N ALA C 170 10.27 25.00 -38.95
CA ALA C 170 11.02 23.91 -38.35
C ALA C 170 10.98 22.64 -39.21
N LEU C 171 9.80 22.06 -39.36
CA LEU C 171 9.67 20.74 -39.96
C LEU C 171 9.09 20.79 -41.37
N GLN C 172 9.19 21.94 -42.04
CA GLN C 172 8.62 22.05 -43.38
C GLN C 172 9.28 21.09 -44.36
N ASP C 173 10.59 20.86 -44.21
CA ASP C 173 11.27 19.90 -45.07
C ASP C 173 10.68 18.50 -44.89
N TYR C 174 10.52 18.08 -43.64
CA TYR C 174 9.94 16.76 -43.36
C TYR C 174 8.58 16.61 -43.98
N ILE C 175 7.68 17.57 -43.70
CA ILE C 175 6.31 17.48 -44.21
C ILE C 175 6.31 17.45 -45.73
N ASN C 176 7.01 18.42 -46.34
CA ASN C 176 6.96 18.59 -47.78
C ASN C 176 7.60 17.43 -48.54
N THR C 177 8.58 16.76 -47.96
CA THR C 177 9.28 15.68 -48.64
C THR C 177 8.75 14.30 -48.31
N ASN C 178 8.05 14.12 -47.19
CA ASN C 178 7.56 12.81 -46.83
C ASN C 178 6.04 12.73 -46.76
N LEU C 179 5.40 13.62 -45.99
CA LEU C 179 3.98 13.46 -45.76
C LEU C 179 3.16 13.94 -46.94
N VAL C 180 3.59 15.04 -47.58
CA VAL C 180 2.92 15.48 -48.81
C VAL C 180 3.03 14.45 -49.93
N PRO C 181 4.19 13.89 -50.24
CA PRO C 181 4.24 12.86 -51.29
C PRO C 181 3.51 11.58 -50.93
N THR C 182 3.45 11.19 -49.65
CA THR C 182 2.83 9.94 -49.25
C THR C 182 1.43 10.14 -48.65
N ILE C 183 0.65 11.05 -49.20
CA ILE C 183 -0.66 11.36 -48.61
C ILE C 183 -1.75 10.41 -49.07
N ASP C 184 -1.57 9.71 -50.20
CA ASP C 184 -2.61 8.83 -50.71
C ASP C 184 -2.16 7.38 -50.86
N LYS C 185 -0.87 7.09 -50.87
CA LYS C 185 -0.39 5.72 -51.00
C LYS C 185 -0.64 4.88 -49.75
N ILE C 186 -0.88 5.52 -48.60
CA ILE C 186 -1.11 4.80 -47.36
C ILE C 186 -2.41 5.31 -46.74
N PRO C 187 -3.04 4.55 -45.84
CA PRO C 187 -4.24 5.06 -45.15
C PRO C 187 -3.95 6.35 -44.39
N CYS C 188 -4.93 7.26 -44.35
CA CYS C 188 -4.69 8.59 -43.80
C CYS C 188 -4.44 8.54 -42.30
N LYS C 189 -5.00 7.55 -41.61
CA LYS C 189 -4.82 7.43 -40.17
C LYS C 189 -3.35 7.25 -39.83
N GLN C 190 -2.65 6.45 -40.64
CA GLN C 190 -1.21 6.30 -40.46
C GLN C 190 -0.47 7.61 -40.69
N THR C 191 -0.90 8.41 -41.66
CA THR C 191 -0.30 9.72 -41.87
C THR C 191 -0.49 10.61 -40.65
N GLU C 192 -1.69 10.59 -40.07
CA GLU C 192 -1.94 11.37 -38.87
C GLU C 192 -1.04 10.91 -37.73
N LEU C 193 -0.91 9.60 -37.55
CA LEU C 193 -0.04 9.08 -36.50
C LEU C 193 1.42 9.46 -36.72
N SER C 194 1.89 9.40 -37.97
CA SER C 194 3.26 9.76 -38.25
C SER C 194 3.51 11.23 -38.03
N LEU C 195 2.53 12.08 -38.39
CA LEU C 195 2.66 13.50 -38.13
C LEU C 195 2.72 13.75 -36.63
N ASP C 196 1.86 13.08 -35.87
CA ASP C 196 1.88 13.23 -34.42
C ASP C 196 3.23 12.82 -33.85
N LEU C 197 3.79 11.70 -34.31
CA LEU C 197 5.08 11.23 -33.81
C LEU C 197 6.20 12.18 -34.20
N ALA C 198 6.16 12.74 -35.42
CA ALA C 198 7.19 13.69 -35.82
C ALA C 198 7.12 14.97 -34.98
N LEU C 199 5.90 15.47 -34.74
CA LEU C 199 5.74 16.64 -33.89
C LEU C 199 6.19 16.37 -32.46
N SER C 200 5.90 15.18 -31.95
CA SER C 200 6.32 14.84 -30.59
C SER C 200 7.84 14.67 -30.50
N LYS C 201 8.45 14.14 -31.56
CA LYS C 201 9.92 14.09 -31.62
C LYS C 201 10.51 15.49 -31.64
N TYR C 202 9.92 16.38 -32.45
CA TYR C 202 10.32 17.78 -32.47
C TYR C 202 10.25 18.39 -31.07
N LEU C 203 9.14 18.14 -30.37
CA LEU C 203 8.96 18.73 -29.05
C LEU C 203 9.91 18.14 -28.02
N SER C 204 10.19 16.84 -28.12
CA SER C 204 11.16 16.23 -27.22
C SER C 204 12.55 16.78 -27.45
N ASP C 205 12.90 17.06 -28.71
CA ASP C 205 14.15 17.75 -28.99
C ASP C 205 14.14 19.16 -28.42
N LEU C 206 13.01 19.86 -28.53
CA LEU C 206 12.92 21.23 -28.05
C LEU C 206 13.06 21.32 -26.54
N LEU C 207 12.49 20.36 -25.80
CA LEU C 207 12.35 20.51 -24.36
C LEU C 207 13.70 20.65 -23.66
N PHE C 208 14.79 20.26 -24.32
CA PHE C 208 16.11 20.45 -23.73
C PHE C 208 16.50 21.91 -23.68
N VAL C 209 16.18 22.67 -24.74
CA VAL C 209 16.61 24.05 -24.90
C VAL C 209 15.48 25.03 -24.58
N PHE C 210 14.38 24.96 -25.31
CA PHE C 210 13.26 25.86 -25.13
C PHE C 210 12.35 25.47 -23.97
N GLY C 211 12.69 24.42 -23.24
CA GLY C 211 11.85 23.96 -22.15
C GLY C 211 12.09 24.71 -20.87
N PRO C 212 11.57 24.20 -19.76
CA PRO C 212 11.76 24.88 -18.46
C PRO C 212 13.22 25.04 -18.04
N ASN C 213 14.16 24.46 -18.78
CA ASN C 213 15.57 24.78 -18.57
C ASN C 213 15.86 26.23 -18.95
N LEU C 214 15.10 26.78 -19.90
CA LEU C 214 15.28 28.16 -20.36
C LEU C 214 14.54 29.09 -19.41
N GLN C 215 15.14 29.29 -18.24
CA GLN C 215 14.54 30.12 -17.21
C GLN C 215 14.71 31.61 -17.52
N ASP C 216 15.81 31.98 -18.17
CA ASP C 216 16.13 33.38 -18.46
C ASP C 216 16.36 33.54 -19.96
N PRO C 217 15.29 33.72 -20.74
CA PRO C 217 15.47 33.96 -22.18
C PRO C 217 16.00 35.34 -22.52
N VAL C 218 16.13 36.22 -21.53
CA VAL C 218 16.57 37.58 -21.81
C VAL C 218 18.02 37.59 -22.28
N SER C 219 18.88 36.85 -21.60
CA SER C 219 20.32 36.89 -21.90
C SER C 219 20.61 36.40 -23.31
N ASN C 220 21.75 36.83 -23.83
CA ASN C 220 22.18 36.49 -25.19
C ASN C 220 23.33 35.50 -25.19
N SER C 221 23.42 34.66 -24.17
CA SER C 221 24.48 33.66 -24.07
C SER C 221 24.08 32.32 -24.66
N MET C 222 22.93 32.23 -25.30
CA MET C 222 22.49 30.97 -25.90
C MET C 222 23.01 30.86 -27.33
N THR C 223 23.69 29.77 -27.62
CA THR C 223 24.42 29.64 -28.88
C THR C 223 23.48 29.32 -30.03
N ILE C 224 23.97 29.57 -31.25
CA ILE C 224 23.18 29.31 -32.44
C ILE C 224 22.92 27.81 -32.59
N GLN C 225 23.81 26.96 -32.10
CA GLN C 225 23.57 25.53 -32.12
C GLN C 225 22.32 25.17 -31.33
N ALA C 226 22.20 25.70 -30.11
CA ALA C 226 21.03 25.42 -29.28
C ALA C 226 19.77 26.02 -29.90
N ILE C 227 19.88 27.23 -30.45
CA ILE C 227 18.73 27.87 -31.07
C ILE C 227 18.23 27.05 -32.25
N SER C 228 19.15 26.44 -33.00
CA SER C 228 18.77 25.66 -34.17
C SER C 228 17.98 24.41 -33.82
N GLN C 229 17.95 24.02 -32.54
CA GLN C 229 17.09 22.91 -32.14
C GLN C 229 15.63 23.22 -32.45
N ALA C 230 15.26 24.49 -32.46
CA ALA C 230 13.94 24.88 -32.96
C ALA C 230 13.80 24.64 -34.45
N PHE C 231 14.89 24.36 -35.15
CA PHE C 231 14.88 24.04 -36.57
C PHE C 231 15.44 22.65 -36.83
N GLY C 232 15.53 21.84 -35.78
CA GLY C 232 16.07 20.50 -35.91
C GLY C 232 17.57 20.40 -35.73
N GLY C 233 18.20 21.40 -35.13
CA GLY C 233 19.65 21.37 -34.94
C GLY C 233 20.46 21.68 -36.17
N ASN C 234 19.83 22.16 -37.24
CA ASN C 234 20.48 22.39 -38.52
C ASN C 234 20.95 23.84 -38.62
N TYR C 235 21.92 24.19 -37.78
CA TYR C 235 22.42 25.56 -37.77
C TYR C 235 23.20 25.91 -39.04
N GLU C 236 23.66 24.91 -39.77
CA GLU C 236 24.46 25.17 -40.97
C GLU C 236 23.64 25.92 -42.02
N THR C 237 22.36 25.54 -42.19
CA THR C 237 21.51 26.27 -43.11
C THR C 237 21.32 27.72 -42.67
N LEU C 238 21.12 27.95 -41.38
CA LEU C 238 20.95 29.30 -40.88
C LEU C 238 22.18 30.14 -41.16
N LEU C 239 23.37 29.59 -40.93
CA LEU C 239 24.58 30.39 -41.09
C LEU C 239 24.99 30.52 -42.54
N ARG C 240 24.58 29.56 -43.39
CA ARG C 240 24.86 29.69 -44.82
C ARG C 240 23.95 30.71 -45.47
N THR C 241 22.67 30.73 -45.10
CA THR C 241 21.74 31.67 -45.71
C THR C 241 22.09 33.10 -45.36
N LEU C 242 22.45 33.36 -44.11
CA LEU C 242 22.82 34.73 -43.71
C LEU C 242 24.09 35.17 -44.42
N GLY C 243 25.14 34.34 -44.37
CA GLY C 243 26.38 34.68 -45.04
C GLY C 243 27.64 34.31 -44.27
N TYR C 244 28.61 33.75 -44.98
CA TYR C 244 29.94 33.47 -44.43
C TYR C 244 30.72 34.77 -44.41
N ALA C 245 30.54 35.53 -43.33
CA ALA C 245 31.07 36.89 -43.27
C ALA C 245 32.58 36.94 -43.23
N THR C 246 33.25 35.88 -42.78
CA THR C 246 34.69 35.91 -42.64
C THR C 246 35.27 34.51 -42.78
N GLU C 247 36.58 34.46 -43.00
CA GLU C 247 37.29 33.19 -43.09
C GLU C 247 37.47 32.53 -41.72
N ASP C 248 37.20 33.24 -40.63
CA ASP C 248 37.29 32.71 -39.28
C ASP C 248 35.98 32.11 -38.81
N PHE C 249 35.16 31.62 -39.72
CA PHE C 249 33.83 31.12 -39.36
C PHE C 249 33.94 29.96 -38.38
N ASP C 250 34.72 28.94 -38.73
CA ASP C 250 34.68 27.69 -37.97
C ASP C 250 35.14 27.89 -36.53
N ASP C 251 36.15 28.75 -36.33
CA ASP C 251 36.59 29.06 -34.97
C ASP C 251 35.49 29.76 -34.19
N LEU C 252 34.72 30.63 -34.87
CA LEU C 252 33.56 31.24 -34.22
C LEU C 252 32.53 30.19 -33.84
N LEU C 253 32.26 29.25 -34.74
CA LEU C 253 31.16 28.30 -34.54
C LEU C 253 31.48 27.29 -33.46
N GLU C 254 32.74 26.85 -33.40
CA GLU C 254 33.11 25.85 -32.39
C GLU C 254 33.24 26.48 -31.01
N SER C 255 33.79 27.68 -30.92
CA SER C 255 34.02 28.33 -29.63
C SER C 255 32.76 28.92 -29.03
N ASP C 256 31.58 28.59 -29.56
CA ASP C 256 30.30 29.11 -29.07
C ASP C 256 30.25 30.64 -29.15
N SER C 257 30.97 31.22 -30.11
CA SER C 257 30.98 32.67 -30.25
C SER C 257 29.70 33.18 -30.91
N ILE C 258 29.15 32.45 -31.88
CA ILE C 258 27.96 32.90 -32.59
C ILE C 258 26.75 32.56 -31.74
N THR C 259 26.05 33.60 -31.27
CA THR C 259 24.92 33.45 -30.37
C THR C 259 23.72 34.23 -30.89
N GLY C 260 22.55 33.88 -30.34
CA GLY C 260 21.32 34.57 -30.66
C GLY C 260 20.53 34.87 -29.40
N GLN C 261 19.59 35.79 -29.54
CA GLN C 261 18.79 36.24 -28.40
C GLN C 261 17.32 36.25 -28.77
N ILE C 262 16.47 35.85 -27.84
CA ILE C 262 15.03 35.97 -28.01
C ILE C 262 14.61 37.40 -27.75
N ILE C 263 13.91 38.01 -28.70
CA ILE C 263 13.51 39.40 -28.58
C ILE C 263 12.00 39.61 -28.71
N TYR C 264 11.26 38.63 -29.20
CA TYR C 264 9.81 38.71 -29.22
C TYR C 264 9.24 37.32 -29.44
N VAL C 265 8.14 37.02 -28.75
CA VAL C 265 7.45 35.75 -28.86
C VAL C 265 6.03 36.01 -29.29
N ASP C 266 5.45 35.10 -30.07
CA ASP C 266 4.10 35.24 -30.58
C ASP C 266 3.34 33.94 -30.40
N LEU C 267 2.09 34.04 -29.96
CA LEU C 267 1.27 32.87 -29.68
C LEU C 267 0.08 32.73 -30.62
N SER C 268 -0.16 33.71 -31.49
CA SER C 268 -1.24 33.59 -32.47
C SER C 268 -0.81 32.84 -33.71
N SER C 269 0.46 32.94 -34.08
CA SER C 269 1.02 32.18 -35.18
C SER C 269 2.20 31.30 -34.76
N TYR C 270 2.65 31.42 -33.51
CA TYR C 270 3.74 30.60 -32.96
C TYR C 270 5.02 30.75 -33.78
N TYR C 271 5.52 31.99 -33.80
CA TYR C 271 6.81 32.26 -34.47
C TYR C 271 7.68 33.05 -33.48
N ILE C 272 8.99 32.92 -33.57
CA ILE C 272 9.93 33.57 -32.66
C ILE C 272 11.01 34.24 -33.48
N ILE C 273 11.39 35.45 -33.05
CA ILE C 273 12.42 36.23 -33.73
C ILE C 273 13.71 36.16 -32.91
N VAL C 274 14.81 35.85 -33.58
CA VAL C 274 16.12 35.74 -32.95
C VAL C 274 17.07 36.72 -33.62
N ARG C 275 17.76 37.50 -32.80
CA ARG C 275 18.81 38.40 -33.26
C ARG C 275 20.14 37.67 -33.11
N VAL C 276 20.76 37.32 -34.24
CA VAL C 276 21.98 36.53 -34.23
C VAL C 276 23.17 37.45 -34.31
N TYR C 277 24.15 37.22 -33.42
CA TYR C 277 25.34 38.05 -33.33
C TYR C 277 26.52 37.33 -33.99
N PHE C 278 27.17 38.02 -34.93
CA PHE C 278 28.31 37.48 -35.67
C PHE C 278 29.55 38.23 -35.22
N PRO C 279 30.20 37.83 -34.13
CA PRO C 279 31.37 38.56 -33.66
C PRO C 279 32.56 38.35 -34.56
N ILE C 280 33.57 39.19 -34.38
CA ILE C 280 34.83 39.07 -35.11
C ILE C 280 35.93 38.79 -34.10
N LEU C 281 36.93 38.02 -34.52
CA LEU C 281 38.02 37.61 -33.65
C LEU C 281 39.11 38.67 -33.70
N THR C 282 39.31 39.37 -32.60
CA THR C 282 40.39 40.32 -32.46
C THR C 282 41.39 39.78 -31.43
N GLU C 283 42.60 39.49 -31.89
CA GLU C 283 43.61 38.93 -31.00
C GLU C 283 43.98 39.94 -29.92
N ILE C 284 44.35 39.42 -28.75
CA ILE C 284 44.77 40.27 -27.66
C ILE C 284 46.25 40.61 -27.83
N GLN C 285 46.56 41.89 -27.89
CA GLN C 285 47.94 42.32 -28.08
C GLN C 285 48.80 41.88 -26.90
N GLN C 286 50.01 41.42 -27.21
CA GLN C 286 50.97 40.95 -26.20
C GLN C 286 50.38 39.85 -25.32
N ALA C 287 49.62 38.95 -25.93
CA ALA C 287 49.05 37.81 -25.23
C ALA C 287 49.18 36.56 -26.10
N TYR C 288 49.48 35.44 -25.46
CA TYR C 288 49.63 34.18 -26.15
C TYR C 288 49.36 33.04 -25.17
N ILE C 289 49.16 31.84 -25.73
CA ILE C 289 48.90 30.64 -24.95
C ILE C 289 50.08 29.69 -25.13
N GLN C 290 50.61 29.18 -24.02
CA GLN C 290 51.70 28.22 -24.04
C GLN C 290 51.20 26.88 -23.54
N GLU C 291 51.56 25.82 -24.25
CA GLU C 291 51.14 24.46 -23.90
C GLU C 291 52.33 23.68 -23.39
N LEU C 292 52.15 22.96 -22.28
CA LEU C 292 53.17 22.12 -21.70
C LEU C 292 52.81 20.65 -21.94
N LEU C 293 53.76 19.90 -22.50
CA LEU C 293 53.56 18.48 -22.76
C LEU C 293 54.14 17.68 -21.62
N PRO C 294 53.36 16.81 -20.97
CA PRO C 294 53.85 16.11 -19.78
C PRO C 294 54.60 14.84 -20.15
N VAL C 295 55.71 14.59 -19.45
CA VAL C 295 56.53 13.40 -19.65
C VAL C 295 56.85 12.80 -18.29
N SER C 296 56.59 11.51 -18.13
CA SER C 296 56.92 10.83 -16.88
C SER C 296 58.43 10.84 -16.66
N PHE C 297 58.83 11.12 -15.43
CA PHE C 297 60.25 11.26 -15.11
C PHE C 297 60.60 10.41 -13.90
N ASN C 298 61.89 10.05 -13.82
CA ASN C 298 62.41 9.22 -12.75
C ASN C 298 62.71 10.04 -11.51
N ASN C 299 62.42 9.46 -10.34
CA ASN C 299 62.97 9.94 -9.09
C ASN C 299 62.80 8.85 -8.03
N ASP C 300 63.88 8.55 -7.32
CA ASP C 300 63.87 7.58 -6.22
C ASP C 300 63.37 6.21 -6.69
N ASN C 301 63.95 5.74 -7.80
CA ASN C 301 63.66 4.42 -8.36
C ASN C 301 62.17 4.24 -8.65
N SER C 302 61.52 5.31 -9.10
CA SER C 302 60.09 5.27 -9.42
C SER C 302 59.78 6.39 -10.39
N GLU C 303 58.59 6.32 -10.96
CA GLU C 303 58.16 7.27 -11.99
C GLU C 303 57.15 8.25 -11.41
N TRP C 304 57.24 9.51 -11.85
CA TRP C 304 56.29 10.54 -11.44
C TRP C 304 55.86 11.33 -12.68
N ILE C 305 54.69 11.95 -12.56
CA ILE C 305 54.20 12.93 -13.52
C ILE C 305 53.87 14.20 -12.75
N SER C 306 54.28 15.35 -13.28
CA SER C 306 54.10 16.61 -12.58
C SER C 306 52.72 17.19 -12.85
N ILE C 307 52.15 17.81 -11.82
CA ILE C 307 50.76 18.27 -11.86
C ILE C 307 50.78 19.79 -12.01
N VAL C 308 50.69 20.24 -13.25
CA VAL C 308 50.57 21.66 -13.59
C VAL C 308 49.57 21.79 -14.72
N PRO C 309 49.03 23.00 -14.93
CA PRO C 309 48.11 23.19 -16.05
C PRO C 309 48.76 22.86 -17.38
N ASN C 310 48.01 22.18 -18.24
CA ASN C 310 48.50 21.86 -19.58
C ASN C 310 48.66 23.12 -20.42
N PHE C 311 47.90 24.17 -20.12
CA PHE C 311 47.91 25.40 -20.88
C PHE C 311 48.13 26.57 -19.93
N ILE C 312 48.89 27.56 -20.40
CA ILE C 312 49.26 28.73 -19.62
C ILE C 312 49.01 29.98 -20.46
N LEU C 313 48.36 30.97 -19.88
CA LEU C 313 48.05 32.21 -20.58
C LEU C 313 48.98 33.30 -20.08
N VAL C 314 49.81 33.82 -20.98
CA VAL C 314 50.72 34.93 -20.69
C VAL C 314 50.20 36.15 -21.42
N ARG C 315 49.78 37.17 -20.66
CA ARG C 315 49.18 38.37 -21.22
C ARG C 315 49.84 39.58 -20.56
N ASN C 316 50.50 40.41 -21.37
CA ASN C 316 51.18 41.61 -20.88
C ASN C 316 52.14 41.28 -19.75
N THR C 317 52.94 40.23 -19.95
CA THR C 317 53.88 39.72 -18.95
C THR C 317 53.19 39.36 -17.62
N LEU C 318 51.92 38.99 -17.69
CA LEU C 318 51.19 38.47 -16.54
C LEU C 318 50.72 37.06 -16.83
N ILE C 319 51.01 36.13 -15.92
CA ILE C 319 50.70 34.72 -16.13
C ILE C 319 49.40 34.39 -15.40
N SER C 320 48.42 33.88 -16.14
CA SER C 320 47.13 33.53 -15.58
C SER C 320 46.63 32.25 -16.23
N ASN C 321 45.77 31.52 -15.51
CA ASN C 321 45.16 30.30 -16.10
C ASN C 321 43.96 30.74 -16.95
N ILE C 322 43.54 29.89 -17.90
CA ILE C 322 42.38 30.22 -18.77
C ILE C 322 41.47 28.99 -18.90
N GLU C 323 40.17 29.20 -19.03
CA GLU C 323 39.23 28.06 -19.20
C GLU C 323 39.22 27.64 -20.68
N ILE C 324 40.31 27.00 -21.13
CA ILE C 324 40.41 26.58 -22.55
C ILE C 324 39.38 25.47 -22.82
N GLY C 325 38.78 24.93 -21.76
CA GLY C 325 37.76 23.87 -21.91
C GLY C 325 36.62 24.32 -22.80
N PHE C 326 36.15 25.56 -22.62
CA PHE C 326 35.08 26.11 -23.49
C PHE C 326 35.73 26.91 -24.63
N CYS C 327 36.98 26.56 -24.98
CA CYS C 327 37.71 27.30 -26.03
C CYS C 327 38.17 26.34 -27.13
N LEU C 328 38.19 26.80 -28.38
CA LEU C 328 38.64 25.96 -29.52
C LEU C 328 40.17 26.04 -29.64
N ILE C 329 40.88 25.01 -29.16
CA ILE C 329 42.34 25.00 -29.25
C ILE C 329 42.69 24.56 -30.67
N THR C 330 42.94 25.52 -31.55
CA THR C 330 43.35 25.22 -32.91
C THR C 330 44.87 25.04 -32.95
N LYS C 331 45.43 24.97 -34.16
CA LYS C 331 46.86 24.74 -34.30
C LYS C 331 47.67 26.00 -33.99
N ARG C 332 47.13 27.18 -34.28
CA ARG C 332 47.88 28.42 -34.14
C ARG C 332 47.27 29.43 -33.18
N SER C 333 46.03 29.23 -32.73
CA SER C 333 45.39 30.20 -31.85
C SER C 333 44.43 29.50 -30.91
N VAL C 334 44.15 30.17 -29.79
CA VAL C 334 43.15 29.73 -28.83
C VAL C 334 41.96 30.68 -28.95
N ILE C 335 40.80 30.12 -29.27
CA ILE C 335 39.60 30.90 -29.55
C ILE C 335 38.62 30.72 -28.40
N CYS C 336 38.21 31.83 -27.80
CA CYS C 336 37.26 31.83 -26.69
C CYS C 336 36.21 32.90 -26.91
N ASN C 337 34.95 32.55 -26.65
CA ASN C 337 33.86 33.52 -26.77
C ASN C 337 33.80 34.49 -25.60
N GLN C 338 34.47 34.19 -24.49
CA GLN C 338 34.54 35.06 -23.34
C GLN C 338 35.93 34.97 -22.76
N ASP C 339 36.33 35.99 -22.01
CA ASP C 339 37.64 36.00 -21.37
C ASP C 339 37.61 35.01 -20.22
N TYR C 340 38.07 33.79 -20.48
CA TYR C 340 38.02 32.72 -19.50
C TYR C 340 39.25 32.67 -18.60
N ALA C 341 39.97 33.77 -18.47
CA ALA C 341 41.14 33.79 -17.62
C ALA C 341 40.74 33.65 -16.16
N THR C 342 41.47 32.82 -15.43
CA THR C 342 41.24 32.55 -14.01
C THR C 342 42.51 32.81 -13.22
N PRO C 343 42.39 33.07 -11.93
CA PRO C 343 43.57 33.42 -11.13
C PRO C 343 44.57 32.26 -11.02
N MET C 344 45.81 32.64 -10.70
CA MET C 344 46.91 31.71 -10.54
C MET C 344 47.50 31.88 -9.15
N THR C 345 47.72 30.76 -8.47
CA THR C 345 48.39 30.82 -7.18
C THR C 345 49.79 31.38 -7.36
N ASN C 346 50.25 32.15 -6.38
CA ASN C 346 51.59 32.73 -6.46
C ASN C 346 52.65 31.63 -6.52
N ASN C 347 52.47 30.58 -5.72
CA ASN C 347 53.42 29.47 -5.72
C ASN C 347 53.54 28.82 -7.09
N MET C 348 52.43 28.67 -7.82
CA MET C 348 52.50 28.06 -9.13
C MET C 348 53.20 28.98 -10.12
N ARG C 349 53.04 30.29 -9.97
CA ARG C 349 53.82 31.22 -10.79
C ARG C 349 55.32 31.08 -10.50
N GLU C 350 55.68 30.96 -9.22
CA GLU C 350 57.10 30.73 -8.89
C GLU C 350 57.59 29.42 -9.50
N CYS C 351 56.74 28.39 -9.50
CA CYS C 351 57.08 27.14 -10.17
C CYS C 351 57.34 27.35 -11.65
N LEU C 352 56.45 28.07 -12.33
CA LEU C 352 56.59 28.22 -13.77
C LEU C 352 57.64 29.27 -14.16
N THR C 353 58.18 30.00 -13.18
CA THR C 353 59.23 30.98 -13.45
C THR C 353 60.61 30.52 -13.02
N GLY C 354 60.74 29.29 -12.52
CA GLY C 354 62.06 28.77 -12.19
C GLY C 354 62.17 27.97 -10.92
N SER C 355 61.33 28.26 -9.92
CA SER C 355 61.38 27.55 -8.65
C SER C 355 60.74 26.18 -8.84
N THR C 356 61.54 25.22 -9.31
CA THR C 356 61.02 23.92 -9.68
C THR C 356 60.54 23.12 -8.46
N GLU C 357 61.08 23.40 -7.29
CA GLU C 357 60.72 22.61 -6.11
C GLU C 357 59.29 22.87 -5.66
N LYS C 358 58.66 23.93 -6.15
CA LYS C 358 57.28 24.24 -5.80
C LYS C 358 56.26 23.53 -6.70
N CYS C 359 56.72 22.89 -7.77
CA CYS C 359 55.81 22.21 -8.68
C CYS C 359 55.43 20.84 -8.13
N PRO C 360 54.15 20.56 -7.95
CA PRO C 360 53.74 19.24 -7.46
C PRO C 360 53.92 18.15 -8.52
N ARG C 361 54.11 16.94 -8.03
CA ARG C 361 54.27 15.76 -8.87
C ARG C 361 53.39 14.64 -8.33
N GLU C 362 52.98 13.75 -9.22
CA GLU C 362 52.06 12.67 -8.86
C GLU C 362 52.69 11.33 -9.19
N LEU C 363 52.58 10.38 -8.25
CA LEU C 363 53.01 9.02 -8.51
C LEU C 363 52.15 8.40 -9.61
N VAL C 364 52.80 7.77 -10.57
CA VAL C 364 52.12 7.12 -11.68
C VAL C 364 52.06 5.62 -11.40
N VAL C 365 50.88 5.04 -11.59
CA VAL C 365 50.71 3.60 -11.51
C VAL C 365 50.16 3.02 -12.80
N SER C 366 49.64 3.85 -13.70
CA SER C 366 49.21 3.38 -15.00
C SER C 366 50.43 3.07 -15.87
N SER C 367 50.25 2.16 -16.81
CA SER C 367 51.28 1.81 -17.77
C SER C 367 51.09 2.50 -19.11
N HIS C 368 50.15 3.43 -19.21
CA HIS C 368 49.82 4.09 -20.47
C HIS C 368 49.87 5.60 -20.33
N VAL C 369 50.94 6.11 -19.74
CA VAL C 369 51.20 7.55 -19.70
C VAL C 369 52.36 7.81 -20.67
N PRO C 370 52.37 8.93 -21.40
CA PRO C 370 53.47 9.17 -22.33
C PRO C 370 54.81 9.25 -21.61
N ARG C 371 55.85 8.74 -22.27
CA ARG C 371 57.17 8.66 -21.69
C ARG C 371 58.23 9.42 -22.48
N PHE C 372 57.88 10.05 -23.60
CA PHE C 372 58.83 10.87 -24.33
C PHE C 372 58.06 11.90 -25.15
N ALA C 373 58.78 12.95 -25.56
CA ALA C 373 58.19 13.99 -26.38
C ALA C 373 59.30 14.72 -27.12
N LEU C 374 58.93 15.34 -28.23
CA LEU C 374 59.88 16.02 -29.10
C LEU C 374 59.57 17.51 -29.11
N SER C 375 60.58 18.32 -28.80
CA SER C 375 60.46 19.77 -28.82
C SER C 375 61.61 20.35 -29.62
N ASN C 376 61.29 21.27 -30.55
CA ASN C 376 62.29 21.96 -31.35
C ASN C 376 63.10 20.97 -32.20
N GLY C 377 62.63 19.74 -32.30
CA GLY C 377 63.38 18.68 -32.94
C GLY C 377 64.31 17.94 -32.01
N VAL C 378 64.25 18.28 -30.73
CA VAL C 378 65.11 17.62 -29.70
C VAL C 378 64.21 16.63 -28.94
N LEU C 379 64.79 15.54 -28.43
CA LEU C 379 64.01 14.50 -27.76
C LEU C 379 64.25 14.51 -26.26
N PHE C 380 63.16 14.55 -25.49
CA PHE C 380 63.18 14.30 -24.05
C PHE C 380 62.50 12.97 -23.79
N ALA C 381 63.15 12.11 -23.02
CA ALA C 381 62.61 10.78 -22.78
C ALA C 381 63.08 10.27 -21.42
N ASN C 382 62.37 9.26 -20.92
CA ASN C 382 62.72 8.55 -19.68
C ASN C 382 63.27 7.20 -20.10
N CYS C 383 64.59 7.07 -20.10
CA CYS C 383 65.23 5.91 -20.71
C CYS C 383 65.26 4.69 -19.81
N ILE C 384 64.88 4.80 -18.54
CA ILE C 384 64.79 3.58 -17.72
C ILE C 384 63.46 2.87 -17.98
N SER C 385 62.41 3.63 -18.28
CA SER C 385 61.09 3.03 -18.45
C SER C 385 60.86 2.58 -19.88
N VAL C 386 61.59 3.16 -20.83
CA VAL C 386 61.58 2.70 -22.21
C VAL C 386 63.03 2.57 -22.67
N THR C 387 63.33 1.47 -23.35
CA THR C 387 64.71 1.19 -23.73
C THR C 387 65.16 2.15 -24.83
N CYS C 388 66.34 2.73 -24.65
CA CYS C 388 66.92 3.66 -25.62
C CYS C 388 68.24 3.12 -26.12
N GLN C 389 68.43 3.12 -27.44
CA GLN C 389 69.71 2.82 -28.07
C GLN C 389 69.83 3.64 -29.33
N CYS C 390 71.07 3.83 -29.78
CA CYS C 390 71.36 4.71 -30.91
C CYS C 390 71.72 3.88 -32.13
N GLN C 391 71.19 4.29 -33.29
CA GLN C 391 71.43 3.56 -34.52
C GLN C 391 72.81 3.81 -35.11
N THR C 392 73.30 5.06 -35.04
CA THR C 392 74.58 5.39 -35.68
C THR C 392 75.76 4.71 -35.00
N THR C 393 75.58 4.22 -33.78
CA THR C 393 76.62 3.48 -33.07
C THR C 393 76.22 2.06 -32.71
N GLY C 394 74.92 1.73 -32.78
CA GLY C 394 74.48 0.38 -32.45
C GLY C 394 74.71 -0.02 -31.02
N ARG C 395 74.52 0.91 -30.08
CA ARG C 395 74.71 0.62 -28.67
C ARG C 395 73.63 1.32 -27.86
N ALA C 396 73.42 0.81 -26.65
CA ALA C 396 72.34 1.30 -25.80
C ALA C 396 72.62 2.71 -25.31
N ILE C 397 71.55 3.46 -25.08
CA ILE C 397 71.61 4.79 -24.49
C ILE C 397 71.19 4.66 -23.03
N SER C 398 72.08 5.04 -22.12
CA SER C 398 71.92 4.75 -20.70
C SER C 398 71.58 6.00 -19.92
N GLN C 399 70.58 5.90 -19.05
CA GLN C 399 70.16 6.98 -18.17
C GLN C 399 70.50 6.58 -16.75
N SER C 400 71.20 7.46 -16.03
CA SER C 400 71.67 7.12 -14.71
C SER C 400 70.54 7.24 -13.69
N GLY C 401 70.86 6.87 -12.45
CA GLY C 401 69.86 6.77 -11.40
C GLY C 401 69.45 8.09 -10.76
N GLU C 402 70.30 9.12 -10.83
CA GLU C 402 70.00 10.40 -10.20
C GLU C 402 69.55 11.46 -11.20
N GLN C 403 69.33 11.08 -12.46
CA GLN C 403 68.95 12.03 -13.49
C GLN C 403 67.55 11.70 -13.99
N THR C 404 66.70 12.73 -14.10
CA THR C 404 65.29 12.51 -14.37
C THR C 404 65.05 12.14 -15.82
N LEU C 405 65.36 13.04 -16.75
CA LEU C 405 65.16 12.81 -18.17
C LEU C 405 66.49 12.82 -18.88
N LEU C 406 66.58 12.05 -19.96
CA LEU C 406 67.76 11.98 -20.80
C LEU C 406 67.53 12.87 -22.02
N MET C 407 68.42 13.84 -22.19
CA MET C 407 68.32 14.79 -23.29
C MET C 407 69.16 14.27 -24.44
N ILE C 408 68.51 13.97 -25.57
CA ILE C 408 69.18 13.42 -26.74
C ILE C 408 69.12 14.47 -27.84
N ASP C 409 70.23 14.65 -28.55
CA ASP C 409 70.29 15.55 -29.70
C ASP C 409 71.33 15.01 -30.66
N ASN C 410 71.68 15.80 -31.68
CA ASN C 410 72.62 15.33 -32.69
C ASN C 410 74.05 15.25 -32.15
N THR C 411 74.39 16.09 -31.18
CA THR C 411 75.71 15.97 -30.55
C THR C 411 75.83 14.66 -29.78
N THR C 412 74.76 14.25 -29.10
CA THR C 412 74.75 12.92 -28.47
C THR C 412 74.90 11.84 -29.53
N CYS C 413 73.92 11.73 -30.43
CA CYS C 413 74.03 10.96 -31.65
C CYS C 413 72.87 11.33 -32.58
N PRO C 414 73.13 11.47 -33.88
CA PRO C 414 72.12 12.08 -34.76
C PRO C 414 70.82 11.31 -34.89
N THR C 415 70.82 10.01 -34.64
CA THR C 415 69.61 9.20 -34.87
C THR C 415 69.49 8.19 -33.75
N ALA C 416 68.42 8.29 -32.97
CA ALA C 416 68.12 7.35 -31.90
C ALA C 416 66.83 6.60 -32.20
N VAL C 417 66.66 5.47 -31.53
CA VAL C 417 65.47 4.65 -31.69
C VAL C 417 64.81 4.49 -30.32
N LEU C 418 63.49 4.34 -30.34
CA LEU C 418 62.68 4.14 -29.13
C LEU C 418 61.62 3.10 -29.49
N GLY C 419 61.88 1.86 -29.14
CA GLY C 419 60.94 0.81 -29.49
C GLY C 419 60.96 0.52 -30.99
N ASN C 420 59.90 0.94 -31.69
CA ASN C 420 59.75 0.63 -33.10
C ASN C 420 59.82 1.85 -34.01
N VAL C 421 60.25 3.01 -33.49
CA VAL C 421 60.34 4.23 -34.28
C VAL C 421 61.80 4.67 -34.35
N ILE C 422 62.32 4.77 -35.56
CA ILE C 422 63.64 5.32 -35.81
C ILE C 422 63.47 6.81 -36.07
N ILE C 423 64.16 7.65 -35.30
CA ILE C 423 63.96 9.09 -35.36
C ILE C 423 65.31 9.79 -35.46
N SER C 424 65.35 10.84 -36.28
CA SER C 424 66.51 11.69 -36.43
C SER C 424 66.30 12.98 -35.66
N LEU C 425 67.39 13.56 -35.16
CA LEU C 425 67.30 14.62 -34.17
C LEU C 425 68.07 15.86 -34.62
N GLY C 426 67.62 17.01 -34.15
CA GLY C 426 68.29 18.27 -34.37
C GLY C 426 69.24 18.61 -33.23
N LYS C 427 69.56 19.89 -33.13
CA LYS C 427 70.51 20.38 -32.13
C LYS C 427 69.78 21.18 -31.06
N TYR C 428 70.33 21.16 -29.85
CA TYR C 428 69.76 21.91 -28.74
C TYR C 428 70.29 23.34 -28.72
N LEU C 429 69.42 24.27 -28.32
CA LEU C 429 69.79 25.67 -28.23
C LEU C 429 70.03 26.13 -26.80
N GLY C 430 69.69 25.32 -25.80
CA GLY C 430 69.93 25.68 -24.43
C GLY C 430 71.32 25.35 -23.96
N SER C 431 71.44 24.82 -22.75
CA SER C 431 72.74 24.49 -22.19
C SER C 431 73.35 23.30 -22.90
N VAL C 432 74.64 23.40 -23.22
CA VAL C 432 75.34 22.27 -23.82
C VAL C 432 75.51 21.14 -22.81
N ASN C 433 75.63 21.47 -21.53
CA ASN C 433 75.83 20.50 -20.46
C ASN C 433 74.52 20.14 -19.78
N TYR C 434 73.45 20.06 -20.56
CA TYR C 434 72.11 19.82 -20.02
C TYR C 434 72.08 18.55 -19.15
N ASN C 435 72.55 17.43 -19.70
CA ASN C 435 72.39 16.14 -19.03
C ASN C 435 73.26 16.01 -17.79
N SER C 436 74.25 16.88 -17.62
CA SER C 436 75.19 16.75 -16.51
C SER C 436 74.78 17.56 -15.28
N GLU C 437 73.67 18.29 -15.35
CA GLU C 437 73.23 19.15 -14.25
C GLU C 437 71.90 18.66 -13.70
N GLY C 438 71.82 18.53 -12.38
CA GLY C 438 70.60 18.16 -11.71
C GLY C 438 69.85 19.36 -11.15
N ILE C 439 68.63 19.10 -10.70
CA ILE C 439 67.74 20.11 -10.15
C ILE C 439 67.11 19.57 -8.87
N ALA C 440 66.32 20.41 -8.21
CA ALA C 440 65.52 20.00 -7.07
C ALA C 440 64.12 19.60 -7.54
N ILE C 441 63.51 18.68 -6.80
CA ILE C 441 62.22 18.11 -7.16
C ILE C 441 61.21 18.38 -6.06
N GLY C 442 59.95 18.57 -6.46
CA GLY C 442 58.91 18.95 -5.54
C GLY C 442 58.31 17.77 -4.81
N PRO C 443 57.34 18.06 -3.95
CA PRO C 443 56.73 17.02 -3.13
C PRO C 443 55.65 16.27 -3.90
N PRO C 444 55.42 15.01 -3.57
CA PRO C 444 54.35 14.24 -4.23
C PRO C 444 52.97 14.74 -3.82
N VAL C 445 52.01 14.54 -4.71
CA VAL C 445 50.60 14.84 -4.46
C VAL C 445 49.73 13.71 -4.99
N PHE C 446 48.50 13.67 -4.48
CA PHE C 446 47.46 12.77 -4.98
C PHE C 446 46.25 13.61 -5.34
N THR C 447 45.72 13.40 -6.56
CA THR C 447 44.74 14.30 -7.14
C THR C 447 43.36 13.68 -7.30
N ASP C 448 43.08 12.59 -6.59
CA ASP C 448 41.74 12.03 -6.63
C ASP C 448 40.77 12.89 -5.83
N LYS C 449 39.49 12.81 -6.18
CA LYS C 449 38.48 13.63 -5.52
C LYS C 449 38.40 13.32 -4.02
N VAL C 450 38.42 12.03 -3.67
CA VAL C 450 38.41 11.66 -2.26
C VAL C 450 39.78 11.86 -1.62
N ASP C 451 40.85 11.92 -2.42
CA ASP C 451 42.18 12.17 -1.85
C ASP C 451 42.26 13.57 -1.26
N ILE C 452 41.57 14.54 -1.87
CA ILE C 452 41.55 15.90 -1.34
C ILE C 452 40.92 15.92 0.04
N SER C 453 39.79 15.21 0.19
CA SER C 453 39.15 15.13 1.50
C SER C 453 40.04 14.42 2.51
N SER C 454 40.70 13.34 2.10
CA SER C 454 41.58 12.62 3.01
C SER C 454 42.76 13.47 3.42
N GLN C 455 43.36 14.20 2.48
CA GLN C 455 44.50 15.05 2.81
C GLN C 455 44.10 16.20 3.72
N ILE C 456 42.90 16.76 3.50
CA ILE C 456 42.41 17.82 4.37
C ILE C 456 42.23 17.31 5.79
N SER C 457 41.66 16.10 5.93
CA SER C 457 41.42 15.54 7.26
C SER C 457 42.72 15.28 8.00
N SER C 458 43.71 14.68 7.30
CA SER C 458 44.97 14.35 7.96
C SER C 458 45.71 15.61 8.39
N MET C 459 45.71 16.64 7.54
CA MET C 459 46.39 17.88 7.89
C MET C 459 45.66 18.60 9.02
N ASN C 460 44.33 18.53 9.05
CA ASN C 460 43.57 19.10 10.16
C ASN C 460 43.90 18.40 11.46
N GLN C 461 43.98 17.05 11.42
CA GLN C 461 44.34 16.30 12.62
C GLN C 461 45.76 16.61 13.06
N SER C 462 46.68 16.79 12.11
CA SER C 462 48.06 17.13 12.45
C SER C 462 48.13 18.48 13.15
N LEU C 463 47.34 19.45 12.69
CA LEU C 463 47.34 20.77 13.32
C LEU C 463 46.83 20.70 14.75
N GLN C 464 45.79 19.90 14.98
CA GLN C 464 45.24 19.74 16.33
C GLN C 464 46.21 19.02 17.24
N ILE D 23 2.18 -34.86 18.10
CA ILE D 23 2.48 -34.41 19.44
C ILE D 23 1.38 -34.88 20.40
N LEU D 24 0.17 -35.03 19.87
CA LEU D 24 -0.92 -35.65 20.61
C LEU D 24 -0.74 -37.15 20.61
N HIS D 25 -0.78 -37.76 21.79
CA HIS D 25 -0.62 -39.21 21.90
C HIS D 25 -2.01 -39.81 21.96
N TYR D 26 -2.41 -40.45 20.87
CA TYR D 26 -3.81 -40.81 20.68
C TYR D 26 -4.21 -42.03 21.49
N GLU D 27 -3.26 -42.85 21.90
CA GLU D 27 -3.60 -44.13 22.54
C GLU D 27 -4.13 -43.91 23.96
N LYS D 28 -3.40 -43.15 24.78
CA LYS D 28 -3.89 -42.84 26.11
C LYS D 28 -5.15 -41.96 26.07
N LEU D 29 -5.23 -41.06 25.10
CA LEU D 29 -6.46 -40.29 24.93
C LEU D 29 -7.64 -41.19 24.65
N SER D 30 -7.45 -42.19 23.78
CA SER D 30 -8.53 -43.12 23.46
C SER D 30 -8.90 -43.95 24.68
N LYS D 31 -7.90 -44.39 25.44
CA LYS D 31 -8.19 -45.20 26.63
C LYS D 31 -8.94 -44.40 27.68
N ILE D 32 -8.66 -43.09 27.80
CA ILE D 32 -9.50 -42.26 28.66
C ILE D 32 -10.89 -42.07 28.06
N GLY D 33 -10.99 -42.00 26.75
CA GLY D 33 -12.26 -41.79 26.09
C GLY D 33 -12.27 -40.67 25.08
N LEU D 34 -11.11 -40.25 24.59
CA LEU D 34 -11.01 -39.18 23.61
C LEU D 34 -10.51 -39.80 22.31
N VAL D 35 -11.44 -40.36 21.53
CA VAL D 35 -11.10 -41.08 20.32
C VAL D 35 -10.72 -40.08 19.24
N LYS D 36 -9.93 -40.52 18.27
CA LYS D 36 -9.46 -39.66 17.20
C LYS D 36 -10.63 -39.13 16.38
N GLY D 37 -10.53 -37.87 15.99
CA GLY D 37 -11.49 -37.28 15.08
C GLY D 37 -10.83 -36.78 13.82
N VAL D 38 -11.57 -36.00 13.02
CA VAL D 38 -11.03 -35.48 11.78
C VAL D 38 -9.94 -34.44 12.08
N THR D 39 -8.98 -34.33 11.18
CA THR D 39 -7.94 -33.30 11.25
C THR D 39 -8.17 -32.29 10.14
N ARG D 40 -8.29 -31.03 10.51
CA ARG D 40 -8.61 -29.96 9.56
C ARG D 40 -7.53 -28.89 9.60
N LYS D 41 -7.29 -28.28 8.44
CA LYS D 41 -6.33 -27.20 8.34
C LYS D 41 -6.90 -25.91 8.93
N TYR D 42 -6.01 -24.97 9.22
CA TYR D 42 -6.37 -23.70 9.83
C TYR D 42 -6.14 -22.59 8.81
N LYS D 43 -7.19 -21.86 8.45
CA LYS D 43 -7.06 -20.72 7.54
C LYS D 43 -7.62 -19.48 8.18
N ILE D 44 -7.14 -18.32 7.78
CA ILE D 44 -7.55 -17.03 8.32
C ILE D 44 -7.83 -16.07 7.15
N LYS D 45 -8.72 -15.09 7.31
CA LYS D 45 -8.89 -14.04 6.28
C LYS D 45 -7.61 -13.23 6.12
N SER D 46 -7.29 -12.82 4.90
CA SER D 46 -6.04 -12.14 4.58
C SER D 46 -6.16 -11.26 3.34
N ASN D 47 -5.24 -10.31 3.15
CA ASN D 47 -5.04 -9.52 1.91
C ASN D 47 -6.34 -9.07 1.21
N PRO D 48 -7.16 -8.22 1.86
CA PRO D 48 -8.53 -7.91 1.43
C PRO D 48 -8.55 -6.94 0.26
N LEU D 49 -9.15 -7.35 -0.84
CA LEU D 49 -9.47 -6.43 -1.91
C LEU D 49 -10.66 -5.56 -1.52
N THR D 50 -10.82 -4.40 -2.14
CA THR D 50 -11.94 -3.50 -1.84
C THR D 50 -12.81 -3.23 -3.05
N LYS D 51 -14.12 -3.15 -2.85
CA LYS D 51 -15.10 -2.65 -3.83
C LYS D 51 -16.04 -1.67 -3.17
N ASP D 52 -16.33 -0.56 -3.83
CA ASP D 52 -17.19 0.48 -3.27
C ASP D 52 -18.58 0.44 -3.89
N ILE D 53 -19.58 0.59 -3.04
CA ILE D 53 -21.01 0.58 -3.38
C ILE D 53 -21.70 1.64 -2.56
N VAL D 54 -22.92 2.03 -2.96
CA VAL D 54 -23.74 2.90 -2.14
C VAL D 54 -25.08 2.24 -1.89
N ILE D 55 -25.62 2.41 -0.69
CA ILE D 55 -26.97 1.96 -0.34
C ILE D 55 -27.80 3.19 -0.08
N LYS D 56 -28.85 3.40 -0.87
CA LYS D 56 -29.82 4.45 -0.64
C LYS D 56 -30.89 3.88 0.30
N MET D 57 -30.84 4.31 1.56
CA MET D 57 -31.74 3.86 2.60
C MET D 57 -33.14 4.46 2.46
N ILE D 58 -33.37 5.27 1.43
CA ILE D 58 -34.66 5.86 1.16
C ILE D 58 -35.07 5.43 -0.25
N PRO D 59 -36.30 5.02 -0.48
CA PRO D 59 -36.71 4.63 -1.84
C PRO D 59 -37.24 5.80 -2.63
N ASN D 60 -37.15 5.67 -3.95
CA ASN D 60 -37.71 6.65 -4.87
C ASN D 60 -39.18 6.35 -5.07
N VAL D 61 -40.04 7.28 -4.67
CA VAL D 61 -41.48 7.08 -4.74
C VAL D 61 -42.08 7.95 -5.83
N SER D 62 -41.26 8.30 -6.83
CA SER D 62 -41.67 9.29 -7.82
C SER D 62 -42.89 8.83 -8.62
N ASN D 63 -42.90 7.57 -9.05
CA ASN D 63 -44.02 7.08 -9.85
C ASN D 63 -45.31 6.95 -9.05
N MET D 64 -45.22 6.90 -7.73
CA MET D 64 -46.38 6.75 -6.86
C MET D 64 -46.52 7.91 -5.88
N SER D 65 -45.97 9.08 -6.23
CA SER D 65 -45.97 10.21 -5.30
C SER D 65 -47.25 11.02 -5.37
N GLN D 66 -48.21 10.63 -6.21
CA GLN D 66 -49.42 11.40 -6.42
C GLN D 66 -50.19 11.62 -5.13
N CYS D 67 -50.36 10.56 -4.32
CA CYS D 67 -51.02 10.68 -3.04
C CYS D 67 -50.31 9.86 -1.97
N THR D 68 -48.99 9.95 -1.91
CA THR D 68 -48.23 9.30 -0.85
C THR D 68 -48.55 9.87 0.52
N GLY D 69 -49.05 11.10 0.59
CA GLY D 69 -49.35 11.68 1.87
C GLY D 69 -48.12 12.27 2.53
N SER D 70 -48.20 12.43 3.85
CA SER D 70 -47.13 13.02 4.63
C SER D 70 -46.19 11.99 5.25
N VAL D 71 -46.38 10.70 4.95
CA VAL D 71 -45.53 9.68 5.53
C VAL D 71 -44.09 9.84 5.05
N MET D 72 -43.91 10.37 3.84
CA MET D 72 -42.56 10.57 3.31
C MET D 72 -41.77 11.51 4.19
N GLU D 73 -42.38 12.64 4.61
CA GLU D 73 -41.68 13.60 5.46
C GLU D 73 -41.36 13.00 6.82
N ASN D 74 -42.32 12.29 7.43
CA ASN D 74 -42.08 11.71 8.75
C ASN D 74 -40.98 10.66 8.70
N TYR D 75 -40.99 9.82 7.66
CA TYR D 75 -39.91 8.87 7.47
C TYR D 75 -38.59 9.61 7.25
N LYS D 76 -38.65 10.75 6.56
CA LYS D 76 -37.44 11.55 6.37
C LYS D 76 -36.86 11.98 7.70
N THR D 77 -37.71 12.50 8.59
CA THR D 77 -37.22 12.95 9.89
C THR D 77 -36.70 11.78 10.73
N ARG D 78 -37.40 10.64 10.72
CA ARG D 78 -36.93 9.49 11.50
C ARG D 78 -35.59 9.00 10.98
N LEU D 79 -35.44 8.89 9.66
CA LEU D 79 -34.17 8.46 9.08
C LEU D 79 -33.06 9.46 9.35
N ASN D 80 -33.38 10.76 9.33
CA ASN D 80 -32.40 11.76 9.73
C ASN D 80 -31.97 11.57 11.17
N GLY D 81 -32.92 11.31 12.06
CA GLY D 81 -32.59 11.10 13.45
C GLY D 81 -31.68 9.90 13.66
N ILE D 82 -31.92 8.82 12.90
CA ILE D 82 -31.08 7.65 13.04
C ILE D 82 -29.70 7.87 12.41
N LEU D 83 -29.65 8.49 11.22
CA LEU D 83 -28.40 8.64 10.50
C LEU D 83 -27.53 9.78 11.01
N THR D 84 -28.08 10.70 11.78
CA THR D 84 -27.27 11.81 12.28
C THR D 84 -26.13 11.36 13.20
N PRO D 85 -26.33 10.49 14.19
CA PRO D 85 -25.17 10.06 15.00
C PRO D 85 -24.08 9.37 14.20
N ILE D 86 -24.44 8.66 13.13
CA ILE D 86 -23.42 7.98 12.32
C ILE D 86 -22.51 9.00 11.67
N LYS D 87 -23.09 10.03 11.03
CA LYS D 87 -22.28 11.08 10.43
C LYS D 87 -21.54 11.89 11.50
N GLY D 88 -22.14 12.05 12.68
CA GLY D 88 -21.45 12.75 13.75
C GLY D 88 -20.19 12.02 14.20
N ALA D 89 -20.27 10.70 14.31
CA ALA D 89 -19.09 9.90 14.67
C ALA D 89 -18.09 9.89 13.53
N LEU D 90 -18.56 9.86 12.28
CA LEU D 90 -17.64 9.88 11.15
C LEU D 90 -16.89 11.20 11.05
N GLU D 91 -17.56 12.32 11.37
CA GLU D 91 -16.92 13.62 11.26
C GLU D 91 -15.78 13.79 12.24
N ILE D 92 -15.78 13.03 13.33
CA ILE D 92 -14.67 13.10 14.28
C ILE D 92 -13.37 12.73 13.58
N TYR D 93 -13.46 11.80 12.64
CA TYR D 93 -12.25 11.41 11.85
C TYR D 93 -12.14 12.30 10.62
N LYS D 94 -13.27 12.61 9.98
CA LYS D 94 -13.22 13.42 8.76
C LYS D 94 -12.54 14.76 9.00
N ASN D 95 -12.89 15.45 10.08
CA ASN D 95 -12.31 16.76 10.41
C ASN D 95 -10.84 16.64 10.79
N ASN D 96 -10.43 15.48 11.29
CA ASN D 96 -9.13 15.26 11.88
C ASN D 96 -8.20 14.41 11.00
N THR D 97 -8.59 14.21 9.74
CA THR D 97 -7.76 13.41 8.80
C THR D 97 -7.22 14.32 7.70
N HIS D 98 -5.91 14.25 7.42
CA HIS D 98 -5.29 15.15 6.43
C HIS D 98 -4.05 14.48 5.83
N ASP D 99 -3.61 14.92 4.65
CA ASP D 99 -2.45 14.27 3.99
C ASP D 99 -1.15 14.95 4.44
N CYS D 100 -0.29 14.22 5.17
CA CYS D 100 0.99 14.78 5.61
C CYS D 100 1.84 15.17 4.39
N VAL D 101 2.66 16.22 4.49
CA VAL D 101 3.32 16.84 3.32
C VAL D 101 4.81 16.51 3.22
N GLY D 102 5.26 16.10 2.02
CA GLY D 102 6.68 15.91 1.68
C GLY D 102 7.13 14.45 1.58
N ASP D 103 8.16 14.20 0.76
CA ASP D 103 8.65 12.86 0.41
C ASP D 103 9.45 12.16 1.54
N VAL D 104 9.55 12.83 2.69
CA VAL D 104 10.29 12.24 3.86
C VAL D 104 9.60 10.95 4.30
N ARG D 105 8.33 11.04 4.69
CA ARG D 105 7.58 9.84 5.17
C ARG D 105 6.81 9.23 4.01
N LEU D 106 6.14 8.09 4.24
CA LEU D 106 5.32 7.43 3.19
C LEU D 106 4.34 8.45 2.60
N ALA D 107 4.26 9.64 3.19
CA ALA D 107 3.40 10.71 2.67
C ALA D 107 1.89 10.34 2.64
N GLY D 108 1.41 9.76 3.74
CA GLY D 108 0.00 9.30 3.78
C GLY D 108 -0.94 10.27 4.47
N VAL D 109 -1.52 9.87 5.60
CA VAL D 109 -2.53 10.73 6.29
C VAL D 109 -2.03 11.14 7.68
N CYS D 110 -2.24 12.40 8.06
CA CYS D 110 -1.88 12.85 9.43
C CYS D 110 -3.12 12.79 10.32
N MET D 111 -2.95 12.56 11.62
CA MET D 111 -4.13 12.40 12.52
C MET D 111 -4.13 13.48 13.60
N ALA D 112 -5.13 14.36 13.60
CA ALA D 112 -5.25 15.35 14.70
C ALA D 112 -5.59 14.56 15.96
N GLY D 113 -4.61 13.84 16.52
CA GLY D 113 -4.89 12.96 17.66
C GLY D 113 -5.50 13.66 18.86
N VAL D 114 -5.06 14.88 19.19
CA VAL D 114 -5.62 15.65 20.31
C VAL D 114 -7.09 16.02 20.09
N ALA D 115 -7.52 16.17 18.83
CA ALA D 115 -8.90 16.44 18.47
C ALA D 115 -9.76 15.16 18.39
N ILE D 116 -9.14 13.98 18.20
CA ILE D 116 -9.80 12.68 18.29
C ILE D 116 -10.04 12.27 19.74
N GLY D 117 -9.07 12.47 20.64
CA GLY D 117 -9.22 12.17 22.06
C GLY D 117 -9.08 10.68 22.37
N ILE D 118 -10.14 9.87 22.17
CA ILE D 118 -10.22 8.48 22.59
C ILE D 118 -10.32 7.63 21.33
N ALA D 119 -9.39 6.69 21.16
CA ALA D 119 -9.38 5.82 20.00
C ALA D 119 -8.57 4.58 20.31
N THR D 120 -8.96 3.47 19.68
CA THR D 120 -8.25 2.20 19.77
C THR D 120 -7.39 2.00 18.52
N ALA D 121 -6.61 0.92 18.53
CA ALA D 121 -5.83 0.57 17.35
C ALA D 121 -6.73 0.25 16.17
N ALA D 122 -7.76 -0.56 16.40
CA ALA D 122 -8.67 -0.93 15.32
C ALA D 122 -9.43 0.30 14.82
N GLN D 123 -9.83 1.18 15.73
CA GLN D 123 -10.56 2.37 15.33
C GLN D 123 -9.69 3.28 14.47
N ILE D 124 -8.44 3.50 14.87
CA ILE D 124 -7.51 4.32 14.11
C ILE D 124 -7.25 3.68 12.74
N THR D 125 -6.98 2.37 12.74
CA THR D 125 -6.77 1.64 11.46
C THR D 125 -7.96 1.91 10.53
N ALA D 126 -9.18 1.73 11.04
CA ALA D 126 -10.38 2.01 10.23
C ALA D 126 -10.36 3.46 9.76
N GLY D 127 -9.97 4.38 10.66
CA GLY D 127 -9.86 5.80 10.28
C GLY D 127 -8.95 5.98 9.08
N VAL D 128 -7.79 5.31 9.08
CA VAL D 128 -6.86 5.40 7.94
C VAL D 128 -7.53 4.86 6.69
N ALA D 129 -8.17 3.68 6.76
CA ALA D 129 -8.90 3.12 5.63
C ALA D 129 -10.05 4.02 5.17
N LEU D 130 -10.70 4.74 6.09
CA LEU D 130 -11.71 5.74 5.80
C LEU D 130 -11.13 6.88 4.96
N TYR D 131 -9.99 7.44 5.38
CA TYR D 131 -9.34 8.50 4.57
C TYR D 131 -8.96 7.93 3.21
N GLU D 132 -8.23 6.81 3.19
CA GLU D 132 -7.88 6.16 1.93
C GLU D 132 -9.11 6.12 1.01
N ALA D 133 -10.24 5.67 1.52
CA ALA D 133 -11.42 5.53 0.70
C ALA D 133 -12.04 6.86 0.34
N MET D 134 -11.72 7.93 1.09
CA MET D 134 -12.22 9.26 0.75
C MET D 134 -11.81 9.67 -0.67
N LYS D 135 -10.61 9.27 -1.09
CA LYS D 135 -10.10 9.62 -2.41
C LYS D 135 -11.04 9.16 -3.52
N ASN D 136 -11.73 8.04 -3.31
CA ASN D 136 -12.77 7.53 -4.20
C ASN D 136 -14.17 8.02 -3.83
N ALA D 137 -14.42 8.27 -2.55
CA ALA D 137 -15.74 8.71 -2.07
C ALA D 137 -16.06 10.10 -2.58
N ASP D 138 -15.06 10.95 -2.74
CA ASP D 138 -15.29 12.28 -3.32
C ASP D 138 -15.81 12.16 -4.75
N ASN D 139 -15.20 11.28 -5.53
CA ASN D 139 -15.62 11.01 -6.89
C ASN D 139 -17.04 10.43 -6.91
N ILE D 140 -17.35 9.43 -6.06
CA ILE D 140 -18.71 8.90 -6.00
C ILE D 140 -19.70 9.99 -5.56
N ASN D 141 -19.37 10.86 -4.62
CA ASN D 141 -20.24 11.96 -4.22
C ASN D 141 -20.44 12.96 -5.35
N LYS D 142 -19.55 13.04 -6.35
CA LYS D 142 -19.85 13.85 -7.55
C LYS D 142 -21.13 13.36 -8.23
N LEU D 143 -21.40 12.05 -8.15
CA LEU D 143 -22.58 11.40 -8.69
C LEU D 143 -23.84 11.61 -7.83
N LYS D 144 -23.93 12.62 -6.96
CA LYS D 144 -25.06 12.70 -6.03
C LYS D 144 -26.39 12.73 -6.76
N SER D 145 -26.48 13.52 -7.84
CA SER D 145 -27.73 13.62 -8.59
C SER D 145 -28.09 12.28 -9.21
N SER D 146 -27.12 11.52 -9.73
CA SER D 146 -27.37 10.19 -10.32
C SER D 146 -27.86 9.21 -9.24
N ILE D 147 -27.21 9.22 -8.07
CA ILE D 147 -27.60 8.39 -6.91
C ILE D 147 -29.02 8.72 -6.48
N GLU D 148 -29.41 9.99 -6.45
CA GLU D 148 -30.80 10.34 -6.14
C GLU D 148 -31.75 9.77 -7.19
N SER D 149 -31.34 9.81 -8.46
CA SER D 149 -32.22 9.43 -9.55
C SER D 149 -32.49 7.93 -9.64
N THR D 150 -31.73 7.11 -8.91
CA THR D 150 -31.91 5.65 -8.96
C THR D 150 -33.31 5.25 -8.52
N ASN D 151 -33.96 4.40 -9.31
CA ASN D 151 -35.30 3.90 -9.00
C ASN D 151 -35.38 2.39 -9.23
N GLU D 152 -34.27 1.66 -9.15
CA GLU D 152 -34.28 0.19 -9.18
C GLU D 152 -33.49 -0.37 -8.01
N ALA D 153 -33.88 -1.54 -7.52
CA ALA D 153 -33.29 -2.11 -6.31
C ALA D 153 -31.79 -2.35 -6.45
N VAL D 154 -31.31 -2.65 -7.66
CA VAL D 154 -29.90 -2.67 -8.03
C VAL D 154 -29.70 -1.81 -9.27
N VAL D 155 -28.70 -0.94 -9.27
CA VAL D 155 -28.27 -0.14 -10.43
C VAL D 155 -26.75 -0.11 -10.51
N LYS D 156 -26.20 -0.18 -11.72
CA LYS D 156 -24.77 -0.01 -12.03
C LYS D 156 -24.54 1.36 -12.66
N LEU D 157 -23.54 2.10 -12.17
CA LEU D 157 -23.16 3.42 -12.69
C LEU D 157 -21.67 3.45 -13.06
N GLN D 158 -21.34 4.18 -14.12
CA GLN D 158 -19.95 4.51 -14.47
C GLN D 158 -19.39 5.50 -13.46
N GLU D 159 -18.31 5.13 -12.80
CA GLU D 159 -17.53 6.04 -11.95
C GLU D 159 -16.53 6.81 -12.83
N THR D 160 -15.82 6.10 -13.71
CA THR D 160 -14.91 6.65 -14.73
C THR D 160 -14.95 5.77 -15.99
N ALA D 161 -14.26 6.17 -17.06
CA ALA D 161 -14.11 5.33 -18.26
C ALA D 161 -13.44 3.95 -17.99
N GLU D 162 -12.79 3.77 -16.83
CA GLU D 162 -12.15 2.51 -16.38
C GLU D 162 -12.66 2.08 -14.99
N LYS D 163 -13.79 2.60 -14.49
CA LYS D 163 -14.28 2.30 -13.14
C LYS D 163 -15.81 2.39 -13.01
N THR D 164 -16.38 1.62 -12.10
CA THR D 164 -17.83 1.49 -11.91
C THR D 164 -18.21 1.35 -10.43
N VAL D 165 -19.46 1.68 -10.12
CA VAL D 165 -20.01 1.70 -8.76
C VAL D 165 -21.46 1.22 -8.81
N TYR D 166 -21.94 0.57 -7.74
CA TYR D 166 -23.32 0.07 -7.67
C TYR D 166 -24.14 0.79 -6.61
N VAL D 167 -25.40 1.06 -6.94
CA VAL D 167 -26.39 1.62 -6.03
C VAL D 167 -27.43 0.56 -5.71
N PHE D 168 -27.68 0.35 -4.43
CA PHE D 168 -28.75 -0.50 -3.93
C PHE D 168 -29.83 0.35 -3.27
N THR D 169 -31.09 0.15 -3.67
CA THR D 169 -32.22 0.92 -3.06
C THR D 169 -32.83 0.10 -1.92
N ALA D 170 -32.93 0.68 -0.72
CA ALA D 170 -33.44 -0.07 0.46
C ALA D 170 -34.83 -0.65 0.18
N LEU D 171 -35.75 0.15 -0.37
CA LEU D 171 -37.14 -0.33 -0.56
C LEU D 171 -37.64 0.01 -1.98
N GLN D 172 -37.00 -0.56 -3.01
CA GLN D 172 -37.45 -0.32 -4.38
C GLN D 172 -38.19 -1.53 -4.93
N ASP D 173 -37.74 -2.73 -4.58
CA ASP D 173 -38.40 -3.94 -5.07
C ASP D 173 -39.84 -3.99 -4.60
N TYR D 174 -40.08 -3.73 -3.31
CA TYR D 174 -41.43 -3.79 -2.77
C TYR D 174 -42.32 -2.76 -3.44
N ILE D 175 -41.83 -1.52 -3.56
CA ILE D 175 -42.64 -0.47 -4.16
C ILE D 175 -42.99 -0.83 -5.59
N ASN D 176 -41.98 -1.16 -6.39
CA ASN D 176 -42.16 -1.41 -7.81
C ASN D 176 -42.98 -2.67 -8.09
N THR D 177 -42.98 -3.64 -7.18
CA THR D 177 -43.70 -4.89 -7.41
C THR D 177 -45.12 -4.88 -6.85
N ASN D 178 -45.37 -4.13 -5.78
CA ASN D 178 -46.69 -4.16 -5.15
C ASN D 178 -47.40 -2.81 -5.21
N LEU D 179 -46.75 -1.73 -4.78
CA LEU D 179 -47.47 -0.48 -4.61
C LEU D 179 -47.77 0.18 -5.95
N VAL D 180 -46.79 0.22 -6.86
CA VAL D 180 -47.04 0.79 -8.18
C VAL D 180 -48.10 0.01 -8.95
N PRO D 181 -48.03 -1.33 -9.05
CA PRO D 181 -49.12 -2.04 -9.75
C PRO D 181 -50.47 -1.87 -9.09
N THR D 182 -50.53 -1.82 -7.75
CA THR D 182 -51.78 -1.71 -7.01
C THR D 182 -52.11 -0.28 -6.62
N ILE D 183 -51.72 0.70 -7.43
CA ILE D 183 -51.92 2.10 -7.07
C ILE D 183 -53.36 2.56 -7.29
N ASP D 184 -54.16 1.78 -8.03
CA ASP D 184 -55.53 2.17 -8.30
C ASP D 184 -56.56 1.14 -7.87
N LYS D 185 -56.21 -0.14 -7.83
CA LYS D 185 -57.17 -1.18 -7.51
C LYS D 185 -57.66 -1.13 -6.07
N ILE D 186 -57.01 -0.36 -5.21
CA ILE D 186 -57.42 -0.22 -3.81
C ILE D 186 -57.49 1.27 -3.49
N PRO D 187 -58.20 1.68 -2.43
CA PRO D 187 -58.20 3.10 -2.04
C PRO D 187 -56.80 3.62 -1.77
N CYS D 188 -56.53 4.87 -2.15
CA CYS D 188 -55.19 5.42 -2.02
C CYS D 188 -54.77 5.53 -0.56
N LYS D 189 -55.73 5.81 0.33
CA LYS D 189 -55.44 5.88 1.75
C LYS D 189 -54.83 4.56 2.22
N GLN D 190 -55.39 3.46 1.72
CA GLN D 190 -54.84 2.15 2.06
C GLN D 190 -53.41 2.00 1.57
N THR D 191 -53.10 2.52 0.38
CA THR D 191 -51.72 2.52 -0.07
C THR D 191 -50.84 3.35 0.85
N GLU D 192 -51.41 4.42 1.40
CA GLU D 192 -50.65 5.25 2.38
C GLU D 192 -50.25 4.35 3.56
N LEU D 193 -51.24 3.71 4.19
CA LEU D 193 -50.96 2.83 5.36
C LEU D 193 -49.90 1.80 4.96
N SER D 194 -50.22 0.93 4.00
CA SER D 194 -49.27 -0.10 3.52
C SER D 194 -47.85 0.50 3.50
N LEU D 195 -47.68 1.60 2.75
CA LEU D 195 -46.36 2.27 2.67
C LEU D 195 -45.82 2.53 4.08
N ASP D 196 -46.58 3.27 4.89
CA ASP D 196 -46.13 3.59 6.24
C ASP D 196 -45.68 2.31 6.94
N LEU D 197 -46.49 1.25 6.86
CA LEU D 197 -46.15 0.00 7.51
C LEU D 197 -44.85 -0.58 6.95
N ALA D 198 -44.68 -0.50 5.63
CA ALA D 198 -43.46 -1.03 5.02
C ALA D 198 -42.24 -0.27 5.51
N LEU D 199 -42.31 1.06 5.56
CA LEU D 199 -41.16 1.83 6.03
C LEU D 199 -40.90 1.57 7.50
N SER D 200 -41.95 1.44 8.31
CA SER D 200 -41.78 1.15 9.72
C SER D 200 -41.15 -0.22 9.93
N LYS D 201 -41.54 -1.20 9.11
CA LYS D 201 -40.91 -2.51 9.16
C LYS D 201 -39.43 -2.42 8.79
N TYR D 202 -39.11 -1.64 7.76
CA TYR D 202 -37.71 -1.42 7.42
C TYR D 202 -36.95 -0.85 8.63
N LEU D 203 -37.51 0.18 9.26
CA LEU D 203 -36.82 0.83 10.37
C LEU D 203 -36.65 -0.12 11.55
N SER D 204 -37.67 -0.95 11.81
CA SER D 204 -37.58 -1.93 12.89
C SER D 204 -36.51 -2.97 12.62
N ASP D 205 -36.42 -3.46 11.38
CA ASP D 205 -35.32 -4.36 11.03
C ASP D 205 -33.97 -3.65 11.10
N LEU D 206 -33.98 -2.34 10.84
CA LEU D 206 -32.74 -1.58 10.75
C LEU D 206 -32.14 -1.32 12.13
N LEU D 207 -32.98 -1.03 13.12
CA LEU D 207 -32.49 -0.53 14.40
C LEU D 207 -31.53 -1.51 15.08
N PHE D 208 -31.60 -2.79 14.76
CA PHE D 208 -30.69 -3.76 15.37
C PHE D 208 -29.25 -3.47 14.99
N VAL D 209 -29.03 -2.91 13.81
CA VAL D 209 -27.69 -2.69 13.26
C VAL D 209 -27.36 -1.21 13.15
N PHE D 210 -28.20 -0.43 12.48
CA PHE D 210 -27.94 0.98 12.25
C PHE D 210 -28.54 1.89 13.31
N GLY D 211 -29.14 1.33 14.35
CA GLY D 211 -29.70 2.13 15.41
C GLY D 211 -28.65 2.56 16.42
N PRO D 212 -29.08 2.89 17.64
CA PRO D 212 -28.13 3.30 18.68
C PRO D 212 -27.16 2.21 19.10
N ASN D 213 -27.36 0.97 18.64
CA ASN D 213 -26.36 -0.06 18.89
C ASN D 213 -25.05 0.24 18.18
N LEU D 214 -25.10 0.97 17.07
CA LEU D 214 -23.93 1.29 16.26
C LEU D 214 -23.20 2.48 16.89
N GLN D 215 -22.45 2.19 17.95
CA GLN D 215 -21.70 3.25 18.62
C GLN D 215 -20.46 3.64 17.85
N ASP D 216 -19.90 2.73 17.05
CA ASP D 216 -18.65 2.94 16.35
C ASP D 216 -18.85 2.57 14.88
N PRO D 217 -19.39 3.49 14.07
CA PRO D 217 -19.51 3.22 12.63
C PRO D 217 -18.19 3.25 11.88
N VAL D 218 -17.13 3.80 12.47
CA VAL D 218 -15.88 3.96 11.75
C VAL D 218 -15.23 2.60 11.49
N SER D 219 -15.35 1.67 12.44
CA SER D 219 -14.67 0.39 12.32
C SER D 219 -15.24 -0.43 11.17
N ASN D 220 -14.41 -1.36 10.67
CA ASN D 220 -14.76 -2.21 9.55
C ASN D 220 -14.95 -3.67 9.95
N SER D 221 -15.28 -3.91 11.22
CA SER D 221 -15.51 -5.26 11.72
C SER D 221 -16.95 -5.70 11.52
N MET D 222 -17.77 -4.89 10.85
CA MET D 222 -19.18 -5.19 10.68
C MET D 222 -19.37 -6.08 9.45
N THR D 223 -20.11 -7.17 9.64
CA THR D 223 -20.24 -8.18 8.59
C THR D 223 -21.16 -7.68 7.47
N ILE D 224 -20.98 -8.27 6.30
CA ILE D 224 -21.82 -7.93 5.16
C ILE D 224 -23.26 -8.36 5.42
N GLN D 225 -23.46 -9.41 6.22
CA GLN D 225 -24.81 -9.81 6.58
C GLN D 225 -25.51 -8.73 7.39
N ALA D 226 -24.79 -8.11 8.32
CA ALA D 226 -25.36 -7.00 9.07
C ALA D 226 -25.62 -5.79 8.18
N ILE D 227 -24.72 -5.53 7.24
CA ILE D 227 -24.88 -4.38 6.34
C ILE D 227 -26.11 -4.56 5.47
N SER D 228 -26.34 -5.80 5.00
CA SER D 228 -27.48 -6.06 4.12
C SER D 228 -28.82 -5.81 4.78
N GLN D 229 -28.86 -5.70 6.12
CA GLN D 229 -30.10 -5.31 6.77
C GLN D 229 -30.60 -3.97 6.26
N ALA D 230 -29.69 -3.08 5.85
CA ALA D 230 -30.07 -1.86 5.17
C ALA D 230 -30.62 -2.12 3.77
N PHE D 231 -30.43 -3.33 3.27
CA PHE D 231 -30.97 -3.69 1.93
C PHE D 231 -31.95 -4.85 2.10
N GLY D 232 -32.64 -4.90 3.25
CA GLY D 232 -33.61 -5.96 3.43
C GLY D 232 -33.03 -7.32 3.74
N GLY D 233 -31.77 -7.38 4.16
CA GLY D 233 -31.15 -8.64 4.53
C GLY D 233 -30.69 -9.49 3.37
N ASN D 234 -30.68 -8.96 2.15
CA ASN D 234 -30.31 -9.71 0.96
C ASN D 234 -28.85 -9.43 0.58
N TYR D 235 -27.95 -10.06 1.34
CA TYR D 235 -26.52 -9.93 1.06
C TYR D 235 -26.10 -10.73 -0.16
N GLU D 236 -26.83 -11.79 -0.50
CA GLU D 236 -26.47 -12.61 -1.65
C GLU D 236 -26.51 -11.80 -2.94
N THR D 237 -27.39 -10.79 -3.02
CA THR D 237 -27.45 -9.87 -4.15
C THR D 237 -26.29 -8.90 -4.17
N LEU D 238 -25.89 -8.38 -3.00
CA LEU D 238 -24.69 -7.57 -2.91
C LEU D 238 -23.49 -8.35 -3.46
N LEU D 239 -23.32 -9.59 -3.02
CA LEU D 239 -22.07 -10.30 -3.32
C LEU D 239 -22.10 -10.88 -4.73
N ARG D 240 -23.28 -11.22 -5.24
CA ARG D 240 -23.36 -11.76 -6.60
C ARG D 240 -23.13 -10.67 -7.64
N THR D 241 -23.70 -9.50 -7.41
CA THR D 241 -23.54 -8.34 -8.29
C THR D 241 -22.09 -7.85 -8.28
N LEU D 242 -21.43 -7.82 -7.11
CA LEU D 242 -20.00 -7.54 -7.06
C LEU D 242 -19.14 -8.65 -7.68
N GLY D 243 -19.47 -9.93 -7.48
CA GLY D 243 -18.80 -11.03 -8.13
C GLY D 243 -18.26 -12.10 -7.18
N TYR D 244 -18.49 -13.36 -7.54
CA TYR D 244 -17.90 -14.50 -6.82
C TYR D 244 -16.44 -14.60 -7.25
N ALA D 245 -15.57 -13.93 -6.48
CA ALA D 245 -14.18 -13.80 -6.86
C ALA D 245 -13.40 -15.10 -6.73
N THR D 246 -13.87 -16.05 -5.92
CA THR D 246 -13.11 -17.26 -5.67
C THR D 246 -14.05 -18.41 -5.35
N GLU D 247 -13.51 -19.62 -5.41
CA GLU D 247 -14.27 -20.83 -5.11
C GLU D 247 -14.51 -21.03 -3.62
N ASP D 248 -13.87 -20.23 -2.76
CA ASP D 248 -14.06 -20.31 -1.32
C ASP D 248 -15.23 -19.47 -0.82
N PHE D 249 -16.12 -19.03 -1.73
CA PHE D 249 -17.01 -17.91 -1.44
C PHE D 249 -17.91 -18.17 -0.24
N ASP D 250 -18.58 -19.32 -0.23
CA ASP D 250 -19.44 -19.68 0.94
C ASP D 250 -18.63 -19.54 2.23
N ASP D 251 -17.33 -19.77 2.17
CA ASP D 251 -16.48 -19.74 3.40
C ASP D 251 -16.36 -18.30 3.93
N LEU D 252 -15.72 -17.42 3.16
CA LEU D 252 -15.54 -16.01 3.59
C LEU D 252 -16.91 -15.44 3.96
N LEU D 253 -17.98 -16.09 3.51
CA LEU D 253 -19.36 -15.62 3.80
C LEU D 253 -19.80 -16.09 5.20
N GLU D 254 -19.65 -17.39 5.51
CA GLU D 254 -20.17 -17.86 6.79
C GLU D 254 -19.28 -17.45 7.95
N SER D 255 -17.98 -17.50 7.76
CA SER D 255 -17.06 -17.20 8.86
C SER D 255 -17.02 -15.73 9.23
N ASP D 256 -17.91 -14.90 8.68
CA ASP D 256 -17.92 -13.45 8.90
C ASP D 256 -16.60 -12.81 8.50
N SER D 257 -15.99 -13.31 7.41
CA SER D 257 -14.75 -12.74 6.92
C SER D 257 -14.99 -11.58 5.98
N ILE D 258 -16.13 -11.58 5.27
CA ILE D 258 -16.48 -10.48 4.38
C ILE D 258 -17.06 -9.36 5.23
N THR D 259 -16.34 -8.25 5.33
CA THR D 259 -16.73 -7.12 6.15
C THR D 259 -16.78 -5.85 5.32
N GLY D 260 -17.56 -4.87 5.80
CA GLY D 260 -17.71 -3.60 5.12
C GLY D 260 -17.59 -2.44 6.08
N GLN D 261 -17.36 -1.26 5.52
CA GLN D 261 -17.20 -0.03 6.28
C GLN D 261 -18.01 1.09 5.65
N ILE D 262 -18.63 1.91 6.48
CA ILE D 262 -19.33 3.09 6.00
C ILE D 262 -18.33 4.24 5.96
N ILE D 263 -18.20 4.86 4.79
CA ILE D 263 -17.20 5.90 4.58
C ILE D 263 -17.81 7.28 4.32
N TYR D 264 -19.08 7.37 3.97
CA TYR D 264 -19.72 8.66 3.80
C TYR D 264 -21.22 8.51 4.03
N VAL D 265 -21.77 9.40 4.85
CA VAL D 265 -23.21 9.42 5.14
C VAL D 265 -23.75 10.76 4.68
N ASP D 266 -24.82 10.72 3.91
CA ASP D 266 -25.46 11.93 3.39
C ASP D 266 -26.85 12.04 3.99
N LEU D 267 -27.15 13.20 4.57
CA LEU D 267 -28.43 13.44 5.21
C LEU D 267 -29.42 14.14 4.29
N SER D 268 -29.03 14.47 3.07
CA SER D 268 -29.94 15.11 2.14
C SER D 268 -30.58 14.11 1.18
N SER D 269 -29.79 13.18 0.64
CA SER D 269 -30.30 12.11 -0.18
C SER D 269 -30.49 10.80 0.58
N TYR D 270 -30.02 10.74 1.83
CA TYR D 270 -30.16 9.55 2.68
C TYR D 270 -29.59 8.31 2.00
N TYR D 271 -28.28 8.38 1.70
CA TYR D 271 -27.57 7.25 1.07
C TYR D 271 -26.17 7.17 1.67
N ILE D 272 -25.68 5.97 1.97
CA ILE D 272 -24.36 5.75 2.53
C ILE D 272 -23.50 5.03 1.51
N ILE D 273 -22.20 5.26 1.58
CA ILE D 273 -21.22 4.59 0.74
C ILE D 273 -20.53 3.55 1.60
N VAL D 274 -20.46 2.31 1.13
CA VAL D 274 -19.88 1.20 1.88
C VAL D 274 -18.75 0.60 1.05
N ARG D 275 -17.58 0.46 1.65
CA ARG D 275 -16.45 -0.25 1.05
C ARG D 275 -16.50 -1.68 1.51
N VAL D 276 -16.78 -2.60 0.60
CA VAL D 276 -16.86 -4.03 0.90
C VAL D 276 -15.49 -4.65 0.73
N TYR D 277 -15.09 -5.49 1.67
CA TYR D 277 -13.80 -6.15 1.64
C TYR D 277 -13.97 -7.62 1.29
N PHE D 278 -13.20 -8.08 0.30
CA PHE D 278 -13.22 -9.47 -0.14
C PHE D 278 -11.83 -10.04 0.09
N PRO D 279 -11.56 -10.64 1.24
CA PRO D 279 -10.22 -11.17 1.50
C PRO D 279 -9.98 -12.48 0.76
N ILE D 280 -8.77 -13.01 0.92
CA ILE D 280 -8.43 -14.35 0.44
C ILE D 280 -7.98 -15.18 1.64
N LEU D 281 -8.39 -16.44 1.62
CA LEU D 281 -8.13 -17.36 2.72
C LEU D 281 -6.77 -18.00 2.53
N THR D 282 -5.87 -17.57 3.40
CA THR D 282 -4.52 -18.08 3.58
C THR D 282 -4.57 -19.24 4.55
N GLU D 283 -4.36 -20.45 4.05
CA GLU D 283 -4.05 -21.58 4.91
C GLU D 283 -2.74 -21.31 5.64
N ILE D 284 -2.75 -21.41 6.95
CA ILE D 284 -1.57 -21.26 7.77
C ILE D 284 -0.77 -22.56 7.62
N GLN D 285 0.51 -22.45 7.27
CA GLN D 285 1.42 -23.60 7.22
C GLN D 285 1.71 -24.12 8.64
N GLN D 286 2.24 -25.34 8.78
CA GLN D 286 2.42 -26.08 10.06
C GLN D 286 1.34 -25.64 11.06
N ALA D 287 0.07 -25.83 10.72
CA ALA D 287 -1.05 -25.45 11.62
C ALA D 287 -2.30 -26.25 11.25
N TYR D 288 -2.69 -27.21 12.11
CA TYR D 288 -3.89 -27.99 11.84
C TYR D 288 -4.77 -27.98 13.07
N ILE D 289 -6.06 -28.19 12.85
CA ILE D 289 -7.05 -28.28 13.92
C ILE D 289 -7.41 -29.75 14.10
N GLN D 290 -7.36 -30.22 15.33
CA GLN D 290 -7.70 -31.59 15.68
C GLN D 290 -8.99 -31.61 16.46
N GLU D 291 -9.91 -32.50 16.07
CA GLU D 291 -11.14 -32.74 16.82
C GLU D 291 -11.03 -34.05 17.58
N LEU D 292 -11.43 -34.03 18.85
CA LEU D 292 -11.47 -35.23 19.68
C LEU D 292 -12.92 -35.60 19.96
N LEU D 293 -13.25 -36.88 19.77
CA LEU D 293 -14.58 -37.38 20.08
C LEU D 293 -14.59 -37.91 21.49
N PRO D 294 -15.49 -37.43 22.37
CA PRO D 294 -15.58 -38.02 23.72
C PRO D 294 -16.41 -39.29 23.70
N VAL D 295 -15.99 -40.27 24.49
CA VAL D 295 -16.73 -41.52 24.67
C VAL D 295 -16.80 -41.83 26.16
N SER D 296 -17.99 -42.15 26.65
CA SER D 296 -18.14 -42.53 28.04
C SER D 296 -17.39 -43.82 28.33
N PHE D 297 -16.68 -43.85 29.45
CA PHE D 297 -15.86 -44.99 29.82
C PHE D 297 -16.21 -45.42 31.24
N ASN D 298 -16.05 -46.71 31.49
CA ASN D 298 -16.39 -47.30 32.78
C ASN D 298 -15.20 -47.23 33.71
N ASN D 299 -15.48 -46.90 34.98
CA ASN D 299 -14.47 -46.94 36.02
C ASN D 299 -15.18 -46.87 37.37
N ASP D 300 -14.77 -47.75 38.30
CA ASP D 300 -15.34 -47.80 39.65
C ASP D 300 -16.85 -47.95 39.61
N ASN D 301 -17.30 -48.83 38.71
CA ASN D 301 -18.71 -49.20 38.59
C ASN D 301 -19.60 -47.99 38.30
N SER D 302 -19.12 -47.09 37.45
CA SER D 302 -19.91 -45.93 37.04
C SER D 302 -19.35 -45.41 35.73
N GLU D 303 -20.15 -44.61 35.04
CA GLU D 303 -19.80 -44.05 33.74
C GLU D 303 -19.29 -42.63 33.89
N TRP D 304 -18.22 -42.31 33.17
CA TRP D 304 -17.59 -40.99 33.24
C TRP D 304 -17.26 -40.52 31.84
N ILE D 305 -17.23 -39.20 31.68
CA ILE D 305 -16.83 -38.57 30.42
C ILE D 305 -15.79 -37.49 30.73
N SER D 306 -14.67 -37.53 30.02
CA SER D 306 -13.58 -36.61 30.28
C SER D 306 -13.91 -35.22 29.73
N ILE D 307 -13.46 -34.19 30.46
CA ILE D 307 -13.73 -32.80 30.10
C ILE D 307 -12.45 -32.24 29.48
N VAL D 308 -12.39 -32.29 28.15
CA VAL D 308 -11.29 -31.68 27.40
C VAL D 308 -11.87 -30.94 26.22
N PRO D 309 -11.12 -29.98 25.67
CA PRO D 309 -11.60 -29.27 24.49
C PRO D 309 -11.86 -30.23 23.33
N ASN D 310 -12.99 -30.02 22.65
CA ASN D 310 -13.29 -30.82 21.47
C ASN D 310 -12.32 -30.52 20.34
N PHE D 311 -11.90 -29.26 20.21
CA PHE D 311 -11.02 -28.85 19.13
C PHE D 311 -9.76 -28.23 19.73
N ILE D 312 -8.60 -28.64 19.20
CA ILE D 312 -7.30 -28.21 19.70
C ILE D 312 -6.46 -27.76 18.52
N LEU D 313 -5.79 -26.62 18.67
CA LEU D 313 -4.99 -26.03 17.60
C LEU D 313 -3.51 -26.29 17.86
N VAL D 314 -2.89 -27.07 16.97
CA VAL D 314 -1.44 -27.39 17.12
C VAL D 314 -0.70 -26.75 15.94
N ARG D 315 0.04 -25.68 16.20
CA ARG D 315 0.78 -24.96 15.12
C ARG D 315 2.23 -24.73 15.56
N ASN D 316 3.19 -24.93 14.66
CA ASN D 316 4.64 -24.76 14.99
C ASN D 316 4.98 -25.63 16.19
N THR D 317 4.47 -26.87 16.20
CA THR D 317 4.70 -27.83 17.32
C THR D 317 4.23 -27.20 18.65
N LEU D 318 3.55 -26.06 18.57
CA LEU D 318 3.01 -25.39 19.78
C LEU D 318 1.54 -25.78 19.94
N ILE D 319 1.13 -26.14 21.16
CA ILE D 319 -0.27 -26.59 21.43
C ILE D 319 -1.04 -25.47 22.12
N SER D 320 -2.12 -24.99 21.50
CA SER D 320 -2.95 -23.93 22.05
C SER D 320 -4.40 -24.26 21.76
N ASN D 321 -5.29 -23.69 22.57
CA ASN D 321 -6.72 -23.88 22.34
C ASN D 321 -7.17 -23.08 21.13
N ILE D 322 -8.46 -23.17 20.85
CA ILE D 322 -9.09 -22.30 19.87
C ILE D 322 -10.53 -22.06 20.32
N GLU D 323 -10.94 -20.79 20.32
CA GLU D 323 -12.37 -20.47 20.62
C GLU D 323 -13.12 -20.65 19.30
N ILE D 324 -13.46 -21.89 18.94
CA ILE D 324 -14.05 -22.17 17.60
C ILE D 324 -15.51 -21.71 17.52
N GLY D 325 -16.13 -21.24 18.60
CA GLY D 325 -17.52 -20.85 18.44
C GLY D 325 -17.74 -19.83 17.35
N PHE D 326 -16.82 -18.87 17.20
CA PHE D 326 -16.91 -17.86 16.17
C PHE D 326 -16.29 -18.31 14.85
N CYS D 327 -15.61 -19.44 14.82
CA CYS D 327 -15.01 -19.96 13.60
C CYS D 327 -15.97 -20.93 12.92
N LEU D 328 -15.65 -21.26 11.68
CA LEU D 328 -16.45 -22.18 10.88
C LEU D 328 -15.70 -23.48 10.70
N ILE D 329 -16.34 -24.59 11.05
CA ILE D 329 -15.73 -25.91 10.98
C ILE D 329 -16.34 -26.63 9.79
N THR D 330 -15.63 -26.60 8.66
CA THR D 330 -16.03 -27.34 7.48
C THR D 330 -15.54 -28.79 7.60
N LYS D 331 -15.60 -29.51 6.48
CA LYS D 331 -15.12 -30.89 6.48
C LYS D 331 -13.60 -30.97 6.52
N ARG D 332 -12.90 -30.06 5.85
CA ARG D 332 -11.46 -30.17 5.69
C ARG D 332 -10.65 -29.03 6.30
N SER D 333 -11.29 -27.94 6.72
CA SER D 333 -10.53 -26.81 7.26
C SER D 333 -11.37 -26.06 8.27
N VAL D 334 -10.67 -25.35 9.16
CA VAL D 334 -11.29 -24.46 10.15
C VAL D 334 -10.99 -23.03 9.73
N ILE D 335 -12.05 -22.25 9.56
CA ILE D 335 -11.97 -20.96 8.92
C ILE D 335 -12.41 -19.88 9.90
N CYS D 336 -11.58 -18.85 10.05
CA CYS D 336 -11.82 -17.78 11.00
C CYS D 336 -11.53 -16.44 10.36
N ASN D 337 -12.37 -15.45 10.65
CA ASN D 337 -12.14 -14.09 10.18
C ASN D 337 -11.09 -13.36 10.99
N GLN D 338 -10.51 -14.03 11.99
CA GLN D 338 -9.51 -13.47 12.87
C GLN D 338 -8.77 -14.64 13.49
N ASP D 339 -7.48 -14.47 13.77
CA ASP D 339 -6.75 -15.49 14.48
C ASP D 339 -7.32 -15.66 15.88
N TYR D 340 -8.20 -16.65 16.05
CA TYR D 340 -8.89 -16.83 17.31
C TYR D 340 -8.17 -17.80 18.24
N ALA D 341 -6.88 -17.99 18.05
CA ALA D 341 -6.11 -18.84 18.95
C ALA D 341 -6.07 -18.24 20.35
N THR D 342 -6.29 -19.07 21.35
CA THR D 342 -6.28 -18.69 22.76
C THR D 342 -5.36 -19.63 23.52
N PRO D 343 -4.84 -19.21 24.67
CA PRO D 343 -3.92 -20.07 25.42
C PRO D 343 -4.59 -21.33 25.93
N MET D 344 -3.74 -22.24 26.40
CA MET D 344 -4.18 -23.48 27.02
C MET D 344 -3.36 -23.72 28.28
N THR D 345 -4.02 -24.23 29.31
CA THR D 345 -3.32 -24.48 30.57
C THR D 345 -2.18 -25.47 30.36
N ASN D 346 -1.12 -25.30 31.15
CA ASN D 346 0.01 -26.21 31.08
C ASN D 346 -0.45 -27.64 31.37
N ASN D 347 -1.33 -27.81 32.36
CA ASN D 347 -1.82 -29.13 32.71
C ASN D 347 -2.57 -29.78 31.55
N MET D 348 -3.33 -28.99 30.79
CA MET D 348 -4.01 -29.53 29.61
C MET D 348 -3.01 -29.97 28.55
N ARG D 349 -1.91 -29.21 28.40
CA ARG D 349 -0.86 -29.64 27.47
C ARG D 349 -0.24 -30.97 27.91
N GLU D 350 0.03 -31.12 29.21
CA GLU D 350 0.57 -32.39 29.69
C GLU D 350 -0.44 -33.53 29.51
N CYS D 351 -1.73 -33.25 29.74
CA CYS D 351 -2.76 -34.26 29.53
C CYS D 351 -2.83 -34.71 28.08
N LEU D 352 -2.80 -33.76 27.15
CA LEU D 352 -2.86 -34.12 25.73
C LEU D 352 -1.53 -34.67 25.23
N THR D 353 -0.46 -34.49 25.98
CA THR D 353 0.84 -35.05 25.65
C THR D 353 0.99 -36.49 26.12
N GLY D 354 0.26 -36.89 27.15
CA GLY D 354 0.34 -38.25 27.64
C GLY D 354 0.17 -38.37 29.14
N SER D 355 0.36 -37.27 29.87
CA SER D 355 0.20 -37.28 31.32
C SER D 355 -1.29 -37.37 31.59
N THR D 356 -1.84 -38.58 31.44
CA THR D 356 -3.29 -38.75 31.36
C THR D 356 -3.98 -38.58 32.72
N GLU D 357 -3.22 -38.65 33.81
CA GLU D 357 -3.82 -38.47 35.13
C GLU D 357 -4.21 -37.03 35.40
N LYS D 358 -3.71 -36.08 34.61
CA LYS D 358 -4.07 -34.68 34.78
C LYS D 358 -5.33 -34.29 34.02
N CYS D 359 -5.91 -35.19 33.24
CA CYS D 359 -7.13 -34.88 32.52
C CYS D 359 -8.33 -34.98 33.45
N PRO D 360 -9.20 -33.99 33.49
CA PRO D 360 -10.42 -34.09 34.30
C PRO D 360 -11.46 -35.00 33.67
N ARG D 361 -12.37 -35.46 34.50
CA ARG D 361 -13.46 -36.35 34.07
C ARG D 361 -14.73 -35.96 34.80
N GLU D 362 -15.86 -36.12 34.11
CA GLU D 362 -17.17 -35.78 34.66
C GLU D 362 -18.04 -37.04 34.71
N LEU D 363 -18.58 -37.31 35.89
CA LEU D 363 -19.56 -38.39 36.01
C LEU D 363 -20.79 -38.04 35.20
N VAL D 364 -21.29 -39.01 34.45
CA VAL D 364 -22.42 -38.80 33.55
C VAL D 364 -23.66 -39.40 34.19
N VAL D 365 -24.70 -38.58 34.32
CA VAL D 365 -26.00 -39.04 34.76
C VAL D 365 -27.01 -39.04 33.62
N SER D 366 -26.69 -38.42 32.50
CA SER D 366 -27.55 -38.49 31.33
C SER D 366 -27.44 -39.85 30.67
N SER D 367 -28.56 -40.36 30.19
CA SER D 367 -28.60 -41.61 29.44
C SER D 367 -28.46 -41.39 27.95
N HIS D 368 -28.26 -40.15 27.50
CA HIS D 368 -28.11 -39.82 26.10
C HIS D 368 -26.71 -39.30 25.80
N VAL D 369 -25.70 -39.94 26.40
CA VAL D 369 -24.30 -39.65 26.09
C VAL D 369 -23.80 -40.76 25.17
N PRO D 370 -23.08 -40.43 24.10
CA PRO D 370 -22.55 -41.48 23.22
C PRO D 370 -21.58 -42.39 23.97
N ARG D 371 -21.64 -43.68 23.64
CA ARG D 371 -20.86 -44.70 24.34
C ARG D 371 -19.86 -45.43 23.47
N PHE D 372 -19.80 -45.14 22.18
CA PHE D 372 -18.82 -45.77 21.30
C PHE D 372 -18.51 -44.83 20.14
N ALA D 373 -17.34 -45.03 19.55
CA ALA D 373 -16.90 -44.22 18.43
C ALA D 373 -15.99 -45.04 17.53
N LEU D 374 -15.84 -44.59 16.30
CA LEU D 374 -15.07 -45.29 15.28
C LEU D 374 -14.03 -44.35 14.69
N SER D 375 -12.75 -44.74 14.80
CA SER D 375 -11.65 -43.98 14.23
C SER D 375 -10.77 -44.93 13.44
N ASN D 376 -10.44 -44.55 12.20
CA ASN D 376 -9.58 -45.34 11.33
C ASN D 376 -10.14 -46.74 11.10
N GLY D 377 -11.44 -46.93 11.33
CA GLY D 377 -12.07 -48.22 11.17
C GLY D 377 -11.96 -49.15 12.36
N VAL D 378 -11.26 -48.76 13.43
CA VAL D 378 -11.22 -49.54 14.65
C VAL D 378 -12.25 -48.96 15.62
N LEU D 379 -12.90 -49.84 16.37
CA LEU D 379 -14.05 -49.46 17.18
C LEU D 379 -13.66 -49.40 18.65
N PHE D 380 -13.89 -48.24 19.26
CA PHE D 380 -13.77 -48.07 20.70
C PHE D 380 -15.18 -48.03 21.28
N ALA D 381 -15.41 -48.82 22.33
CA ALA D 381 -16.73 -48.92 22.91
C ALA D 381 -16.63 -49.22 24.39
N ASN D 382 -17.70 -48.90 25.11
CA ASN D 382 -17.84 -49.25 26.52
C ASN D 382 -18.83 -50.42 26.59
N CYS D 383 -18.30 -51.63 26.47
CA CYS D 383 -19.15 -52.82 26.44
C CYS D 383 -19.82 -53.11 27.76
N ILE D 384 -19.39 -52.46 28.85
CA ILE D 384 -20.13 -52.58 30.11
C ILE D 384 -21.47 -51.87 30.00
N SER D 385 -21.46 -50.64 29.44
CA SER D 385 -22.69 -49.87 29.34
C SER D 385 -23.59 -50.35 28.21
N VAL D 386 -23.01 -50.77 27.09
CA VAL D 386 -23.78 -51.18 25.91
C VAL D 386 -23.45 -52.62 25.59
N THR D 387 -24.47 -53.39 25.20
CA THR D 387 -24.29 -54.80 24.92
C THR D 387 -23.54 -55.01 23.61
N CYS D 388 -22.42 -55.73 23.68
CA CYS D 388 -21.62 -56.06 22.51
C CYS D 388 -21.59 -57.56 22.30
N GLN D 389 -21.80 -57.98 21.07
CA GLN D 389 -21.57 -59.36 20.67
C GLN D 389 -21.02 -59.36 19.24
N CYS D 390 -20.32 -60.44 18.90
CA CYS D 390 -19.68 -60.56 17.60
C CYS D 390 -20.49 -61.50 16.72
N GLN D 391 -20.75 -61.06 15.48
CA GLN D 391 -21.56 -61.86 14.57
C GLN D 391 -20.82 -63.10 14.07
N THR D 392 -19.52 -62.97 13.79
CA THR D 392 -18.75 -64.07 13.20
C THR D 392 -18.74 -65.30 14.10
N THR D 393 -18.57 -65.12 15.41
CA THR D 393 -18.57 -66.22 16.36
C THR D 393 -19.89 -66.42 17.08
N GLY D 394 -20.86 -65.52 16.92
CA GLY D 394 -22.16 -65.67 17.53
C GLY D 394 -22.14 -65.72 19.04
N ARG D 395 -21.33 -64.87 19.66
CA ARG D 395 -21.21 -64.84 21.11
C ARG D 395 -20.92 -63.42 21.56
N ALA D 396 -21.18 -63.18 22.85
CA ALA D 396 -21.06 -61.83 23.40
C ALA D 396 -19.61 -61.40 23.49
N ILE D 397 -19.40 -60.08 23.40
CA ILE D 397 -18.10 -59.46 23.61
C ILE D 397 -18.10 -58.89 25.02
N SER D 398 -17.17 -59.35 25.85
CA SER D 398 -17.19 -59.09 27.28
C SER D 398 -16.15 -58.04 27.65
N GLN D 399 -16.56 -57.06 28.45
CA GLN D 399 -15.66 -56.07 29.02
C GLN D 399 -15.55 -56.33 30.51
N SER D 400 -14.32 -56.40 31.01
CA SER D 400 -14.14 -56.61 32.44
C SER D 400 -14.24 -55.29 33.18
N GLY D 401 -14.28 -55.38 34.51
CA GLY D 401 -14.52 -54.21 35.34
C GLY D 401 -13.35 -53.25 35.47
N GLU D 402 -12.15 -53.64 35.05
CA GLU D 402 -10.98 -52.79 35.16
C GLU D 402 -10.49 -52.26 33.83
N GLN D 403 -11.18 -52.55 32.73
CA GLN D 403 -10.86 -51.99 31.42
C GLN D 403 -11.83 -50.87 31.08
N THR D 404 -11.30 -49.67 30.88
CA THR D 404 -12.15 -48.51 30.65
C THR D 404 -12.91 -48.64 29.34
N LEU D 405 -12.21 -48.97 28.26
CA LEU D 405 -12.84 -49.13 26.96
C LEU D 405 -12.28 -50.38 26.29
N LEU D 406 -13.05 -50.93 25.37
CA LEU D 406 -12.67 -52.12 24.63
C LEU D 406 -12.42 -51.73 23.18
N MET D 407 -11.22 -52.03 22.68
CA MET D 407 -10.91 -51.86 21.27
C MET D 407 -11.31 -53.13 20.53
N ILE D 408 -12.11 -52.98 19.50
CA ILE D 408 -12.51 -54.10 18.65
C ILE D 408 -12.02 -53.80 17.25
N ASP D 409 -11.32 -54.77 16.64
CA ASP D 409 -10.82 -54.65 15.28
C ASP D 409 -10.87 -56.04 14.65
N ASN D 410 -10.30 -56.16 13.45
CA ASN D 410 -10.42 -57.43 12.73
C ASN D 410 -9.68 -58.55 13.42
N THR D 411 -8.61 -58.25 14.16
CA THR D 411 -7.95 -59.28 14.96
C THR D 411 -8.90 -59.82 16.02
N THR D 412 -9.63 -58.94 16.70
CA THR D 412 -10.65 -59.40 17.64
C THR D 412 -11.71 -60.22 16.93
N CYS D 413 -12.45 -59.59 16.02
CA CYS D 413 -13.31 -60.28 15.07
C CYS D 413 -13.77 -59.31 13.99
N PRO D 414 -13.87 -59.75 12.74
CA PRO D 414 -14.07 -58.79 11.63
C PRO D 414 -15.46 -58.17 11.58
N THR D 415 -16.42 -58.65 12.35
CA THR D 415 -17.77 -58.09 12.31
C THR D 415 -18.38 -58.17 13.69
N ALA D 416 -18.55 -57.02 14.34
CA ALA D 416 -19.21 -56.91 15.63
C ALA D 416 -20.48 -56.08 15.50
N VAL D 417 -21.32 -56.12 16.54
CA VAL D 417 -22.55 -55.36 16.56
C VAL D 417 -22.67 -54.61 17.89
N LEU D 418 -23.44 -53.53 17.86
CA LEU D 418 -23.69 -52.70 19.04
C LEU D 418 -25.17 -52.31 19.01
N GLY D 419 -26.01 -53.13 19.64
CA GLY D 419 -27.44 -52.90 19.55
C GLY D 419 -28.00 -53.32 18.21
N ASN D 420 -28.35 -52.34 17.37
CA ASN D 420 -29.01 -52.62 16.10
C ASN D 420 -28.13 -52.32 14.89
N VAL D 421 -26.82 -52.19 15.07
CA VAL D 421 -25.91 -51.85 13.98
C VAL D 421 -24.92 -52.99 13.80
N ILE D 422 -24.76 -53.45 12.56
CA ILE D 422 -23.72 -54.41 12.19
C ILE D 422 -22.56 -53.61 11.64
N ILE D 423 -21.37 -53.80 12.20
CA ILE D 423 -20.20 -53.03 11.81
C ILE D 423 -19.08 -53.97 11.41
N SER D 424 -18.34 -53.59 10.38
CA SER D 424 -17.14 -54.30 9.95
C SER D 424 -15.92 -53.42 10.20
N LEU D 425 -14.93 -53.98 10.89
CA LEU D 425 -13.83 -53.20 11.42
C LEU D 425 -12.52 -53.50 10.70
N GLY D 426 -11.69 -52.48 10.58
CA GLY D 426 -10.35 -52.62 10.05
C GLY D 426 -9.38 -53.02 11.12
N LYS D 427 -8.09 -52.92 10.80
CA LYS D 427 -7.03 -53.33 11.70
C LYS D 427 -6.45 -52.13 12.42
N TYR D 428 -5.99 -52.35 13.65
CA TYR D 428 -5.39 -51.29 14.44
C TYR D 428 -3.93 -51.08 14.04
N LEU D 429 -3.48 -49.83 14.16
CA LEU D 429 -2.13 -49.46 13.78
C LEU D 429 -1.20 -49.30 14.98
N GLY D 430 -1.73 -49.17 16.19
CA GLY D 430 -0.89 -48.95 17.35
C GLY D 430 -0.43 -50.25 17.99
N SER D 431 -0.49 -50.30 19.32
CA SER D 431 -0.06 -51.50 20.03
C SER D 431 -1.01 -52.66 19.77
N VAL D 432 -0.43 -53.84 19.55
CA VAL D 432 -1.26 -55.03 19.31
C VAL D 432 -1.98 -55.46 20.58
N ASN D 433 -1.36 -55.26 21.74
CA ASN D 433 -1.91 -55.66 23.04
C ASN D 433 -2.64 -54.51 23.72
N TYR D 434 -3.33 -53.70 22.92
CA TYR D 434 -4.02 -52.52 23.44
C TYR D 434 -4.96 -52.86 24.58
N ASN D 435 -5.83 -53.85 24.38
CA ASN D 435 -6.89 -54.11 25.34
C ASN D 435 -6.38 -54.70 26.65
N SER D 436 -5.12 -55.10 26.72
CA SER D 436 -4.57 -55.71 27.92
C SER D 436 -3.78 -54.75 28.79
N GLU D 437 -3.65 -53.49 28.38
CA GLU D 437 -2.86 -52.51 29.11
C GLU D 437 -3.77 -51.43 29.67
N GLY D 438 -3.64 -51.16 30.97
CA GLY D 438 -4.41 -50.13 31.64
C GLY D 438 -3.63 -48.84 31.80
N ILE D 439 -4.35 -47.81 32.27
CA ILE D 439 -3.80 -46.48 32.48
C ILE D 439 -4.24 -45.98 33.85
N ALA D 440 -3.71 -44.83 34.23
CA ALA D 440 -4.18 -44.10 35.40
C ALA D 440 -5.33 -43.18 35.01
N ILE D 441 -6.16 -42.83 35.98
CA ILE D 441 -7.34 -42.01 35.74
C ILE D 441 -7.30 -40.80 36.67
N GLY D 442 -7.83 -39.67 36.18
CA GLY D 442 -7.75 -38.42 36.89
C GLY D 442 -8.86 -38.25 37.91
N PRO D 443 -8.95 -37.04 38.46
CA PRO D 443 -9.95 -36.75 39.48
C PRO D 443 -11.25 -36.28 38.85
N PRO D 444 -12.38 -36.48 39.54
CA PRO D 444 -13.66 -36.00 39.01
C PRO D 444 -13.77 -34.49 39.06
N VAL D 445 -14.61 -33.95 38.16
CA VAL D 445 -14.93 -32.53 38.13
C VAL D 445 -16.42 -32.35 37.91
N PHE D 446 -16.90 -31.15 38.23
CA PHE D 446 -18.27 -30.74 37.98
C PHE D 446 -18.25 -29.39 37.27
N THR D 447 -18.99 -29.28 36.17
CA THR D 447 -18.85 -28.17 35.25
C THR D 447 -20.08 -27.27 35.18
N ASP D 448 -20.97 -27.34 36.17
CA ASP D 448 -22.10 -26.43 36.21
C ASP D 448 -21.64 -25.03 36.61
N LYS D 449 -22.42 -24.03 36.21
CA LYS D 449 -22.07 -22.65 36.53
C LYS D 449 -22.05 -22.42 38.04
N VAL D 450 -23.04 -22.94 38.75
CA VAL D 450 -23.06 -22.82 40.20
C VAL D 450 -22.07 -23.76 40.87
N ASP D 451 -21.67 -24.83 40.19
CA ASP D 451 -20.70 -25.75 40.76
C ASP D 451 -19.34 -25.08 40.94
N ILE D 452 -18.97 -24.20 40.01
CA ILE D 452 -17.70 -23.49 40.11
C ILE D 452 -17.68 -22.62 41.36
N SER D 453 -18.77 -21.89 41.60
CA SER D 453 -18.86 -21.08 42.82
C SER D 453 -18.88 -21.96 44.06
N SER D 454 -19.60 -23.09 44.00
CA SER D 454 -19.65 -23.99 45.15
C SER D 454 -18.28 -24.59 45.46
N GLN D 455 -17.55 -25.00 44.41
CA GLN D 455 -16.22 -25.57 44.62
C GLN D 455 -15.25 -24.53 45.17
N ILE D 456 -15.29 -23.31 44.64
CA ILE D 456 -14.34 -22.29 45.07
C ILE D 456 -14.51 -21.99 46.55
N SER D 457 -15.76 -21.97 47.04
CA SER D 457 -16.00 -21.78 48.46
C SER D 457 -15.41 -22.93 49.27
N SER D 458 -15.56 -24.16 48.77
CA SER D 458 -15.09 -25.33 49.52
C SER D 458 -13.58 -25.30 49.68
N MET D 459 -12.84 -25.02 48.61
CA MET D 459 -11.38 -24.96 48.71
C MET D 459 -10.94 -23.78 49.58
N ASN D 460 -11.64 -22.64 49.46
CA ASN D 460 -11.32 -21.49 50.30
C ASN D 460 -11.54 -21.82 51.78
N GLN D 461 -12.67 -22.47 52.09
CA GLN D 461 -12.91 -22.88 53.47
C GLN D 461 -11.89 -23.91 53.92
N SER D 462 -11.52 -24.84 53.03
CA SER D 462 -10.50 -25.82 53.36
C SER D 462 -9.16 -25.16 53.63
N LEU D 463 -8.81 -24.14 52.85
CA LEU D 463 -7.54 -23.43 53.06
C LEU D 463 -7.53 -22.72 54.42
N GLN D 464 -8.65 -22.11 54.79
CA GLN D 464 -8.74 -21.41 56.06
C GLN D 464 -8.69 -22.39 57.22
N ILE E 23 42.87 -8.69 1.11
CA ILE E 23 43.71 -7.67 1.72
C ILE E 23 42.86 -6.60 2.39
N LEU E 24 41.68 -6.36 1.83
CA LEU E 24 40.74 -5.41 2.42
C LEU E 24 40.08 -6.04 3.65
N HIS E 25 39.85 -5.23 4.67
CA HIS E 25 39.14 -5.68 5.87
C HIS E 25 37.67 -5.29 5.73
N TYR E 26 36.89 -6.21 5.18
CA TYR E 26 35.49 -5.91 4.90
C TYR E 26 34.66 -5.92 6.17
N GLU E 27 35.06 -6.71 7.16
CA GLU E 27 34.32 -6.76 8.43
C GLU E 27 34.36 -5.40 9.12
N LYS E 28 35.55 -4.81 9.22
CA LYS E 28 35.66 -3.49 9.83
C LYS E 28 35.07 -2.41 8.94
N LEU E 29 34.98 -2.66 7.64
CA LEU E 29 34.36 -1.69 6.74
C LEU E 29 32.85 -1.70 6.88
N SER E 30 32.26 -2.83 7.27
CA SER E 30 30.83 -2.87 7.51
C SER E 30 30.46 -2.08 8.77
N LYS E 31 31.41 -1.90 9.68
CA LYS E 31 31.25 -0.98 10.81
C LYS E 31 31.01 0.45 10.36
N ILE E 32 31.57 0.86 9.21
CA ILE E 32 31.51 2.24 8.78
C ILE E 32 30.49 2.46 7.66
N GLY E 33 29.70 1.44 7.34
CA GLY E 33 28.69 1.56 6.30
C GLY E 33 29.12 1.07 4.94
N LEU E 34 30.38 0.69 4.77
CA LEU E 34 30.87 0.15 3.51
C LEU E 34 30.71 -1.36 3.55
N VAL E 35 29.72 -1.86 2.80
CA VAL E 35 29.45 -3.28 2.77
C VAL E 35 29.94 -3.85 1.45
N LYS E 36 30.27 -5.14 1.45
CA LYS E 36 30.88 -5.77 0.29
C LYS E 36 29.89 -5.87 -0.86
N GLY E 37 30.34 -5.50 -2.05
CA GLY E 37 29.55 -5.63 -3.25
C GLY E 37 30.05 -6.76 -4.12
N VAL E 38 29.95 -6.58 -5.44
CA VAL E 38 30.45 -7.59 -6.36
C VAL E 38 31.97 -7.46 -6.48
N THR E 39 32.62 -8.57 -6.81
CA THR E 39 34.03 -8.60 -7.15
C THR E 39 34.18 -8.87 -8.64
N ARG E 40 34.89 -7.98 -9.33
CA ARG E 40 34.98 -8.04 -10.78
C ARG E 40 36.44 -8.17 -11.22
N LYS E 41 36.62 -8.82 -12.37
CA LYS E 41 37.93 -9.03 -12.98
C LYS E 41 38.26 -7.87 -13.92
N TYR E 42 39.47 -7.36 -13.79
CA TYR E 42 39.91 -6.18 -14.52
C TYR E 42 40.53 -6.59 -15.84
N LYS E 43 39.96 -6.09 -16.94
CA LYS E 43 40.45 -6.41 -18.27
C LYS E 43 40.75 -5.13 -19.05
N ILE E 44 41.79 -5.18 -19.88
CA ILE E 44 42.32 -4.02 -20.58
C ILE E 44 42.45 -4.35 -22.06
N LYS E 45 42.27 -3.33 -22.90
CA LYS E 45 42.49 -3.46 -24.33
C LYS E 45 43.95 -3.77 -24.63
N SER E 46 44.17 -4.69 -25.56
CA SER E 46 45.52 -5.04 -26.00
C SER E 46 45.43 -5.87 -27.27
N ASN E 47 46.58 -5.98 -27.96
CA ASN E 47 46.75 -6.76 -29.19
C ASN E 47 45.70 -6.39 -30.24
N PRO E 48 45.79 -5.19 -30.83
CA PRO E 48 44.75 -4.77 -31.78
C PRO E 48 45.06 -5.19 -33.21
N LEU E 49 44.09 -5.82 -33.85
CA LEU E 49 44.16 -6.09 -35.27
C LEU E 49 43.87 -4.84 -36.07
N THR E 50 43.93 -4.96 -37.39
CA THR E 50 43.73 -3.84 -38.29
C THR E 50 42.75 -4.19 -39.39
N LYS E 51 41.90 -3.24 -39.74
CA LYS E 51 41.02 -3.31 -40.90
C LYS E 51 41.03 -1.96 -41.60
N ASP E 52 40.96 -1.99 -42.94
CA ASP E 52 40.98 -0.79 -43.75
C ASP E 52 39.61 -0.60 -44.41
N ILE E 53 39.04 0.59 -44.24
CA ILE E 53 37.75 0.94 -44.82
C ILE E 53 37.88 2.30 -45.49
N VAL E 54 36.93 2.59 -46.37
CA VAL E 54 36.87 3.88 -47.07
C VAL E 54 35.54 4.53 -46.74
N ILE E 55 35.61 5.69 -46.08
CA ILE E 55 34.44 6.49 -45.76
C ILE E 55 34.40 7.64 -46.75
N LYS E 56 33.35 7.67 -47.58
CA LYS E 56 33.19 8.72 -48.58
C LYS E 56 32.15 9.71 -48.08
N MET E 57 32.61 10.91 -47.72
CA MET E 57 31.74 11.95 -47.18
C MET E 57 30.93 12.66 -48.25
N ILE E 58 31.33 12.53 -49.51
CA ILE E 58 30.57 13.07 -50.64
C ILE E 58 29.69 11.96 -51.20
N PRO E 59 28.38 12.10 -51.19
CA PRO E 59 27.52 11.07 -51.77
C PRO E 59 27.45 11.19 -53.28
N ASN E 60 27.44 10.03 -53.93
CA ASN E 60 27.28 9.98 -55.37
C ASN E 60 25.88 10.46 -55.73
N VAL E 61 25.80 11.46 -56.59
CA VAL E 61 24.53 12.10 -56.91
C VAL E 61 24.33 12.09 -58.43
N SER E 62 24.92 11.10 -59.10
CA SER E 62 24.78 11.01 -60.55
C SER E 62 23.36 10.67 -60.96
N ASN E 63 22.58 10.05 -60.07
CA ASN E 63 21.20 9.73 -60.40
C ASN E 63 20.26 10.92 -60.23
N MET E 64 20.71 11.98 -59.56
CA MET E 64 19.89 13.17 -59.35
C MET E 64 20.51 14.41 -59.98
N SER E 65 21.30 14.24 -61.04
CA SER E 65 21.97 15.37 -61.66
C SER E 65 21.01 16.26 -62.45
N GLN E 66 19.78 15.79 -62.71
CA GLN E 66 18.85 16.57 -63.50
C GLN E 66 18.44 17.85 -62.78
N CYS E 67 18.22 17.79 -61.46
CA CYS E 67 17.83 18.94 -60.66
C CYS E 67 18.60 18.96 -59.36
N THR E 68 19.91 18.76 -59.43
CA THR E 68 20.76 18.88 -58.25
C THR E 68 21.18 20.31 -57.96
N GLY E 69 21.00 21.22 -58.91
CA GLY E 69 21.27 22.63 -58.67
C GLY E 69 22.75 22.91 -58.48
N SER E 70 23.02 24.00 -57.76
CA SER E 70 24.37 24.44 -57.46
C SER E 70 24.78 24.24 -56.00
N VAL E 71 23.98 23.52 -55.21
CA VAL E 71 24.40 23.24 -53.81
C VAL E 71 25.60 22.28 -53.82
N MET E 72 25.81 21.54 -54.91
CA MET E 72 26.88 20.56 -54.85
C MET E 72 28.24 21.26 -54.76
N GLU E 73 28.43 22.33 -55.53
CA GLU E 73 29.70 23.05 -55.50
C GLU E 73 29.92 23.74 -54.15
N ASN E 74 28.86 24.32 -53.59
CA ASN E 74 28.99 24.93 -52.27
C ASN E 74 29.31 23.88 -51.21
N TYR E 75 28.67 22.71 -51.30
CA TYR E 75 29.01 21.62 -50.38
C TYR E 75 30.46 21.21 -50.55
N LYS E 76 30.93 21.13 -51.79
CA LYS E 76 32.32 20.76 -52.04
C LYS E 76 33.28 21.78 -51.44
N THR E 77 32.98 23.07 -51.59
CA THR E 77 33.85 24.09 -51.01
C THR E 77 33.86 24.02 -49.49
N ARG E 78 32.69 23.83 -48.88
CA ARG E 78 32.62 23.70 -47.43
C ARG E 78 33.39 22.47 -46.95
N LEU E 79 33.25 21.35 -47.66
CA LEU E 79 33.95 20.14 -47.28
C LEU E 79 35.46 20.28 -47.46
N ASN E 80 35.90 20.97 -48.52
CA ASN E 80 37.32 21.27 -48.68
C ASN E 80 37.84 22.11 -47.53
N GLY E 81 37.09 23.14 -47.14
CA GLY E 81 37.49 23.97 -46.02
C GLY E 81 37.59 23.17 -44.73
N ILE E 82 36.68 22.22 -44.54
CA ILE E 82 36.74 21.38 -43.34
C ILE E 82 37.94 20.45 -43.40
N LEU E 83 38.13 19.78 -44.53
CA LEU E 83 39.11 18.70 -44.66
C LEU E 83 40.55 19.18 -44.75
N THR E 84 40.79 20.36 -45.33
CA THR E 84 42.16 20.78 -45.61
C THR E 84 43.08 20.81 -44.40
N PRO E 85 42.67 21.31 -43.22
CA PRO E 85 43.57 21.22 -42.06
C PRO E 85 43.93 19.79 -41.67
N ILE E 86 43.03 18.83 -41.90
CA ILE E 86 43.35 17.43 -41.63
C ILE E 86 44.50 16.97 -42.51
N LYS E 87 44.42 17.24 -43.81
CA LYS E 87 45.51 16.88 -44.70
C LYS E 87 46.77 17.64 -44.34
N GLY E 88 46.63 18.88 -43.87
CA GLY E 88 47.80 19.65 -43.47
C GLY E 88 48.52 19.03 -42.28
N ALA E 89 47.76 18.62 -41.27
CA ALA E 89 48.34 18.00 -40.09
C ALA E 89 48.74 16.55 -40.32
N LEU E 90 48.32 15.94 -41.43
CA LEU E 90 48.84 14.63 -41.80
C LEU E 90 50.10 14.74 -42.64
N GLU E 91 50.20 15.77 -43.49
CA GLU E 91 51.35 15.93 -44.36
C GLU E 91 52.62 16.25 -43.58
N ILE E 92 52.50 16.73 -42.34
CA ILE E 92 53.70 16.98 -41.55
C ILE E 92 54.39 15.65 -41.23
N TYR E 93 53.62 14.58 -41.11
CA TYR E 93 54.18 13.25 -40.93
C TYR E 93 54.40 12.52 -42.25
N LYS E 94 53.60 12.82 -43.28
CA LYS E 94 53.82 12.22 -44.59
C LYS E 94 55.16 12.65 -45.16
N ASN E 95 55.47 13.94 -45.12
CA ASN E 95 56.68 14.48 -45.71
C ASN E 95 57.91 14.25 -44.84
N ASN E 96 57.74 13.79 -43.61
CA ASN E 96 58.86 13.61 -42.69
C ASN E 96 59.09 12.15 -42.33
N THR E 97 58.66 11.23 -43.17
CA THR E 97 58.81 9.81 -42.87
C THR E 97 59.25 9.07 -44.12
N HIS E 98 60.27 8.22 -43.97
CA HIS E 98 60.83 7.46 -45.08
C HIS E 98 61.56 6.25 -44.50
N ASP E 99 61.91 5.32 -45.37
CA ASP E 99 62.68 4.15 -44.95
C ASP E 99 64.17 4.50 -44.92
N CYS E 100 64.78 4.38 -43.74
CA CYS E 100 66.21 4.63 -43.61
C CYS E 100 66.82 3.72 -42.54
N GLY E 108 63.16 -0.37 -40.94
CA GLY E 108 61.85 -0.01 -40.45
C GLY E 108 61.48 1.44 -40.72
N VAL E 109 60.46 1.93 -40.02
CA VAL E 109 60.02 3.31 -40.18
C VAL E 109 61.05 4.25 -39.57
N CYS E 110 61.43 5.27 -40.34
CA CYS E 110 62.49 6.19 -39.94
C CYS E 110 61.96 7.61 -40.01
N MET E 111 62.05 8.32 -38.88
CA MET E 111 61.41 9.62 -38.70
C MET E 111 62.43 10.75 -38.83
N ALA E 112 61.93 11.93 -39.18
CA ALA E 112 62.73 13.14 -39.31
C ALA E 112 62.24 14.15 -38.27
N GLY E 113 62.97 14.26 -37.17
CA GLY E 113 62.53 15.10 -36.06
C GLY E 113 62.76 16.58 -36.24
N VAL E 114 63.70 16.99 -37.08
CA VAL E 114 63.99 18.41 -37.26
C VAL E 114 62.78 19.14 -37.85
N ALA E 115 62.15 18.53 -38.84
CA ALA E 115 60.99 19.13 -39.49
C ALA E 115 59.67 18.81 -38.80
N ILE E 116 59.70 18.06 -37.70
CA ILE E 116 58.49 17.82 -36.93
C ILE E 116 58.32 18.88 -35.84
N GLY E 117 59.36 19.09 -35.04
CA GLY E 117 59.35 20.15 -34.06
C GLY E 117 58.65 19.81 -32.76
N ILE E 118 57.33 19.70 -32.80
CA ILE E 118 56.52 19.46 -31.61
C ILE E 118 55.70 18.19 -31.85
N ALA E 119 55.92 17.19 -31.01
CA ALA E 119 55.17 15.94 -31.08
C ALA E 119 55.30 15.23 -29.74
N THR E 120 54.25 14.50 -29.36
CA THR E 120 54.25 13.73 -28.13
C THR E 120 54.62 12.27 -28.43
N ALA E 121 54.74 11.47 -27.37
CA ALA E 121 54.96 10.04 -27.56
C ALA E 121 53.80 9.41 -28.29
N ALA E 122 52.57 9.77 -27.90
CA ALA E 122 51.39 9.28 -28.61
C ALA E 122 51.42 9.71 -30.06
N GLN E 123 51.82 10.95 -30.33
CA GLN E 123 51.88 11.42 -31.71
C GLN E 123 52.92 10.67 -32.52
N ILE E 124 54.07 10.36 -31.92
CA ILE E 124 55.12 9.66 -32.65
C ILE E 124 54.70 8.21 -32.93
N THR E 125 54.07 7.55 -31.95
CA THR E 125 53.54 6.21 -32.21
C THR E 125 52.46 6.24 -33.27
N ALA E 126 51.59 7.25 -33.24
CA ALA E 126 50.58 7.39 -34.27
C ALA E 126 51.21 7.58 -35.64
N GLY E 127 52.31 8.33 -35.69
CA GLY E 127 53.00 8.52 -36.98
C GLY E 127 53.63 7.25 -37.50
N VAL E 128 54.24 6.46 -36.62
CA VAL E 128 54.83 5.19 -37.07
C VAL E 128 53.73 4.27 -37.56
N ALA E 129 52.58 4.25 -36.87
CA ALA E 129 51.44 3.48 -37.35
C ALA E 129 50.94 4.00 -38.69
N LEU E 130 50.95 5.31 -38.87
CA LEU E 130 50.51 5.92 -40.12
C LEU E 130 51.39 5.47 -41.27
N TYR E 131 52.70 5.44 -41.06
CA TYR E 131 53.57 5.01 -42.15
C TYR E 131 53.45 3.51 -42.40
N GLU E 132 53.23 2.72 -41.35
CA GLU E 132 52.99 1.30 -41.56
C GLU E 132 51.73 1.07 -42.39
N ALA E 133 50.71 1.91 -42.20
CA ALA E 133 49.48 1.78 -42.97
C ALA E 133 49.58 2.42 -44.35
N MET E 134 50.59 3.26 -44.59
CA MET E 134 50.76 3.86 -45.91
C MET E 134 50.97 2.79 -46.99
N LYS E 135 51.55 1.65 -46.62
CA LYS E 135 51.78 0.59 -47.60
C LYS E 135 50.47 0.10 -48.21
N ASN E 136 49.45 -0.13 -47.37
CA ASN E 136 48.15 -0.52 -47.88
C ASN E 136 47.37 0.68 -48.41
N ALA E 137 47.69 1.88 -47.91
CA ALA E 137 47.06 3.08 -48.43
C ALA E 137 47.39 3.30 -49.90
N ASP E 138 48.61 2.99 -50.31
CA ASP E 138 48.94 3.10 -51.73
C ASP E 138 48.08 2.18 -52.57
N ASN E 139 47.89 0.93 -52.12
CA ASN E 139 47.08 -0.01 -52.88
C ASN E 139 45.62 0.39 -52.92
N ILE E 140 45.08 0.95 -51.83
CA ILE E 140 43.70 1.41 -51.87
C ILE E 140 43.56 2.62 -52.79
N ASN E 141 44.53 3.53 -52.75
CA ASN E 141 44.51 4.69 -53.63
C ASN E 141 44.60 4.28 -55.09
N LYS E 142 45.19 3.10 -55.36
CA LYS E 142 45.21 2.62 -56.74
C LYS E 142 43.81 2.39 -57.30
N LEU E 143 42.80 2.27 -56.43
CA LEU E 143 41.40 2.11 -56.85
C LEU E 143 40.61 3.40 -56.65
N LYS E 144 41.20 4.55 -56.95
CA LYS E 144 40.51 5.82 -56.73
C LYS E 144 39.26 5.94 -57.60
N SER E 145 39.35 5.50 -58.86
CA SER E 145 38.19 5.58 -59.75
C SER E 145 37.06 4.70 -59.23
N SER E 146 37.38 3.51 -58.72
CA SER E 146 36.36 2.65 -58.14
C SER E 146 35.77 3.26 -56.88
N ILE E 147 36.62 3.89 -56.05
CA ILE E 147 36.13 4.46 -54.79
C ILE E 147 35.16 5.61 -55.08
N GLU E 148 35.53 6.50 -56.00
CA GLU E 148 34.68 7.65 -56.30
C GLU E 148 33.40 7.26 -57.03
N SER E 149 33.34 6.06 -57.59
CA SER E 149 32.18 5.64 -58.38
C SER E 149 31.19 4.81 -57.58
N THR E 150 31.41 4.63 -56.28
CA THR E 150 30.47 3.84 -55.47
C THR E 150 29.16 4.59 -55.30
N ASN E 151 28.05 3.88 -55.46
CA ASN E 151 26.73 4.47 -55.31
C ASN E 151 25.84 3.67 -54.39
N GLU E 152 26.44 2.96 -53.43
CA GLU E 152 25.68 2.22 -52.42
C GLU E 152 26.29 2.49 -51.06
N ALA E 153 25.50 2.23 -50.02
CA ALA E 153 25.94 2.53 -48.66
C ALA E 153 27.17 1.72 -48.29
N VAL E 154 27.15 0.42 -48.58
CA VAL E 154 28.28 -0.46 -48.34
C VAL E 154 28.61 -1.16 -49.65
N VAL E 155 29.79 -0.89 -50.20
CA VAL E 155 30.20 -1.42 -51.49
C VAL E 155 31.50 -2.19 -51.31
N LYS E 156 31.59 -3.35 -51.93
CA LYS E 156 32.75 -4.21 -51.80
C LYS E 156 33.70 -3.99 -52.96
N LEU E 157 34.96 -3.70 -52.65
CA LEU E 157 36.02 -3.55 -53.63
C LEU E 157 37.18 -4.47 -53.27
N GLN E 158 37.89 -4.91 -54.30
CA GLN E 158 39.03 -5.82 -54.13
C GLN E 158 40.32 -5.03 -54.30
N GLU E 159 41.03 -4.80 -53.19
CA GLU E 159 42.29 -4.07 -53.25
C GLU E 159 43.46 -4.95 -53.65
N THR E 160 43.39 -6.25 -53.38
CA THR E 160 44.37 -7.22 -53.83
C THR E 160 43.65 -8.49 -54.26
N ALA E 161 44.41 -9.46 -54.75
CA ALA E 161 43.82 -10.73 -55.13
C ALA E 161 43.31 -11.51 -53.92
N GLU E 162 43.90 -11.26 -52.75
CA GLU E 162 43.56 -11.99 -51.53
C GLU E 162 42.75 -11.18 -50.54
N LYS E 163 42.97 -9.87 -50.47
CA LYS E 163 42.29 -9.01 -49.51
C LYS E 163 41.34 -8.05 -50.22
N THR E 164 40.28 -7.67 -49.52
CA THR E 164 39.24 -6.81 -50.05
C THR E 164 39.01 -5.63 -49.11
N VAL E 165 38.27 -4.64 -49.61
CA VAL E 165 37.98 -3.43 -48.84
C VAL E 165 36.51 -3.05 -49.04
N TYR E 166 35.93 -2.42 -48.03
CA TYR E 166 34.57 -1.92 -48.09
C TYR E 166 34.57 -0.41 -48.23
N VAL E 167 33.53 0.11 -48.89
CA VAL E 167 33.37 1.54 -49.10
C VAL E 167 32.04 1.98 -48.53
N PHE E 168 32.07 2.97 -47.63
CA PHE E 168 30.88 3.51 -47.00
C PHE E 168 30.66 4.94 -47.47
N THR E 169 29.47 5.21 -48.01
CA THR E 169 29.09 6.53 -48.47
C THR E 169 28.16 7.15 -47.44
N ALA E 170 28.45 8.39 -47.06
CA ALA E 170 27.86 8.98 -45.85
C ALA E 170 26.35 9.08 -45.95
N LEU E 171 25.83 9.52 -47.10
CA LEU E 171 24.41 9.83 -47.21
C LEU E 171 23.76 9.13 -48.41
N GLN E 172 24.27 7.98 -48.82
CA GLN E 172 23.75 7.36 -50.04
C GLN E 172 22.41 6.70 -49.80
N ASP E 173 22.22 6.12 -48.62
CA ASP E 173 20.94 5.48 -48.30
C ASP E 173 19.81 6.51 -48.30
N TYR E 174 20.06 7.68 -47.70
CA TYR E 174 19.07 8.75 -47.70
C TYR E 174 18.67 9.12 -49.12
N ILE E 175 19.65 9.35 -49.98
CA ILE E 175 19.38 9.77 -51.34
C ILE E 175 18.59 8.70 -52.08
N ASN E 176 19.10 7.46 -52.06
CA ASN E 176 18.49 6.40 -52.86
C ASN E 176 17.12 5.97 -52.33
N THR E 177 16.83 6.20 -51.05
CA THR E 177 15.53 5.82 -50.50
C THR E 177 14.49 6.92 -50.57
N ASN E 178 14.86 8.16 -50.26
CA ASN E 178 13.92 9.27 -50.25
C ASN E 178 14.03 10.18 -51.46
N LEU E 179 15.23 10.63 -51.78
CA LEU E 179 15.37 11.73 -52.74
C LEU E 179 15.29 11.23 -54.17
N VAL E 180 15.86 10.06 -54.47
CA VAL E 180 15.75 9.49 -55.80
C VAL E 180 14.30 9.15 -56.16
N PRO E 181 13.52 8.46 -55.32
CA PRO E 181 12.12 8.19 -55.70
C PRO E 181 11.28 9.44 -55.84
N THR E 182 11.62 10.51 -55.12
CA THR E 182 10.84 11.74 -55.13
C THR E 182 11.46 12.79 -56.06
N ILE E 183 11.98 12.36 -57.21
CA ILE E 183 12.61 13.29 -58.13
C ILE E 183 11.61 13.96 -59.05
N ASP E 184 10.40 13.39 -59.20
CA ASP E 184 9.41 13.93 -60.12
C ASP E 184 8.08 14.27 -59.47
N LYS E 185 7.74 13.64 -58.34
CA LYS E 185 6.43 13.88 -57.74
C LYS E 185 6.36 15.27 -57.11
N ILE E 186 7.50 15.80 -56.66
CA ILE E 186 7.54 17.17 -56.14
C ILE E 186 8.45 18.00 -57.05
N PRO E 187 8.22 19.32 -57.16
CA PRO E 187 9.11 20.14 -57.98
C PRO E 187 10.54 20.09 -57.45
N CYS E 188 11.50 20.09 -58.37
CA CYS E 188 12.88 19.83 -58.00
C CYS E 188 13.55 21.00 -57.31
N LYS E 189 12.90 22.16 -57.24
CA LYS E 189 13.38 23.20 -56.33
C LYS E 189 13.23 22.75 -54.88
N GLN E 190 12.10 22.13 -54.55
CA GLN E 190 11.92 21.54 -53.23
C GLN E 190 12.94 20.43 -53.00
N THR E 191 13.23 19.63 -54.02
CA THR E 191 14.26 18.60 -53.91
C THR E 191 15.61 19.20 -53.62
N GLU E 192 15.90 20.32 -54.32
CA GLU E 192 17.19 21.02 -54.12
C GLU E 192 17.28 21.49 -52.67
N LEU E 193 16.21 22.11 -52.16
CA LEU E 193 16.23 22.65 -50.80
C LEU E 193 16.38 21.53 -49.78
N SER E 194 15.67 20.41 -50.01
CA SER E 194 15.78 19.26 -49.12
C SER E 194 17.18 18.67 -49.15
N LEU E 195 17.78 18.58 -50.34
CA LEU E 195 19.17 18.16 -50.46
C LEU E 195 20.08 19.07 -49.64
N ASP E 196 19.95 20.38 -49.82
CA ASP E 196 20.82 21.31 -49.11
C ASP E 196 20.64 21.15 -47.60
N LEU E 197 19.40 20.98 -47.15
CA LEU E 197 19.14 20.84 -45.72
C LEU E 197 19.69 19.53 -45.17
N ALA E 198 19.59 18.44 -45.95
CA ALA E 198 20.11 17.15 -45.49
C ALA E 198 21.63 17.18 -45.42
N LEU E 199 22.28 17.71 -46.45
CA LEU E 199 23.73 17.87 -46.43
C LEU E 199 24.16 18.79 -45.30
N SER E 200 23.37 19.84 -45.01
CA SER E 200 23.70 20.72 -43.91
C SER E 200 23.54 20.04 -42.56
N LYS E 201 22.51 19.18 -42.42
CA LYS E 201 22.35 18.42 -41.20
C LYS E 201 23.50 17.43 -41.01
N TYR E 202 23.93 16.79 -42.10
CA TYR E 202 25.08 15.91 -42.04
C TYR E 202 26.34 16.68 -41.65
N LEU E 203 26.51 17.88 -42.20
CA LEU E 203 27.67 18.70 -41.84
C LEU E 203 27.59 19.15 -40.40
N SER E 204 26.37 19.40 -39.91
CA SER E 204 26.18 19.76 -38.51
C SER E 204 26.58 18.61 -37.60
N ASP E 205 26.21 17.39 -37.98
CA ASP E 205 26.62 16.21 -37.20
C ASP E 205 28.12 15.99 -37.30
N LEU E 206 28.71 16.28 -38.46
CA LEU E 206 30.16 16.14 -38.62
C LEU E 206 30.91 17.10 -37.72
N LEU E 207 30.55 18.39 -37.75
CA LEU E 207 31.41 19.44 -37.22
C LEU E 207 31.71 19.28 -35.74
N PHE E 208 30.90 18.51 -35.01
CA PHE E 208 31.24 18.22 -33.62
C PHE E 208 32.49 17.36 -33.51
N VAL E 209 32.87 16.66 -34.58
CA VAL E 209 33.94 15.68 -34.57
C VAL E 209 35.02 16.00 -35.60
N PHE E 210 34.62 16.20 -36.85
CA PHE E 210 35.54 16.44 -37.96
C PHE E 210 35.81 17.91 -38.20
N GLY E 211 35.21 18.81 -37.43
CA GLY E 211 35.43 20.23 -37.63
C GLY E 211 36.76 20.67 -37.05
N PRO E 212 36.85 21.94 -36.64
CA PRO E 212 38.10 22.43 -36.04
C PRO E 212 38.42 21.78 -34.72
N ASN E 213 37.50 20.99 -34.15
CA ASN E 213 37.81 20.26 -32.92
C ASN E 213 38.87 19.20 -33.14
N LEU E 214 39.08 18.78 -34.38
CA LEU E 214 40.04 17.73 -34.72
C LEU E 214 41.42 18.37 -34.89
N GLN E 215 42.00 18.76 -33.76
CA GLN E 215 43.31 19.40 -33.77
C GLN E 215 44.43 18.43 -34.11
N ASP E 216 44.31 17.17 -33.66
CA ASP E 216 45.35 16.16 -33.84
C ASP E 216 44.76 14.97 -34.57
N PRO E 217 44.74 14.97 -35.90
CA PRO E 217 44.15 13.84 -36.63
C PRO E 217 45.04 12.61 -36.68
N VAL E 218 46.32 12.74 -36.35
CA VAL E 218 47.22 11.59 -36.46
C VAL E 218 46.93 10.56 -35.37
N SER E 219 46.46 11.02 -34.21
CA SER E 219 46.30 10.13 -33.07
C SER E 219 45.21 9.08 -33.32
N ASN E 220 45.40 7.92 -32.71
CA ASN E 220 44.50 6.78 -32.88
C ASN E 220 43.56 6.60 -31.69
N SER E 221 43.52 7.56 -30.76
CA SER E 221 42.64 7.48 -29.61
C SER E 221 41.20 7.85 -29.92
N MET E 222 40.86 8.00 -31.19
CA MET E 222 39.53 8.47 -31.58
C MET E 222 38.61 7.27 -31.76
N THR E 223 37.46 7.29 -31.08
CA THR E 223 36.59 6.13 -31.01
C THR E 223 35.87 5.90 -32.33
N ILE E 224 35.48 4.64 -32.55
CA ILE E 224 34.73 4.28 -33.74
C ILE E 224 33.38 4.95 -33.74
N GLN E 225 32.80 5.19 -32.56
CA GLN E 225 31.51 5.87 -32.49
C GLN E 225 31.62 7.30 -33.03
N ALA E 226 32.71 7.99 -32.71
CA ALA E 226 32.90 9.34 -33.24
C ALA E 226 33.22 9.31 -34.74
N ILE E 227 33.97 8.30 -35.18
CA ILE E 227 34.28 8.18 -36.61
C ILE E 227 33.03 7.91 -37.41
N SER E 228 32.09 7.15 -36.84
CA SER E 228 30.85 6.83 -37.52
C SER E 228 29.97 8.06 -37.73
N GLN E 229 30.26 9.17 -37.06
CA GLN E 229 29.57 10.42 -37.37
C GLN E 229 29.83 10.85 -38.80
N ALA E 230 30.91 10.36 -39.41
CA ALA E 230 31.09 10.49 -40.85
C ALA E 230 30.16 9.58 -41.64
N PHE E 231 29.44 8.68 -40.96
CA PHE E 231 28.49 7.78 -41.60
C PHE E 231 27.10 7.88 -40.97
N GLY E 232 26.84 8.95 -40.22
CA GLY E 232 25.55 9.10 -39.58
C GLY E 232 25.44 8.51 -38.20
N GLY E 233 26.56 8.23 -37.54
CA GLY E 233 26.53 7.63 -36.22
C GLY E 233 26.20 6.16 -36.22
N ASN E 234 26.16 5.52 -37.38
CA ASN E 234 25.77 4.12 -37.50
C ASN E 234 27.02 3.23 -37.50
N TYR E 235 27.61 3.10 -36.31
CA TYR E 235 28.80 2.27 -36.19
C TYR E 235 28.46 0.78 -36.20
N GLU E 236 27.21 0.42 -35.93
CA GLU E 236 26.82 -0.98 -35.98
C GLU E 236 26.99 -1.55 -37.38
N THR E 237 26.60 -0.79 -38.41
CA THR E 237 26.76 -1.27 -39.78
C THR E 237 28.24 -1.46 -40.11
N LEU E 238 29.07 -0.49 -39.75
CA LEU E 238 30.51 -0.60 -40.00
C LEU E 238 31.08 -1.86 -39.35
N LEU E 239 30.82 -2.05 -38.06
CA LEU E 239 31.41 -3.18 -37.35
C LEU E 239 30.87 -4.51 -37.87
N ARG E 240 29.56 -4.60 -38.09
CA ARG E 240 28.99 -5.86 -38.56
C ARG E 240 29.50 -6.23 -39.94
N THR E 241 29.62 -5.25 -40.84
CA THR E 241 30.19 -5.54 -42.15
C THR E 241 31.66 -5.93 -42.04
N LEU E 242 32.39 -5.31 -41.10
CA LEU E 242 33.78 -5.69 -40.87
C LEU E 242 33.91 -7.09 -40.28
N GLY E 243 32.83 -7.67 -39.76
CA GLY E 243 32.86 -9.04 -39.32
C GLY E 243 33.57 -9.29 -38.00
N TYR E 244 33.02 -8.76 -36.91
CA TYR E 244 33.56 -9.06 -35.58
C TYR E 244 33.39 -10.54 -35.28
N ALA E 245 34.38 -11.11 -34.60
CA ALA E 245 34.37 -12.54 -34.31
C ALA E 245 34.84 -12.80 -32.88
N THR E 246 34.34 -12.02 -31.93
CA THR E 246 34.71 -12.18 -30.54
C THR E 246 33.47 -12.12 -29.66
N GLU E 247 33.55 -12.78 -28.50
CA GLU E 247 32.47 -12.74 -27.53
C GLU E 247 32.54 -11.51 -26.63
N ASP E 248 33.61 -10.73 -26.72
CA ASP E 248 33.75 -9.50 -25.97
C ASP E 248 33.36 -8.27 -26.78
N PHE E 249 32.59 -8.47 -27.86
CA PHE E 249 32.35 -7.39 -28.82
C PHE E 249 31.60 -6.23 -28.18
N ASP E 250 30.55 -6.51 -27.41
CA ASP E 250 29.77 -5.43 -26.82
C ASP E 250 30.58 -4.68 -25.77
N ASP E 251 31.34 -5.40 -24.95
CA ASP E 251 32.18 -4.74 -23.95
C ASP E 251 33.27 -3.92 -24.63
N LEU E 252 33.79 -4.40 -25.77
CA LEU E 252 34.74 -3.62 -26.54
C LEU E 252 34.09 -2.34 -27.06
N LEU E 253 32.87 -2.45 -27.56
CA LEU E 253 32.22 -1.31 -28.20
C LEU E 253 31.83 -0.24 -27.19
N GLU E 254 31.20 -0.64 -26.09
CA GLU E 254 30.74 0.35 -25.11
C GLU E 254 31.91 1.00 -24.39
N SER E 255 32.94 0.23 -24.05
CA SER E 255 34.09 0.80 -23.35
C SER E 255 34.97 1.65 -24.26
N ASP E 256 34.50 1.94 -25.48
CA ASP E 256 35.24 2.75 -26.46
C ASP E 256 36.57 2.09 -26.82
N SER E 257 36.62 0.75 -26.74
CA SER E 257 37.87 0.04 -27.02
C SER E 257 38.18 0.04 -28.51
N ILE E 258 37.16 -0.03 -29.36
CA ILE E 258 37.37 -0.03 -30.80
C ILE E 258 37.72 1.39 -31.21
N THR E 259 38.96 1.59 -31.66
CA THR E 259 39.47 2.90 -32.01
C THR E 259 39.85 2.92 -33.48
N GLY E 260 39.99 4.14 -34.02
CA GLY E 260 40.33 4.31 -35.41
C GLY E 260 41.44 5.33 -35.58
N GLN E 261 41.86 5.46 -36.84
CA GLN E 261 42.91 6.42 -37.19
C GLN E 261 42.75 6.81 -38.66
N ILE E 262 42.90 8.10 -38.94
CA ILE E 262 42.85 8.58 -40.31
C ILE E 262 44.26 8.55 -40.89
N ILE E 263 44.41 7.88 -42.03
CA ILE E 263 45.72 7.71 -42.66
C ILE E 263 45.81 8.35 -44.03
N TYR E 264 44.68 8.68 -44.66
CA TYR E 264 44.75 9.38 -45.94
C TYR E 264 43.45 10.16 -46.14
N VAL E 265 43.59 11.39 -46.63
CA VAL E 265 42.46 12.25 -46.97
C VAL E 265 42.66 12.73 -48.40
N ASP E 266 41.64 12.57 -49.23
CA ASP E 266 41.69 13.02 -50.61
C ASP E 266 40.78 14.23 -50.77
N LEU E 267 41.33 15.33 -51.28
CA LEU E 267 40.57 16.54 -51.51
C LEU E 267 39.99 16.61 -52.91
N SER E 268 40.26 15.62 -53.76
CA SER E 268 39.67 15.56 -55.09
C SER E 268 38.40 14.73 -55.13
N SER E 269 38.40 13.56 -54.50
CA SER E 269 37.21 12.72 -54.42
C SER E 269 36.53 12.78 -53.05
N TYR E 270 37.09 13.53 -52.10
CA TYR E 270 36.46 13.79 -50.81
C TYR E 270 36.17 12.51 -50.04
N TYR E 271 37.21 11.71 -49.86
CA TYR E 271 37.09 10.47 -49.11
C TYR E 271 38.28 10.33 -48.18
N ILE E 272 38.06 9.62 -47.08
CA ILE E 272 39.11 9.29 -46.13
C ILE E 272 39.10 7.78 -45.92
N ILE E 273 40.28 7.22 -45.70
CA ILE E 273 40.44 5.81 -45.41
C ILE E 273 40.88 5.68 -43.95
N VAL E 274 40.24 4.75 -43.23
CA VAL E 274 40.38 4.61 -41.80
C VAL E 274 40.85 3.21 -41.48
N ARG E 275 41.88 3.11 -40.65
CA ARG E 275 42.32 1.84 -40.09
C ARG E 275 41.59 1.61 -38.79
N VAL E 276 40.56 0.78 -38.81
CA VAL E 276 39.81 0.43 -37.61
C VAL E 276 40.58 -0.65 -36.86
N TYR E 277 40.81 -0.43 -35.57
CA TYR E 277 41.56 -1.36 -34.74
C TYR E 277 40.60 -2.22 -33.93
N PHE E 278 40.73 -3.53 -34.05
CA PHE E 278 39.87 -4.48 -33.35
C PHE E 278 40.71 -5.23 -32.32
N PRO E 279 40.68 -4.84 -31.07
CA PRO E 279 41.56 -5.46 -30.07
C PRO E 279 40.93 -6.67 -29.39
N ILE E 280 41.68 -7.29 -28.49
CA ILE E 280 41.20 -8.40 -27.69
C ILE E 280 41.28 -8.01 -26.22
N LEU E 281 40.28 -8.41 -25.46
CA LEU E 281 40.22 -8.13 -24.04
C LEU E 281 41.13 -9.11 -23.31
N THR E 282 42.19 -8.59 -22.71
CA THR E 282 43.16 -9.41 -21.98
C THR E 282 42.95 -9.20 -20.50
N GLU E 283 42.47 -10.24 -19.82
CA GLU E 283 42.30 -10.17 -18.38
C GLU E 283 43.66 -10.07 -17.70
N ILE E 284 43.79 -9.09 -16.83
CA ILE E 284 45.06 -8.85 -16.15
C ILE E 284 45.22 -9.86 -15.02
N GLN E 285 46.35 -10.54 -15.00
CA GLN E 285 46.63 -11.54 -13.98
C GLN E 285 46.69 -10.90 -12.59
N GLN E 286 46.16 -11.62 -11.60
CA GLN E 286 46.20 -11.18 -10.20
C GLN E 286 45.62 -9.79 -10.02
N ALA E 287 44.53 -9.51 -10.74
CA ALA E 287 43.88 -8.21 -10.70
C ALA E 287 42.38 -8.38 -10.55
N TYR E 288 41.78 -7.65 -9.62
CA TYR E 288 40.34 -7.66 -9.45
C TYR E 288 39.89 -6.29 -8.96
N ILE E 289 38.61 -6.01 -9.17
CA ILE E 289 38.02 -4.73 -8.76
C ILE E 289 36.94 -5.01 -7.73
N GLN E 290 37.07 -4.37 -6.57
CA GLN E 290 36.17 -4.56 -5.44
C GLN E 290 35.23 -3.37 -5.33
N GLU E 291 33.93 -3.65 -5.24
CA GLU E 291 32.92 -2.61 -5.10
C GLU E 291 32.41 -2.58 -3.67
N LEU E 292 32.26 -1.37 -3.14
CA LEU E 292 31.75 -1.15 -1.80
C LEU E 292 30.43 -0.38 -1.89
N LEU E 293 29.41 -0.87 -1.19
CA LEU E 293 28.11 -0.23 -1.18
C LEU E 293 27.96 0.61 0.07
N PRO E 294 27.72 1.92 -0.05
CA PRO E 294 27.65 2.76 1.15
C PRO E 294 26.32 2.63 1.87
N VAL E 295 26.39 2.57 3.19
CA VAL E 295 25.22 2.48 4.06
C VAL E 295 25.30 3.59 5.09
N SER E 296 24.23 4.36 5.22
CA SER E 296 24.17 5.38 6.25
C SER E 296 24.18 4.74 7.63
N PHE E 297 25.00 5.29 8.53
CA PHE E 297 25.15 4.75 9.86
C PHE E 297 24.95 5.84 10.91
N ASN E 298 24.62 5.42 12.12
CA ASN E 298 24.27 6.33 13.19
C ASN E 298 25.46 6.59 14.10
N ASN E 299 25.69 7.86 14.43
CA ASN E 299 26.76 8.23 15.33
C ASN E 299 26.40 9.53 16.03
N ASP E 300 26.43 9.51 17.37
CA ASP E 300 26.16 10.68 18.19
C ASP E 300 24.82 11.33 17.84
N ASN E 301 23.79 10.48 17.74
CA ASN E 301 22.42 10.91 17.50
C ASN E 301 22.27 11.66 16.19
N SER E 302 23.16 11.37 15.23
CA SER E 302 23.08 11.92 13.88
C SER E 302 23.38 10.81 12.90
N GLU E 303 22.89 10.97 11.69
CA GLU E 303 23.06 9.96 10.64
C GLU E 303 24.13 10.45 9.67
N TRP E 304 25.13 9.58 9.42
CA TRP E 304 26.29 9.95 8.63
C TRP E 304 26.48 8.96 7.50
N ILE E 305 27.35 9.35 6.55
CA ILE E 305 27.74 8.49 5.44
C ILE E 305 29.25 8.65 5.24
N SER E 306 29.93 7.54 4.97
CA SER E 306 31.38 7.55 4.87
C SER E 306 31.82 7.90 3.45
N ILE E 307 32.93 8.62 3.35
CA ILE E 307 33.42 9.10 2.06
C ILE E 307 34.64 8.26 1.71
N VAL E 308 34.39 7.18 0.98
CA VAL E 308 35.43 6.26 0.48
C VAL E 308 34.98 5.88 -0.93
N PRO E 309 35.90 5.72 -1.88
CA PRO E 309 35.48 5.43 -3.26
C PRO E 309 34.70 4.13 -3.36
N ASN E 310 33.74 4.10 -4.28
CA ASN E 310 32.91 2.91 -4.46
C ASN E 310 33.71 1.74 -5.02
N PHE E 311 34.69 2.00 -5.89
CA PHE E 311 35.41 0.96 -6.60
C PHE E 311 36.90 1.05 -6.31
N ILE E 312 37.54 -0.11 -6.16
CA ILE E 312 38.95 -0.20 -5.80
C ILE E 312 39.63 -1.17 -6.74
N LEU E 313 40.81 -0.79 -7.24
CA LEU E 313 41.63 -1.64 -8.08
C LEU E 313 42.72 -2.30 -7.23
N VAL E 314 42.80 -3.62 -7.28
CA VAL E 314 43.81 -4.38 -6.57
C VAL E 314 44.62 -5.17 -7.59
N ARG E 315 45.92 -4.91 -7.63
CA ARG E 315 46.81 -5.54 -8.61
C ARG E 315 48.05 -6.04 -7.88
N ASN E 316 48.19 -7.35 -7.75
CA ASN E 316 49.33 -7.96 -7.07
C ASN E 316 49.49 -7.38 -5.67
N THR E 317 48.39 -7.39 -4.91
CA THR E 317 48.33 -6.91 -3.54
C THR E 317 48.71 -5.43 -3.41
N LEU E 318 48.49 -4.65 -4.47
CA LEU E 318 48.68 -3.21 -4.44
C LEU E 318 47.35 -2.53 -4.68
N ILE E 319 46.99 -1.61 -3.79
CA ILE E 319 45.68 -0.96 -3.81
C ILE E 319 45.81 0.41 -4.47
N SER E 320 44.98 0.65 -5.48
CA SER E 320 45.00 1.92 -6.19
C SER E 320 43.61 2.24 -6.71
N ASN E 321 43.36 3.52 -6.95
CA ASN E 321 42.05 4.00 -7.40
C ASN E 321 41.81 3.64 -8.85
N ILE E 322 40.67 4.08 -9.37
CA ILE E 322 40.34 3.98 -10.78
C ILE E 322 39.26 4.99 -11.11
N GLU E 323 39.42 5.71 -12.23
CA GLU E 323 38.33 6.58 -12.71
C GLU E 323 37.38 5.71 -13.51
N ILE E 324 36.52 4.99 -12.79
CA ILE E 324 35.65 4.01 -13.40
C ILE E 324 34.58 4.65 -14.26
N GLY E 325 34.44 5.98 -14.20
CA GLY E 325 33.53 6.66 -15.09
C GLY E 325 33.89 6.47 -16.54
N PHE E 326 35.20 6.46 -16.86
CA PHE E 326 35.65 6.20 -18.22
C PHE E 326 35.52 4.74 -18.61
N CYS E 327 35.50 3.83 -17.64
CA CYS E 327 35.40 2.40 -17.90
C CYS E 327 33.94 1.96 -17.97
N LEU E 328 33.75 0.71 -18.38
CA LEU E 328 32.41 0.10 -18.45
C LEU E 328 32.33 -1.02 -17.42
N ILE E 329 31.31 -0.97 -16.57
CA ILE E 329 31.15 -1.92 -15.48
C ILE E 329 30.11 -2.95 -15.89
N THR E 330 30.48 -4.22 -15.81
CA THR E 330 29.59 -5.35 -16.08
C THR E 330 29.34 -6.10 -14.78
N LYS E 331 28.65 -7.24 -14.88
CA LYS E 331 28.31 -7.99 -13.68
C LYS E 331 29.51 -8.68 -13.06
N ARG E 332 30.51 -9.04 -13.86
CA ARG E 332 31.66 -9.77 -13.34
C ARG E 332 33.00 -9.18 -13.80
N SER E 333 32.99 -8.06 -14.51
CA SER E 333 34.24 -7.48 -15.01
C SER E 333 34.03 -6.01 -15.30
N VAL E 334 35.13 -5.27 -15.35
CA VAL E 334 35.15 -3.88 -15.78
C VAL E 334 36.15 -3.75 -16.93
N ILE E 335 35.66 -3.25 -18.07
CA ILE E 335 36.44 -3.20 -19.30
C ILE E 335 36.88 -1.77 -19.53
N CYS E 336 38.18 -1.58 -19.70
CA CYS E 336 38.75 -0.26 -19.92
C CYS E 336 39.64 -0.29 -21.17
N ASN E 337 39.54 0.75 -21.98
CA ASN E 337 40.38 0.86 -23.17
C ASN E 337 41.72 1.52 -22.88
N GLN E 338 42.01 1.79 -21.61
CA GLN E 338 43.35 2.22 -21.18
C GLN E 338 43.52 1.82 -19.72
N ASP E 339 44.76 1.73 -19.29
CA ASP E 339 45.03 1.40 -17.90
C ASP E 339 44.79 2.63 -17.03
N TYR E 340 43.69 2.62 -16.26
CA TYR E 340 43.22 3.81 -15.57
C TYR E 340 43.56 3.83 -14.10
N ALA E 341 44.51 3.01 -13.65
CA ALA E 341 44.89 3.02 -12.24
C ALA E 341 45.45 4.40 -11.89
N THR E 342 44.98 4.94 -10.78
CA THR E 342 45.44 6.23 -10.29
C THR E 342 45.90 6.08 -8.84
N PRO E 343 46.80 6.92 -8.36
CA PRO E 343 47.37 6.72 -7.03
C PRO E 343 46.33 6.93 -5.94
N MET E 344 46.61 6.34 -4.79
CA MET E 344 45.78 6.47 -3.60
C MET E 344 46.60 7.07 -2.47
N THR E 345 45.97 7.92 -1.67
CA THR E 345 46.64 8.46 -0.51
C THR E 345 46.98 7.34 0.46
N ASN E 346 48.13 7.47 1.13
CA ASN E 346 48.54 6.45 2.08
C ASN E 346 47.52 6.31 3.20
N ASN E 347 46.99 7.43 3.68
CA ASN E 347 45.98 7.38 4.74
C ASN E 347 44.72 6.65 4.26
N MET E 348 44.32 6.88 3.01
CA MET E 348 43.19 6.13 2.45
C MET E 348 43.49 4.65 2.39
N ARG E 349 44.72 4.30 2.02
CA ARG E 349 45.12 2.89 1.98
C ARG E 349 45.02 2.26 3.36
N GLU E 350 45.46 2.98 4.40
CA GLU E 350 45.29 2.45 5.76
C GLU E 350 43.82 2.38 6.14
N CYS E 351 43.01 3.32 5.65
CA CYS E 351 41.57 3.29 5.93
C CYS E 351 40.93 2.03 5.38
N LEU E 352 41.27 1.65 4.15
CA LEU E 352 40.66 0.47 3.55
C LEU E 352 41.24 -0.85 4.04
N THR E 353 42.31 -0.81 4.85
CA THR E 353 42.95 -2.02 5.34
C THR E 353 42.75 -2.23 6.83
N GLY E 354 41.76 -1.59 7.43
CA GLY E 354 41.37 -1.84 8.81
C GLY E 354 41.37 -0.64 9.71
N SER E 355 42.15 0.40 9.39
CA SER E 355 42.22 1.59 10.22
C SER E 355 41.05 2.49 9.85
N THR E 356 39.88 2.19 10.43
CA THR E 356 38.66 2.90 10.04
C THR E 356 38.62 4.32 10.60
N GLU E 357 39.45 4.63 11.60
CA GLU E 357 39.45 5.97 12.16
C GLU E 357 39.94 7.03 11.19
N LYS E 358 40.61 6.63 10.11
CA LYS E 358 41.07 7.57 9.10
C LYS E 358 40.12 7.69 7.92
N CYS E 359 39.01 6.97 7.93
CA CYS E 359 38.04 7.07 6.85
C CYS E 359 37.12 8.27 7.10
N PRO E 360 37.10 9.25 6.23
CA PRO E 360 36.27 10.44 6.47
C PRO E 360 34.79 10.13 6.36
N ARG E 361 33.99 10.92 7.07
CA ARG E 361 32.55 10.73 7.10
C ARG E 361 31.85 12.06 6.87
N GLU E 362 30.69 12.01 6.25
CA GLU E 362 29.89 13.18 5.94
C GLU E 362 28.54 13.08 6.62
N LEU E 363 28.13 14.19 7.24
CA LEU E 363 26.79 14.24 7.86
C LEU E 363 25.77 14.05 6.75
N VAL E 364 24.60 13.51 7.08
CA VAL E 364 23.55 13.20 6.06
C VAL E 364 22.49 14.29 6.09
N VAL E 365 22.17 14.88 4.92
CA VAL E 365 21.13 15.95 4.84
C VAL E 365 20.00 15.46 3.94
N SER E 366 20.31 14.53 3.02
CA SER E 366 19.27 13.96 2.12
C SER E 366 18.47 12.89 2.84
N SER E 367 17.15 13.06 2.90
CA SER E 367 16.22 12.04 3.37
C SER E 367 16.14 10.82 2.44
N HIS E 368 16.96 10.76 1.38
CA HIS E 368 16.92 9.66 0.40
C HIS E 368 18.31 9.06 0.21
N VAL E 369 18.99 8.77 1.31
CA VAL E 369 20.28 8.09 1.30
C VAL E 369 20.02 6.61 1.63
N PRO E 370 20.73 5.67 1.01
CA PRO E 370 20.49 4.26 1.34
C PRO E 370 20.75 3.96 2.81
N ARG E 371 19.92 3.08 3.37
CA ARG E 371 19.95 2.77 4.79
C ARG E 371 20.12 1.30 5.11
N PHE E 372 19.93 0.40 4.14
CA PHE E 372 20.22 -1.01 4.37
C PHE E 372 20.82 -1.60 3.10
N ALA E 373 21.58 -2.68 3.27
CA ALA E 373 22.24 -3.32 2.15
C ALA E 373 22.44 -4.80 2.45
N LEU E 374 22.43 -5.60 1.39
CA LEU E 374 22.45 -7.05 1.48
C LEU E 374 23.75 -7.60 0.87
N SER E 375 24.55 -8.26 1.69
CA SER E 375 25.77 -8.92 1.22
C SER E 375 25.78 -10.35 1.73
N ASN E 376 26.00 -11.30 0.82
CA ASN E 376 26.13 -12.72 1.16
C ASN E 376 24.87 -13.25 1.84
N GLY E 377 23.72 -12.60 1.59
CA GLY E 377 22.51 -12.95 2.30
C GLY E 377 22.45 -12.43 3.73
N VAL E 378 23.42 -11.62 4.14
CA VAL E 378 23.49 -11.06 5.48
C VAL E 378 23.17 -9.57 5.38
N LEU E 379 22.23 -9.12 6.20
CA LEU E 379 21.64 -7.80 6.06
C LEU E 379 22.29 -6.82 7.03
N PHE E 380 22.85 -5.74 6.50
CA PHE E 380 23.41 -4.66 7.30
C PHE E 380 22.49 -3.46 7.19
N ALA E 381 22.05 -2.93 8.33
CA ALA E 381 21.09 -1.84 8.34
C ALA E 381 21.30 -0.97 9.56
N ASN E 382 20.77 0.24 9.49
CA ASN E 382 20.75 1.20 10.60
C ASN E 382 19.32 1.26 11.12
N CYS E 383 19.03 0.43 12.13
CA CYS E 383 17.67 0.30 12.61
C CYS E 383 17.16 1.54 13.32
N ILE E 384 18.05 2.48 13.70
CA ILE E 384 17.60 3.74 14.26
C ILE E 384 16.86 4.55 13.21
N SER E 385 17.29 4.48 11.96
CA SER E 385 16.68 5.25 10.89
C SER E 385 15.59 4.51 10.15
N VAL E 386 15.63 3.17 10.11
CA VAL E 386 14.57 2.37 9.52
C VAL E 386 14.16 1.32 10.54
N THR E 387 12.85 1.19 10.77
CA THR E 387 12.35 0.25 11.75
C THR E 387 12.55 -1.18 11.27
N CYS E 388 13.13 -2.01 12.13
CA CYS E 388 13.40 -3.41 11.81
C CYS E 388 12.64 -4.29 12.80
N GLN E 389 11.80 -5.20 12.28
CA GLN E 389 11.08 -6.16 13.16
C GLN E 389 10.93 -7.48 12.40
N CYS E 390 11.83 -8.45 12.60
CA CYS E 390 11.76 -9.71 11.82
C CYS E 390 10.46 -10.44 12.15
N GLN E 391 9.95 -11.25 11.22
CA GLN E 391 8.61 -11.88 11.42
C GLN E 391 8.65 -13.12 12.30
N THR E 392 9.73 -13.92 12.23
CA THR E 392 9.70 -15.18 12.99
C THR E 392 9.65 -14.94 14.49
N THR E 393 10.38 -13.96 15.05
CA THR E 393 10.12 -13.63 16.45
C THR E 393 8.84 -12.83 16.64
N GLY E 394 8.35 -12.18 15.58
CA GLY E 394 7.13 -11.35 15.59
C GLY E 394 7.26 -10.05 16.40
N ARG E 395 8.48 -9.51 16.52
CA ARG E 395 8.80 -8.44 17.48
C ARG E 395 9.80 -7.49 16.82
N ALA E 396 10.02 -6.31 17.41
CA ALA E 396 10.94 -5.33 16.84
C ALA E 396 12.39 -5.67 17.16
N ILE E 397 13.28 -5.23 16.29
CA ILE E 397 14.72 -5.38 16.47
C ILE E 397 15.27 -4.00 16.87
N SER E 398 15.85 -3.92 18.05
CA SER E 398 16.23 -2.65 18.66
C SER E 398 17.71 -2.40 18.45
N GLN E 399 18.05 -1.16 18.09
CA GLN E 399 19.43 -0.73 17.92
C GLN E 399 19.76 0.32 18.96
N SER E 400 20.87 0.11 19.67
CA SER E 400 21.24 0.99 20.77
C SER E 400 21.87 2.27 20.22
N GLY E 401 22.32 3.12 21.14
CA GLY E 401 22.94 4.39 20.76
C GLY E 401 24.44 4.28 20.63
N GLU E 402 24.96 3.05 20.57
CA GLU E 402 26.39 2.82 20.40
C GLU E 402 26.70 2.05 19.12
N GLN E 403 25.71 1.42 18.50
CA GLN E 403 25.93 0.55 17.35
C GLN E 403 25.66 1.33 16.06
N THR E 404 26.64 1.35 15.18
CA THR E 404 26.51 2.08 13.92
C THR E 404 25.54 1.37 12.97
N LEU E 405 25.69 0.06 12.81
CA LEU E 405 24.84 -0.73 11.94
C LEU E 405 24.51 -2.06 12.61
N LEU E 406 23.46 -2.71 12.13
CA LEU E 406 23.03 -3.99 12.66
C LEU E 406 23.19 -5.08 11.61
N MET E 407 23.72 -6.22 12.04
CA MET E 407 23.72 -7.42 11.23
C MET E 407 22.53 -8.29 11.62
N ILE E 408 21.79 -8.73 10.62
CA ILE E 408 20.72 -9.70 10.80
C ILE E 408 21.09 -10.95 10.02
N ASP E 409 20.85 -12.11 10.63
CA ASP E 409 21.09 -13.39 9.97
C ASP E 409 20.16 -14.43 10.59
N ASN E 410 20.29 -15.67 10.14
CA ASN E 410 19.47 -16.74 10.68
C ASN E 410 19.81 -17.06 12.12
N THR E 411 21.00 -16.66 12.60
CA THR E 411 21.35 -16.93 14.00
C THR E 411 20.48 -16.14 14.96
N THR E 412 20.21 -14.87 14.67
CA THR E 412 19.36 -14.06 15.55
C THR E 412 17.89 -14.37 15.28
N CYS E 413 17.45 -14.18 14.04
CA CYS E 413 16.12 -14.60 13.61
C CYS E 413 16.09 -14.63 12.09
N PRO E 414 15.59 -15.71 11.49
CA PRO E 414 15.84 -15.94 10.06
C PRO E 414 15.26 -14.88 9.12
N THR E 415 13.94 -14.64 9.16
CA THR E 415 13.27 -13.80 8.17
C THR E 415 12.94 -12.44 8.77
N ALA E 416 13.50 -11.38 8.21
CA ALA E 416 13.35 -10.01 8.68
C ALA E 416 12.40 -9.22 7.79
N VAL E 417 11.80 -8.16 8.35
CA VAL E 417 10.90 -7.28 7.63
C VAL E 417 11.36 -5.85 7.85
N LEU E 418 11.52 -5.12 6.75
CA LEU E 418 11.90 -3.70 6.77
C LEU E 418 10.92 -2.96 5.86
N GLY E 419 9.99 -2.19 6.41
CA GLY E 419 8.93 -1.58 5.62
C GLY E 419 8.15 -2.63 4.81
N ASN E 420 8.09 -2.46 3.49
CA ASN E 420 7.33 -3.33 2.59
C ASN E 420 8.00 -4.67 2.24
N VAL E 421 9.27 -4.91 2.56
CA VAL E 421 9.97 -6.15 2.16
C VAL E 421 10.01 -7.16 3.29
N ILE E 422 9.68 -8.41 2.97
CA ILE E 422 9.92 -9.56 3.84
C ILE E 422 11.10 -10.30 3.22
N ILE E 423 12.19 -10.47 3.95
CA ILE E 423 13.42 -11.01 3.41
C ILE E 423 13.88 -12.18 4.24
N SER E 424 14.17 -13.30 3.57
CA SER E 424 14.77 -14.47 4.19
C SER E 424 16.28 -14.39 4.03
N LEU E 425 16.99 -14.65 5.11
CA LEU E 425 18.40 -14.34 5.26
C LEU E 425 19.24 -15.61 5.36
N GLY E 426 20.53 -15.45 5.13
CA GLY E 426 21.50 -16.51 5.27
C GLY E 426 22.24 -16.43 6.58
N LYS E 427 23.46 -16.96 6.59
CA LYS E 427 24.28 -17.00 7.80
C LYS E 427 25.58 -16.24 7.56
N TYR E 428 26.00 -15.48 8.58
CA TYR E 428 27.26 -14.76 8.51
C TYR E 428 28.44 -15.72 8.58
N LEU E 429 29.53 -15.33 7.93
CA LEU E 429 30.75 -16.12 7.93
C LEU E 429 31.85 -15.55 8.80
N GLY E 430 31.74 -14.29 9.21
CA GLY E 430 32.77 -13.69 10.04
C GLY E 430 32.59 -13.99 11.50
N SER E 431 32.89 -13.02 12.36
CA SER E 431 32.81 -13.24 13.80
C SER E 431 31.37 -13.48 14.23
N VAL E 432 31.19 -14.30 15.27
CA VAL E 432 29.86 -14.57 15.80
C VAL E 432 29.41 -13.47 16.74
N ASN E 433 30.35 -12.72 17.33
CA ASN E 433 30.03 -11.63 18.24
C ASN E 433 30.03 -10.26 17.55
N TYR E 434 29.56 -10.21 16.31
CA TYR E 434 29.66 -8.99 15.50
C TYR E 434 28.93 -7.83 16.16
N ASN E 435 27.68 -8.04 16.58
CA ASN E 435 26.86 -6.93 17.05
C ASN E 435 27.26 -6.42 18.43
N SER E 436 28.16 -7.10 19.12
CA SER E 436 28.54 -6.71 20.48
C SER E 436 29.86 -5.95 20.55
N GLU E 437 30.64 -5.93 19.47
CA GLU E 437 31.95 -5.28 19.46
C GLU E 437 31.85 -3.92 18.81
N GLY E 438 32.46 -2.91 19.44
CA GLY E 438 32.50 -1.57 18.90
C GLY E 438 33.82 -1.26 18.23
N ILE E 439 33.90 -0.07 17.64
CA ILE E 439 35.07 0.39 16.90
C ILE E 439 35.21 1.90 17.07
N ALA E 440 36.30 2.43 16.52
CA ALA E 440 36.53 3.86 16.47
C ALA E 440 35.94 4.44 15.18
N ILE E 441 35.70 5.74 15.20
CA ILE E 441 35.06 6.43 14.09
C ILE E 441 35.89 7.62 13.67
N GLY E 442 35.77 8.00 12.40
CA GLY E 442 36.62 9.03 11.83
C GLY E 442 36.08 10.42 12.06
N PRO E 443 36.74 11.40 11.43
CA PRO E 443 36.33 12.79 11.58
C PRO E 443 35.36 13.21 10.49
N PRO E 444 34.50 14.19 10.77
CA PRO E 444 33.56 14.67 9.73
C PRO E 444 34.29 15.45 8.65
N VAL E 445 33.72 15.39 7.44
CA VAL E 445 34.23 16.12 6.28
C VAL E 445 33.05 16.66 5.48
N PHE E 446 33.35 17.60 4.59
CA PHE E 446 32.38 18.15 3.64
C PHE E 446 33.01 18.13 2.25
N THR E 447 32.25 17.62 1.27
CA THR E 447 32.79 17.30 -0.03
C THR E 447 32.49 18.33 -1.12
N ASP E 448 31.78 19.40 -0.80
CA ASP E 448 31.48 20.40 -1.81
C ASP E 448 32.73 21.21 -2.16
N LYS E 449 32.78 21.69 -3.41
CA LYS E 449 33.94 22.45 -3.87
C LYS E 449 34.11 23.74 -3.06
N VAL E 450 33.00 24.44 -2.79
CA VAL E 450 33.07 25.63 -1.94
C VAL E 450 33.48 25.25 -0.53
N ASP E 451 33.03 24.08 -0.06
CA ASP E 451 33.43 23.61 1.27
C ASP E 451 34.93 23.33 1.32
N ILE E 452 35.49 22.79 0.25
CA ILE E 452 36.92 22.45 0.22
C ILE E 452 37.77 23.72 0.35
N SER E 453 37.39 24.77 -0.38
CA SER E 453 38.18 26.00 -0.36
C SER E 453 38.16 26.64 1.03
N SER E 454 37.01 26.61 1.71
CA SER E 454 36.94 27.23 3.02
C SER E 454 37.69 26.44 4.08
N GLN E 455 37.64 25.12 4.00
CA GLN E 455 38.44 24.32 4.92
C GLN E 455 39.92 24.61 4.73
N ILE E 456 40.36 24.78 3.48
CA ILE E 456 41.72 25.21 3.23
C ILE E 456 41.97 26.60 3.81
N SER E 457 41.02 27.52 3.61
CA SER E 457 41.17 28.88 4.11
C SER E 457 41.19 28.90 5.63
N SER E 458 40.27 28.18 6.27
CA SER E 458 40.22 28.15 7.73
C SER E 458 41.47 27.50 8.30
N MET E 459 41.91 26.38 7.71
CA MET E 459 43.11 25.72 8.17
C MET E 459 44.33 26.60 7.98
N ASN E 460 44.39 27.34 6.87
CA ASN E 460 45.47 28.30 6.67
C ASN E 460 45.41 29.40 7.72
N GLN E 461 44.21 29.90 8.01
CA GLN E 461 44.06 30.91 9.06
C GLN E 461 44.44 30.35 10.43
N SER E 462 44.06 29.09 10.69
CA SER E 462 44.43 28.46 11.95
C SER E 462 45.95 28.34 12.09
N LEU E 463 46.62 28.00 10.99
CA LEU E 463 48.08 27.89 11.02
C LEU E 463 48.72 29.24 11.32
N GLN E 464 48.19 30.32 10.73
CA GLN E 464 48.71 31.65 10.96
C GLN E 464 48.46 32.10 12.39
N ILE F 23 -37.44 -34.86 49.82
CA ILE F 23 -36.03 -34.98 50.13
C ILE F 23 -35.44 -33.58 50.32
N LEU F 24 -36.04 -32.58 49.68
CA LEU F 24 -35.59 -31.21 49.82
C LEU F 24 -36.20 -30.59 51.07
N HIS F 25 -35.34 -29.99 51.91
CA HIS F 25 -35.80 -29.36 53.15
C HIS F 25 -36.23 -27.94 52.83
N TYR F 26 -37.49 -27.77 52.48
CA TYR F 26 -37.98 -26.47 52.03
C TYR F 26 -38.02 -25.46 53.17
N GLU F 27 -38.28 -25.90 54.40
CA GLU F 27 -38.32 -24.98 55.52
C GLU F 27 -36.97 -24.31 55.74
N LYS F 28 -35.89 -25.09 55.68
CA LYS F 28 -34.57 -24.51 55.86
C LYS F 28 -34.15 -23.70 54.64
N LEU F 29 -34.66 -24.05 53.46
CA LEU F 29 -34.32 -23.29 52.26
C LEU F 29 -35.03 -21.95 52.22
N SER F 30 -36.20 -21.86 52.86
CA SER F 30 -36.89 -20.58 52.94
C SER F 30 -36.09 -19.57 53.74
N LYS F 31 -35.40 -20.03 54.79
CA LYS F 31 -34.60 -19.16 55.63
C LYS F 31 -33.43 -18.53 54.86
N ILE F 32 -32.93 -19.21 53.81
CA ILE F 32 -31.83 -18.66 53.03
C ILE F 32 -32.32 -17.95 51.78
N GLY F 33 -33.62 -17.79 51.61
CA GLY F 33 -34.19 -17.06 50.49
C GLY F 33 -34.76 -17.91 49.39
N LEU F 34 -34.53 -19.22 49.44
CA LEU F 34 -35.02 -20.13 48.40
C LEU F 34 -36.41 -20.59 48.78
N VAL F 35 -37.39 -19.78 48.45
CA VAL F 35 -38.79 -20.11 48.71
C VAL F 35 -39.22 -21.22 47.75
N LYS F 36 -39.83 -22.27 48.30
CA LYS F 36 -40.27 -23.39 47.49
C LYS F 36 -41.30 -22.94 46.47
N GLY F 37 -41.11 -23.37 45.23
CA GLY F 37 -41.98 -22.96 44.13
C GLY F 37 -42.76 -24.10 43.53
N VAL F 38 -43.07 -23.99 42.24
CA VAL F 38 -43.91 -24.99 41.58
C VAL F 38 -43.15 -26.30 41.42
N THR F 39 -43.85 -27.40 41.62
CA THR F 39 -43.32 -28.74 41.38
C THR F 39 -43.84 -29.23 40.03
N ARG F 40 -42.94 -29.62 39.16
CA ARG F 40 -43.27 -29.97 37.79
C ARG F 40 -42.81 -31.38 37.46
N LYS F 41 -43.44 -31.97 36.45
CA LYS F 41 -43.23 -33.35 36.07
C LYS F 41 -42.33 -33.44 34.84
N TYR F 42 -41.37 -34.34 34.88
CA TYR F 42 -40.32 -34.42 33.87
C TYR F 42 -40.69 -35.46 32.83
N LYS F 43 -40.67 -35.05 31.55
CA LYS F 43 -41.00 -35.92 30.44
C LYS F 43 -40.03 -35.67 29.30
N ILE F 44 -39.53 -36.76 28.70
CA ILE F 44 -38.46 -36.69 27.71
C ILE F 44 -38.96 -37.32 26.41
N LYS F 45 -38.26 -37.00 25.33
CA LYS F 45 -38.59 -37.53 24.01
C LYS F 45 -38.31 -39.02 23.93
N SER F 46 -39.27 -39.78 23.42
CA SER F 46 -39.11 -41.22 23.22
C SER F 46 -40.13 -41.70 22.20
N ASN F 47 -39.85 -42.89 21.64
CA ASN F 47 -40.70 -43.59 20.68
C ASN F 47 -41.12 -42.68 19.53
N PRO F 48 -40.21 -42.34 18.62
CA PRO F 48 -40.57 -41.44 17.52
C PRO F 48 -41.23 -42.20 16.36
N LEU F 49 -42.36 -41.68 15.90
CA LEU F 49 -42.92 -42.14 14.64
C LEU F 49 -42.18 -41.48 13.48
N THR F 50 -42.44 -41.97 12.28
CA THR F 50 -41.72 -41.50 11.10
C THR F 50 -42.70 -41.15 9.99
N LYS F 51 -42.40 -40.05 9.30
CA LYS F 51 -43.15 -39.63 8.11
C LYS F 51 -42.16 -39.13 7.07
N ASP F 52 -42.59 -39.14 5.81
CA ASP F 52 -41.73 -38.79 4.68
C ASP F 52 -42.30 -37.58 3.95
N ILE F 53 -41.45 -36.57 3.76
CA ILE F 53 -41.79 -35.36 3.01
C ILE F 53 -40.65 -35.08 2.03
N VAL F 54 -40.97 -34.32 0.99
CA VAL F 54 -40.00 -33.90 -0.01
C VAL F 54 -40.06 -32.38 -0.12
N ILE F 55 -38.91 -31.73 0.05
CA ILE F 55 -38.78 -30.29 -0.15
C ILE F 55 -38.03 -30.07 -1.44
N LYS F 56 -38.67 -29.37 -2.38
CA LYS F 56 -38.05 -28.99 -3.65
C LYS F 56 -37.59 -27.54 -3.52
N MET F 57 -36.29 -27.35 -3.33
CA MET F 57 -35.75 -26.05 -2.97
C MET F 57 -35.59 -25.10 -4.15
N ILE F 58 -36.27 -25.36 -5.26
CA ILE F 58 -36.35 -24.43 -6.38
C ILE F 58 -37.78 -24.40 -6.88
N PRO F 59 -38.35 -23.23 -7.14
CA PRO F 59 -39.72 -23.17 -7.64
C PRO F 59 -39.82 -23.53 -9.12
N ASN F 60 -40.97 -24.10 -9.48
CA ASN F 60 -41.29 -24.37 -10.87
C ASN F 60 -41.96 -23.12 -11.47
N VAL F 61 -41.43 -22.66 -12.61
CA VAL F 61 -41.81 -21.36 -13.14
C VAL F 61 -42.32 -21.50 -14.56
N SER F 62 -42.95 -22.64 -14.86
CA SER F 62 -43.37 -22.91 -16.24
C SER F 62 -44.41 -21.90 -16.72
N ASN F 63 -45.09 -21.25 -15.79
CA ASN F 63 -46.11 -20.23 -16.16
C ASN F 63 -45.41 -18.88 -16.41
N MET F 64 -44.26 -18.65 -15.77
CA MET F 64 -43.56 -17.34 -15.91
C MET F 64 -42.20 -17.54 -16.58
N SER F 65 -42.03 -18.65 -17.31
CA SER F 65 -40.76 -18.92 -18.02
C SER F 65 -40.43 -17.75 -18.96
N GLN F 66 -41.44 -16.93 -19.27
CA GLN F 66 -41.25 -15.78 -20.20
C GLN F 66 -40.14 -14.87 -19.69
N CYS F 67 -40.20 -14.46 -18.41
CA CYS F 67 -39.21 -13.48 -17.88
C CYS F 67 -38.26 -14.15 -16.89
N THR F 68 -38.18 -15.49 -16.91
CA THR F 68 -37.19 -16.18 -16.03
C THR F 68 -35.79 -15.75 -16.47
N GLY F 69 -35.67 -15.19 -17.68
CA GLY F 69 -34.36 -14.69 -18.15
C GLY F 69 -33.28 -15.73 -17.98
N SER F 70 -32.17 -15.35 -17.34
CA SER F 70 -31.05 -16.31 -17.12
C SER F 70 -30.81 -16.48 -15.61
N VAL F 71 -31.47 -15.67 -14.78
CA VAL F 71 -31.21 -15.74 -13.35
C VAL F 71 -31.28 -17.18 -12.87
N MET F 72 -32.11 -18.01 -13.49
CA MET F 72 -32.29 -19.37 -13.02
C MET F 72 -31.05 -20.22 -13.21
N GLU F 73 -30.29 -20.00 -14.28
CA GLU F 73 -29.06 -20.78 -14.46
C GLU F 73 -28.05 -20.46 -13.35
N ASN F 74 -27.93 -19.18 -13.00
CA ASN F 74 -27.05 -18.80 -11.90
C ASN F 74 -27.54 -19.39 -10.58
N TYR F 75 -28.87 -19.38 -10.36
CA TYR F 75 -29.41 -19.99 -9.15
C TYR F 75 -29.15 -21.49 -9.14
N LYS F 76 -29.26 -22.15 -10.29
CA LYS F 76 -28.93 -23.56 -10.41
C LYS F 76 -27.50 -23.81 -9.97
N THR F 77 -26.56 -23.02 -10.49
CA THR F 77 -25.16 -23.20 -10.14
C THR F 77 -24.95 -22.97 -8.64
N ARG F 78 -25.56 -21.92 -8.09
CA ARG F 78 -25.40 -21.62 -6.68
C ARG F 78 -25.96 -22.73 -5.81
N LEU F 79 -27.14 -23.23 -6.14
CA LEU F 79 -27.76 -24.29 -5.34
C LEU F 79 -27.02 -25.61 -5.49
N ASN F 80 -26.47 -25.90 -6.68
CA ASN F 80 -25.64 -27.09 -6.83
C ASN F 80 -24.40 -27.00 -5.97
N GLY F 81 -23.76 -25.83 -5.94
CA GLY F 81 -22.62 -25.65 -5.06
C GLY F 81 -22.99 -25.80 -3.60
N ILE F 82 -24.17 -25.33 -3.22
CA ILE F 82 -24.63 -25.48 -1.84
C ILE F 82 -24.88 -26.94 -1.50
N LEU F 83 -25.55 -27.67 -2.39
CA LEU F 83 -26.01 -29.02 -2.11
C LEU F 83 -24.94 -30.08 -2.31
N THR F 84 -23.86 -29.78 -3.03
CA THR F 84 -22.84 -30.80 -3.29
C THR F 84 -22.19 -31.33 -2.02
N PRO F 85 -21.75 -30.51 -1.06
CA PRO F 85 -21.21 -31.09 0.17
C PRO F 85 -22.19 -31.97 0.92
N ILE F 86 -23.49 -31.67 0.86
CA ILE F 86 -24.48 -32.50 1.54
C ILE F 86 -24.52 -33.89 0.93
N LYS F 87 -24.55 -33.95 -0.41
CA LYS F 87 -24.51 -35.24 -1.09
C LYS F 87 -23.21 -35.97 -0.79
N GLY F 88 -22.10 -35.23 -0.73
CA GLY F 88 -20.82 -35.87 -0.44
C GLY F 88 -20.78 -36.47 0.95
N ALA F 89 -21.33 -35.76 1.94
CA ALA F 89 -21.35 -36.26 3.32
C ALA F 89 -22.43 -37.31 3.55
N LEU F 90 -23.41 -37.43 2.65
CA LEU F 90 -24.31 -38.57 2.73
C LEU F 90 -23.71 -39.80 2.04
N GLU F 91 -22.96 -39.59 0.96
CA GLU F 91 -22.47 -40.69 0.15
C GLU F 91 -21.47 -41.57 0.88
N ILE F 92 -20.84 -41.08 1.96
CA ILE F 92 -19.93 -41.91 2.72
C ILE F 92 -20.68 -43.10 3.32
N TYR F 93 -21.89 -42.86 3.83
CA TYR F 93 -22.74 -43.93 4.33
C TYR F 93 -23.58 -44.56 3.23
N LYS F 94 -23.85 -43.83 2.15
CA LYS F 94 -24.52 -44.44 1.01
C LYS F 94 -23.69 -45.58 0.43
N ASN F 95 -22.38 -45.37 0.31
CA ASN F 95 -21.51 -46.33 -0.35
C ASN F 95 -21.01 -47.44 0.57
N ASN F 96 -21.21 -47.31 1.88
CA ASN F 96 -20.58 -48.21 2.83
C ASN F 96 -21.59 -48.99 3.67
N THR F 97 -22.84 -49.09 3.21
CA THR F 97 -23.86 -49.82 3.96
C THR F 97 -24.67 -50.68 3.00
N HIS F 98 -24.91 -51.94 3.38
CA HIS F 98 -25.62 -52.89 2.53
C HIS F 98 -26.17 -54.00 3.42
N ASP F 99 -27.02 -54.84 2.85
CA ASP F 99 -27.53 -55.99 3.57
C ASP F 99 -26.45 -57.07 3.64
N CYS F 100 -26.14 -57.51 4.86
CA CYS F 100 -25.19 -58.61 5.04
C CYS F 100 -25.44 -59.33 6.36
N GLY F 108 -30.15 -57.78 8.56
CA GLY F 108 -30.49 -56.38 8.76
C GLY F 108 -29.49 -55.42 8.18
N VAL F 109 -29.47 -54.20 8.72
CA VAL F 109 -28.52 -53.17 8.26
C VAL F 109 -27.11 -53.59 8.59
N CYS F 110 -26.22 -53.46 7.60
CA CYS F 110 -24.82 -53.86 7.75
C CYS F 110 -23.96 -52.81 7.06
N MET F 111 -22.88 -52.40 7.72
CA MET F 111 -22.13 -51.22 7.33
C MET F 111 -20.65 -51.56 7.17
N ALA F 112 -19.96 -50.73 6.38
CA ALA F 112 -18.53 -50.90 6.11
C ALA F 112 -17.76 -49.83 6.87
N GLY F 113 -17.16 -50.22 7.99
CA GLY F 113 -16.44 -49.29 8.82
C GLY F 113 -15.02 -48.99 8.38
N VAL F 114 -14.46 -49.78 7.46
CA VAL F 114 -13.11 -49.54 7.00
C VAL F 114 -13.05 -48.28 6.14
N ALA F 115 -14.00 -48.13 5.23
CA ALA F 115 -14.00 -46.98 4.31
C ALA F 115 -14.70 -45.77 4.90
N ILE F 116 -15.27 -45.87 6.10
CA ILE F 116 -15.92 -44.71 6.72
C ILE F 116 -14.94 -43.97 7.62
N GLY F 117 -14.17 -44.70 8.41
CA GLY F 117 -13.05 -44.14 9.14
C GLY F 117 -13.42 -43.45 10.43
N ILE F 118 -13.94 -42.22 10.33
CA ILE F 118 -14.26 -41.40 11.49
C ILE F 118 -15.78 -41.31 11.59
N ALA F 119 -16.32 -41.72 12.73
CA ALA F 119 -17.77 -41.72 12.91
C ALA F 119 -18.08 -41.77 14.39
N THR F 120 -19.15 -41.09 14.79
CA THR F 120 -19.59 -41.07 16.18
C THR F 120 -20.78 -42.00 16.36
N ALA F 121 -21.19 -42.20 17.61
CA ALA F 121 -22.35 -43.05 17.88
C ALA F 121 -23.60 -42.47 17.26
N ALA F 122 -23.79 -41.15 17.38
CA ALA F 122 -24.93 -40.50 16.75
C ALA F 122 -24.87 -40.63 15.24
N GLN F 123 -23.68 -40.46 14.66
CA GLN F 123 -23.53 -40.59 13.21
C GLN F 123 -23.84 -42.01 12.75
N ILE F 124 -23.37 -43.01 13.50
CA ILE F 124 -23.63 -44.40 13.12
C ILE F 124 -25.12 -44.71 13.22
N THR F 125 -25.78 -44.27 14.29
CA THR F 125 -27.21 -44.49 14.42
C THR F 125 -27.99 -43.78 13.31
N ALA F 126 -27.55 -42.57 12.97
CA ALA F 126 -28.19 -41.84 11.88
C ALA F 126 -28.00 -42.55 10.55
N GLY F 127 -26.82 -43.13 10.32
CA GLY F 127 -26.60 -43.89 9.11
C GLY F 127 -27.46 -45.14 9.05
N VAL F 128 -27.64 -45.82 10.19
CA VAL F 128 -28.52 -46.98 10.24
C VAL F 128 -29.94 -46.57 9.88
N ALA F 129 -30.43 -45.49 10.49
CA ALA F 129 -31.76 -45.00 10.17
C ALA F 129 -31.87 -44.57 8.72
N LEU F 130 -30.80 -44.01 8.17
CA LEU F 130 -30.77 -43.64 6.77
C LEU F 130 -30.92 -44.87 5.88
N TYR F 131 -30.24 -45.96 6.24
CA TYR F 131 -30.40 -47.19 5.47
C TYR F 131 -31.82 -47.73 5.57
N GLU F 132 -32.41 -47.70 6.77
CA GLU F 132 -33.81 -48.11 6.89
C GLU F 132 -34.71 -47.24 6.03
N ALA F 133 -34.35 -45.97 5.88
CA ALA F 133 -35.16 -45.05 5.09
C ALA F 133 -34.94 -45.20 3.58
N MET F 134 -33.82 -45.81 3.16
CA MET F 134 -33.63 -46.01 1.72
C MET F 134 -34.72 -46.88 1.10
N LYS F 135 -35.32 -47.77 1.89
CA LYS F 135 -36.36 -48.63 1.35
C LYS F 135 -37.53 -47.80 0.82
N ASN F 136 -37.97 -46.80 1.58
CA ASN F 136 -39.00 -45.90 1.09
C ASN F 136 -38.44 -44.84 0.17
N ALA F 137 -37.14 -44.54 0.29
CA ALA F 137 -36.52 -43.55 -0.58
C ALA F 137 -36.47 -44.01 -2.02
N ASP F 138 -36.33 -45.32 -2.24
CA ASP F 138 -36.37 -45.82 -3.61
C ASP F 138 -37.74 -45.57 -4.24
N ASN F 139 -38.81 -45.90 -3.51
CA ASN F 139 -40.16 -45.66 -4.04
C ASN F 139 -40.44 -44.17 -4.21
N ILE F 140 -39.93 -43.34 -3.30
CA ILE F 140 -40.13 -41.90 -3.43
C ILE F 140 -39.41 -41.37 -4.68
N ASN F 141 -38.19 -41.86 -4.91
CA ASN F 141 -37.44 -41.43 -6.09
C ASN F 141 -38.07 -41.94 -7.37
N LYS F 142 -38.82 -43.04 -7.28
CA LYS F 142 -39.53 -43.55 -8.46
C LYS F 142 -40.50 -42.53 -9.05
N LEU F 143 -40.93 -41.54 -8.25
CA LEU F 143 -41.82 -40.47 -8.73
C LEU F 143 -41.07 -39.17 -8.95
N LYS F 144 -39.85 -39.24 -9.51
CA LYS F 144 -39.06 -38.03 -9.73
C LYS F 144 -39.76 -37.07 -10.67
N SER F 145 -40.35 -37.58 -11.74
CA SER F 145 -41.05 -36.71 -12.69
C SER F 145 -42.26 -36.05 -12.03
N SER F 146 -42.97 -36.77 -11.17
CA SER F 146 -44.09 -36.19 -10.45
C SER F 146 -43.61 -35.12 -9.48
N ILE F 147 -42.47 -35.36 -8.81
CA ILE F 147 -41.94 -34.40 -7.86
C ILE F 147 -41.53 -33.11 -8.57
N GLU F 148 -40.86 -33.24 -9.71
CA GLU F 148 -40.36 -32.06 -10.42
C GLU F 148 -41.46 -31.32 -11.17
N SER F 149 -42.64 -31.91 -11.31
CA SER F 149 -43.74 -31.27 -12.02
C SER F 149 -44.68 -30.51 -11.10
N THR F 150 -44.42 -30.52 -9.79
CA THR F 150 -45.31 -29.84 -8.85
C THR F 150 -45.21 -28.33 -9.02
N ASN F 151 -46.36 -27.66 -8.95
CA ASN F 151 -46.45 -26.23 -9.17
C ASN F 151 -47.25 -25.53 -8.08
N GLU F 152 -47.23 -26.08 -6.86
CA GLU F 152 -47.89 -25.48 -5.73
C GLU F 152 -47.01 -25.64 -4.50
N ALA F 153 -47.36 -24.92 -3.44
CA ALA F 153 -46.57 -25.01 -2.21
C ALA F 153 -46.71 -26.38 -1.57
N VAL F 154 -47.91 -26.95 -1.60
CA VAL F 154 -48.17 -28.28 -1.06
C VAL F 154 -48.98 -29.06 -2.10
N VAL F 155 -48.47 -30.22 -2.51
CA VAL F 155 -49.16 -31.11 -3.44
C VAL F 155 -49.12 -32.52 -2.87
N LYS F 156 -50.24 -33.22 -2.97
CA LYS F 156 -50.36 -34.58 -2.47
C LYS F 156 -49.98 -35.58 -3.56
N LEU F 157 -49.07 -36.51 -3.22
CA LEU F 157 -48.60 -37.51 -4.15
C LEU F 157 -48.77 -38.90 -3.53
N GLN F 158 -49.03 -39.89 -4.39
CA GLN F 158 -49.22 -41.28 -3.96
C GLN F 158 -47.98 -42.08 -4.34
N GLU F 159 -47.20 -42.47 -3.34
CA GLU F 159 -46.01 -43.29 -3.58
C GLU F 159 -46.34 -44.77 -3.68
N THR F 160 -47.44 -45.21 -3.04
CA THR F 160 -47.87 -46.60 -3.06
C THR F 160 -49.39 -46.62 -3.15
N ALA F 161 -49.94 -47.84 -3.23
CA ALA F 161 -51.39 -47.97 -3.28
C ALA F 161 -52.04 -47.63 -1.94
N GLU F 162 -51.26 -47.59 -0.86
CA GLU F 162 -51.79 -47.35 0.48
C GLU F 162 -51.28 -46.06 1.10
N LYS F 163 -50.01 -45.71 0.89
CA LYS F 163 -49.40 -44.57 1.55
C LYS F 163 -49.22 -43.41 0.57
N THR F 164 -49.17 -42.20 1.13
CA THR F 164 -49.09 -40.97 0.34
C THR F 164 -47.98 -40.08 0.89
N VAL F 165 -47.51 -39.17 0.04
CA VAL F 165 -46.42 -38.26 0.38
C VAL F 165 -46.81 -36.85 -0.05
N TYR F 166 -46.42 -35.86 0.76
CA TYR F 166 -46.61 -34.46 0.45
C TYR F 166 -45.28 -33.85 0.01
N VAL F 167 -45.36 -32.93 -0.95
CA VAL F 167 -44.19 -32.27 -1.51
C VAL F 167 -44.32 -30.77 -1.24
N PHE F 168 -43.25 -30.17 -0.73
CA PHE F 168 -43.23 -28.76 -0.40
C PHE F 168 -42.22 -28.05 -1.30
N THR F 169 -42.69 -27.04 -2.03
CA THR F 169 -41.83 -26.24 -2.89
C THR F 169 -41.58 -24.90 -2.20
N ALA F 170 -40.34 -24.42 -2.29
CA ALA F 170 -39.88 -23.37 -1.39
C ALA F 170 -40.67 -22.08 -1.57
N LEU F 171 -40.75 -21.58 -2.80
CA LEU F 171 -41.28 -20.23 -3.04
C LEU F 171 -42.45 -20.23 -4.01
N GLN F 172 -43.16 -21.36 -4.13
CA GLN F 172 -44.26 -21.42 -5.09
C GLN F 172 -45.39 -20.46 -4.72
N ASP F 173 -45.64 -20.26 -3.42
CA ASP F 173 -46.68 -19.33 -3.01
C ASP F 173 -46.32 -17.91 -3.44
N TYR F 174 -45.09 -17.49 -3.18
CA TYR F 174 -44.64 -16.15 -3.56
C TYR F 174 -44.78 -15.96 -5.07
N ILE F 175 -44.27 -16.93 -5.84
CA ILE F 175 -44.37 -16.87 -7.29
C ILE F 175 -45.82 -16.73 -7.72
N ASN F 176 -46.65 -17.72 -7.37
CA ASN F 176 -48.01 -17.79 -7.89
C ASN F 176 -48.88 -16.63 -7.42
N THR F 177 -48.53 -15.98 -6.31
CA THR F 177 -49.35 -14.88 -5.81
C THR F 177 -48.87 -13.51 -6.26
N ASN F 178 -47.58 -13.32 -6.48
CA ASN F 178 -47.06 -12.01 -6.85
C ASN F 178 -46.55 -11.95 -8.28
N LEU F 179 -45.64 -12.84 -8.66
CA LEU F 179 -44.99 -12.70 -9.96
C LEU F 179 -45.90 -13.13 -11.09
N VAL F 180 -46.69 -14.18 -10.89
CA VAL F 180 -47.61 -14.62 -11.94
C VAL F 180 -48.67 -13.58 -12.26
N PRO F 181 -49.40 -13.01 -11.29
CA PRO F 181 -50.40 -11.99 -11.66
C PRO F 181 -49.78 -10.74 -12.26
N THR F 182 -48.57 -10.38 -11.82
CA THR F 182 -47.94 -9.09 -12.22
C THR F 182 -47.23 -9.25 -13.56
N ILE F 183 -47.15 -10.48 -14.08
CA ILE F 183 -46.41 -10.72 -15.35
C ILE F 183 -47.22 -10.12 -16.52
N ASP F 184 -48.55 -10.08 -16.38
CA ASP F 184 -49.41 -9.50 -17.44
C ASP F 184 -49.92 -8.13 -16.97
N LYS F 185 -49.66 -7.78 -15.71
CA LYS F 185 -50.08 -6.46 -15.18
C LYS F 185 -48.94 -5.46 -15.35
N ILE F 186 -47.84 -5.89 -15.99
CA ILE F 186 -46.67 -4.99 -16.22
C ILE F 186 -45.90 -5.49 -17.44
N PRO F 187 -45.16 -4.64 -18.18
CA PRO F 187 -44.34 -5.11 -19.30
C PRO F 187 -43.11 -5.82 -18.73
N CYS F 188 -43.32 -6.86 -17.93
CA CYS F 188 -42.20 -7.58 -17.27
C CYS F 188 -41.49 -6.64 -16.29
N LYS F 189 -41.42 -5.34 -16.61
CA LYS F 189 -40.72 -4.36 -15.75
C LYS F 189 -39.45 -5.01 -15.19
N GLN F 190 -38.78 -5.83 -16.01
CA GLN F 190 -37.57 -6.56 -15.53
C GLN F 190 -37.95 -7.41 -14.31
N THR F 191 -38.96 -8.28 -14.47
CA THR F 191 -39.35 -9.18 -13.34
C THR F 191 -38.09 -9.85 -12.83
N GLU F 192 -37.13 -10.14 -13.73
CA GLU F 192 -35.83 -10.72 -13.31
C GLU F 192 -35.38 -10.04 -12.01
N LEU F 193 -35.38 -8.70 -11.97
CA LEU F 193 -34.85 -8.00 -10.78
C LEU F 193 -35.59 -8.50 -9.55
N SER F 194 -36.90 -8.74 -9.65
CA SER F 194 -37.60 -9.13 -8.43
C SER F 194 -37.46 -10.62 -8.16
N LEU F 195 -37.52 -11.45 -9.21
CA LEU F 195 -37.27 -12.88 -9.04
C LEU F 195 -35.86 -13.12 -8.53
N ASP F 196 -34.88 -12.42 -9.10
CA ASP F 196 -33.51 -12.58 -8.69
C ASP F 196 -33.36 -12.22 -7.21
N LEU F 197 -33.94 -11.09 -6.80
CA LEU F 197 -33.86 -10.70 -5.40
C LEU F 197 -34.58 -11.70 -4.51
N ALA F 198 -35.75 -12.19 -4.90
CA ALA F 198 -36.48 -13.13 -4.06
C ALA F 198 -35.67 -14.41 -3.86
N LEU F 199 -35.10 -14.95 -4.95
CA LEU F 199 -34.26 -16.13 -4.83
C LEU F 199 -33.02 -15.84 -4.01
N SER F 200 -32.48 -14.62 -4.13
CA SER F 200 -31.31 -14.24 -3.36
C SER F 200 -31.62 -14.16 -1.87
N LYS F 201 -32.77 -13.59 -1.52
CA LYS F 201 -33.20 -13.56 -0.12
C LYS F 201 -33.45 -14.96 0.41
N TYR F 202 -34.06 -15.82 -0.43
CA TYR F 202 -34.27 -17.21 -0.04
C TYR F 202 -32.95 -17.91 0.23
N LEU F 203 -31.95 -17.70 -0.63
CA LEU F 203 -30.64 -18.31 -0.41
C LEU F 203 -29.95 -17.71 0.82
N SER F 204 -30.15 -16.43 1.07
CA SER F 204 -29.59 -15.81 2.28
C SER F 204 -30.19 -16.45 3.52
N ASP F 205 -31.50 -16.73 3.49
CA ASP F 205 -32.12 -17.47 4.58
C ASP F 205 -31.56 -18.89 4.69
N LEU F 206 -31.33 -19.52 3.54
CA LEU F 206 -30.85 -20.91 3.54
C LEU F 206 -29.46 -21.02 4.14
N LEU F 207 -28.55 -20.10 3.81
CA LEU F 207 -27.15 -20.26 4.19
C LEU F 207 -26.94 -20.34 5.69
N PHE F 208 -27.90 -19.91 6.50
CA PHE F 208 -27.74 -20.02 7.94
C PHE F 208 -27.82 -21.47 8.41
N VAL F 209 -28.58 -22.32 7.72
CA VAL F 209 -28.81 -23.70 8.12
C VAL F 209 -28.14 -24.68 7.15
N PHE F 210 -28.45 -24.54 5.87
CA PHE F 210 -27.91 -25.50 4.87
C PHE F 210 -26.69 -24.89 4.18
N GLY F 211 -26.10 -23.85 4.80
CA GLY F 211 -24.87 -23.25 4.26
C GLY F 211 -23.64 -23.94 4.82
N PRO F 212 -22.44 -23.31 4.77
CA PRO F 212 -21.21 -23.96 5.23
C PRO F 212 -21.42 -24.51 6.63
N ASN F 213 -22.14 -23.76 7.49
CA ASN F 213 -22.43 -24.24 8.87
C ASN F 213 -22.72 -25.74 8.83
N LEU F 214 -23.73 -26.15 8.07
CA LEU F 214 -24.09 -27.60 7.96
C LEU F 214 -22.81 -28.41 7.68
N GLN F 215 -22.38 -29.24 8.63
CA GLN F 215 -21.21 -30.08 8.42
C GLN F 215 -21.55 -31.56 8.51
N ASP F 216 -22.52 -31.94 9.35
CA ASP F 216 -22.93 -33.33 9.51
C ASP F 216 -24.41 -33.43 9.13
N PRO F 217 -24.73 -33.51 7.84
CA PRO F 217 -26.13 -33.75 7.45
C PRO F 217 -26.61 -35.15 7.80
N VAL F 218 -25.71 -36.04 8.21
CA VAL F 218 -26.11 -37.40 8.56
C VAL F 218 -26.97 -37.39 9.82
N SER F 219 -26.54 -36.65 10.85
CA SER F 219 -27.21 -36.68 12.13
C SER F 219 -28.65 -36.17 12.02
N ASN F 220 -29.49 -36.65 12.94
CA ASN F 220 -30.92 -36.35 12.93
C ASN F 220 -31.30 -35.38 14.05
N SER F 221 -30.36 -34.57 14.52
CA SER F 221 -30.62 -33.62 15.60
C SER F 221 -31.08 -32.26 15.08
N MET F 222 -31.32 -32.12 13.79
CA MET F 222 -31.73 -30.84 13.22
C MET F 222 -33.24 -30.68 13.33
N THR F 223 -33.67 -29.54 13.87
CA THR F 223 -35.06 -29.32 14.22
C THR F 223 -35.89 -29.01 12.98
N ILE F 224 -37.19 -29.33 13.06
CA ILE F 224 -38.10 -29.05 11.96
C ILE F 224 -38.18 -27.56 11.68
N GLN F 225 -37.99 -26.73 12.72
CA GLN F 225 -37.95 -25.28 12.49
C GLN F 225 -36.81 -24.91 11.55
N ALA F 226 -35.62 -25.47 11.79
CA ALA F 226 -34.48 -25.20 10.91
C ALA F 226 -34.68 -25.78 9.53
N ILE F 227 -35.27 -26.97 9.44
CA ILE F 227 -35.54 -27.58 8.14
C ILE F 227 -36.49 -26.72 7.33
N SER F 228 -37.48 -26.11 7.99
CA SER F 228 -38.47 -25.31 7.29
C SER F 228 -37.87 -24.07 6.66
N GLN F 229 -36.63 -23.69 7.02
CA GLN F 229 -35.97 -22.58 6.33
C GLN F 229 -35.86 -22.82 4.84
N ALA F 230 -35.76 -24.09 4.42
CA ALA F 230 -35.87 -24.42 3.01
C ALA F 230 -37.26 -24.14 2.45
N PHE F 231 -38.25 -23.93 3.32
CA PHE F 231 -39.61 -23.59 2.93
C PHE F 231 -39.99 -22.20 3.41
N GLY F 232 -39.02 -21.39 3.82
CA GLY F 232 -39.30 -20.08 4.33
C GLY F 232 -39.59 -20.00 5.81
N GLY F 233 -39.20 -21.02 6.58
CA GLY F 233 -39.45 -21.03 8.01
C GLY F 233 -40.87 -21.33 8.42
N ASN F 234 -41.69 -21.81 7.49
CA ASN F 234 -43.12 -22.04 7.74
C ASN F 234 -43.35 -23.49 8.14
N TYR F 235 -42.81 -23.86 9.31
CA TYR F 235 -42.96 -25.23 9.79
C TYR F 235 -44.40 -25.57 10.14
N GLU F 236 -45.22 -24.56 10.43
CA GLU F 236 -46.61 -24.83 10.80
C GLU F 236 -47.37 -25.50 9.67
N THR F 237 -47.12 -25.07 8.43
CA THR F 237 -47.76 -25.73 7.29
C THR F 237 -47.36 -27.19 7.20
N LEU F 238 -46.07 -27.48 7.38
CA LEU F 238 -45.61 -28.86 7.33
C LEU F 238 -46.30 -29.71 8.40
N LEU F 239 -46.33 -29.20 9.63
CA LEU F 239 -46.86 -30.01 10.73
C LEU F 239 -48.37 -30.15 10.64
N ARG F 240 -49.07 -29.16 10.07
CA ARG F 240 -50.50 -29.28 9.89
C ARG F 240 -50.85 -30.24 8.76
N THR F 241 -50.13 -30.15 7.64
CA THR F 241 -50.39 -31.04 6.52
C THR F 241 -50.07 -32.48 6.90
N LEU F 242 -48.97 -32.71 7.61
CA LEU F 242 -48.64 -34.06 8.06
C LEU F 242 -49.68 -34.62 9.02
N GLY F 243 -50.53 -33.79 9.60
CA GLY F 243 -51.61 -34.27 10.44
C GLY F 243 -51.20 -34.75 11.81
N TYR F 244 -50.71 -33.84 12.66
CA TYR F 244 -50.41 -34.20 14.03
C TYR F 244 -51.68 -34.65 14.75
N ALA F 245 -51.53 -35.62 15.65
CA ALA F 245 -52.67 -36.19 16.37
C ALA F 245 -52.34 -36.41 17.83
N THR F 246 -51.69 -35.41 18.45
CA THR F 246 -51.32 -35.52 19.86
C THR F 246 -51.65 -34.21 20.56
N GLU F 247 -51.91 -34.32 21.87
CA GLU F 247 -52.18 -33.15 22.69
C GLU F 247 -50.91 -32.49 23.21
N ASP F 248 -49.77 -33.14 23.08
CA ASP F 248 -48.48 -32.56 23.47
C ASP F 248 -47.78 -31.88 22.30
N PHE F 249 -48.52 -31.45 21.29
CA PHE F 249 -47.91 -30.97 20.05
C PHE F 249 -47.09 -29.70 20.28
N ASP F 250 -47.64 -28.75 21.04
CA ASP F 250 -46.92 -27.50 21.27
C ASP F 250 -45.67 -27.71 22.10
N ASP F 251 -45.75 -28.57 23.12
CA ASP F 251 -44.57 -28.88 23.93
C ASP F 251 -43.52 -29.59 23.08
N LEU F 252 -43.96 -30.46 22.16
CA LEU F 252 -43.03 -31.10 21.24
C LEU F 252 -42.36 -30.07 20.35
N LEU F 253 -43.11 -29.10 19.86
CA LEU F 253 -42.58 -28.14 18.89
C LEU F 253 -41.61 -27.17 19.56
N GLU F 254 -41.92 -26.73 20.77
CA GLU F 254 -41.08 -25.74 21.45
C GLU F 254 -39.80 -26.37 21.99
N SER F 255 -39.90 -27.58 22.53
CA SER F 255 -38.73 -28.23 23.12
C SER F 255 -37.77 -28.81 22.10
N ASP F 256 -37.92 -28.47 20.82
CA ASP F 256 -37.07 -28.99 19.75
C ASP F 256 -37.14 -30.52 19.67
N SER F 257 -38.27 -31.09 20.06
CA SER F 257 -38.42 -32.54 20.03
C SER F 257 -38.66 -33.05 18.61
N ILE F 258 -39.39 -32.30 17.80
CA ILE F 258 -39.68 -32.72 16.43
C ILE F 258 -38.48 -32.36 15.57
N THR F 259 -37.73 -33.38 15.15
CA THR F 259 -36.51 -33.20 14.38
C THR F 259 -36.68 -33.81 12.99
N GLY F 260 -35.70 -33.56 12.13
CA GLY F 260 -35.72 -34.08 10.78
C GLY F 260 -34.36 -34.60 10.37
N GLN F 261 -34.36 -35.41 9.33
CA GLN F 261 -33.14 -36.04 8.83
C GLN F 261 -33.15 -36.01 7.31
N ILE F 262 -32.03 -35.62 6.72
CA ILE F 262 -31.89 -35.64 5.26
C ILE F 262 -31.45 -37.04 4.85
N ILE F 263 -32.23 -37.68 3.98
CA ILE F 263 -31.97 -39.05 3.59
C ILE F 263 -31.50 -39.18 2.15
N TYR F 264 -31.69 -38.16 1.32
CA TYR F 264 -31.24 -38.22 -0.06
C TYR F 264 -31.24 -36.82 -0.64
N VAL F 265 -30.31 -36.56 -1.57
CA VAL F 265 -30.20 -35.28 -2.25
C VAL F 265 -30.21 -35.54 -3.75
N ASP F 266 -30.91 -34.70 -4.50
CA ASP F 266 -30.92 -34.78 -5.96
C ASP F 266 -30.37 -33.48 -6.53
N LEU F 267 -29.39 -33.59 -7.41
CA LEU F 267 -28.77 -32.42 -8.02
C LEU F 267 -29.29 -32.15 -9.44
N SER F 268 -30.20 -32.98 -9.94
CA SER F 268 -30.80 -32.79 -11.25
C SER F 268 -32.15 -32.09 -11.21
N SER F 269 -32.98 -32.42 -10.21
CA SER F 269 -34.23 -31.71 -9.98
C SER F 269 -34.17 -30.81 -8.76
N TYR F 270 -33.10 -30.89 -7.97
CA TYR F 270 -32.89 -30.04 -6.80
C TYR F 270 -34.03 -30.16 -5.80
N TYR F 271 -34.20 -31.39 -5.30
CA TYR F 271 -35.14 -31.67 -4.23
C TYR F 271 -34.47 -32.60 -3.23
N ILE F 272 -34.90 -32.51 -1.98
CA ILE F 272 -34.36 -33.34 -0.91
C ILE F 272 -35.52 -34.00 -0.17
N ILE F 273 -35.25 -35.15 0.41
CA ILE F 273 -36.23 -35.92 1.17
C ILE F 273 -35.86 -35.87 2.63
N VAL F 274 -36.83 -35.51 3.48
CA VAL F 274 -36.63 -35.38 4.91
C VAL F 274 -37.56 -36.33 5.63
N ARG F 275 -37.01 -37.12 6.54
CA ARG F 275 -37.79 -38.02 7.39
C ARG F 275 -38.05 -37.30 8.70
N VAL F 276 -39.30 -36.88 8.92
CA VAL F 276 -39.68 -36.13 10.10
C VAL F 276 -40.07 -37.10 11.19
N TYR F 277 -39.47 -36.94 12.37
CA TYR F 277 -39.73 -37.80 13.51
C TYR F 277 -40.74 -37.13 14.43
N PHE F 278 -41.87 -37.79 14.66
CA PHE F 278 -42.92 -37.28 15.54
C PHE F 278 -42.94 -38.12 16.80
N PRO F 279 -42.31 -37.70 17.87
CA PRO F 279 -42.25 -38.53 19.07
C PRO F 279 -43.43 -38.32 19.99
N ILE F 280 -43.41 -39.00 21.14
CA ILE F 280 -44.43 -38.84 22.17
C ILE F 280 -43.72 -38.59 23.49
N LEU F 281 -44.38 -37.83 24.36
CA LEU F 281 -43.82 -37.48 25.65
C LEU F 281 -44.11 -38.59 26.65
N THR F 282 -43.08 -39.28 27.09
CA THR F 282 -43.20 -40.34 28.08
C THR F 282 -42.69 -39.84 29.42
N GLU F 283 -43.60 -39.70 30.38
CA GLU F 283 -43.23 -39.21 31.71
C GLU F 283 -42.24 -40.16 32.35
N ILE F 284 -41.20 -39.60 32.95
CA ILE F 284 -40.23 -40.40 33.69
C ILE F 284 -40.82 -40.71 35.05
N GLN F 285 -40.98 -41.99 35.35
CA GLN F 285 -41.59 -42.41 36.60
C GLN F 285 -40.69 -42.02 37.78
N GLN F 286 -41.32 -41.61 38.88
CA GLN F 286 -40.62 -41.19 40.09
C GLN F 286 -39.62 -40.07 39.79
N ALA F 287 -40.02 -39.14 38.93
CA ALA F 287 -39.16 -38.02 38.57
C ALA F 287 -39.98 -36.73 38.55
N TYR F 288 -39.40 -35.67 39.08
CA TYR F 288 -40.03 -34.35 39.09
C TYR F 288 -38.94 -33.30 39.18
N ILE F 289 -39.28 -32.08 38.78
CA ILE F 289 -38.37 -30.94 38.84
C ILE F 289 -38.96 -29.90 39.78
N GLN F 290 -38.17 -29.44 40.74
CA GLN F 290 -38.59 -28.48 41.74
C GLN F 290 -37.98 -27.12 41.44
N GLU F 291 -38.78 -26.07 41.57
CA GLU F 291 -38.33 -24.71 41.33
C GLU F 291 -38.14 -23.97 42.65
N LEU F 292 -37.04 -23.25 42.76
CA LEU F 292 -36.74 -22.45 43.93
C LEU F 292 -36.83 -20.96 43.56
N LEU F 293 -37.66 -20.22 44.28
CA LEU F 293 -37.83 -18.79 44.04
C LEU F 293 -36.86 -18.01 44.92
N PRO F 294 -36.03 -17.15 44.35
CA PRO F 294 -35.03 -16.46 45.17
C PRO F 294 -35.59 -15.20 45.80
N VAL F 295 -35.23 -14.98 47.07
CA VAL F 295 -35.66 -13.81 47.82
C VAL F 295 -34.46 -13.27 48.59
N SER F 296 -34.23 -11.97 48.47
CA SER F 296 -33.12 -11.34 49.18
C SER F 296 -33.38 -11.39 50.68
N PHE F 297 -32.30 -11.59 51.45
CA PHE F 297 -32.39 -11.68 52.90
C PHE F 297 -31.30 -10.84 53.55
N ASN F 298 -31.59 -10.37 54.76
CA ASN F 298 -30.68 -9.51 55.49
C ASN F 298 -29.72 -10.35 56.32
N ASN F 299 -28.47 -9.91 56.38
CA ASN F 299 -27.48 -10.55 57.25
C ASN F 299 -26.37 -9.53 57.49
N ASP F 300 -26.10 -9.24 58.76
CA ASP F 300 -25.07 -8.28 59.16
C ASP F 300 -25.35 -6.90 58.56
N ASN F 301 -26.61 -6.47 58.68
CA ASN F 301 -27.06 -5.15 58.22
C ASN F 301 -26.82 -4.95 56.73
N SER F 302 -26.77 -6.05 55.98
CA SER F 302 -26.59 -6.00 54.53
C SER F 302 -27.47 -7.04 53.88
N GLU F 303 -27.71 -6.87 52.59
CA GLU F 303 -28.68 -7.66 51.85
C GLU F 303 -27.96 -8.62 50.91
N TRP F 304 -28.37 -9.89 50.94
CA TRP F 304 -27.75 -10.93 50.12
C TRP F 304 -28.82 -11.69 49.33
N ILE F 305 -28.36 -12.32 48.25
CA ILE F 305 -29.15 -13.31 47.51
C ILE F 305 -28.33 -14.59 47.43
N SER F 306 -29.00 -15.73 47.56
CA SER F 306 -28.30 -17.00 47.62
C SER F 306 -28.13 -17.59 46.22
N ILE F 307 -26.97 -18.18 45.97
CA ILE F 307 -26.60 -18.68 44.65
C ILE F 307 -26.86 -20.18 44.65
N VAL F 308 -28.06 -20.56 44.24
CA VAL F 308 -28.49 -21.96 44.17
C VAL F 308 -29.27 -22.10 42.87
N PRO F 309 -29.17 -23.23 42.16
CA PRO F 309 -29.90 -23.36 40.89
C PRO F 309 -31.39 -23.17 41.08
N ASN F 310 -32.00 -22.46 40.13
CA ASN F 310 -33.44 -22.18 40.21
C ASN F 310 -34.26 -23.45 40.05
N PHE F 311 -33.82 -24.38 39.21
CA PHE F 311 -34.57 -25.60 38.92
C PHE F 311 -33.73 -26.81 39.30
N ILE F 312 -34.35 -27.75 40.01
CA ILE F 312 -33.66 -28.93 40.55
C ILE F 312 -34.46 -30.16 40.18
N LEU F 313 -33.79 -31.17 39.63
CA LEU F 313 -34.43 -32.39 39.16
C LEU F 313 -34.18 -33.52 40.16
N VAL F 314 -35.27 -34.14 40.62
CA VAL F 314 -35.22 -35.26 41.53
C VAL F 314 -35.72 -36.49 40.80
N ARG F 315 -34.87 -37.51 40.68
CA ARG F 315 -35.21 -38.74 39.99
C ARG F 315 -34.84 -39.93 40.87
N ASN F 316 -35.84 -40.68 41.30
CA ASN F 316 -35.65 -41.87 42.14
C ASN F 316 -34.79 -41.54 43.36
N THR F 317 -35.17 -40.47 44.05
CA THR F 317 -34.45 -39.95 45.21
C THR F 317 -32.98 -39.63 44.89
N LEU F 318 -32.69 -39.30 43.65
CA LEU F 318 -31.36 -38.81 43.25
C LEU F 318 -31.51 -37.40 42.71
N ILE F 319 -30.69 -36.48 43.20
CA ILE F 319 -30.78 -35.07 42.87
C ILE F 319 -29.70 -34.70 41.87
N SER F 320 -30.10 -34.13 40.75
CA SER F 320 -29.16 -33.76 39.70
C SER F 320 -29.65 -32.49 39.02
N ASN F 321 -28.70 -31.75 38.45
CA ASN F 321 -28.98 -30.48 37.82
C ASN F 321 -29.59 -30.69 36.44
N ILE F 322 -29.93 -29.59 35.77
CA ILE F 322 -30.40 -29.66 34.40
C ILE F 322 -30.17 -28.30 33.74
N GLU F 323 -29.57 -28.29 32.55
CA GLU F 323 -29.43 -27.07 31.77
C GLU F 323 -30.80 -26.77 31.15
N ILE F 324 -31.67 -26.21 31.99
CA ILE F 324 -33.07 -26.06 31.63
C ILE F 324 -33.30 -24.99 30.58
N GLY F 325 -32.24 -24.27 30.18
CA GLY F 325 -32.37 -23.35 29.06
C GLY F 325 -32.68 -24.04 27.75
N PHE F 326 -32.16 -25.26 27.58
CA PHE F 326 -32.43 -26.03 26.36
C PHE F 326 -33.85 -26.60 26.32
N CYS F 327 -34.43 -26.92 27.47
CA CYS F 327 -35.78 -27.45 27.49
C CYS F 327 -36.82 -26.34 27.58
N LEU F 328 -38.08 -26.77 27.57
CA LEU F 328 -39.24 -25.89 27.68
C LEU F 328 -39.89 -26.08 29.04
N ILE F 329 -40.24 -24.96 29.68
CA ILE F 329 -40.93 -24.98 30.96
C ILE F 329 -42.39 -24.60 30.74
N THR F 330 -43.28 -25.38 31.32
CA THR F 330 -44.71 -25.13 31.31
C THR F 330 -45.20 -24.96 32.75
N LYS F 331 -46.51 -24.87 32.92
CA LYS F 331 -47.09 -24.70 34.25
C LYS F 331 -47.02 -25.97 35.07
N ARG F 332 -46.99 -27.15 34.43
CA ARG F 332 -47.05 -28.40 35.19
C ARG F 332 -46.04 -29.44 34.74
N SER F 333 -45.19 -29.16 33.76
CA SER F 333 -44.26 -30.18 33.28
C SER F 333 -43.00 -29.53 32.74
N VAL F 334 -41.91 -30.30 32.75
CA VAL F 334 -40.63 -29.90 32.16
C VAL F 334 -40.38 -30.81 30.98
N ILE F 335 -40.26 -30.24 29.79
CA ILE F 335 -40.19 -31.01 28.56
C ILE F 335 -38.84 -30.77 27.90
N CYS F 336 -38.02 -31.81 27.82
CA CYS F 336 -36.72 -31.77 27.14
C CYS F 336 -36.72 -32.79 26.02
N ASN F 337 -36.03 -32.47 24.92
CA ASN F 337 -35.88 -33.42 23.83
C ASN F 337 -34.75 -34.41 24.07
N GLN F 338 -33.94 -34.19 25.10
CA GLN F 338 -32.87 -35.11 25.48
C GLN F 338 -32.75 -35.07 27.00
N ASP F 339 -32.22 -36.15 27.56
CA ASP F 339 -32.05 -36.20 29.01
C ASP F 339 -30.91 -35.28 29.42
N TYR F 340 -31.25 -34.08 29.87
CA TYR F 340 -30.27 -33.04 30.16
C TYR F 340 -29.80 -33.08 31.61
N ALA F 341 -29.84 -34.23 32.27
CA ALA F 341 -29.35 -34.31 33.65
C ALA F 341 -27.84 -34.12 33.68
N THR F 342 -27.37 -33.31 34.62
CA THR F 342 -25.94 -33.12 34.85
C THR F 342 -25.62 -33.34 36.32
N PRO F 343 -24.40 -33.76 36.65
CA PRO F 343 -24.07 -34.02 38.05
C PRO F 343 -24.01 -32.73 38.86
N MET F 344 -24.28 -32.89 40.16
CA MET F 344 -24.18 -31.80 41.11
C MET F 344 -23.03 -32.07 42.06
N THR F 345 -22.41 -30.99 42.54
CA THR F 345 -21.39 -31.13 43.56
C THR F 345 -22.00 -31.77 44.81
N ASN F 346 -21.21 -32.57 45.50
CA ASN F 346 -21.69 -33.18 46.74
C ASN F 346 -22.07 -32.11 47.76
N ASN F 347 -21.27 -31.04 47.85
CA ASN F 347 -21.57 -29.97 48.78
C ASN F 347 -22.90 -29.30 48.45
N MET F 348 -23.19 -29.12 47.17
CA MET F 348 -24.49 -28.55 46.80
C MET F 348 -25.63 -29.48 47.19
N ARG F 349 -25.41 -30.79 47.05
CA ARG F 349 -26.43 -31.76 47.47
C ARG F 349 -26.67 -31.68 48.97
N GLU F 350 -25.61 -31.52 49.77
CA GLU F 350 -25.79 -31.30 51.20
C GLU F 350 -26.52 -30.00 51.47
N CYS F 351 -26.22 -28.96 50.68
CA CYS F 351 -26.89 -27.68 50.84
C CYS F 351 -28.39 -27.80 50.61
N LEU F 352 -28.80 -28.55 49.59
CA LEU F 352 -30.21 -28.67 49.27
C LEU F 352 -30.94 -29.70 50.14
N THR F 353 -30.26 -30.30 51.12
CA THR F 353 -30.87 -31.32 51.96
C THR F 353 -30.85 -30.95 53.44
N GLY F 354 -30.75 -29.67 53.77
CA GLY F 354 -30.87 -29.19 55.13
C GLY F 354 -29.67 -28.42 55.65
N SER F 355 -28.45 -28.83 55.29
CA SER F 355 -27.25 -28.15 55.77
C SER F 355 -27.08 -26.87 54.95
N THR F 356 -27.60 -25.76 55.49
CA THR F 356 -27.65 -24.52 54.72
C THR F 356 -26.32 -23.79 54.71
N GLU F 357 -25.39 -24.17 55.59
CA GLU F 357 -24.12 -23.45 55.68
C GLU F 357 -23.26 -23.61 54.43
N LYS F 358 -23.50 -24.63 53.61
CA LYS F 358 -22.74 -24.81 52.38
C LYS F 358 -23.35 -24.08 51.20
N CYS F 359 -24.51 -23.46 51.37
CA CYS F 359 -25.15 -22.77 50.26
C CYS F 359 -24.49 -21.41 50.05
N PRO F 360 -23.96 -21.13 48.88
CA PRO F 360 -23.33 -19.82 48.64
C PRO F 360 -24.36 -18.71 48.54
N ARG F 361 -23.92 -17.50 48.88
CA ARG F 361 -24.74 -16.31 48.84
C ARG F 361 -23.94 -15.19 48.18
N GLU F 362 -24.66 -14.25 47.56
CA GLU F 362 -24.04 -13.15 46.85
C GLU F 362 -24.61 -11.82 47.33
N LEU F 363 -23.72 -10.83 47.48
CA LEU F 363 -24.15 -9.48 47.83
C LEU F 363 -25.02 -8.90 46.73
N VAL F 364 -26.03 -8.13 47.15
CA VAL F 364 -26.99 -7.50 46.19
C VAL F 364 -26.62 -6.01 46.05
N VAL F 365 -26.01 -5.65 44.92
CA VAL F 365 -25.58 -4.23 44.67
C VAL F 365 -26.56 -3.59 43.69
N SER F 366 -27.70 -4.25 43.45
CA SER F 366 -28.77 -3.69 42.57
C SER F 366 -30.02 -3.40 43.41
N SER F 367 -30.87 -2.49 42.92
CA SER F 367 -32.12 -2.16 43.60
C SER F 367 -33.32 -2.84 42.96
N HIS F 368 -33.11 -3.87 42.13
CA HIS F 368 -34.17 -4.53 41.38
C HIS F 368 -34.03 -6.05 41.55
N VAL F 369 -33.87 -6.51 42.79
CA VAL F 369 -33.92 -7.93 43.08
C VAL F 369 -35.27 -8.19 43.75
N PRO F 370 -35.93 -9.32 43.47
CA PRO F 370 -37.19 -9.60 44.16
C PRO F 370 -36.98 -9.69 45.66
N ARG F 371 -37.96 -9.18 46.40
CA ARG F 371 -37.85 -9.06 47.85
C ARG F 371 -38.91 -9.83 48.61
N PHE F 372 -39.89 -10.43 47.94
CA PHE F 372 -40.86 -11.25 48.64
C PHE F 372 -41.44 -12.28 47.67
N ALA F 373 -42.01 -13.34 48.23
CA ALA F 373 -42.63 -14.38 47.43
C ALA F 373 -43.64 -15.12 48.30
N LEU F 374 -44.64 -15.68 47.63
CA LEU F 374 -45.74 -16.37 48.30
C LEU F 374 -45.67 -17.86 47.98
N SER F 375 -45.71 -18.68 49.03
CA SER F 375 -45.63 -20.13 48.87
C SER F 375 -46.72 -20.79 49.69
N ASN F 376 -47.65 -21.47 49.01
CA ASN F 376 -48.78 -22.13 49.67
C ASN F 376 -49.65 -21.13 50.43
N GLY F 377 -49.87 -19.96 49.85
CA GLY F 377 -50.59 -18.91 50.54
C GLY F 377 -49.84 -18.32 51.71
N VAL F 378 -48.53 -18.51 51.77
CA VAL F 378 -47.69 -18.08 52.88
C VAL F 378 -46.60 -17.16 52.34
N LEU F 379 -46.48 -15.98 52.93
CA LEU F 379 -45.63 -14.91 52.42
C LEU F 379 -44.29 -14.88 53.15
N PHE F 380 -43.21 -14.87 52.38
CA PHE F 380 -41.85 -14.66 52.88
C PHE F 380 -41.34 -13.33 52.34
N ALA F 381 -40.85 -12.47 53.23
CA ALA F 381 -40.38 -11.16 52.83
C ALA F 381 -39.29 -10.69 53.77
N ASN F 382 -38.53 -9.70 53.31
CA ASN F 382 -37.49 -9.06 54.11
C ASN F 382 -38.02 -7.69 54.52
N CYS F 383 -38.67 -7.64 55.68
CA CYS F 383 -39.34 -6.42 56.11
C CYS F 383 -38.36 -5.29 56.41
N ILE F 384 -37.07 -5.58 56.52
CA ILE F 384 -36.08 -4.52 56.71
C ILE F 384 -35.97 -3.68 55.44
N SER F 385 -36.00 -4.34 54.27
CA SER F 385 -35.79 -3.63 53.01
C SER F 385 -37.09 -3.13 52.39
N VAL F 386 -38.23 -3.71 52.75
CA VAL F 386 -39.54 -3.22 52.33
C VAL F 386 -40.42 -3.08 53.56
N THR F 387 -41.04 -1.91 53.71
CA THR F 387 -41.86 -1.65 54.89
C THR F 387 -43.07 -2.56 54.91
N CYS F 388 -43.34 -3.15 56.08
CA CYS F 388 -44.49 -4.04 56.26
C CYS F 388 -45.36 -3.46 57.36
N GLN F 389 -46.65 -3.30 57.07
CA GLN F 389 -47.63 -2.83 58.07
C GLN F 389 -48.97 -3.47 57.73
N CYS F 390 -49.28 -4.59 58.40
CA CYS F 390 -50.47 -5.34 58.07
C CYS F 390 -51.70 -4.64 58.64
N GLN F 391 -52.74 -4.52 57.80
CA GLN F 391 -53.87 -3.66 58.10
C GLN F 391 -54.72 -4.22 59.23
N THR F 392 -54.77 -5.54 59.37
CA THR F 392 -55.57 -6.14 60.42
C THR F 392 -55.09 -5.71 61.80
N THR F 393 -53.78 -5.68 62.02
CA THR F 393 -53.23 -5.14 63.26
C THR F 393 -53.14 -3.63 63.25
N GLY F 394 -53.23 -2.99 62.08
CA GLY F 394 -53.16 -1.54 62.01
C GLY F 394 -51.85 -0.99 62.51
N ARG F 395 -50.75 -1.70 62.26
CA ARG F 395 -49.45 -1.29 62.77
C ARG F 395 -48.37 -1.92 61.92
N ALA F 396 -47.16 -1.39 62.05
CA ALA F 396 -46.03 -1.86 61.25
C ALA F 396 -45.57 -3.24 61.73
N ILE F 397 -44.92 -3.96 60.83
CA ILE F 397 -44.37 -5.28 61.11
C ILE F 397 -42.86 -5.13 61.22
N SER F 398 -42.31 -5.48 62.38
CA SER F 398 -40.91 -5.22 62.70
C SER F 398 -40.10 -6.50 62.63
N GLN F 399 -38.97 -6.45 61.93
CA GLN F 399 -38.05 -7.57 61.79
C GLN F 399 -36.75 -7.23 62.49
N SER F 400 -36.28 -8.12 63.35
CA SER F 400 -35.10 -7.86 64.16
C SER F 400 -33.84 -7.89 63.30
N GLY F 401 -32.70 -7.70 63.95
CA GLY F 401 -31.42 -7.70 63.27
C GLY F 401 -30.79 -9.08 63.22
N GLU F 402 -31.56 -10.10 63.59
CA GLU F 402 -31.09 -11.47 63.58
C GLU F 402 -31.99 -12.40 62.76
N GLN F 403 -33.04 -11.87 62.14
CA GLN F 403 -33.96 -12.66 61.34
C GLN F 403 -33.73 -12.35 59.88
N THR F 404 -33.39 -13.38 59.10
CA THR F 404 -33.12 -13.18 57.68
C THR F 404 -34.40 -12.78 56.93
N LEU F 405 -35.47 -13.54 57.14
CA LEU F 405 -36.76 -13.25 56.52
C LEU F 405 -37.83 -13.27 57.61
N LEU F 406 -38.84 -12.41 57.43
CA LEU F 406 -39.99 -12.39 58.32
C LEU F 406 -41.15 -13.12 57.68
N MET F 407 -41.66 -14.12 58.37
CA MET F 407 -42.78 -14.93 57.90
C MET F 407 -44.08 -14.40 58.49
N ILE F 408 -45.06 -14.20 57.61
CA ILE F 408 -46.38 -13.69 57.99
C ILE F 408 -47.44 -14.68 57.51
N ASP F 409 -48.42 -14.95 58.37
CA ASP F 409 -49.56 -15.80 58.03
C ASP F 409 -50.78 -15.31 58.80
N ASN F 410 -51.90 -16.03 58.65
CA ASN F 410 -53.12 -15.63 59.34
C ASN F 410 -53.03 -15.85 60.85
N THR F 411 -52.03 -16.59 61.32
CA THR F 411 -51.84 -16.76 62.76
C THR F 411 -51.42 -15.45 63.43
N THR F 412 -50.52 -14.69 62.80
CA THR F 412 -50.09 -13.40 63.36
C THR F 412 -51.14 -12.34 63.05
N CYS F 413 -51.37 -12.07 61.75
CA CYS F 413 -52.44 -11.19 61.31
C CYS F 413 -52.77 -11.57 59.88
N PRO F 414 -54.05 -11.75 59.55
CA PRO F 414 -54.40 -12.35 58.26
C PRO F 414 -53.94 -11.55 57.05
N THR F 415 -54.32 -10.27 56.97
CA THR F 415 -54.09 -9.47 55.78
C THR F 415 -52.88 -8.58 56.01
N ALA F 416 -51.92 -8.63 55.09
CA ALA F 416 -50.71 -7.83 55.15
C ALA F 416 -50.65 -6.87 53.98
N VAL F 417 -49.97 -5.74 54.20
CA VAL F 417 -49.83 -4.69 53.21
C VAL F 417 -48.34 -4.45 52.98
N LEU F 418 -47.93 -4.45 51.71
CA LEU F 418 -46.55 -4.13 51.33
C LEU F 418 -46.62 -3.17 50.15
N GLY F 419 -46.14 -1.94 50.36
CA GLY F 419 -46.16 -0.97 49.30
C GLY F 419 -47.57 -0.64 48.85
N ASN F 420 -47.95 -1.13 47.66
CA ASN F 420 -49.27 -0.86 47.10
C ASN F 420 -50.17 -2.09 47.03
N VAL F 421 -49.71 -3.25 47.50
CA VAL F 421 -50.51 -4.47 47.45
C VAL F 421 -51.02 -4.79 48.84
N ILE F 422 -52.33 -5.01 48.94
CA ILE F 422 -52.97 -5.48 50.17
C ILE F 422 -53.39 -6.92 49.93
N ILE F 423 -52.77 -7.85 50.66
CA ILE F 423 -52.90 -9.27 50.39
C ILE F 423 -53.36 -10.00 51.65
N SER F 424 -54.33 -10.89 51.48
CA SER F 424 -54.78 -11.78 52.54
C SER F 424 -54.02 -13.10 52.44
N LEU F 425 -53.71 -13.66 53.61
CA LEU F 425 -52.76 -14.76 53.72
C LEU F 425 -53.40 -15.99 54.33
N GLY F 426 -52.78 -17.14 54.08
CA GLY F 426 -53.22 -18.41 54.62
C GLY F 426 -52.48 -18.78 55.89
N LYS F 427 -52.42 -20.09 56.15
CA LYS F 427 -51.80 -20.63 57.35
C LYS F 427 -50.59 -21.48 56.99
N TYR F 428 -49.54 -21.37 57.80
CA TYR F 428 -48.34 -22.15 57.57
C TYR F 428 -48.56 -23.60 57.98
N LEU F 429 -47.84 -24.51 57.31
CA LEU F 429 -47.94 -25.93 57.57
C LEU F 429 -46.72 -26.50 58.28
N GLY F 430 -45.62 -25.77 58.32
CA GLY F 430 -44.43 -26.26 59.00
C GLY F 430 -44.43 -25.91 60.47
N SER F 431 -43.29 -25.41 60.97
CA SER F 431 -43.17 -25.09 62.37
C SER F 431 -43.92 -23.80 62.68
N VAL F 432 -44.75 -23.84 63.73
CA VAL F 432 -45.44 -22.64 64.19
C VAL F 432 -44.46 -21.65 64.80
N ASN F 433 -43.33 -22.13 65.31
CA ASN F 433 -42.30 -21.28 65.92
C ASN F 433 -41.24 -20.85 64.92
N TYR F 434 -41.63 -20.65 63.66
CA TYR F 434 -40.68 -20.37 62.59
C TYR F 434 -39.89 -19.10 62.87
N ASN F 435 -40.57 -18.01 63.20
CA ASN F 435 -39.92 -16.72 63.33
C ASN F 435 -38.95 -16.63 64.51
N SER F 436 -39.04 -17.55 65.47
CA SER F 436 -38.21 -17.48 66.66
C SER F 436 -36.90 -18.26 66.53
N GLU F 437 -36.79 -19.14 65.55
CA GLU F 437 -35.60 -19.99 65.40
C GLU F 437 -34.66 -19.37 64.38
N GLY F 438 -33.36 -19.41 64.66
CA GLY F 438 -32.35 -18.97 63.74
C GLY F 438 -31.61 -20.14 63.09
N ILE F 439 -30.72 -19.79 62.14
CA ILE F 439 -29.91 -20.77 61.43
C ILE F 439 -28.52 -20.18 61.19
N ALA F 440 -27.63 -21.04 60.69
CA ALA F 440 -26.33 -20.60 60.23
C ALA F 440 -26.40 -20.16 58.78
N ILE F 441 -25.44 -19.33 58.37
CA ILE F 441 -25.43 -18.76 57.04
C ILE F 441 -24.12 -19.12 56.35
N GLY F 442 -24.18 -19.26 55.02
CA GLY F 442 -23.03 -19.64 54.24
C GLY F 442 -22.13 -18.48 53.91
N PRO F 443 -21.04 -18.78 53.20
CA PRO F 443 -20.05 -17.75 52.88
C PRO F 443 -20.44 -16.99 51.62
N PRO F 444 -20.02 -15.74 51.51
CA PRO F 444 -20.30 -14.97 50.28
C PRO F 444 -19.50 -15.48 49.10
N VAL F 445 -20.05 -15.24 47.90
CA VAL F 445 -19.39 -15.58 46.65
C VAL F 445 -19.63 -14.44 45.66
N PHE F 446 -18.83 -14.42 44.59
CA PHE F 446 -19.00 -13.51 43.47
C PHE F 446 -19.03 -14.33 42.18
N THR F 447 -20.00 -14.04 41.33
CA THR F 447 -20.34 -14.92 40.21
C THR F 447 -19.85 -14.42 38.85
N ASP F 448 -19.20 -13.26 38.78
CA ASP F 448 -18.72 -12.77 37.49
C ASP F 448 -17.52 -13.60 37.02
N LYS F 449 -17.38 -13.69 35.70
CA LYS F 449 -16.29 -14.49 35.12
C LYS F 449 -14.94 -13.94 35.52
N VAL F 450 -14.77 -12.61 35.46
CA VAL F 450 -13.53 -12.00 35.90
C VAL F 450 -13.36 -12.17 37.40
N ASP F 451 -14.47 -12.14 38.15
CA ASP F 451 -14.40 -12.41 39.58
C ASP F 451 -13.93 -13.83 39.87
N ILE F 452 -14.37 -14.79 39.06
CA ILE F 452 -13.92 -16.17 39.23
C ILE F 452 -12.43 -16.28 38.99
N SER F 453 -11.92 -15.62 37.95
CA SER F 453 -10.49 -15.63 37.67
C SER F 453 -9.72 -14.96 38.80
N SER F 454 -10.23 -13.84 39.32
CA SER F 454 -9.56 -13.17 40.43
C SER F 454 -9.55 -14.03 41.68
N GLN F 455 -10.67 -14.70 41.97
CA GLN F 455 -10.72 -15.58 43.13
C GLN F 455 -9.77 -16.77 42.97
N ILE F 456 -9.67 -17.31 41.76
CA ILE F 456 -8.73 -18.41 41.51
C ILE F 456 -7.30 -17.94 41.73
N SER F 457 -6.96 -16.76 41.22
CA SER F 457 -5.61 -16.24 41.39
C SER F 457 -5.29 -15.97 42.86
N SER F 458 -6.24 -15.38 43.59
CA SER F 458 -6.00 -15.08 45.00
C SER F 458 -5.84 -16.35 45.82
N MET F 459 -6.67 -17.37 45.55
CA MET F 459 -6.55 -18.63 46.26
C MET F 459 -5.23 -19.32 45.94
N ASN F 460 -4.79 -19.26 44.68
CA ASN F 460 -3.50 -19.83 44.32
C ASN F 460 -2.36 -19.12 45.03
N GLN F 461 -2.42 -17.78 45.09
CA GLN F 461 -1.38 -17.03 45.79
C GLN F 461 -1.39 -17.33 47.28
N SER F 462 -2.58 -17.51 47.86
CA SER F 462 -2.68 -17.85 49.28
C SER F 462 -2.04 -19.21 49.56
N LEU F 463 -2.23 -20.18 48.65
CA LEU F 463 -1.62 -21.49 48.83
C LEU F 463 -0.10 -21.39 48.78
N GLN F 464 0.44 -20.58 47.87
CA GLN F 464 1.88 -20.41 47.75
C GLN F 464 2.47 -19.71 48.97
#